data_9JMG
#
_entry.id   9JMG
#
_cell.length_a   1.00
_cell.length_b   1.00
_cell.length_c   1.00
_cell.angle_alpha   90.00
_cell.angle_beta   90.00
_cell.angle_gamma   90.00
#
_symmetry.space_group_name_H-M   'P 1'
#
loop_
_entity.id
_entity.type
_entity.pdbx_description
1 polymer 'Spike glycoprotein,Fibritin'
2 branched beta-D-mannopyranose-(1-4)-2-acetamido-2-deoxy-beta-D-glucopyranose-(1-4)-2-acetamido-2-deoxy-beta-D-glucopyranose
3 branched 2-acetamido-2-deoxy-beta-D-glucopyranose-(1-4)-2-acetamido-2-deoxy-beta-D-glucopyranose
4 non-polymer 2-acetamido-2-deoxy-beta-D-glucopyranose
5 non-polymer 'FOLIC ACID'
6 non-polymer 'LINOLEIC ACID'
#
_entity_poly.entity_id   1
_entity_poly.type   'polypeptide(L)'
_entity_poly.pdbx_seq_one_letter_code
;MIRSACLLMCLLMFIKATPSEGTCISVDMQPSYFIKNWSMPINMSKADGVLYPVGRTYSNITITLEGLFPHQADRGDMYV
YSQSHKGRPFISNYSLVTNDFGNGIVIRIGSAANKTGSPIISNIASNFQIMKKLYPALLFGSAVGKFPANNKTGAYFNHS
LVILPEKCGTVITALYCVLEPKNDTNCTGSSGYVSYVLFENFSCDATTDGNLKNSLQQWFNIKDCLFEKNYNVTDDEREE
WFGIIQDQQGVHLYTSRKNGYSNNMFLFATLPIYDQILYYTVMPRSINASNYASYHAFSAFYIYKLHKINYMVDFDVNGY
ITRAVDCGYNDYTQLQCSYGQFDMDSGVYSASYFNARSRGYYYEAAELTECDLDVLFKNDAPIIANYSRRVFTNCNYNLT
KLLSLVQVDEFVCHKTTPEALATGCYSSLTVDWFALPFSMKSTLAIGSAEAISMFNYNQDYSNPTCRIHAAVTANVSTAL
NFTANANYAYISRCQGVDGKPILLQPGQMTNIACRSGVLARPSDADYFGYSFQGRNYYLGRKSYKPKTDEGDVQMVYVIT
PKYDKGPDTVCPLKDMGAASSSLDGLLGQCIDYDIHGVVGRGVFQVCNTTGIASQIFVYDGFGNIIGFHSKNGTYYCMAP
CVSVPVSVIYDKSSDVHATLYSSVECNHIKSVATVFSRQTESKLRSSDNGLLQTAVGCVIGFRNTSDTVEDCTLPLGQSL
CAKPPSFSSRSTNVNNTFALVHMLFQNPLKVSVLNSTEFQVSIPQNFSFGITEEFIETSIQKVTVDCKQYVCNGFERCEQ
LLVQYGQFCSKINQALHGVNLRQDDATKSLFEDIKVPQSVPLMTSLTGDYNLSLFEAPNIGSGNNNYRSALEDLLFDKVT
LSDPGYMKGYDECMKKGPPSARDLICAQYVSGYKVLPPLYDANMEAMYTASLTGSIAGSFWTGGLSSAAALPFAQSMFYR
MNGIGITQNVLMKNQREIANKFNQALGAMQTGFTATNQAFQKVQDVVNANAQALSKLASELANTFGAISASIGDILKRLD
VLEQEVQIDRLINGRLTSLNAFVSQQLVRSEAAARSSQLAKEKINECVKAQSTRSGFCGQGTHIVSFVINAPNGFYFIHV
GYHPQDYVNQTAAYGLCDSSSKKCIAAKNGYFVKNDSDSGSWSYTGSSFYQPEPITTFNSRFVEPEVTFQNLSNNLPPPL
LSNNTDITFEDELEEFYKNITSEIPNFGSLSQINTTMLNLSQEMSTLQQVVKDLNNSYIELKELGNHTYYQKWPGSGYIP
EAPRDGQAYVRKDGEWVLLSTFLLEVLFQGPGHHHHHHHHSAWSHPQFEKGGGSGGGGSGGSAWSHPQFEKSA
;
_entity_poly.pdbx_strand_id   A,B,C
#
# COMPACT_ATOMS: atom_id res chain seq x y z
N CYS A 24 52.84 48.86 -27.47
CA CYS A 24 53.34 47.72 -28.21
C CYS A 24 52.76 47.68 -29.63
N ILE A 25 52.11 46.57 -29.99
CA ILE A 25 51.60 46.41 -31.35
C ILE A 25 50.31 47.20 -31.51
N SER A 26 50.19 47.93 -32.62
CA SER A 26 48.97 48.66 -32.92
C SER A 26 47.91 47.71 -33.49
N VAL A 27 46.65 47.99 -33.16
CA VAL A 27 45.52 47.10 -33.48
C VAL A 27 44.52 47.87 -34.32
N ASP A 28 44.04 47.26 -35.41
CA ASP A 28 42.93 47.80 -36.19
C ASP A 28 41.68 47.01 -35.84
N MET A 29 40.91 47.54 -34.89
CA MET A 29 39.71 46.86 -34.39
C MET A 29 38.50 47.44 -35.13
N GLN A 30 37.84 46.60 -35.92
CA GLN A 30 36.65 46.97 -36.69
C GLN A 30 35.53 45.98 -36.35
N PRO A 31 34.80 46.19 -35.26
CA PRO A 31 33.74 45.25 -34.86
C PRO A 31 32.64 45.07 -35.90
N SER A 32 32.32 46.14 -36.66
CA SER A 32 31.21 46.09 -37.60
C SER A 32 31.49 45.16 -38.78
N TYR A 33 32.76 44.92 -39.09
CA TYR A 33 33.09 44.04 -40.20
C TYR A 33 32.72 42.59 -39.90
N PHE A 34 32.79 42.20 -38.62
CA PHE A 34 32.70 40.77 -38.26
C PHE A 34 31.26 40.29 -38.12
N ILE A 35 30.29 41.19 -37.97
CA ILE A 35 28.90 40.75 -37.80
C ILE A 35 28.38 40.11 -39.08
N LYS A 36 27.78 38.93 -38.94
CA LYS A 36 27.22 38.18 -40.06
C LYS A 36 25.90 37.55 -39.62
N ASN A 37 25.33 36.73 -40.50
CA ASN A 37 24.11 35.99 -40.22
C ASN A 37 24.36 34.50 -40.03
N TRP A 38 25.63 34.07 -39.94
CA TRP A 38 25.93 32.66 -39.77
C TRP A 38 25.41 32.16 -38.43
N SER A 39 24.74 31.00 -38.46
CA SER A 39 24.16 30.44 -37.24
C SER A 39 24.01 28.95 -37.39
N MET A 40 24.40 28.21 -36.35
CA MET A 40 24.31 26.75 -36.32
C MET A 40 23.64 26.33 -35.02
N PRO A 41 22.31 26.38 -34.97
CA PRO A 41 21.59 25.92 -33.77
C PRO A 41 21.84 24.44 -33.51
N ILE A 42 21.86 24.06 -32.24
CA ILE A 42 22.10 22.67 -31.90
C ILE A 42 20.87 21.85 -32.26
N ASN A 43 21.10 20.63 -32.70
CA ASN A 43 20.06 19.72 -33.13
C ASN A 43 20.12 18.50 -32.23
N MET A 44 19.09 18.31 -31.41
CA MET A 44 19.10 17.24 -30.42
C MET A 44 19.06 15.86 -31.07
N SER A 45 18.57 15.75 -32.30
CA SER A 45 18.60 14.48 -33.00
C SER A 45 20.01 14.07 -33.40
N LYS A 46 20.96 15.00 -33.39
CA LYS A 46 22.36 14.68 -33.63
C LYS A 46 23.17 14.64 -32.35
N ALA A 47 22.53 14.87 -31.19
CA ALA A 47 23.18 14.91 -29.88
C ALA A 47 24.32 15.90 -29.83
N ASP A 48 24.04 17.13 -30.26
CA ASP A 48 25.04 18.18 -30.26
C ASP A 48 25.22 18.77 -28.87
N GLY A 49 26.47 18.99 -28.48
CA GLY A 49 26.77 19.62 -27.21
C GLY A 49 26.45 18.80 -25.99
N VAL A 50 26.37 17.48 -26.14
CA VAL A 50 26.04 16.60 -25.02
C VAL A 50 27.34 16.11 -24.39
N LEU A 51 27.27 15.81 -23.09
CA LEU A 51 28.42 15.35 -22.33
C LEU A 51 28.25 13.88 -22.01
N TYR A 52 29.29 13.09 -22.30
CA TYR A 52 29.25 11.66 -22.00
C TYR A 52 29.23 11.45 -20.49
N PRO A 53 28.52 10.43 -20.00
CA PRO A 53 28.61 10.09 -18.58
C PRO A 53 30.01 9.66 -18.20
N VAL A 54 30.43 10.05 -17.01
CA VAL A 54 31.83 9.96 -16.60
C VAL A 54 32.06 8.64 -15.86
N GLY A 55 33.07 7.89 -16.31
CA GLY A 55 33.44 6.65 -15.67
C GLY A 55 32.74 5.41 -16.19
N ARG A 56 31.78 5.61 -17.08
CA ARG A 56 31.00 4.49 -17.57
C ARG A 56 30.54 4.66 -19.00
N THR A 57 30.10 3.58 -19.61
CA THR A 57 29.55 3.63 -20.96
C THR A 57 28.37 2.68 -21.05
N TYR A 58 27.59 2.83 -22.11
CA TYR A 58 26.39 2.04 -22.36
C TYR A 58 26.38 1.59 -23.81
N SER A 59 25.61 0.54 -24.09
CA SER A 59 25.48 0.03 -25.46
C SER A 59 24.09 -0.55 -25.64
N ASN A 60 23.29 0.07 -26.51
CA ASN A 60 21.87 -0.27 -26.74
C ASN A 60 21.03 -0.10 -25.48
N ILE A 61 21.15 1.06 -24.83
CA ILE A 61 20.18 1.50 -23.83
C ILE A 61 19.82 2.95 -24.12
N THR A 62 18.53 3.25 -24.09
CA THR A 62 18.06 4.62 -23.98
C THR A 62 17.91 4.94 -22.49
N ILE A 63 18.60 5.97 -22.03
CA ILE A 63 18.67 6.29 -20.61
C ILE A 63 18.45 7.79 -20.42
N THR A 64 17.68 8.15 -19.39
CA THR A 64 17.45 9.54 -19.04
C THR A 64 18.55 10.01 -18.11
N LEU A 65 19.19 11.13 -18.48
CA LEU A 65 20.30 11.67 -17.71
C LEU A 65 19.94 13.04 -17.16
N GLU A 66 20.54 13.38 -16.03
CA GLU A 66 20.41 14.69 -15.42
C GLU A 66 21.79 15.31 -15.27
N GLY A 67 21.96 16.52 -15.77
CA GLY A 67 23.25 17.18 -15.72
C GLY A 67 23.25 18.56 -16.35
N LEU A 68 24.26 18.85 -17.16
CA LEU A 68 24.44 20.15 -17.79
C LEU A 68 24.32 19.97 -19.30
N PHE A 69 23.20 20.44 -19.85
CA PHE A 69 22.86 20.26 -21.26
C PHE A 69 22.35 21.59 -21.81
N PRO A 70 22.54 21.85 -23.10
CA PRO A 70 22.04 23.09 -23.69
C PRO A 70 20.64 22.94 -24.28
N HIS A 71 19.94 24.08 -24.33
CA HIS A 71 18.60 24.12 -24.90
C HIS A 71 18.63 23.88 -26.39
N GLN A 72 17.69 23.10 -26.90
CA GLN A 72 17.65 22.79 -28.31
C GLN A 72 17.27 24.02 -29.13
N ALA A 73 17.82 24.09 -30.35
CA ALA A 73 17.68 25.22 -31.27
C ALA A 73 18.15 26.53 -30.62
N ASP A 74 19.22 26.44 -29.85
CA ASP A 74 19.84 27.63 -29.28
C ASP A 74 20.79 28.23 -30.31
N ARG A 75 20.61 29.50 -30.61
CA ARG A 75 21.53 30.23 -31.48
C ARG A 75 22.69 30.71 -30.62
N GLY A 76 23.83 30.04 -30.74
CA GLY A 76 24.97 30.39 -29.94
C GLY A 76 25.61 31.67 -30.39
N ASP A 77 26.57 32.13 -29.60
CA ASP A 77 27.29 33.36 -29.92
C ASP A 77 28.34 33.07 -31.00
N MET A 78 28.34 33.89 -32.03
CA MET A 78 29.22 33.72 -33.18
C MET A 78 30.52 34.48 -32.98
N TYR A 79 31.65 33.82 -33.27
CA TYR A 79 32.96 34.43 -33.19
C TYR A 79 33.80 33.95 -34.35
N VAL A 80 34.49 34.87 -35.03
CA VAL A 80 35.40 34.51 -36.12
C VAL A 80 36.74 35.19 -35.91
N TYR A 81 37.77 34.61 -36.52
CA TYR A 81 39.10 35.18 -36.53
C TYR A 81 39.45 35.58 -37.96
N SER A 82 40.00 36.77 -38.13
CA SER A 82 40.37 37.31 -39.43
C SER A 82 41.89 37.28 -39.58
N GLN A 83 42.35 37.67 -40.77
CA GLN A 83 43.76 37.75 -41.06
C GLN A 83 44.25 39.17 -40.78
N SER A 84 45.51 39.45 -41.13
CA SER A 84 46.09 40.77 -40.91
C SER A 84 45.71 41.67 -42.07
N HIS A 85 44.79 42.61 -41.83
CA HIS A 85 44.54 43.66 -42.80
C HIS A 85 45.75 44.57 -42.88
N LYS A 86 46.25 44.75 -44.11
CA LYS A 86 47.53 45.40 -44.39
C LYS A 86 48.60 44.65 -43.60
N GLY A 87 49.39 45.32 -42.77
CA GLY A 87 50.36 44.62 -41.94
C GLY A 87 50.09 44.78 -40.46
N ARG A 88 48.83 45.01 -40.10
CA ARG A 88 48.46 45.27 -38.72
C ARG A 88 47.25 44.41 -38.35
N PRO A 89 47.20 43.89 -37.11
CA PRO A 89 46.13 42.96 -36.73
C PRO A 89 44.73 43.53 -36.89
N PHE A 90 43.79 42.65 -37.22
CA PHE A 90 42.42 43.00 -37.57
C PHE A 90 41.48 42.12 -36.75
N ILE A 91 40.88 42.69 -35.70
CA ILE A 91 40.07 41.94 -34.76
C ILE A 91 38.75 42.66 -34.55
N SER A 92 37.87 42.02 -33.78
CA SER A 92 36.64 42.63 -33.30
C SER A 92 36.81 43.03 -31.83
N ASN A 93 35.72 43.46 -31.21
CA ASN A 93 35.78 43.82 -29.79
C ASN A 93 35.40 42.63 -28.91
N TYR A 94 36.04 41.49 -29.14
CA TYR A 94 35.77 40.31 -28.31
C TYR A 94 36.40 40.43 -26.93
N SER A 95 37.53 41.13 -26.81
CA SER A 95 38.18 41.29 -25.53
C SER A 95 37.53 42.34 -24.64
N LEU A 96 36.70 43.21 -25.20
CA LEU A 96 36.07 44.27 -24.44
C LEU A 96 34.65 43.91 -23.98
N VAL A 97 34.17 42.72 -24.31
CA VAL A 97 32.85 42.26 -23.89
C VAL A 97 33.03 41.04 -23.00
N THR A 98 32.37 41.06 -21.84
CA THR A 98 32.51 40.03 -20.83
C THR A 98 31.19 39.27 -20.70
N ASN A 99 31.25 37.94 -20.79
CA ASN A 99 30.08 37.09 -20.73
C ASN A 99 30.01 36.41 -19.36
N ASP A 100 28.99 35.59 -19.17
CA ASP A 100 28.76 34.91 -17.90
C ASP A 100 28.95 33.41 -18.08
N PHE A 101 29.82 32.84 -17.24
CA PHE A 101 30.08 31.41 -17.31
C PHE A 101 28.85 30.60 -16.94
N GLY A 102 28.14 31.01 -15.89
CA GLY A 102 26.94 30.28 -15.46
C GLY A 102 27.28 28.89 -14.98
N ASN A 103 26.62 27.90 -15.57
CA ASN A 103 26.88 26.50 -15.27
C ASN A 103 28.00 25.91 -16.12
N GLY A 104 28.44 26.62 -17.16
CA GLY A 104 29.43 26.10 -18.07
C GLY A 104 29.08 26.43 -19.51
N ILE A 105 30.00 26.21 -20.44
CA ILE A 105 29.76 26.47 -21.86
C ILE A 105 30.26 25.29 -22.68
N VAL A 106 29.73 25.18 -23.90
CA VAL A 106 30.16 24.18 -24.87
C VAL A 106 30.43 24.89 -26.18
N ILE A 107 31.55 24.56 -26.82
CA ILE A 107 32.01 25.22 -28.03
C ILE A 107 32.08 24.23 -29.18
N ARG A 108 31.67 24.66 -30.35
CA ARG A 108 31.76 23.87 -31.59
C ARG A 108 32.83 24.48 -32.48
N ILE A 109 33.94 23.78 -32.68
CA ILE A 109 35.10 24.31 -33.37
C ILE A 109 35.24 23.61 -34.72
N GLY A 110 35.52 24.40 -35.76
CA GLY A 110 35.75 23.88 -37.09
C GLY A 110 34.50 23.35 -37.77
N SER A 111 33.38 24.04 -37.64
CA SER A 111 32.13 23.59 -38.22
C SER A 111 31.96 24.00 -39.67
N ALA A 112 32.66 25.03 -40.13
CA ALA A 112 32.58 25.47 -41.52
C ALA A 112 33.78 25.01 -42.34
N ALA A 113 34.35 23.86 -42.01
CA ALA A 113 35.53 23.36 -42.70
C ALA A 113 35.17 22.84 -44.09
N ASN A 114 36.15 22.92 -44.99
CA ASN A 114 36.04 22.50 -46.40
C ASN A 114 34.94 23.26 -47.14
N LYS A 115 34.81 24.54 -46.83
CA LYS A 115 33.82 25.35 -47.50
C LYS A 115 34.43 26.62 -48.05
N THR A 116 33.60 27.54 -48.49
CA THR A 116 34.07 28.76 -49.13
C THR A 116 33.81 29.93 -48.19
N GLY A 117 34.88 30.64 -47.83
CA GLY A 117 34.75 31.68 -46.83
C GLY A 117 35.27 33.05 -47.23
N SER A 118 34.76 34.07 -46.56
CA SER A 118 35.17 35.45 -46.82
C SER A 118 36.49 35.75 -46.13
N PRO A 119 37.35 36.55 -46.76
CA PRO A 119 38.57 37.01 -46.08
C PRO A 119 38.33 38.00 -44.94
N ILE A 120 37.06 38.33 -44.65
CA ILE A 120 36.61 39.23 -43.59
C ILE A 120 36.99 40.67 -43.92
N ILE A 121 38.29 40.91 -44.16
CA ILE A 121 38.74 42.23 -44.62
C ILE A 121 38.19 42.58 -45.99
N SER A 122 37.82 41.60 -46.80
CA SER A 122 37.23 41.82 -48.11
C SER A 122 36.03 40.91 -48.29
N ASN A 123 34.94 41.46 -48.80
CA ASN A 123 33.69 40.74 -48.95
C ASN A 123 33.44 40.30 -50.39
N ILE A 124 34.36 40.67 -51.29
CA ILE A 124 34.24 40.29 -52.69
C ILE A 124 34.33 38.79 -52.87
N ALA A 125 33.42 38.22 -53.64
CA ALA A 125 33.36 36.75 -53.81
C ALA A 125 34.62 36.19 -54.44
N SER A 126 35.21 36.92 -55.37
CA SER A 126 36.36 36.43 -56.09
C SER A 126 37.52 36.14 -55.17
N ASN A 127 37.74 36.98 -54.17
CA ASN A 127 38.78 36.73 -53.20
C ASN A 127 38.51 35.42 -52.45
N PHE A 128 37.27 35.13 -52.09
CA PHE A 128 36.97 33.94 -51.29
C PHE A 128 37.89 32.72 -51.44
N GLN A 129 38.30 32.11 -50.34
CA GLN A 129 39.16 30.93 -50.34
C GLN A 129 38.55 29.80 -49.53
N ILE A 130 39.32 28.74 -49.32
CA ILE A 130 38.87 27.58 -48.57
C ILE A 130 39.02 27.87 -47.08
N MET A 131 38.02 27.49 -46.29
CA MET A 131 38.02 27.73 -44.87
C MET A 131 39.10 26.91 -44.16
N LYS A 132 39.63 27.47 -43.08
CA LYS A 132 40.69 26.87 -42.29
C LYS A 132 40.21 26.75 -40.85
N LYS A 133 40.63 25.69 -40.16
CA LYS A 133 40.21 25.49 -38.77
C LYS A 133 41.23 26.10 -37.82
N LEU A 134 40.74 26.96 -36.91
CA LEU A 134 41.57 27.57 -35.87
C LEU A 134 41.00 27.26 -34.50
N TYR A 135 41.82 26.90 -33.54
CA TYR A 135 41.32 26.71 -32.17
C TYR A 135 41.34 28.04 -31.48
N PRO A 136 40.29 28.44 -30.79
CA PRO A 136 40.17 29.71 -30.07
C PRO A 136 40.99 29.72 -28.79
N ALA A 137 41.22 30.93 -28.30
CA ALA A 137 41.91 31.17 -27.03
C ALA A 137 40.94 31.88 -26.10
N LEU A 138 40.58 31.23 -24.99
CA LEU A 138 39.61 31.76 -24.06
C LEU A 138 40.29 32.13 -22.74
N LEU A 139 39.57 32.92 -21.94
CA LEU A 139 40.08 33.44 -20.68
C LEU A 139 38.93 33.44 -19.67
N PHE A 140 39.10 32.71 -18.58
CA PHE A 140 38.10 32.55 -17.55
C PHE A 140 38.59 33.20 -16.26
N GLY A 141 37.70 33.92 -15.57
CA GLY A 141 38.07 34.57 -14.33
C GLY A 141 36.87 34.75 -13.43
N SER A 142 37.12 35.33 -12.26
CA SER A 142 36.09 35.51 -11.24
C SER A 142 35.74 36.97 -10.97
N ALA A 143 36.65 37.90 -11.23
CA ALA A 143 36.39 39.32 -11.02
C ALA A 143 36.78 40.09 -12.27
N VAL A 144 35.90 40.98 -12.73
CA VAL A 144 36.09 41.73 -13.97
C VAL A 144 35.89 43.21 -13.69
N GLY A 145 36.87 44.01 -14.08
CA GLY A 145 36.75 45.48 -14.06
C GLY A 145 37.37 46.11 -15.28
N LYS A 146 38.19 47.15 -15.09
CA LYS A 146 38.80 47.88 -16.20
C LYS A 146 40.28 48.10 -16.07
N PHE A 147 40.99 48.10 -17.20
CA PHE A 147 42.40 48.34 -17.14
C PHE A 147 42.54 49.77 -16.62
N PRO A 148 43.53 50.06 -15.79
CA PRO A 148 43.65 51.37 -15.12
C PRO A 148 43.86 52.64 -15.90
N ALA A 149 44.70 52.64 -16.93
CA ALA A 149 45.06 53.90 -17.60
C ALA A 149 44.36 54.16 -18.87
N ASN A 150 43.16 53.66 -18.99
CA ASN A 150 42.41 53.82 -20.24
C ASN A 150 40.91 53.69 -20.06
N ASN A 151 40.44 53.21 -18.90
CA ASN A 151 39.03 53.03 -18.58
C ASN A 151 38.32 52.10 -19.57
N LYS A 152 39.01 51.07 -20.04
CA LYS A 152 38.46 50.10 -20.97
C LYS A 152 38.12 48.80 -20.26
N THR A 153 36.96 48.23 -20.59
CA THR A 153 36.52 46.99 -19.97
C THR A 153 37.33 45.81 -20.49
N GLY A 154 37.13 44.66 -19.85
CA GLY A 154 37.85 43.46 -20.20
C GLY A 154 39.05 43.15 -19.35
N ALA A 155 39.18 43.76 -18.18
CA ALA A 155 40.33 43.58 -17.30
C ALA A 155 39.97 42.57 -16.22
N TYR A 156 40.52 41.37 -16.33
CA TYR A 156 40.33 40.38 -15.30
C TYR A 156 41.19 40.69 -14.09
N PHE A 157 40.69 40.31 -12.91
CA PHE A 157 41.39 40.53 -11.66
C PHE A 157 41.60 39.21 -10.95
N ASN A 158 42.70 39.14 -10.20
CA ASN A 158 43.13 37.98 -9.43
C ASN A 158 43.41 36.82 -10.38
N HIS A 159 43.46 35.59 -9.84
CA HIS A 159 43.83 34.45 -10.64
C HIS A 159 42.79 34.17 -11.72
N SER A 160 43.27 33.84 -12.91
CA SER A 160 42.39 33.62 -14.06
C SER A 160 42.93 32.47 -14.89
N LEU A 161 42.02 31.71 -15.48
CA LEU A 161 42.38 30.55 -16.29
C LEU A 161 42.51 30.98 -17.74
N VAL A 162 43.68 30.76 -18.33
CA VAL A 162 44.00 31.23 -19.67
C VAL A 162 44.26 29.99 -20.51
N ILE A 163 43.31 29.64 -21.38
CA ILE A 163 43.44 28.47 -22.25
C ILE A 163 44.05 28.91 -23.58
N LEU A 164 45.20 28.34 -23.90
CA LEU A 164 46.02 28.77 -25.04
C LEU A 164 46.29 27.61 -25.99
N PRO A 165 45.90 27.70 -27.25
CA PRO A 165 46.44 26.79 -28.26
C PRO A 165 47.76 27.30 -28.83
N GLU A 166 48.84 26.56 -28.63
CA GLU A 166 50.17 27.00 -29.01
C GLU A 166 50.80 25.97 -29.96
N LYS A 167 52.03 26.28 -30.39
CA LYS A 167 52.84 25.42 -31.25
C LYS A 167 52.10 25.07 -32.55
N CYS A 168 51.70 26.13 -33.27
CA CYS A 168 50.88 26.05 -34.49
C CYS A 168 49.62 25.20 -34.28
N GLY A 169 49.02 25.32 -33.10
CA GLY A 169 47.79 24.63 -32.79
C GLY A 169 47.88 23.13 -32.65
N THR A 170 48.95 22.62 -32.01
CA THR A 170 49.05 21.20 -31.72
C THR A 170 49.02 20.88 -30.23
N VAL A 171 49.10 21.88 -29.36
CA VAL A 171 49.07 21.67 -27.91
C VAL A 171 48.10 22.67 -27.31
N ILE A 172 47.35 22.21 -26.30
CA ILE A 172 46.41 23.05 -25.57
C ILE A 172 47.03 23.37 -24.22
N THR A 173 47.30 24.65 -23.99
CA THR A 173 47.94 25.13 -22.76
C THR A 173 46.89 25.77 -21.87
N ALA A 174 46.82 25.32 -20.63
CA ALA A 174 45.86 25.84 -19.66
C ALA A 174 46.63 26.30 -18.42
N LEU A 175 46.93 27.59 -18.34
CA LEU A 175 47.65 28.16 -17.21
C LEU A 175 46.70 29.04 -16.40
N TYR A 176 46.85 28.98 -15.08
CA TYR A 176 45.91 29.60 -14.14
C TYR A 176 46.66 30.61 -13.27
N CYS A 177 46.70 31.87 -13.72
CA CYS A 177 47.32 32.92 -12.92
C CYS A 177 46.90 34.31 -13.40
N VAL A 178 47.53 35.33 -12.82
CA VAL A 178 47.04 36.70 -12.86
C VAL A 178 47.61 37.41 -14.07
N LEU A 179 46.75 38.11 -14.80
CA LEU A 179 47.16 38.95 -15.92
C LEU A 179 47.22 40.39 -15.43
N GLU A 180 48.44 40.91 -15.24
CA GLU A 180 48.60 42.27 -14.77
C GLU A 180 49.01 43.19 -15.93
N PRO A 181 48.60 44.45 -15.90
CA PRO A 181 49.00 45.38 -16.97
C PRO A 181 50.50 45.63 -16.96
N LYS A 182 51.07 45.75 -18.15
CA LYS A 182 52.50 45.97 -18.35
C LYS A 182 52.72 47.41 -18.77
N ASN A 183 53.50 48.14 -17.97
CA ASN A 183 53.70 49.58 -18.19
C ASN A 183 54.61 49.77 -19.40
N ASP A 184 54.00 49.75 -20.58
CA ASP A 184 54.70 50.01 -21.84
C ASP A 184 53.84 50.93 -22.69
N THR A 185 54.48 51.65 -23.60
CA THR A 185 53.77 52.65 -24.39
C THR A 185 52.86 51.98 -25.43
N ASN A 186 51.68 52.59 -25.62
CA ASN A 186 50.66 52.14 -26.58
C ASN A 186 50.29 50.67 -26.37
N CYS A 187 50.21 50.25 -25.10
CA CYS A 187 50.04 48.86 -24.76
C CYS A 187 49.11 48.77 -23.56
N THR A 188 48.89 47.56 -23.07
CA THR A 188 47.94 47.34 -21.97
C THR A 188 48.51 47.90 -20.68
N GLY A 189 47.91 48.98 -20.19
CA GLY A 189 48.41 49.66 -19.01
C GLY A 189 48.89 51.06 -19.35
N SER A 190 48.34 51.63 -20.43
CA SER A 190 48.67 52.96 -20.89
C SER A 190 47.40 53.64 -21.37
N SER A 191 47.53 54.87 -21.86
CA SER A 191 46.40 55.62 -22.35
C SER A 191 46.15 55.41 -23.84
N GLY A 192 47.05 54.73 -24.55
CA GLY A 192 46.89 54.49 -25.96
C GLY A 192 46.52 53.06 -26.27
N TYR A 193 45.79 52.43 -25.35
CA TYR A 193 45.37 51.04 -25.49
C TYR A 193 43.99 50.98 -26.12
N VAL A 194 43.81 50.02 -27.04
CA VAL A 194 42.50 49.74 -27.61
C VAL A 194 42.06 48.29 -27.38
N SER A 195 42.97 47.32 -27.59
CA SER A 195 42.70 45.91 -27.37
C SER A 195 44.01 45.16 -27.48
N TYR A 196 44.01 43.91 -27.02
CA TYR A 196 45.16 43.03 -27.10
C TYR A 196 44.87 41.92 -28.10
N VAL A 197 45.88 41.56 -28.89
CA VAL A 197 45.77 40.57 -29.95
C VAL A 197 46.82 39.49 -29.72
N LEU A 198 46.39 38.23 -29.78
CA LEU A 198 47.32 37.11 -29.83
C LEU A 198 47.74 36.87 -31.28
N PHE A 199 48.59 37.79 -31.76
CA PHE A 199 48.94 37.87 -33.18
C PHE A 199 49.91 36.75 -33.54
N GLU A 200 49.70 36.15 -34.71
CA GLU A 200 50.43 34.95 -35.10
C GLU A 200 50.81 35.04 -36.57
N ASN A 201 51.81 34.24 -36.95
CA ASN A 201 52.20 34.08 -38.34
C ASN A 201 51.41 32.96 -39.00
N PHE A 202 51.59 32.81 -40.31
CA PHE A 202 50.99 31.73 -41.08
C PHE A 202 52.11 30.75 -41.43
N SER A 203 51.89 29.48 -41.13
CA SER A 203 52.86 28.45 -41.44
C SER A 203 52.16 27.16 -41.86
N ASN A 211 55.58 29.71 -27.32
CA ASN A 211 55.24 30.22 -28.64
C ASN A 211 54.29 31.40 -28.53
N LEU A 212 52.99 31.09 -28.53
CA LEU A 212 51.96 32.11 -28.42
C LEU A 212 51.80 32.61 -26.98
N LYS A 213 52.32 31.87 -26.00
CA LYS A 213 52.41 32.37 -24.64
C LYS A 213 53.33 33.59 -24.56
N ASN A 214 54.40 33.61 -25.37
CA ASN A 214 55.25 34.79 -25.46
C ASN A 214 54.49 35.97 -26.04
N SER A 215 53.60 35.73 -27.00
CA SER A 215 52.78 36.80 -27.55
C SER A 215 51.79 37.32 -26.52
N LEU A 216 51.25 36.44 -25.68
CA LEU A 216 50.40 36.88 -24.58
C LEU A 216 51.20 37.67 -23.55
N GLN A 217 52.44 37.25 -23.29
CA GLN A 217 53.29 37.89 -22.30
C GLN A 217 53.71 39.30 -22.71
N GLN A 218 53.68 39.61 -24.01
CA GLN A 218 53.96 40.96 -24.46
C GLN A 218 52.87 41.95 -24.12
N TRP A 219 51.68 41.48 -23.71
CA TRP A 219 50.59 42.36 -23.33
C TRP A 219 50.27 42.35 -21.84
N PHE A 220 50.66 41.29 -21.12
CA PHE A 220 50.30 41.14 -19.72
C PHE A 220 51.51 40.68 -18.92
N ASN A 221 51.47 40.93 -17.63
CA ASN A 221 52.48 40.41 -16.70
C ASN A 221 52.04 39.05 -16.19
N ILE A 222 52.82 38.03 -16.50
CA ILE A 222 52.52 36.65 -16.10
C ILE A 222 53.19 36.42 -14.76
N LYS A 223 52.40 36.38 -13.70
CA LYS A 223 52.92 36.39 -12.34
C LYS A 223 52.30 35.28 -11.50
N ASP A 224 52.87 34.94 -10.39
CA ASP A 224 52.21 34.00 -9.49
C ASP A 224 51.53 32.89 -10.14
N CYS A 225 52.25 32.09 -10.87
CA CYS A 225 51.43 31.05 -11.49
C CYS A 225 51.58 29.73 -10.75
N LEU A 226 50.43 29.09 -10.48
CA LEU A 226 50.41 27.85 -9.71
C LEU A 226 50.72 26.64 -10.60
N PHE A 227 50.00 26.50 -11.70
CA PHE A 227 50.22 25.37 -12.59
C PHE A 227 50.03 25.79 -14.03
N GLU A 228 50.63 25.02 -14.93
CA GLU A 228 50.38 25.12 -16.35
C GLU A 228 50.46 23.72 -16.94
N LYS A 229 49.49 23.38 -17.78
CA LYS A 229 49.35 22.03 -18.32
C LYS A 229 49.42 22.07 -19.84
N ASN A 230 49.84 20.96 -20.42
CA ASN A 230 49.96 20.81 -21.86
C ASN A 230 49.35 19.48 -22.27
N TYR A 231 48.50 19.52 -23.30
CA TYR A 231 47.84 18.32 -23.80
C TYR A 231 48.02 18.27 -25.32
N ASN A 232 48.42 17.11 -25.82
CA ASN A 232 48.75 16.94 -27.22
C ASN A 232 47.50 16.65 -28.02
N VAL A 233 47.25 17.45 -29.05
CA VAL A 233 46.10 17.25 -29.94
C VAL A 233 46.57 17.30 -31.38
N THR A 234 45.83 16.63 -32.25
CA THR A 234 46.12 16.63 -33.67
C THR A 234 45.63 17.92 -34.32
N ASP A 235 46.11 18.16 -35.54
CA ASP A 235 45.75 19.35 -36.30
C ASP A 235 44.78 19.04 -37.44
N ASP A 236 43.92 18.03 -37.25
CA ASP A 236 42.95 17.66 -38.27
C ASP A 236 41.94 18.77 -38.52
N GLU A 237 41.59 18.96 -39.80
CA GLU A 237 40.67 20.02 -40.21
C GLU A 237 39.26 19.45 -40.28
N ARG A 238 38.67 19.23 -39.10
CA ARG A 238 37.32 18.69 -39.03
C ARG A 238 36.62 19.22 -37.79
N GLU A 239 35.29 19.10 -37.79
CA GLU A 239 34.46 19.51 -36.66
C GLU A 239 34.87 18.79 -35.39
N GLU A 240 34.93 19.54 -34.30
CA GLU A 240 35.27 18.98 -33.00
C GLU A 240 34.72 19.90 -31.92
N TRP A 241 34.62 19.37 -30.70
CA TRP A 241 33.87 20.02 -29.64
C TRP A 241 34.75 20.23 -28.42
N PHE A 242 34.38 21.23 -27.62
CA PHE A 242 35.09 21.56 -26.39
C PHE A 242 34.08 21.98 -25.35
N GLY A 243 34.29 21.55 -24.11
CA GLY A 243 33.38 21.89 -23.04
C GLY A 243 34.08 22.11 -21.71
N ILE A 244 33.62 23.08 -20.94
CA ILE A 244 34.17 23.39 -19.63
C ILE A 244 33.03 23.58 -18.64
N ILE A 245 33.13 22.93 -17.48
CA ILE A 245 32.19 23.08 -16.38
C ILE A 245 32.99 23.29 -15.11
N GLN A 246 32.30 23.72 -14.06
CA GLN A 246 32.92 23.87 -12.75
C GLN A 246 32.08 23.12 -11.72
N ASP A 247 32.77 22.51 -10.77
CA ASP A 247 32.09 21.76 -9.74
C ASP A 247 32.96 21.79 -8.48
N GLN A 248 32.43 21.30 -7.37
CA GLN A 248 33.14 21.29 -6.10
C GLN A 248 34.50 20.57 -6.20
N GLN A 249 34.60 19.57 -7.07
CA GLN A 249 35.85 18.86 -7.28
C GLN A 249 36.78 19.54 -8.28
N GLY A 250 36.41 20.71 -8.79
CA GLY A 250 37.29 21.49 -9.64
C GLY A 250 36.68 21.76 -11.00
N VAL A 251 37.53 22.23 -11.91
CA VAL A 251 37.14 22.54 -13.28
C VAL A 251 37.42 21.32 -14.15
N HIS A 252 36.40 20.84 -14.84
CA HIS A 252 36.51 19.69 -15.72
C HIS A 252 36.41 20.13 -17.17
N LEU A 253 37.33 19.65 -18.01
CA LEU A 253 37.33 19.94 -19.43
C LEU A 253 36.85 18.73 -20.22
N TYR A 254 36.25 19.00 -21.37
CA TYR A 254 35.73 17.96 -22.25
C TYR A 254 36.20 18.21 -23.67
N THR A 255 36.36 17.13 -24.43
CA THR A 255 36.81 17.23 -25.81
C THR A 255 36.30 16.03 -26.58
N SER A 256 36.44 16.08 -27.90
CA SER A 256 36.01 15.00 -28.78
C SER A 256 37.17 14.22 -29.38
N ARG A 257 38.40 14.50 -28.97
CA ARG A 257 39.57 13.76 -29.44
C ARG A 257 39.93 12.58 -28.55
N LYS A 258 39.17 12.33 -27.48
CA LYS A 258 39.58 11.34 -26.50
C LYS A 258 39.40 9.91 -27.01
N ASN A 259 38.27 9.69 -27.69
CA ASN A 259 37.93 8.35 -28.18
C ASN A 259 37.44 8.31 -29.62
N GLY A 260 38.20 7.72 -30.55
CA GLY A 260 37.82 7.58 -31.96
C GLY A 260 37.49 8.75 -32.88
N TYR A 261 36.44 8.61 -33.68
CA TYR A 261 36.03 9.68 -34.58
C TYR A 261 34.57 10.03 -34.37
N SER A 262 34.29 10.94 -33.45
CA SER A 262 32.90 11.33 -33.22
C SER A 262 32.70 12.72 -32.76
N ASN A 263 31.53 12.96 -32.23
CA ASN A 263 31.21 14.28 -31.71
C ASN A 263 30.96 14.31 -30.21
N ASN A 264 31.09 13.19 -29.51
CA ASN A 264 30.80 13.15 -28.09
C ASN A 264 31.92 13.80 -27.30
N MET A 265 31.68 14.00 -26.01
CA MET A 265 32.56 14.78 -25.15
C MET A 265 32.99 13.93 -23.96
N PHE A 266 34.28 13.61 -23.89
CA PHE A 266 34.84 12.79 -22.83
C PHE A 266 35.74 13.63 -21.95
N LEU A 267 35.68 13.37 -20.64
CA LEU A 267 36.38 14.21 -19.68
C LEU A 267 37.88 14.00 -19.75
N PHE A 268 38.61 15.11 -19.62
CA PHE A 268 40.05 15.11 -19.43
C PHE A 268 40.39 16.41 -18.71
N ALA A 269 41.57 16.41 -18.07
CA ALA A 269 42.15 17.60 -17.44
C ALA A 269 41.23 18.18 -16.36
N THR A 270 41.08 17.42 -15.29
CA THR A 270 40.38 17.93 -14.11
C THR A 270 41.28 18.94 -13.40
N LEU A 271 41.08 20.21 -13.66
CA LEU A 271 41.96 21.24 -13.09
C LEU A 271 41.60 21.50 -11.63
N PRO A 272 42.60 21.74 -10.77
CA PRO A 272 42.32 22.02 -9.35
C PRO A 272 42.00 23.50 -9.09
N ILE A 273 40.94 23.97 -9.70
CA ILE A 273 40.47 25.35 -9.53
C ILE A 273 39.18 25.30 -8.73
N TYR A 274 39.20 25.89 -7.53
CA TYR A 274 38.05 25.84 -6.64
C TYR A 274 37.35 27.18 -6.45
N ASP A 275 37.99 28.28 -6.81
CA ASP A 275 37.30 29.56 -6.85
C ASP A 275 36.29 29.56 -7.98
N GLN A 276 35.12 30.13 -7.71
CA GLN A 276 34.00 30.04 -8.63
C GLN A 276 34.24 30.91 -9.86
N ILE A 277 34.23 30.28 -11.03
CA ILE A 277 34.37 31.01 -12.29
C ILE A 277 33.05 31.69 -12.60
N LEU A 278 33.11 33.01 -12.82
CA LEU A 278 31.90 33.79 -13.07
C LEU A 278 31.86 34.42 -14.45
N TYR A 279 33.00 34.59 -15.13
CA TYR A 279 33.04 35.28 -16.40
C TYR A 279 33.96 34.55 -17.36
N TYR A 280 33.73 34.77 -18.65
CA TYR A 280 34.62 34.26 -19.68
C TYR A 280 34.64 35.25 -20.84
N THR A 281 35.79 35.36 -21.49
CA THR A 281 35.97 36.16 -22.69
C THR A 281 36.72 35.34 -23.72
N VAL A 282 36.47 35.64 -24.99
CA VAL A 282 37.22 35.06 -26.09
C VAL A 282 38.30 36.06 -26.47
N MET A 283 39.56 35.70 -26.28
CA MET A 283 40.66 36.59 -26.63
C MET A 283 40.85 36.61 -28.14
N PRO A 284 40.82 37.79 -28.77
CA PRO A 284 40.88 37.85 -30.23
C PRO A 284 42.24 37.42 -30.77
N ARG A 285 42.20 36.81 -31.96
CA ARG A 285 43.38 36.27 -32.61
C ARG A 285 43.40 36.75 -34.06
N SER A 286 44.61 36.84 -34.62
CA SER A 286 44.77 37.16 -36.02
C SER A 286 46.05 36.54 -36.53
N ILE A 287 46.07 36.23 -37.83
CA ILE A 287 47.19 35.57 -38.47
C ILE A 287 47.74 36.48 -39.56
N ASN A 288 49.05 36.68 -39.55
CA ASN A 288 49.69 37.53 -40.55
C ASN A 288 49.66 36.86 -41.91
N ALA A 289 49.51 37.68 -42.96
CA ALA A 289 49.42 37.16 -44.33
C ALA A 289 50.79 36.76 -44.85
N TYR A 295 44.98 36.63 -49.10
CA TYR A 295 43.63 36.48 -48.58
C TYR A 295 43.41 35.07 -48.05
N HIS A 296 42.92 34.97 -46.81
CA HIS A 296 42.68 33.69 -46.17
C HIS A 296 41.34 33.74 -45.44
N ALA A 297 40.78 32.56 -45.20
CA ALA A 297 39.50 32.43 -44.52
C ALA A 297 39.60 31.34 -43.47
N PHE A 298 39.09 31.61 -42.28
CA PHE A 298 39.18 30.69 -41.15
C PHE A 298 37.80 30.41 -40.58
N SER A 299 37.64 29.21 -40.01
CA SER A 299 36.32 28.76 -39.58
C SER A 299 35.83 29.55 -38.37
N ALA A 300 34.55 29.38 -38.07
CA ALA A 300 33.89 30.01 -36.94
C ALA A 300 33.63 28.99 -35.84
N PHE A 301 33.57 29.48 -34.61
CA PHE A 301 33.21 28.66 -33.48
C PHE A 301 32.04 29.28 -32.74
N TYR A 302 31.14 28.44 -32.26
CA TYR A 302 29.90 28.87 -31.64
C TYR A 302 29.90 28.44 -30.17
N ILE A 303 29.53 29.36 -29.28
CA ILE A 303 29.52 29.11 -27.85
C ILE A 303 28.08 29.01 -27.38
N TYR A 304 27.74 27.89 -26.75
CA TYR A 304 26.41 27.63 -26.21
C TYR A 304 26.54 27.52 -24.70
N LYS A 305 25.49 27.87 -23.99
CA LYS A 305 25.49 27.79 -22.54
C LYS A 305 24.76 26.54 -22.06
N LEU A 306 25.23 25.99 -20.95
CA LEU A 306 24.67 24.78 -20.36
C LEU A 306 23.69 25.14 -19.25
N HIS A 307 22.64 24.34 -19.12
CA HIS A 307 21.61 24.54 -18.13
C HIS A 307 21.37 23.25 -17.35
N LYS A 308 20.74 23.39 -16.18
CA LYS A 308 20.39 22.24 -15.34
C LYS A 308 19.00 21.78 -15.74
N ILE A 309 18.93 20.90 -16.74
CA ILE A 309 17.67 20.47 -17.31
C ILE A 309 17.68 18.94 -17.47
N ASN A 310 16.48 18.37 -17.57
CA ASN A 310 16.35 16.97 -17.93
C ASN A 310 16.63 16.79 -19.41
N TYR A 311 17.26 15.66 -19.75
CA TYR A 311 17.76 15.45 -21.11
C TYR A 311 18.03 13.96 -21.27
N MET A 312 17.27 13.29 -22.13
CA MET A 312 17.34 11.84 -22.26
C MET A 312 17.89 11.44 -23.62
N VAL A 313 18.89 10.56 -23.62
CA VAL A 313 19.69 10.24 -24.79
C VAL A 313 19.65 8.73 -25.02
N ASP A 314 20.25 8.29 -26.13
CA ASP A 314 20.44 6.88 -26.43
C ASP A 314 21.91 6.60 -26.73
N PHE A 315 22.26 5.32 -26.78
CA PHE A 315 23.61 4.89 -27.11
C PHE A 315 23.56 3.86 -28.21
N ASP A 316 24.57 3.83 -29.06
CA ASP A 316 24.62 2.86 -30.12
C ASP A 316 25.23 1.52 -29.70
N VAL A 317 25.85 0.79 -30.61
CA VAL A 317 26.55 -0.45 -30.26
C VAL A 317 27.96 -0.15 -29.75
N ASN A 318 28.66 0.78 -30.40
CA ASN A 318 30.00 1.15 -29.99
C ASN A 318 30.02 2.11 -28.81
N GLY A 319 28.86 2.44 -28.26
CA GLY A 319 28.79 3.30 -27.09
C GLY A 319 28.95 4.77 -27.39
N TYR A 320 28.23 5.27 -28.38
CA TYR A 320 28.30 6.68 -28.75
C TYR A 320 26.90 7.24 -28.80
N ILE A 321 26.72 8.43 -28.20
CA ILE A 321 25.41 9.07 -28.22
C ILE A 321 25.15 9.61 -29.61
N THR A 322 24.03 9.20 -30.19
CA THR A 322 23.65 9.60 -31.55
C THR A 322 22.37 10.40 -31.61
N ARG A 323 21.45 10.18 -30.68
CA ARG A 323 20.15 10.84 -30.66
C ARG A 323 19.89 11.32 -29.24
N ALA A 324 19.16 12.43 -29.12
CA ALA A 324 18.85 12.98 -27.80
C ALA A 324 17.56 13.78 -27.87
N VAL A 325 17.01 14.09 -26.71
CA VAL A 325 15.75 14.82 -26.58
C VAL A 325 15.93 15.93 -25.56
N ASP A 326 15.50 17.15 -25.91
CA ASP A 326 15.70 18.30 -25.04
C ASP A 326 14.84 18.21 -23.78
N CYS A 327 13.71 17.48 -23.86
CA CYS A 327 12.83 17.11 -22.75
C CYS A 327 12.00 18.28 -22.23
N GLY A 328 12.27 19.49 -22.71
CA GLY A 328 11.51 20.66 -22.29
C GLY A 328 11.32 21.63 -23.43
N TYR A 329 11.71 21.23 -24.64
CA TYR A 329 11.62 22.11 -25.80
C TYR A 329 10.17 22.40 -26.16
N ASN A 330 9.37 21.36 -26.34
CA ASN A 330 7.95 21.53 -26.64
C ASN A 330 7.17 20.48 -25.87
N ASP A 331 5.88 20.38 -26.15
CA ASP A 331 5.02 19.45 -25.44
C ASP A 331 5.34 18.00 -25.79
N TYR A 332 5.75 17.75 -27.04
CA TYR A 332 6.06 16.40 -27.47
C TYR A 332 7.29 15.85 -26.76
N THR A 333 8.30 16.69 -26.53
CA THR A 333 9.49 16.24 -25.80
C THR A 333 9.16 15.92 -24.35
N GLN A 334 8.33 16.75 -23.71
CA GLN A 334 7.90 16.46 -22.34
C GLN A 334 7.10 15.16 -22.27
N LEU A 335 6.27 14.91 -23.28
CA LEU A 335 5.53 13.66 -23.35
C LEU A 335 6.45 12.46 -23.53
N GLN A 336 7.47 12.60 -24.39
CA GLN A 336 8.46 11.54 -24.59
C GLN A 336 9.22 11.24 -23.31
N CYS A 337 9.50 12.27 -22.51
CA CYS A 337 10.13 12.04 -21.21
C CYS A 337 9.15 11.43 -20.22
N SER A 338 7.86 11.76 -20.33
CA SER A 338 6.85 11.16 -19.47
C SER A 338 6.71 9.66 -19.74
N TYR A 339 6.99 9.22 -20.97
CA TYR A 339 6.97 7.80 -21.28
C TYR A 339 8.34 7.20 -21.58
N GLY A 340 9.40 8.01 -21.58
CA GLY A 340 10.74 7.47 -21.55
C GLY A 340 11.22 6.78 -22.80
N GLN A 341 10.59 7.02 -23.95
CA GLN A 341 10.99 6.39 -25.19
C GLN A 341 10.78 7.34 -26.35
N PHE A 342 11.42 7.04 -27.47
CA PHE A 342 11.37 7.88 -28.66
C PHE A 342 10.60 7.24 -29.81
N ASP A 343 10.28 5.96 -29.73
CA ASP A 343 9.40 5.32 -30.71
C ASP A 343 7.99 5.39 -30.16
N MET A 344 7.37 6.55 -30.35
CA MET A 344 6.09 6.84 -29.70
C MET A 344 4.92 6.46 -30.60
N ASP A 345 3.87 5.92 -30.00
CA ASP A 345 2.68 5.45 -30.71
C ASP A 345 1.63 6.56 -30.78
N SER A 346 0.64 6.35 -31.65
CA SER A 346 -0.44 7.30 -31.81
C SER A 346 -1.38 7.25 -30.61
N GLY A 347 -2.10 8.34 -30.40
CA GLY A 347 -3.06 8.44 -29.32
C GLY A 347 -3.10 9.84 -28.76
N VAL A 348 -4.20 10.15 -28.08
CA VAL A 348 -4.37 11.44 -27.41
C VAL A 348 -3.92 11.26 -25.96
N TYR A 349 -2.74 11.76 -25.63
CA TYR A 349 -2.14 11.57 -24.34
C TYR A 349 -2.50 12.71 -23.39
N SER A 350 -2.06 12.60 -22.14
CA SER A 350 -2.15 13.68 -21.18
C SER A 350 -0.74 14.09 -20.80
N ALA A 351 -0.42 15.37 -20.95
CA ALA A 351 0.92 15.87 -20.71
C ALA A 351 1.00 16.49 -19.32
N SER A 352 2.17 17.04 -19.01
CA SER A 352 2.38 17.68 -17.72
C SER A 352 1.57 18.96 -17.62
N TYR A 353 1.04 19.25 -16.46
CA TYR A 353 0.38 20.49 -16.26
C TYR A 353 1.46 21.53 -16.15
N PHE A 354 1.21 22.77 -16.43
CA PHE A 354 2.06 23.93 -16.20
C PHE A 354 1.40 24.89 -15.23
N ASN A 355 2.07 25.18 -14.12
CA ASN A 355 1.57 26.11 -13.13
C ASN A 355 2.06 27.52 -13.44
N ALA A 356 1.30 28.50 -12.97
CA ALA A 356 1.60 29.90 -13.25
C ALA A 356 2.84 30.35 -12.47
N ARG A 357 3.35 31.53 -12.85
CA ARG A 357 4.54 32.09 -12.21
C ARG A 357 4.31 33.44 -11.57
N SER A 358 5.00 33.72 -10.46
CA SER A 358 4.82 34.96 -9.71
C SER A 358 4.89 36.17 -10.63
N ARG A 359 3.81 36.96 -10.63
CA ARG A 359 3.76 38.21 -11.39
C ARG A 359 4.35 39.36 -10.59
N GLY A 360 4.13 39.36 -9.28
CA GLY A 360 4.61 40.41 -8.39
C GLY A 360 4.63 39.87 -6.98
N TYR A 361 4.92 40.77 -6.04
CA TYR A 361 4.96 40.40 -4.63
C TYR A 361 4.19 41.47 -3.86
N TYR A 362 3.24 41.02 -3.04
CA TYR A 362 2.54 41.90 -2.10
C TYR A 362 3.11 41.68 -0.71
N TYR A 363 3.28 42.77 0.03
CA TYR A 363 3.74 42.70 1.41
C TYR A 363 2.80 43.52 2.27
N GLU A 364 2.25 42.89 3.30
CA GLU A 364 1.51 43.57 4.34
C GLU A 364 2.08 43.13 5.68
N ALA A 365 2.06 44.04 6.65
CA ALA A 365 2.49 43.76 8.02
C ALA A 365 2.03 44.89 8.91
N ALA A 366 1.63 44.55 10.12
CA ALA A 366 1.42 45.57 11.13
C ALA A 366 2.75 46.17 11.55
N GLU A 367 2.71 47.44 11.99
CA GLU A 367 3.93 48.11 12.45
C GLU A 367 4.26 47.58 13.84
N LEU A 368 4.94 46.44 13.85
CA LEU A 368 5.28 45.74 15.09
C LEU A 368 6.56 46.31 15.66
N THR A 369 6.45 47.03 16.76
CA THR A 369 7.63 47.57 17.44
C THR A 369 8.44 46.44 18.07
N GLU A 370 9.69 46.74 18.37
CA GLU A 370 10.59 45.72 18.90
C GLU A 370 10.20 45.36 20.33
N CYS A 371 10.42 44.09 20.67
CA CYS A 371 10.11 43.59 22.01
C CYS A 371 11.39 43.40 22.82
N ASP A 372 11.26 43.57 24.13
CA ASP A 372 12.41 43.61 25.02
C ASP A 372 12.92 42.20 25.25
N LEU A 373 13.89 41.78 24.43
CA LEU A 373 14.65 40.58 24.69
C LEU A 373 15.87 40.83 25.55
N ASP A 374 16.09 42.08 25.97
CA ASP A 374 17.16 42.41 26.91
C ASP A 374 16.77 42.13 28.35
N VAL A 375 15.52 41.73 28.60
CA VAL A 375 15.11 41.32 29.93
C VAL A 375 15.80 40.02 30.36
N LEU A 376 16.32 39.25 29.40
CA LEU A 376 17.10 38.08 29.74
C LEU A 376 18.41 38.45 30.40
N PHE A 377 18.93 39.66 30.13
CA PHE A 377 20.21 40.11 30.63
C PHE A 377 20.06 41.31 31.55
N LYS A 378 18.87 41.54 32.09
CA LYS A 378 18.60 42.72 32.91
C LYS A 378 18.78 42.43 34.40
N ASN A 379 18.02 41.48 34.92
CA ASN A 379 18.07 41.17 36.35
C ASN A 379 19.13 40.09 36.60
N ASP A 380 19.09 39.51 37.80
CA ASP A 380 19.99 38.42 38.13
C ASP A 380 19.61 37.16 37.36
N ALA A 381 20.57 36.25 37.22
CA ALA A 381 20.32 35.01 36.50
C ALA A 381 19.40 34.10 37.30
N PRO A 382 18.31 33.63 36.71
CA PRO A 382 17.33 32.84 37.47
C PRO A 382 17.87 31.49 37.90
N ILE A 383 17.37 31.02 39.05
CA ILE A 383 17.67 29.69 39.53
C ILE A 383 16.85 28.66 38.76
N ILE A 384 17.35 27.43 38.69
CA ILE A 384 16.61 26.34 38.05
C ILE A 384 15.31 26.05 38.77
N ALA A 385 15.30 26.19 40.10
CA ALA A 385 14.06 25.96 40.85
C ALA A 385 13.08 27.12 40.72
N ASN A 386 13.54 28.28 40.27
CA ASN A 386 12.71 29.49 40.14
C ASN A 386 12.96 30.15 38.79
N TYR A 387 12.90 29.36 37.72
CA TYR A 387 13.20 29.91 36.40
C TYR A 387 12.09 30.83 35.92
N SER A 388 12.46 31.74 35.03
CA SER A 388 11.57 32.79 34.55
C SER A 388 11.09 32.48 33.15
N ARG A 389 9.89 32.96 32.82
CA ARG A 389 9.27 32.72 31.53
C ARG A 389 8.68 34.02 31.01
N ARG A 390 8.92 34.32 29.74
CA ARG A 390 8.33 35.46 29.07
C ARG A 390 7.73 35.01 27.75
N VAL A 391 6.55 35.53 27.42
CA VAL A 391 5.87 35.23 26.17
C VAL A 391 5.78 36.51 25.36
N PHE A 392 6.28 36.48 24.13
CA PHE A 392 6.37 37.66 23.28
C PHE A 392 5.40 37.54 22.11
N THR A 393 4.54 38.54 21.95
CA THR A 393 3.63 38.63 20.82
C THR A 393 3.64 40.05 20.27
N ASN A 394 3.34 40.17 18.97
CA ASN A 394 3.25 41.45 18.25
C ASN A 394 4.56 42.22 18.35
N CYS A 395 5.66 41.59 17.96
CA CYS A 395 6.95 42.24 18.10
C CYS A 395 7.94 41.74 17.05
N ASN A 396 9.04 42.48 16.89
CA ASN A 396 10.15 42.11 16.04
C ASN A 396 11.41 42.03 16.89
N TYR A 397 12.37 41.22 16.45
CA TYR A 397 13.58 41.01 17.23
C TYR A 397 14.79 40.97 16.31
N ASN A 398 15.92 41.47 16.84
CA ASN A 398 17.21 41.43 16.16
C ASN A 398 17.95 40.20 16.68
N LEU A 399 18.09 39.19 15.83
CA LEU A 399 18.78 37.98 16.28
C LEU A 399 20.27 38.23 16.44
N THR A 400 20.85 39.10 15.63
CA THR A 400 22.27 39.40 15.70
C THR A 400 22.59 40.21 16.96
N LYS A 401 21.69 40.93 17.56
CA LYS A 401 22.06 41.54 18.82
C LYS A 401 21.96 40.52 19.94
N LEU A 402 21.08 39.50 19.89
CA LEU A 402 21.11 38.52 20.98
C LEU A 402 22.29 37.57 20.85
N LEU A 403 22.66 37.18 19.63
CA LEU A 403 23.77 36.25 19.48
C LEU A 403 25.13 36.90 19.63
N SER A 404 25.21 38.23 19.60
CA SER A 404 26.49 38.90 19.86
C SER A 404 26.81 39.00 21.34
N LEU A 405 25.84 38.71 22.21
CA LEU A 405 26.04 38.79 23.65
C LEU A 405 26.39 37.43 24.28
N VAL A 406 26.20 36.34 23.54
CA VAL A 406 26.40 35.01 24.09
C VAL A 406 27.31 34.20 23.15
N GLN A 407 27.95 33.19 23.71
CA GLN A 407 28.71 32.20 22.95
C GLN A 407 27.98 30.87 23.10
N VAL A 408 27.31 30.44 22.04
CA VAL A 408 26.51 29.22 22.11
C VAL A 408 27.43 28.01 22.11
N ASP A 409 27.33 27.18 23.13
CA ASP A 409 28.03 25.96 23.14
C ASP A 409 27.23 24.99 22.35
N GLU A 410 26.09 24.56 22.83
CA GLU A 410 25.27 23.68 22.04
C GLU A 410 23.82 24.02 21.91
N PHE A 411 23.19 23.69 20.81
CA PHE A 411 21.76 23.87 20.63
C PHE A 411 21.10 22.56 20.30
N VAL A 412 19.99 22.23 20.93
CA VAL A 412 19.23 21.04 20.60
C VAL A 412 17.90 21.53 20.16
N CYS A 413 17.53 21.32 18.91
CA CYS A 413 16.31 21.83 18.31
C CYS A 413 15.49 20.69 17.75
N HIS A 414 14.18 20.74 18.00
CA HIS A 414 13.24 19.75 17.50
C HIS A 414 12.15 20.46 16.72
N LYS A 415 11.93 20.02 15.48
CA LYS A 415 10.93 20.51 14.52
C LYS A 415 11.16 21.93 14.06
N THR A 416 12.20 22.61 14.52
CA THR A 416 12.67 23.87 13.95
C THR A 416 14.19 23.86 13.90
N THR A 417 14.74 24.90 13.28
CA THR A 417 16.16 25.19 13.23
C THR A 417 16.36 26.64 13.62
N PRO A 418 17.54 27.00 14.13
CA PRO A 418 17.85 28.42 14.36
C PRO A 418 17.82 29.28 13.09
N GLU A 419 18.06 28.69 11.92
CA GLU A 419 17.93 29.46 10.68
C GLU A 419 16.48 29.84 10.41
N ALA A 420 15.55 28.93 10.73
CA ALA A 420 14.13 29.26 10.60
C ALA A 420 13.70 30.32 11.60
N LEU A 421 14.27 30.27 12.82
CA LEU A 421 14.02 31.32 13.80
C LEU A 421 14.71 32.62 13.44
N ALA A 422 15.67 32.60 12.53
CA ALA A 422 16.27 33.81 11.98
C ALA A 422 15.56 34.33 10.75
N THR A 423 14.75 33.49 10.09
CA THR A 423 14.06 33.88 8.88
C THR A 423 12.55 33.86 9.00
N GLY A 424 11.97 32.76 9.49
CA GLY A 424 10.54 32.58 9.44
C GLY A 424 9.79 33.32 10.54
N CYS A 425 8.49 33.48 10.31
CA CYS A 425 7.58 34.13 11.24
C CYS A 425 6.68 33.08 11.90
N TYR A 426 6.23 33.38 13.11
CA TYR A 426 5.41 32.45 13.87
C TYR A 426 4.51 33.23 14.81
N SER A 427 3.51 32.54 15.36
CA SER A 427 2.44 33.21 16.08
C SER A 427 2.91 33.81 17.40
N SER A 428 3.61 33.01 18.21
CA SER A 428 4.04 33.48 19.53
C SER A 428 5.38 32.86 19.87
N LEU A 429 6.07 33.48 20.83
CA LEU A 429 7.41 33.10 21.23
C LEU A 429 7.46 32.98 22.74
N THR A 430 7.98 31.86 23.24
CA THR A 430 8.08 31.61 24.68
C THR A 430 9.52 31.27 25.02
N VAL A 431 10.11 32.00 25.96
CA VAL A 431 11.51 31.84 26.34
C VAL A 431 11.57 31.44 27.81
N ASP A 432 12.32 30.36 28.08
CA ASP A 432 12.54 29.85 29.44
C ASP A 432 14.03 29.86 29.70
N TRP A 433 14.50 30.76 30.56
CA TRP A 433 15.92 30.89 30.82
C TRP A 433 16.24 30.73 32.29
N PHE A 434 17.32 30.00 32.56
CA PHE A 434 17.80 29.75 33.92
C PHE A 434 19.29 29.45 33.84
N ALA A 435 19.96 29.56 34.98
CA ALA A 435 21.40 29.36 35.04
C ALA A 435 21.72 27.90 35.37
N LEU A 436 22.56 27.27 34.56
CA LEU A 436 22.97 25.90 34.77
C LEU A 436 24.31 25.66 34.07
N PRO A 437 25.28 25.03 34.75
CA PRO A 437 26.59 24.84 34.13
C PRO A 437 26.56 23.76 33.05
N PHE A 438 27.64 23.74 32.26
CA PHE A 438 27.72 22.77 31.16
C PHE A 438 27.95 21.36 31.66
N SER A 439 28.45 21.18 32.88
CA SER A 439 28.57 19.83 33.42
C SER A 439 27.22 19.20 33.73
N MET A 440 26.19 20.00 33.92
CA MET A 440 24.84 19.52 34.19
C MET A 440 24.00 19.42 32.92
N LYS A 441 24.63 19.55 31.75
CA LYS A 441 23.91 19.59 30.48
C LYS A 441 23.20 18.28 30.18
N SER A 442 23.78 17.15 30.59
CA SER A 442 23.16 15.85 30.35
C SER A 442 21.89 15.63 31.15
N THR A 443 21.66 16.43 32.20
CA THR A 443 20.45 16.30 32.98
C THR A 443 19.24 16.86 32.24
N LEU A 444 19.45 17.82 31.34
CA LEU A 444 18.38 18.37 30.53
C LEU A 444 18.14 17.58 29.25
N ALA A 445 18.96 16.58 28.97
CA ALA A 445 18.74 15.73 27.82
C ALA A 445 17.48 14.89 28.03
N ILE A 446 16.82 14.55 26.92
CA ILE A 446 15.55 13.84 27.00
C ILE A 446 15.80 12.40 27.43
N GLY A 447 14.90 11.88 28.28
CA GLY A 447 15.05 10.56 28.84
C GLY A 447 15.90 10.49 30.09
N SER A 448 16.39 11.62 30.58
CA SER A 448 17.26 11.62 31.74
C SER A 448 16.52 11.23 33.01
N ALA A 449 17.22 10.52 33.89
CA ALA A 449 16.67 10.03 35.15
C ALA A 449 17.07 10.89 36.34
N GLU A 450 17.66 12.06 36.11
CA GLU A 450 18.09 12.93 37.20
C GLU A 450 16.90 13.71 37.77
N ALA A 451 17.18 14.43 38.86
CA ALA A 451 16.15 15.19 39.55
C ALA A 451 15.77 16.47 38.84
N ILE A 452 16.58 16.94 37.89
CA ILE A 452 16.28 18.18 37.18
C ILE A 452 15.00 18.05 36.37
N SER A 453 14.89 16.99 35.57
CA SER A 453 13.74 16.83 34.70
C SER A 453 12.48 16.44 35.47
N MET A 454 12.64 15.80 36.63
CA MET A 454 11.50 15.31 37.37
C MET A 454 11.03 16.24 38.47
N PHE A 455 11.81 17.24 38.87
CA PHE A 455 11.37 18.18 39.89
C PHE A 455 11.56 19.64 39.54
N ASN A 456 12.47 19.99 38.63
CA ASN A 456 12.85 21.39 38.41
C ASN A 456 12.37 21.93 37.06
N TYR A 457 12.70 21.26 35.96
CA TYR A 457 12.31 21.74 34.64
C TYR A 457 11.99 20.54 33.77
N ASN A 458 10.70 20.33 33.49
CA ASN A 458 10.26 19.30 32.56
C ASN A 458 9.89 19.99 31.25
N GLN A 459 10.49 19.55 30.15
CA GLN A 459 10.35 20.22 28.87
C GLN A 459 9.19 19.62 28.09
N ASP A 460 8.40 20.49 27.45
CA ASP A 460 7.26 20.06 26.65
C ASP A 460 7.69 19.91 25.20
N TYR A 461 7.43 18.73 24.62
CA TYR A 461 7.75 18.45 23.23
C TYR A 461 6.51 18.36 22.35
N SER A 462 5.38 18.90 22.81
CA SER A 462 4.20 18.99 21.96
C SER A 462 4.28 20.15 20.97
N ASN A 463 5.22 21.07 21.17
CA ASN A 463 5.47 22.21 20.33
C ASN A 463 6.94 22.18 19.93
N PRO A 464 7.30 22.82 18.82
CA PRO A 464 8.73 22.90 18.45
C PRO A 464 9.54 23.65 19.50
N THR A 465 10.74 23.15 19.77
CA THR A 465 11.56 23.67 20.84
C THR A 465 13.00 23.80 20.38
N CYS A 466 13.76 24.64 21.09
CA CYS A 466 15.19 24.80 20.88
C CYS A 466 15.82 25.09 22.23
N ARG A 467 16.52 24.11 22.79
CA ARG A 467 17.19 24.29 24.07
C ARG A 467 18.63 24.72 23.80
N ILE A 468 19.01 25.88 24.31
CA ILE A 468 20.22 26.57 23.92
C ILE A 468 21.10 26.70 25.15
N HIS A 469 22.32 26.16 25.08
CA HIS A 469 23.29 26.30 26.16
C HIS A 469 24.32 27.37 25.77
N ALA A 470 24.28 28.50 26.44
CA ALA A 470 25.11 29.65 26.10
C ALA A 470 25.85 30.15 27.34
N ALA A 471 26.94 30.87 27.10
CA ALA A 471 27.77 31.42 28.16
C ALA A 471 27.94 32.92 27.92
N VAL A 472 27.58 33.72 28.93
CA VAL A 472 27.81 35.16 28.89
C VAL A 472 29.17 35.43 29.53
N THR A 473 30.09 36.00 28.75
CA THR A 473 31.43 36.23 29.25
C THR A 473 31.46 37.37 30.26
N ALA A 474 32.60 37.51 30.93
CA ALA A 474 32.73 38.45 32.04
C ALA A 474 32.64 39.89 31.56
N ASN A 475 33.22 40.20 30.39
CA ASN A 475 33.15 41.57 29.87
C ASN A 475 31.73 41.94 29.49
N VAL A 476 31.01 41.01 28.84
CA VAL A 476 29.61 41.25 28.49
C VAL A 476 28.76 41.31 29.76
N SER A 477 29.10 40.49 30.77
CA SER A 477 28.38 40.52 32.03
C SER A 477 28.53 41.87 32.74
N THR A 478 29.74 42.43 32.73
CA THR A 478 29.94 43.75 33.33
C THR A 478 29.39 44.87 32.45
N ALA A 479 29.26 44.65 31.15
CA ALA A 479 28.69 45.68 30.28
C ALA A 479 27.19 45.81 30.47
N LEU A 480 26.48 44.68 30.58
CA LEU A 480 25.03 44.67 30.68
C LEU A 480 24.53 44.67 32.12
N ASN A 481 25.44 44.72 33.10
CA ASN A 481 25.12 44.61 34.53
C ASN A 481 24.37 43.31 34.83
N PHE A 482 24.76 42.24 34.13
CA PHE A 482 24.16 40.92 34.29
C PHE A 482 25.02 40.09 35.22
N THR A 483 24.55 39.90 36.45
CA THR A 483 25.29 39.18 37.48
C THR A 483 24.69 37.80 37.69
N ALA A 484 25.42 36.99 38.45
CA ALA A 484 24.97 35.68 38.90
C ALA A 484 25.35 35.45 40.35
N ASN A 485 25.18 36.47 41.18
CA ASN A 485 25.60 36.42 42.58
C ASN A 485 24.42 36.06 43.48
N ALA A 486 24.01 34.80 43.37
CA ALA A 486 22.92 34.27 44.18
C ALA A 486 23.26 32.86 44.61
N ASN A 487 22.42 32.30 45.48
CA ASN A 487 22.57 30.93 45.95
C ASN A 487 21.82 30.00 45.02
N TYR A 488 22.54 29.22 44.23
CA TYR A 488 21.97 28.42 43.17
C TYR A 488 21.84 26.97 43.63
N ALA A 489 20.62 26.45 43.60
CA ALA A 489 20.35 25.08 44.02
C ALA A 489 19.10 24.59 43.32
N TYR A 490 19.02 23.27 43.13
CA TYR A 490 17.84 22.65 42.56
C TYR A 490 17.12 21.83 43.62
N ILE A 491 16.06 21.16 43.18
CA ILE A 491 15.19 20.37 44.05
C ILE A 491 15.46 18.91 43.75
N SER A 492 16.05 18.20 44.71
CA SER A 492 16.28 16.77 44.56
C SER A 492 15.13 15.93 45.09
N ARG A 493 14.16 16.53 45.77
CA ARG A 493 13.06 15.78 46.35
C ARG A 493 11.90 16.74 46.60
N CYS A 494 10.71 16.38 46.11
CA CYS A 494 9.49 17.14 46.32
C CYS A 494 8.42 16.13 46.68
N GLN A 495 8.31 15.81 47.97
CA GLN A 495 7.58 14.65 48.45
C GLN A 495 6.52 15.08 49.44
N GLY A 496 5.34 14.49 49.33
CA GLY A 496 4.24 14.78 50.22
C GLY A 496 4.35 14.00 51.53
N VAL A 497 3.30 14.13 52.34
CA VAL A 497 3.28 13.47 53.65
C VAL A 497 3.08 11.96 53.50
N ASP A 498 2.58 11.49 52.36
CA ASP A 498 2.33 10.08 52.13
C ASP A 498 3.49 9.38 51.44
N GLY A 499 4.60 10.08 51.21
CA GLY A 499 5.80 9.46 50.66
C GLY A 499 5.83 9.30 49.16
N LYS A 500 4.86 9.85 48.43
CA LYS A 500 4.90 9.73 46.98
C LYS A 500 5.44 11.01 46.37
N PRO A 501 6.47 10.94 45.52
CA PRO A 501 7.03 12.15 44.91
C PRO A 501 6.02 12.84 44.01
N ILE A 502 6.02 14.17 44.06
CA ILE A 502 5.15 15.00 43.23
C ILE A 502 5.96 15.37 42.00
N LEU A 503 5.73 14.66 40.90
CA LEU A 503 6.49 14.88 39.68
C LEU A 503 6.01 16.12 38.95
N LEU A 504 6.92 16.74 38.22
CA LEU A 504 6.62 17.96 37.48
C LEU A 504 6.09 17.60 36.10
N GLN A 505 4.89 18.08 35.78
CA GLN A 505 4.32 17.86 34.46
C GLN A 505 5.02 18.73 33.43
N PRO A 506 5.05 18.32 32.16
CA PRO A 506 5.71 19.13 31.13
C PRO A 506 5.03 20.48 30.93
N GLY A 507 5.86 21.50 30.70
CA GLY A 507 5.36 22.83 30.45
C GLY A 507 4.82 23.58 31.64
N GLN A 508 5.09 23.10 32.85
CA GLN A 508 4.61 23.75 34.06
C GLN A 508 5.80 24.23 34.88
N MET A 509 5.60 25.34 35.59
CA MET A 509 6.61 25.79 36.52
C MET A 509 6.57 24.93 37.79
N THR A 510 7.60 25.09 38.62
CA THR A 510 7.79 24.25 39.78
C THR A 510 6.67 24.48 40.79
N ASN A 511 6.30 23.40 41.50
CA ASN A 511 5.31 23.49 42.56
C ASN A 511 5.77 24.47 43.64
N ILE A 512 4.88 25.37 44.03
CA ILE A 512 5.27 26.52 44.84
C ILE A 512 5.66 26.09 46.26
N ALA A 513 5.11 24.98 46.76
CA ALA A 513 5.51 24.48 48.06
C ALA A 513 6.97 24.04 48.08
N CYS A 514 7.34 23.17 47.14
CA CYS A 514 8.71 22.68 47.09
C CYS A 514 9.67 23.77 46.66
N ARG A 515 9.23 24.66 45.75
CA ARG A 515 10.09 25.77 45.33
C ARG A 515 10.38 26.72 46.49
N SER A 516 9.35 27.09 47.24
CA SER A 516 9.55 28.01 48.37
C SER A 516 10.36 27.35 49.49
N GLY A 517 10.09 26.08 49.77
CA GLY A 517 10.86 25.39 50.80
C GLY A 517 12.31 25.18 50.45
N VAL A 518 12.60 24.91 49.17
CA VAL A 518 13.98 24.73 48.74
C VAL A 518 14.73 26.06 48.73
N LEU A 519 14.11 27.11 48.20
CA LEU A 519 14.78 28.40 48.21
C LEU A 519 14.82 29.05 49.60
N ALA A 520 14.06 28.54 50.56
CA ALA A 520 14.18 29.05 51.92
C ALA A 520 15.45 28.55 52.61
N ARG A 521 15.77 27.27 52.44
CA ARG A 521 16.88 26.68 53.18
C ARG A 521 18.22 27.17 52.63
N PRO A 522 19.15 27.62 53.48
CA PRO A 522 20.44 28.10 52.99
C PRO A 522 21.50 27.03 52.79
N SER A 523 21.27 25.80 53.25
CA SER A 523 22.27 24.74 53.15
C SER A 523 21.65 23.49 52.53
N ASP A 524 22.51 22.68 51.92
CA ASP A 524 22.05 21.48 51.24
C ASP A 524 21.61 20.41 52.23
N ALA A 525 20.50 19.76 51.91
CA ALA A 525 20.00 18.64 52.69
C ALA A 525 19.11 17.80 51.79
N ASP A 526 19.40 16.50 51.70
CA ASP A 526 18.62 15.64 50.82
C ASP A 526 17.23 15.37 51.40
N TYR A 527 17.10 15.32 52.71
CA TYR A 527 15.82 15.07 53.37
C TYR A 527 15.66 16.03 54.53
N PHE A 528 14.64 16.88 54.46
CA PHE A 528 14.32 17.78 55.57
C PHE A 528 12.84 18.14 55.51
N GLY A 529 12.23 18.30 56.68
CA GLY A 529 10.82 18.64 56.74
C GLY A 529 10.57 20.11 56.46
N TYR A 530 9.35 20.38 55.98
CA TYR A 530 8.95 21.74 55.67
C TYR A 530 7.43 21.82 55.73
N SER A 531 6.92 22.80 56.48
CA SER A 531 5.49 23.02 56.62
C SER A 531 5.07 24.17 55.72
N PHE A 532 4.20 23.88 54.75
CA PHE A 532 3.70 24.87 53.81
C PHE A 532 2.20 25.02 54.02
N GLN A 533 1.80 26.11 54.68
CA GLN A 533 0.40 26.48 54.89
C GLN A 533 -0.40 25.38 55.59
N GLY A 534 0.23 24.72 56.55
CA GLY A 534 -0.42 23.69 57.33
C GLY A 534 -0.20 22.27 56.84
N ARG A 535 0.37 22.09 55.65
CA ARG A 535 0.65 20.77 55.10
C ARG A 535 2.15 20.55 55.11
N ASN A 536 2.58 19.41 55.64
CA ASN A 536 4.00 19.10 55.77
C ASN A 536 4.53 18.50 54.48
N TYR A 537 5.69 18.99 54.05
CA TYR A 537 6.38 18.46 52.88
C TYR A 537 7.79 18.07 53.25
N TYR A 538 8.28 17.01 52.61
CA TYR A 538 9.66 16.55 52.77
C TYR A 538 10.40 16.85 51.48
N LEU A 539 11.46 17.65 51.58
CA LEU A 539 12.11 18.23 50.42
C LEU A 539 13.59 17.83 50.37
N GLY A 540 14.25 18.26 49.29
CA GLY A 540 15.67 18.04 49.11
C GLY A 540 16.32 19.17 48.34
N ARG A 541 17.47 19.65 48.83
CA ARG A 541 18.16 20.78 48.22
C ARG A 541 19.60 20.39 47.93
N LYS A 542 20.02 20.58 46.67
CA LYS A 542 21.40 20.34 46.26
C LYS A 542 21.88 21.54 45.47
N SER A 543 23.03 22.07 45.86
CA SER A 543 23.53 23.32 45.31
C SER A 543 24.40 23.08 44.08
N TYR A 544 24.64 24.15 43.33
CA TYR A 544 25.52 24.15 42.18
C TYR A 544 25.99 25.58 41.98
N LYS A 545 27.00 25.73 41.11
CA LYS A 545 27.53 27.06 40.77
C LYS A 545 27.67 27.19 39.26
N PRO A 546 26.87 28.04 38.63
CA PRO A 546 26.96 28.20 37.17
C PRO A 546 28.02 29.19 36.70
N LYS A 547 28.87 29.68 37.58
CA LYS A 547 29.92 30.61 37.21
C LYS A 547 31.26 29.90 37.14
N THR A 548 32.07 30.26 36.15
CA THR A 548 33.39 29.66 35.96
C THR A 548 34.43 30.46 36.72
N ASP A 549 35.68 29.97 36.70
CA ASP A 549 36.77 30.70 37.31
C ASP A 549 37.10 31.98 36.55
N GLU A 550 36.86 31.98 35.23
CA GLU A 550 37.03 33.19 34.44
C GLU A 550 36.00 34.26 34.82
N GLY A 551 34.82 33.84 35.27
CA GLY A 551 33.73 34.76 35.55
C GLY A 551 32.58 34.64 34.57
N ASP A 552 32.64 33.71 33.61
CA ASP A 552 31.55 33.53 32.66
C ASP A 552 30.33 32.91 33.35
N VAL A 553 29.16 33.40 32.99
CA VAL A 553 27.91 32.87 33.49
C VAL A 553 27.34 31.95 32.42
N GLN A 554 27.21 30.67 32.77
CA GLN A 554 26.73 29.66 31.84
C GLN A 554 25.22 29.51 31.95
N MET A 555 24.52 29.79 30.85
CA MET A 555 23.08 29.95 30.84
C MET A 555 22.43 28.89 29.97
N VAL A 556 21.15 28.62 30.22
CA VAL A 556 20.34 27.75 29.38
C VAL A 556 19.11 28.53 28.93
N TYR A 557 18.89 28.57 27.62
CA TYR A 557 17.73 29.23 27.03
C TYR A 557 16.88 28.19 26.31
N VAL A 558 15.60 28.13 26.64
CA VAL A 558 14.66 27.25 25.97
C VAL A 558 13.71 28.11 25.16
N ILE A 559 13.68 27.90 23.84
CA ILE A 559 12.92 28.71 22.91
C ILE A 559 11.78 27.86 22.37
N THR A 560 10.56 28.38 22.43
CA THR A 560 9.37 27.65 22.01
C THR A 560 8.60 28.45 20.98
N PRO A 561 8.96 28.34 19.70
CA PRO A 561 8.15 28.98 18.65
C PRO A 561 6.86 28.19 18.42
N LYS A 562 5.74 28.90 18.51
CA LYS A 562 4.43 28.28 18.41
C LYS A 562 3.83 28.65 17.07
N TYR A 563 3.78 27.68 16.15
CA TYR A 563 3.23 27.91 14.83
C TYR A 563 1.75 27.58 14.84
N ASP A 564 0.91 28.59 14.60
CA ASP A 564 -0.53 28.42 14.66
C ASP A 564 -1.18 29.03 13.43
N LYS A 565 -2.43 28.68 13.21
CA LYS A 565 -3.19 29.22 12.09
C LYS A 565 -3.47 30.71 12.32
N GLY A 566 -3.46 31.47 11.23
CA GLY A 566 -3.74 32.88 11.30
C GLY A 566 -2.50 33.73 11.14
N PRO A 567 -2.52 34.94 11.71
CA PRO A 567 -1.36 35.82 11.59
C PRO A 567 -0.18 35.33 12.40
N ASP A 568 1.01 35.57 11.86
CA ASP A 568 2.28 35.22 12.49
C ASP A 568 2.90 36.51 13.00
N THR A 569 2.51 36.90 14.21
CA THR A 569 2.80 38.23 14.71
C THR A 569 4.21 38.40 15.26
N VAL A 570 5.01 37.33 15.34
CA VAL A 570 6.38 37.42 15.79
C VAL A 570 7.28 37.14 14.59
N CYS A 571 8.08 38.14 14.20
CA CYS A 571 8.91 38.05 13.03
C CYS A 571 10.31 38.57 13.35
N PRO A 572 11.33 38.06 12.68
CA PRO A 572 12.66 38.68 12.79
C PRO A 572 12.68 40.05 12.15
N LEU A 573 13.58 40.90 12.64
CA LEU A 573 13.71 42.26 12.15
C LEU A 573 14.41 42.22 10.79
N LYS A 574 13.62 42.34 9.72
CA LYS A 574 14.13 42.42 8.36
C LYS A 574 13.63 43.71 7.70
N ASP A 575 13.93 43.86 6.42
CA ASP A 575 13.51 45.03 5.67
C ASP A 575 12.26 44.74 4.84
N LEU A 586 -2.96 43.77 -10.41
CA LEU A 586 -2.49 42.88 -9.36
C LEU A 586 -3.53 41.80 -9.07
N LEU A 587 -4.79 42.11 -9.37
CA LEU A 587 -5.89 41.18 -9.13
C LEU A 587 -5.96 40.15 -10.25
N GLY A 588 -6.31 38.92 -9.88
CA GLY A 588 -6.44 37.85 -10.85
C GLY A 588 -5.14 37.22 -11.29
N GLN A 589 -4.03 37.54 -10.64
CA GLN A 589 -2.71 37.05 -11.04
C GLN A 589 -2.11 36.22 -9.92
N CYS A 590 -1.41 35.15 -10.30
CA CYS A 590 -0.65 34.35 -9.35
C CYS A 590 0.55 35.15 -8.89
N ILE A 591 0.54 35.62 -7.64
CA ILE A 591 1.63 36.41 -7.10
C ILE A 591 2.06 35.84 -5.75
N ASP A 592 3.29 36.19 -5.36
CA ASP A 592 3.83 35.84 -4.06
C ASP A 592 3.27 36.82 -3.02
N TYR A 593 2.90 36.31 -1.86
CA TYR A 593 2.24 37.17 -0.89
C TYR A 593 2.77 37.12 0.47
N ASP A 594 2.35 38.07 1.24
CA ASP A 594 2.79 38.17 2.63
C ASP A 594 1.87 39.18 3.33
N ILE A 595 0.92 38.69 4.10
CA ILE A 595 -0.08 39.53 4.77
C ILE A 595 0.28 39.82 6.22
N HIS A 596 0.67 38.80 6.96
CA HIS A 596 1.09 39.03 8.34
C HIS A 596 2.28 38.17 8.75
N GLY A 597 2.96 37.55 7.80
CA GLY A 597 4.10 36.72 8.12
C GLY A 597 3.98 35.36 7.46
N VAL A 598 2.87 35.11 6.80
CA VAL A 598 2.63 33.86 6.08
C VAL A 598 2.99 34.10 4.61
N VAL A 599 3.67 33.12 4.02
CA VAL A 599 4.22 33.25 2.67
C VAL A 599 3.63 32.15 1.80
N GLY A 600 3.17 32.52 0.62
CA GLY A 600 2.61 31.55 -0.30
C GLY A 600 2.34 32.19 -1.65
N ARG A 601 1.55 31.48 -2.45
CA ARG A 601 1.14 31.98 -3.75
C ARG A 601 -0.36 31.78 -3.93
N GLY A 602 -1.00 32.69 -4.64
CA GLY A 602 -2.43 32.60 -4.82
C GLY A 602 -2.94 33.67 -5.77
N VAL A 603 -4.26 33.72 -5.90
CA VAL A 603 -4.94 34.66 -6.79
C VAL A 603 -5.83 35.56 -5.95
N PHE A 604 -5.63 36.87 -6.05
CA PHE A 604 -6.34 37.86 -5.27
C PHE A 604 -7.48 38.46 -6.08
N GLN A 605 -8.66 38.55 -5.48
CA GLN A 605 -9.81 39.20 -6.09
C GLN A 605 -10.58 39.98 -5.04
N VAL A 606 -11.18 41.09 -5.46
CA VAL A 606 -12.10 41.82 -4.60
C VAL A 606 -13.35 40.97 -4.42
N CYS A 607 -13.75 40.78 -3.17
CA CYS A 607 -14.69 39.72 -2.84
C CYS A 607 -15.69 40.23 -1.80
N ASN A 608 -16.85 39.59 -1.76
CA ASN A 608 -17.86 39.94 -0.78
C ASN A 608 -17.43 39.48 0.61
N THR A 609 -17.69 40.32 1.61
CA THR A 609 -17.20 40.08 2.96
C THR A 609 -17.89 38.87 3.57
N THR A 610 -17.09 37.96 4.12
CA THR A 610 -17.60 36.79 4.83
C THR A 610 -16.71 36.50 6.02
N GLY A 611 -17.28 35.86 7.04
CA GLY A 611 -16.56 35.58 8.26
C GLY A 611 -16.49 36.80 9.17
N ILE A 612 -15.82 36.62 10.30
CA ILE A 612 -15.64 37.69 11.27
C ILE A 612 -14.36 38.46 10.95
N ALA A 613 -14.50 39.77 10.73
CA ALA A 613 -13.40 40.58 10.20
C ALA A 613 -12.23 40.70 11.17
N SER A 614 -12.49 40.57 12.48
CA SER A 614 -11.43 40.70 13.47
C SER A 614 -10.34 39.65 13.28
N GLN A 615 -10.72 38.40 13.03
CA GLN A 615 -9.77 37.39 12.60
C GLN A 615 -9.49 37.63 11.12
N ILE A 616 -8.26 38.06 10.83
CA ILE A 616 -7.91 38.55 9.48
C ILE A 616 -8.09 37.43 8.45
N PHE A 617 -7.52 36.26 8.71
CA PHE A 617 -7.49 35.20 7.72
C PHE A 617 -8.68 34.26 7.88
N VAL A 618 -9.24 33.83 6.75
CA VAL A 618 -10.34 32.88 6.70
C VAL A 618 -9.80 31.56 6.17
N TYR A 619 -10.09 30.47 6.88
CA TYR A 619 -9.59 29.15 6.56
C TYR A 619 -10.73 28.29 6.00
N ASP A 620 -10.41 27.03 5.72
CA ASP A 620 -11.42 26.06 5.32
C ASP A 620 -11.26 24.78 6.13
N GLY A 621 -11.97 23.72 5.74
CA GLY A 621 -11.86 22.46 6.43
C GLY A 621 -10.54 21.74 6.19
N PHE A 622 -9.87 22.04 5.07
CA PHE A 622 -8.58 21.43 4.78
C PHE A 622 -7.46 22.04 5.60
N GLY A 623 -7.55 23.33 5.90
CA GLY A 623 -6.46 24.07 6.50
C GLY A 623 -5.83 25.12 5.60
N ASN A 624 -6.50 25.49 4.51
CA ASN A 624 -5.99 26.46 3.55
C ASN A 624 -6.66 27.81 3.76
N ILE A 625 -5.88 28.87 3.66
CA ILE A 625 -6.42 30.23 3.81
C ILE A 625 -7.15 30.57 2.53
N ILE A 626 -8.49 30.55 2.57
CA ILE A 626 -9.30 30.76 1.38
C ILE A 626 -9.71 32.23 1.24
N GLY A 627 -9.16 33.09 2.10
CA GLY A 627 -9.46 34.50 2.01
C GLY A 627 -8.94 35.22 3.24
N PHE A 628 -8.93 36.54 3.14
CA PHE A 628 -8.44 37.36 4.23
C PHE A 628 -9.06 38.74 4.18
N HIS A 629 -9.23 39.34 5.36
CA HIS A 629 -9.71 40.71 5.50
C HIS A 629 -8.51 41.63 5.55
N SER A 630 -8.37 42.48 4.54
CA SER A 630 -7.28 43.44 4.53
C SER A 630 -7.61 44.64 5.41
N LYS A 631 -6.58 45.43 5.69
CA LYS A 631 -6.81 46.73 6.30
C LYS A 631 -7.51 47.65 5.31
N ASN A 632 -8.07 48.75 5.85
CA ASN A 632 -9.00 49.69 5.22
C ASN A 632 -10.36 49.06 4.92
N GLY A 633 -10.61 47.82 5.35
CA GLY A 633 -11.92 47.23 5.32
C GLY A 633 -12.20 46.31 4.14
N THR A 634 -11.42 46.41 3.07
CA THR A 634 -11.70 45.64 1.87
C THR A 634 -11.31 44.17 2.08
N TYR A 635 -12.23 43.26 1.72
CA TYR A 635 -12.02 41.83 1.89
C TYR A 635 -11.63 41.19 0.57
N TYR A 636 -10.62 40.32 0.62
CA TYR A 636 -10.20 39.54 -0.53
C TYR A 636 -10.36 38.06 -0.21
N CYS A 637 -11.00 37.32 -1.10
CA CYS A 637 -11.03 35.86 -1.02
C CYS A 637 -10.12 35.29 -2.09
N MET A 638 -9.25 34.36 -1.69
CA MET A 638 -8.18 33.88 -2.55
C MET A 638 -8.23 32.37 -2.68
N ALA A 639 -7.64 31.89 -3.77
CA ALA A 639 -7.41 30.48 -4.04
C ALA A 639 -5.99 30.33 -4.54
N PRO A 640 -5.37 29.16 -4.34
CA PRO A 640 -4.05 28.93 -4.94
C PRO A 640 -4.13 28.99 -6.45
N CYS A 641 -3.10 29.57 -7.07
CA CYS A 641 -3.12 29.76 -8.51
C CYS A 641 -2.99 28.41 -9.22
N VAL A 642 -3.75 28.25 -10.29
CA VAL A 642 -4.07 26.95 -10.83
C VAL A 642 -3.23 26.69 -12.09
N SER A 643 -3.26 25.43 -12.54
CA SER A 643 -2.49 24.99 -13.68
C SER A 643 -3.40 24.68 -14.87
N VAL A 644 -2.80 24.72 -16.05
CA VAL A 644 -3.52 24.51 -17.31
C VAL A 644 -3.37 23.04 -17.70
N PRO A 645 -4.46 22.31 -17.92
CA PRO A 645 -4.35 20.93 -18.42
C PRO A 645 -3.92 20.91 -19.87
N VAL A 646 -2.88 20.14 -20.16
CA VAL A 646 -2.30 20.06 -21.50
C VAL A 646 -2.39 18.61 -21.98
N SER A 647 -2.98 18.42 -23.15
CA SER A 647 -3.04 17.12 -23.82
C SER A 647 -2.31 17.24 -25.15
N VAL A 648 -1.65 16.16 -25.56
CA VAL A 648 -0.88 16.14 -26.80
C VAL A 648 -1.49 15.09 -27.71
N ILE A 649 -1.83 15.49 -28.93
CA ILE A 649 -2.34 14.60 -29.96
C ILE A 649 -1.19 14.30 -30.91
N TYR A 650 -0.76 13.04 -30.96
CA TYR A 650 0.36 12.63 -31.79
C TYR A 650 -0.06 11.47 -32.68
N ASP A 651 0.41 11.52 -33.96
CA ASP A 651 0.16 10.45 -34.96
C ASP A 651 1.45 9.95 -35.58
N LYS A 652 1.80 8.68 -35.48
CA LYS A 652 3.12 8.17 -35.86
C LYS A 652 3.32 8.16 -37.37
N SER A 653 2.25 7.98 -38.15
CA SER A 653 2.37 7.86 -39.60
C SER A 653 2.79 9.17 -40.24
N SER A 654 2.22 10.28 -39.80
CA SER A 654 2.57 11.58 -40.35
C SER A 654 3.63 12.31 -39.53
N ASP A 655 3.92 11.83 -38.32
CA ASP A 655 4.90 12.42 -37.39
C ASP A 655 4.58 13.89 -37.11
N VAL A 656 3.30 14.18 -36.90
CA VAL A 656 2.83 15.53 -36.57
C VAL A 656 2.16 15.47 -35.20
N HIS A 657 2.51 16.40 -34.32
CA HIS A 657 1.93 16.48 -33.00
C HIS A 657 1.12 17.76 -32.85
N ALA A 658 -0.02 17.66 -32.19
CA ALA A 658 -0.84 18.80 -31.82
C ALA A 658 -0.91 18.90 -30.30
N THR A 659 -1.50 19.99 -29.81
CA THR A 659 -1.54 20.27 -28.38
C THR A 659 -2.93 20.77 -27.99
N LEU A 660 -3.63 19.99 -27.19
CA LEU A 660 -4.95 20.36 -26.68
C LEU A 660 -4.83 20.89 -25.25
N TYR A 661 -5.36 22.09 -25.03
CA TYR A 661 -5.48 22.64 -23.69
C TYR A 661 -6.93 22.45 -23.24
N SER A 662 -7.13 21.61 -22.23
CA SER A 662 -8.46 21.10 -21.92
C SER A 662 -9.27 22.15 -21.16
N SER A 663 -10.50 22.38 -21.62
CA SER A 663 -11.54 23.12 -20.91
C SER A 663 -11.16 24.58 -20.63
N VAL A 664 -10.45 25.21 -21.56
CA VAL A 664 -10.04 26.59 -21.38
C VAL A 664 -10.67 27.47 -22.45
N GLU A 665 -10.77 28.76 -22.13
CA GLU A 665 -10.90 29.77 -23.17
C GLU A 665 -9.51 30.18 -23.65
N CYS A 666 -9.48 30.64 -24.89
CA CYS A 666 -8.23 31.08 -25.45
C CYS A 666 -7.85 32.48 -24.90
N ASN A 667 -8.82 33.28 -24.49
CA ASN A 667 -8.49 34.60 -23.97
C ASN A 667 -7.60 34.52 -22.73
N HIS A 668 -7.74 33.46 -21.94
CA HIS A 668 -6.97 33.30 -20.72
C HIS A 668 -5.57 32.78 -21.01
N ILE A 669 -5.38 32.03 -22.10
CA ILE A 669 -4.07 31.45 -22.37
C ILE A 669 -3.05 32.50 -22.76
N LYS A 670 -3.49 33.70 -23.18
CA LYS A 670 -2.56 34.80 -23.37
C LYS A 670 -2.38 35.64 -22.11
N SER A 671 -3.20 35.43 -21.07
CA SER A 671 -3.07 36.22 -19.86
C SER A 671 -1.78 35.90 -19.10
N VAL A 672 -1.26 34.69 -19.27
CA VAL A 672 0.05 34.35 -18.71
C VAL A 672 1.01 34.16 -19.88
N ALA A 673 0.73 33.14 -20.70
CA ALA A 673 1.42 32.85 -21.97
C ALA A 673 2.94 32.70 -21.81
N THR A 674 3.41 32.32 -20.62
CA THR A 674 4.85 32.20 -20.40
C THR A 674 5.25 30.97 -19.60
N VAL A 675 4.30 30.21 -19.04
CA VAL A 675 4.62 29.09 -18.17
C VAL A 675 4.59 27.76 -18.92
N PHE A 676 4.30 27.78 -20.20
CA PHE A 676 4.26 26.55 -20.99
C PHE A 676 5.67 26.21 -21.45
N SER A 677 5.79 25.29 -22.40
CA SER A 677 7.08 24.95 -22.97
C SER A 677 7.64 26.12 -23.77
N ARG A 678 8.96 26.14 -23.92
CA ARG A 678 9.63 27.27 -24.53
C ARG A 678 9.63 27.24 -26.06
N GLN A 679 8.74 26.45 -26.67
CA GLN A 679 8.46 26.56 -28.09
C GLN A 679 7.09 27.15 -28.37
N THR A 680 6.24 27.26 -27.35
CA THR A 680 4.90 27.82 -27.52
C THR A 680 4.70 29.03 -26.63
N ASN A 689 -1.45 32.64 -31.19
CA ASN A 689 -1.92 32.75 -32.57
C ASN A 689 -2.13 31.36 -33.17
N GLY A 690 -2.98 31.29 -34.20
CA GLY A 690 -3.42 29.99 -34.69
C GLY A 690 -4.30 29.27 -33.69
N LEU A 691 -5.24 29.98 -33.07
CA LEU A 691 -5.98 29.49 -31.92
C LEU A 691 -7.41 29.17 -32.35
N LEU A 692 -7.97 28.10 -31.79
CA LEU A 692 -9.26 27.59 -32.27
C LEU A 692 -10.02 26.98 -31.11
N GLN A 693 -11.17 27.55 -30.76
CA GLN A 693 -11.96 27.06 -29.65
C GLN A 693 -12.85 25.90 -30.10
N THR A 694 -12.76 24.79 -29.38
CA THR A 694 -13.50 23.57 -29.65
C THR A 694 -14.39 23.23 -28.46
N ALA A 695 -15.06 22.08 -28.55
CA ALA A 695 -15.95 21.65 -27.49
C ALA A 695 -15.19 21.17 -26.26
N VAL A 696 -13.98 20.64 -26.45
CA VAL A 696 -13.20 20.10 -25.36
C VAL A 696 -12.24 21.10 -24.74
N GLY A 697 -12.13 22.27 -25.38
CA GLY A 697 -11.18 23.30 -24.96
C GLY A 697 -10.38 23.78 -26.14
N CYS A 698 -9.63 24.86 -26.02
CA CYS A 698 -8.83 25.37 -27.12
C CYS A 698 -7.87 24.38 -27.64
N VAL A 699 -7.63 24.36 -28.94
CA VAL A 699 -6.61 23.51 -29.49
C VAL A 699 -5.60 24.24 -30.34
N ILE A 700 -4.31 23.99 -30.23
CA ILE A 700 -3.33 24.59 -31.13
C ILE A 700 -2.85 23.56 -32.12
N GLY A 701 -2.50 23.95 -33.34
CA GLY A 701 -2.11 23.01 -34.38
C GLY A 701 -3.18 22.34 -35.22
N PHE A 702 -4.44 22.75 -35.07
CA PHE A 702 -5.56 22.15 -35.79
C PHE A 702 -6.31 23.11 -36.71
N ARG A 703 -6.61 22.71 -37.95
CA ARG A 703 -7.44 23.54 -38.84
C ARG A 703 -8.94 23.22 -38.77
N ASN A 704 -9.82 24.22 -38.68
CA ASN A 704 -11.23 23.90 -38.49
C ASN A 704 -11.82 23.44 -39.81
N THR A 705 -12.40 22.24 -39.81
CA THR A 705 -13.09 21.69 -40.96
C THR A 705 -14.49 21.27 -40.56
N SER A 706 -15.28 20.87 -41.55
CA SER A 706 -16.65 20.40 -41.32
C SER A 706 -16.85 18.97 -41.81
N ASP A 707 -15.79 18.24 -42.10
CA ASP A 707 -15.91 16.86 -42.55
C ASP A 707 -16.33 15.96 -41.39
N THR A 708 -16.93 14.82 -41.74
CA THR A 708 -17.37 13.83 -40.77
C THR A 708 -16.89 12.45 -41.19
N VAL A 709 -16.57 11.62 -40.21
CA VAL A 709 -16.10 10.26 -40.45
C VAL A 709 -16.64 9.35 -39.36
N GLU A 710 -16.95 8.10 -39.74
CA GLU A 710 -17.51 7.16 -38.78
C GLU A 710 -16.47 6.74 -37.74
N ASP A 711 -15.29 6.35 -38.18
CA ASP A 711 -14.25 5.83 -37.31
C ASP A 711 -13.01 6.71 -37.38
N CYS A 712 -12.53 7.12 -36.21
CA CYS A 712 -11.30 7.90 -36.10
C CYS A 712 -10.44 7.28 -35.00
N THR A 713 -9.14 7.24 -35.25
CA THR A 713 -8.18 6.67 -34.29
C THR A 713 -7.68 7.68 -33.28
N LEU A 714 -8.04 8.95 -33.42
CA LEU A 714 -7.60 10.02 -32.51
C LEU A 714 -8.83 10.78 -32.01
N PRO A 715 -9.59 10.20 -31.08
CA PRO A 715 -10.76 10.91 -30.55
C PRO A 715 -10.34 12.00 -29.56
N LEU A 716 -10.89 13.19 -29.75
CA LEU A 716 -10.58 14.33 -28.88
C LEU A 716 -11.53 14.46 -27.70
N GLY A 717 -12.64 13.73 -27.70
CA GLY A 717 -13.63 13.91 -26.67
C GLY A 717 -15.04 13.86 -27.20
N GLN A 718 -15.81 14.92 -26.98
CA GLN A 718 -17.23 14.92 -27.32
C GLN A 718 -17.46 14.99 -28.82
N SER A 719 -17.51 13.82 -29.47
CA SER A 719 -17.82 13.66 -30.89
C SER A 719 -16.86 14.47 -31.77
N LEU A 720 -15.58 14.45 -31.42
CA LEU A 720 -14.55 15.15 -32.16
C LEU A 720 -13.39 14.20 -32.44
N CYS A 721 -12.73 14.40 -33.57
CA CYS A 721 -11.60 13.58 -33.96
C CYS A 721 -10.49 14.46 -34.51
N ALA A 722 -9.34 13.84 -34.76
CA ALA A 722 -8.22 14.49 -35.44
C ALA A 722 -7.81 13.61 -36.61
N LYS A 723 -7.83 14.17 -37.81
CA LYS A 723 -7.53 13.38 -38.99
C LYS A 723 -6.14 13.70 -39.49
N PRO A 724 -5.33 12.70 -39.81
CA PRO A 724 -3.94 12.96 -40.20
C PRO A 724 -3.87 13.72 -41.52
N PRO A 725 -2.80 14.51 -41.72
CA PRO A 725 -2.68 15.22 -43.01
C PRO A 725 -2.35 14.31 -44.18
N SER A 726 -1.44 13.36 -44.00
CA SER A 726 -1.05 12.47 -45.08
C SER A 726 -2.08 11.38 -45.31
N ASN A 735 -2.18 19.82 -45.77
CA ASN A 735 -0.93 20.48 -45.39
C ASN A 735 -0.07 19.56 -44.52
N ASN A 736 0.31 20.04 -43.33
CA ASN A 736 1.09 19.28 -42.38
C ASN A 736 0.51 19.45 -40.98
N THR A 737 -0.82 19.53 -40.90
CA THR A 737 -1.54 19.66 -39.64
C THR A 737 -2.76 18.74 -39.69
N PHE A 738 -3.37 18.51 -38.54
CA PHE A 738 -4.56 17.68 -38.51
C PHE A 738 -5.77 18.47 -39.03
N ALA A 739 -6.93 17.84 -38.95
CA ALA A 739 -8.20 18.49 -39.26
C ALA A 739 -9.19 18.18 -38.15
N LEU A 740 -9.94 19.20 -37.72
CA LEU A 740 -10.95 19.03 -36.69
C LEU A 740 -12.22 18.52 -37.35
N VAL A 741 -12.51 17.23 -37.15
CA VAL A 741 -13.65 16.58 -37.78
C VAL A 741 -14.53 15.96 -36.71
N HIS A 742 -15.81 15.78 -37.04
CA HIS A 742 -16.79 15.22 -36.13
C HIS A 742 -17.03 13.75 -36.43
N MET A 743 -17.60 13.06 -35.44
CA MET A 743 -18.02 11.68 -35.62
C MET A 743 -19.30 11.65 -36.43
N LEU A 744 -19.34 10.82 -37.47
CA LEU A 744 -20.49 10.75 -38.35
C LEU A 744 -21.50 9.74 -37.82
N PHE A 745 -22.75 10.19 -37.69
CA PHE A 745 -23.86 9.31 -37.31
C PHE A 745 -24.58 8.89 -38.59
N GLN A 746 -24.42 7.63 -38.97
CA GLN A 746 -25.07 7.15 -40.18
C GLN A 746 -26.56 6.98 -39.94
N ASN A 747 -27.36 7.57 -40.82
CA ASN A 747 -28.81 7.52 -40.68
C ASN A 747 -29.32 6.14 -41.12
N PRO A 748 -30.10 5.46 -40.29
CA PRO A 748 -30.75 4.23 -40.74
C PRO A 748 -31.79 4.51 -41.81
N LEU A 749 -32.03 3.51 -42.65
CA LEU A 749 -32.99 3.65 -43.74
C LEU A 749 -34.40 3.80 -43.18
N LYS A 750 -35.13 4.79 -43.69
CA LYS A 750 -36.45 5.11 -43.16
C LYS A 750 -37.50 4.20 -43.78
N VAL A 751 -38.36 3.65 -42.93
CA VAL A 751 -39.53 2.89 -43.35
C VAL A 751 -40.76 3.63 -42.85
N SER A 752 -41.72 3.84 -43.75
CA SER A 752 -42.90 4.64 -43.43
C SER A 752 -44.06 3.76 -42.99
N VAL A 753 -44.74 4.19 -41.93
CA VAL A 753 -45.89 3.46 -41.42
C VAL A 753 -47.11 3.80 -42.26
N LEU A 754 -47.78 2.76 -42.77
CA LEU A 754 -49.02 2.92 -43.50
C LEU A 754 -50.19 2.80 -42.53
N ASN A 755 -51.09 3.77 -42.54
CA ASN A 755 -52.21 3.79 -41.61
C ASN A 755 -53.30 2.79 -41.97
N SER A 756 -53.22 2.15 -43.14
CA SER A 756 -54.22 1.20 -43.57
C SER A 756 -53.95 -0.17 -42.97
N THR A 757 -54.66 -1.20 -43.47
CA THR A 757 -54.46 -2.56 -43.00
C THR A 757 -53.22 -3.23 -43.60
N GLU A 758 -52.56 -2.58 -44.56
CA GLU A 758 -51.29 -3.05 -45.06
C GLU A 758 -50.14 -2.41 -44.26
N PHE A 759 -48.94 -2.95 -44.45
CA PHE A 759 -47.79 -2.43 -43.74
C PHE A 759 -46.55 -2.61 -44.61
N GLN A 760 -45.63 -1.65 -44.49
CA GLN A 760 -44.42 -1.66 -45.29
C GLN A 760 -43.39 -2.64 -44.74
N VAL A 761 -42.64 -3.27 -45.64
CA VAL A 761 -41.51 -4.11 -45.29
C VAL A 761 -40.33 -3.74 -46.18
N SER A 762 -39.13 -3.81 -45.62
CA SER A 762 -37.90 -3.56 -46.36
C SER A 762 -37.10 -4.84 -46.34
N ILE A 763 -37.05 -5.53 -47.47
CA ILE A 763 -36.50 -6.87 -47.59
C ILE A 763 -35.22 -6.79 -48.41
N PRO A 764 -34.13 -7.43 -47.96
CA PRO A 764 -32.88 -7.37 -48.71
C PRO A 764 -32.96 -8.03 -50.08
N GLN A 765 -32.18 -7.49 -51.02
CA GLN A 765 -32.07 -8.07 -52.35
C GLN A 765 -30.71 -8.70 -52.61
N ASN A 766 -29.67 -8.31 -51.87
CA ASN A 766 -28.35 -8.88 -52.03
C ASN A 766 -27.66 -8.82 -50.67
N PHE A 767 -26.63 -9.64 -50.51
CA PHE A 767 -25.97 -9.76 -49.22
C PHE A 767 -24.50 -10.12 -49.41
N SER A 768 -23.80 -10.24 -48.29
CA SER A 768 -22.42 -10.69 -48.26
C SER A 768 -22.18 -11.41 -46.94
N PHE A 769 -21.16 -12.27 -46.93
CA PHE A 769 -20.82 -13.04 -45.73
C PHE A 769 -19.87 -12.21 -44.88
N GLY A 770 -20.41 -11.54 -43.87
CA GLY A 770 -19.59 -10.74 -42.97
C GLY A 770 -18.99 -11.59 -41.87
N ILE A 771 -17.69 -11.40 -41.63
CA ILE A 771 -16.95 -12.18 -40.64
C ILE A 771 -16.60 -11.28 -39.46
N THR A 772 -16.94 -11.75 -38.26
CA THR A 772 -16.64 -11.04 -37.03
C THR A 772 -15.65 -11.86 -36.20
N GLU A 773 -14.58 -11.23 -35.75
CA GLU A 773 -13.55 -11.90 -34.97
C GLU A 773 -13.53 -11.36 -33.56
N GLU A 774 -13.43 -12.27 -32.59
CA GLU A 774 -13.39 -11.90 -31.18
C GLU A 774 -12.33 -12.73 -30.47
N PHE A 775 -11.65 -12.09 -29.52
CA PHE A 775 -10.69 -12.75 -28.65
C PHE A 775 -11.19 -12.70 -27.22
N ILE A 776 -11.12 -13.84 -26.53
CA ILE A 776 -11.53 -13.94 -25.14
C ILE A 776 -10.33 -14.39 -24.31
N GLU A 777 -9.97 -13.58 -23.33
CA GLU A 777 -8.83 -13.82 -22.45
C GLU A 777 -9.24 -14.76 -21.31
N THR A 778 -9.04 -16.06 -21.49
CA THR A 778 -9.59 -17.06 -20.58
C THR A 778 -8.61 -17.56 -19.52
N SER A 779 -7.35 -17.17 -19.57
CA SER A 779 -6.39 -17.64 -18.59
C SER A 779 -5.36 -16.56 -18.29
N ILE A 780 -4.92 -16.51 -17.05
CA ILE A 780 -3.92 -15.54 -16.62
C ILE A 780 -2.54 -16.16 -16.70
N GLN A 781 -1.53 -15.31 -16.62
CA GLN A 781 -0.15 -15.75 -16.53
C GLN A 781 0.14 -16.24 -15.12
N LYS A 782 0.46 -17.51 -14.97
CA LYS A 782 0.71 -18.10 -13.65
C LYS A 782 2.15 -17.85 -13.25
N VAL A 783 2.34 -17.07 -12.18
CA VAL A 783 3.66 -16.65 -11.72
C VAL A 783 3.79 -17.05 -10.25
N THR A 784 4.92 -17.65 -9.90
CA THR A 784 5.27 -17.91 -8.51
C THR A 784 6.50 -17.10 -8.15
N VAL A 785 6.40 -16.33 -7.07
CA VAL A 785 7.47 -15.45 -6.61
C VAL A 785 7.97 -15.94 -5.26
N ASP A 786 9.28 -16.18 -5.16
CA ASP A 786 9.90 -16.50 -3.88
C ASP A 786 10.06 -15.20 -3.10
N CYS A 787 9.27 -15.05 -2.03
CA CYS A 787 9.19 -13.78 -1.33
C CYS A 787 10.50 -13.43 -0.63
N LYS A 788 11.13 -14.40 0.03
CA LYS A 788 12.36 -14.13 0.77
C LYS A 788 13.50 -13.73 -0.17
N GLN A 789 13.64 -14.45 -1.29
CA GLN A 789 14.67 -14.12 -2.27
C GLN A 789 14.41 -12.77 -2.93
N TYR A 790 13.15 -12.47 -3.26
CA TYR A 790 12.84 -11.20 -3.90
C TYR A 790 13.07 -10.03 -2.96
N VAL A 791 12.72 -10.18 -1.69
CA VAL A 791 12.85 -9.07 -0.75
C VAL A 791 14.31 -8.86 -0.35
N CYS A 792 15.04 -9.93 -0.01
CA CYS A 792 16.32 -9.75 0.64
C CYS A 792 17.53 -10.21 -0.16
N ASN A 793 17.34 -10.93 -1.28
CA ASN A 793 18.41 -11.37 -2.18
C ASN A 793 19.46 -12.23 -1.46
N GLY A 794 19.04 -13.00 -0.47
CA GLY A 794 19.93 -13.93 0.19
C GLY A 794 20.87 -13.35 1.21
N PHE A 795 20.55 -12.19 1.79
CA PHE A 795 21.35 -11.59 2.84
C PHE A 795 20.76 -11.96 4.19
N GLU A 796 21.62 -12.46 5.09
CA GLU A 796 21.14 -13.00 6.36
C GLU A 796 20.66 -11.89 7.30
N ARG A 797 21.35 -10.75 7.29
CA ARG A 797 20.91 -9.61 8.09
C ARG A 797 19.55 -9.09 7.64
N CYS A 798 19.33 -9.02 6.32
CA CYS A 798 18.04 -8.65 5.79
C CYS A 798 16.96 -9.67 6.18
N GLU A 799 17.31 -10.95 6.18
CA GLU A 799 16.34 -11.98 6.53
C GLU A 799 15.95 -11.89 8.00
N GLN A 800 16.92 -11.60 8.87
CA GLN A 800 16.61 -11.35 10.28
C GLN A 800 15.72 -10.14 10.45
N LEU A 801 16.01 -9.05 9.72
CA LEU A 801 15.18 -7.86 9.80
C LEU A 801 13.79 -8.10 9.22
N LEU A 802 13.66 -8.98 8.23
CA LEU A 802 12.37 -9.27 7.64
C LEU A 802 11.52 -10.16 8.54
N VAL A 803 12.14 -11.13 9.22
CA VAL A 803 11.35 -11.94 10.16
C VAL A 803 11.05 -11.16 11.43
N GLN A 804 11.84 -10.12 11.75
CA GLN A 804 11.47 -9.21 12.80
C GLN A 804 10.36 -8.24 12.35
N TYR A 805 10.32 -7.95 11.05
CA TYR A 805 9.30 -7.05 10.49
C TYR A 805 7.89 -7.64 10.64
N GLY A 806 7.75 -8.92 10.34
CA GLY A 806 6.44 -9.56 10.42
C GLY A 806 6.48 -10.91 9.74
N GLN A 807 5.30 -11.42 9.40
CA GLN A 807 5.18 -12.70 8.71
C GLN A 807 4.34 -12.46 7.45
N PHE A 808 5.01 -12.15 6.34
CA PHE A 808 4.34 -11.83 5.08
C PHE A 808 4.58 -12.83 3.98
N CYS A 809 5.73 -13.51 3.96
CA CYS A 809 6.09 -14.35 2.81
C CYS A 809 5.20 -15.58 2.70
N SER A 810 4.79 -16.15 3.83
CA SER A 810 3.92 -17.32 3.80
C SER A 810 2.55 -16.97 3.22
N LYS A 811 2.01 -15.81 3.58
CA LYS A 811 0.72 -15.38 3.05
C LYS A 811 0.82 -15.09 1.55
N ILE A 812 1.93 -14.49 1.11
CA ILE A 812 2.14 -14.23 -0.31
C ILE A 812 2.21 -15.54 -1.09
N ASN A 813 2.97 -16.51 -0.58
CA ASN A 813 3.07 -17.80 -1.25
C ASN A 813 1.74 -18.54 -1.28
N GLN A 814 0.97 -18.46 -0.18
CA GLN A 814 -0.32 -19.13 -0.13
C GLN A 814 -1.31 -18.52 -1.12
N ALA A 815 -1.41 -17.19 -1.16
CA ALA A 815 -2.33 -16.54 -2.08
C ALA A 815 -1.92 -16.76 -3.53
N LEU A 816 -0.63 -16.68 -3.81
CA LEU A 816 -0.14 -16.78 -5.17
C LEU A 816 -0.09 -18.21 -5.66
N HIS A 817 -0.17 -19.18 -4.75
CA HIS A 817 -0.39 -20.58 -5.13
C HIS A 817 -1.88 -20.88 -5.29
N GLY A 818 -2.73 -20.24 -4.49
CA GLY A 818 -4.16 -20.43 -4.64
C GLY A 818 -4.70 -19.90 -5.95
N VAL A 819 -4.18 -18.76 -6.42
CA VAL A 819 -4.64 -18.23 -7.69
C VAL A 819 -4.21 -19.15 -8.85
N ASN A 820 -3.03 -19.76 -8.75
CA ASN A 820 -2.58 -20.69 -9.78
C ASN A 820 -3.41 -21.97 -9.77
N LEU A 821 -3.75 -22.46 -8.58
CA LEU A 821 -4.61 -23.64 -8.48
C LEU A 821 -5.99 -23.36 -9.05
N ARG A 822 -6.54 -22.17 -8.78
CA ARG A 822 -7.84 -21.81 -9.33
C ARG A 822 -7.76 -21.65 -10.85
N GLN A 823 -6.65 -21.15 -11.37
CA GLN A 823 -6.47 -21.04 -12.82
C GLN A 823 -6.41 -22.43 -13.46
N ASP A 824 -5.70 -23.37 -12.83
CA ASP A 824 -5.65 -24.74 -13.37
C ASP A 824 -7.02 -25.39 -13.35
N ASP A 825 -7.79 -25.19 -12.27
CA ASP A 825 -9.14 -25.70 -12.19
C ASP A 825 -10.04 -25.08 -13.27
N ALA A 826 -9.89 -23.78 -13.51
CA ALA A 826 -10.67 -23.11 -14.53
C ALA A 826 -10.34 -23.61 -15.93
N THR A 827 -9.06 -23.84 -16.21
CA THR A 827 -8.67 -24.37 -17.52
C THR A 827 -9.20 -25.80 -17.72
N LYS A 828 -9.11 -26.62 -16.68
CA LYS A 828 -9.62 -28.00 -16.76
C LYS A 828 -11.14 -28.01 -16.96
N SER A 829 -11.85 -27.11 -16.29
CA SER A 829 -13.30 -27.03 -16.47
C SER A 829 -13.66 -26.46 -17.84
N LEU A 830 -12.84 -25.55 -18.38
CA LEU A 830 -13.11 -24.99 -19.69
C LEU A 830 -12.91 -26.02 -20.79
N PHE A 831 -11.89 -26.87 -20.66
CA PHE A 831 -11.58 -27.82 -21.72
C PHE A 831 -12.43 -29.10 -21.66
N GLU A 832 -13.55 -29.08 -20.94
CA GLU A 832 -14.51 -30.16 -21.01
C GLU A 832 -15.72 -29.83 -21.89
N ASP A 833 -16.11 -28.56 -21.96
CA ASP A 833 -17.16 -28.16 -22.88
C ASP A 833 -16.66 -28.11 -24.31
N ILE A 834 -15.36 -27.87 -24.50
CA ILE A 834 -14.76 -27.98 -25.83
C ILE A 834 -14.72 -29.43 -26.28
N LYS A 835 -14.57 -30.36 -25.35
CA LYS A 835 -14.52 -31.77 -25.68
C LYS A 835 -15.89 -32.25 -26.17
N VAL A 836 -15.90 -32.92 -27.31
CA VAL A 836 -17.12 -33.41 -27.92
C VAL A 836 -17.21 -34.92 -27.71
N PRO A 837 -18.41 -35.50 -27.59
CA PRO A 837 -18.48 -36.96 -27.45
C PRO A 837 -18.20 -37.68 -28.76
N GLN A 838 -18.64 -37.14 -29.89
CA GLN A 838 -18.43 -37.75 -31.19
C GLN A 838 -18.03 -36.69 -32.19
N SER A 839 -17.13 -37.04 -33.10
CA SER A 839 -16.60 -36.09 -34.07
C SER A 839 -16.45 -36.77 -35.42
N VAL A 840 -16.42 -35.95 -36.46
CA VAL A 840 -16.21 -36.39 -37.84
C VAL A 840 -14.81 -35.95 -38.27
N PRO A 841 -13.88 -36.87 -38.49
CA PRO A 841 -12.51 -36.45 -38.82
C PRO A 841 -12.37 -35.85 -40.21
N LEU A 842 -13.09 -36.35 -41.19
CA LEU A 842 -12.92 -35.88 -42.57
C LEU A 842 -13.85 -34.76 -43.09
N MET A 843 -14.60 -34.06 -42.24
CA MET A 843 -15.53 -33.05 -42.71
C MET A 843 -14.87 -31.90 -43.41
N THR A 844 -13.75 -31.46 -42.89
CA THR A 844 -13.07 -30.34 -43.45
C THR A 844 -12.40 -30.68 -44.79
N SER A 845 -12.44 -31.94 -45.22
CA SER A 845 -11.87 -32.28 -46.51
C SER A 845 -12.91 -32.63 -47.57
N LEU A 846 -14.09 -33.12 -47.17
CA LEU A 846 -15.13 -33.49 -48.12
C LEU A 846 -16.12 -32.37 -48.37
N THR A 847 -15.71 -31.11 -48.19
CA THR A 847 -16.54 -29.99 -48.59
C THR A 847 -16.60 -29.90 -50.11
N GLY A 848 -17.78 -29.60 -50.63
CA GLY A 848 -17.96 -29.55 -52.07
C GLY A 848 -17.24 -28.40 -52.74
N ASP A 849 -17.71 -27.17 -52.50
CA ASP A 849 -17.11 -25.98 -53.08
C ASP A 849 -16.53 -25.02 -52.05
N TYR A 850 -16.94 -25.14 -50.80
CA TYR A 850 -16.36 -24.31 -49.75
C TYR A 850 -14.94 -24.75 -49.45
N ASN A 851 -14.06 -23.78 -49.23
CA ASN A 851 -12.66 -24.04 -48.92
C ASN A 851 -12.48 -23.88 -47.41
N LEU A 852 -12.25 -25.00 -46.72
CA LEU A 852 -12.01 -25.00 -45.29
C LEU A 852 -10.67 -25.62 -44.93
N SER A 853 -9.68 -25.48 -45.82
CA SER A 853 -8.34 -25.95 -45.51
C SER A 853 -7.66 -25.07 -44.46
N LEU A 854 -8.18 -23.86 -44.25
CA LEU A 854 -7.67 -22.97 -43.21
C LEU A 854 -7.98 -23.49 -41.80
N PHE A 855 -8.97 -24.36 -41.66
CA PHE A 855 -9.30 -24.99 -40.38
C PHE A 855 -9.01 -26.48 -40.39
N GLU A 856 -8.21 -26.95 -41.33
CA GLU A 856 -7.93 -28.38 -41.48
C GLU A 856 -6.68 -28.77 -40.71
N ALA A 857 -6.81 -29.80 -39.88
CA ALA A 857 -5.67 -30.32 -39.13
C ALA A 857 -4.92 -31.34 -39.98
N PRO A 858 -3.62 -31.14 -40.25
CA PRO A 858 -2.85 -32.05 -41.09
C PRO A 858 -2.60 -33.39 -40.42
N ASN A 866 1.77 -32.23 -36.08
CA ASN A 866 0.84 -31.76 -35.07
C ASN A 866 -0.57 -31.59 -35.63
N TYR A 867 -1.55 -31.43 -34.74
CA TYR A 867 -2.93 -31.20 -35.13
C TYR A 867 -3.32 -29.73 -35.06
N ARG A 868 -2.35 -28.83 -35.19
CA ARG A 868 -2.60 -27.40 -35.11
C ARG A 868 -2.89 -26.85 -36.51
N SER A 869 -3.99 -26.11 -36.63
CA SER A 869 -4.48 -25.66 -37.92
C SER A 869 -3.57 -24.60 -38.52
N ALA A 870 -3.81 -24.31 -39.81
CA ALA A 870 -3.05 -23.28 -40.49
C ALA A 870 -3.38 -21.89 -39.97
N LEU A 871 -4.63 -21.66 -39.58
CA LEU A 871 -5.01 -20.36 -39.02
C LEU A 871 -4.39 -20.15 -37.65
N GLU A 872 -4.31 -21.22 -36.85
CA GLU A 872 -3.59 -21.13 -35.58
C GLU A 872 -2.11 -20.86 -35.80
N ASP A 873 -1.53 -21.47 -36.84
CA ASP A 873 -0.14 -21.19 -37.21
C ASP A 873 0.06 -19.73 -37.56
N LEU A 874 -0.84 -19.17 -38.38
CA LEU A 874 -0.70 -17.78 -38.77
C LEU A 874 -0.92 -16.84 -37.59
N LEU A 875 -1.89 -17.15 -36.72
CA LEU A 875 -2.16 -16.31 -35.57
C LEU A 875 -1.00 -16.33 -34.57
N PHE A 876 -0.40 -17.49 -34.34
CA PHE A 876 0.73 -17.56 -33.42
C PHE A 876 2.01 -17.00 -34.04
N ASP A 877 2.12 -17.03 -35.37
CA ASP A 877 3.30 -16.44 -36.01
C ASP A 877 3.22 -14.91 -36.03
N LYS A 878 2.04 -14.36 -36.30
CA LYS A 878 1.92 -12.91 -36.45
C LYS A 878 1.94 -12.16 -35.13
N VAL A 879 1.73 -12.84 -34.01
CA VAL A 879 1.74 -12.19 -32.70
C VAL A 879 3.17 -12.17 -32.17
N THR A 880 3.54 -11.07 -31.52
CA THR A 880 4.91 -10.87 -31.05
C THR A 880 5.04 -11.49 -29.65
N LEU A 881 5.24 -12.80 -29.65
CA LEU A 881 5.36 -13.58 -28.42
C LEU A 881 6.68 -14.33 -28.43
N SER A 882 7.38 -14.28 -27.29
CA SER A 882 8.62 -15.01 -27.11
C SER A 882 8.38 -16.20 -26.20
N ASP A 883 9.07 -17.30 -26.50
CA ASP A 883 8.85 -18.54 -25.76
C ASP A 883 9.62 -18.52 -24.44
N PRO A 884 8.95 -18.73 -23.32
CA PRO A 884 9.67 -19.04 -22.09
C PRO A 884 10.08 -20.51 -22.07
N GLY A 885 11.38 -20.79 -22.20
CA GLY A 885 11.87 -22.15 -22.21
C GLY A 885 11.49 -22.93 -20.96
N TYR A 886 10.75 -24.01 -21.14
CA TYR A 886 10.25 -24.78 -20.01
C TYR A 886 11.13 -25.98 -19.68
N MET A 887 12.04 -26.36 -20.57
CA MET A 887 12.99 -27.42 -20.28
C MET A 887 14.44 -27.02 -20.48
N LYS A 888 14.71 -25.84 -21.05
CA LYS A 888 16.07 -25.44 -21.34
C LYS A 888 16.34 -23.99 -20.96
N GLY A 889 15.32 -23.16 -20.78
CA GLY A 889 15.40 -21.73 -20.48
C GLY A 889 16.39 -21.26 -19.44
N TYR A 890 16.54 -22.01 -18.35
CA TYR A 890 17.53 -21.67 -17.33
C TYR A 890 18.93 -21.72 -17.92
N ASP A 891 19.20 -22.73 -18.76
CA ASP A 891 20.45 -22.90 -19.48
C ASP A 891 20.56 -22.03 -20.71
N GLU A 892 19.50 -21.36 -21.12
CA GLU A 892 19.58 -20.44 -22.24
C GLU A 892 19.88 -19.04 -21.75
N CYS A 893 19.35 -18.70 -20.60
CA CYS A 893 19.60 -17.39 -20.07
C CYS A 893 20.89 -17.46 -19.34
N MET A 894 21.28 -18.64 -18.92
CA MET A 894 22.49 -18.73 -18.11
C MET A 894 23.69 -18.28 -18.90
N LYS A 895 23.80 -18.74 -20.14
CA LYS A 895 24.90 -18.34 -20.98
C LYS A 895 24.44 -17.29 -21.97
N ASP A 903 16.46 -10.31 -21.39
CA ASP A 903 15.03 -10.06 -21.45
C ASP A 903 14.34 -10.35 -20.11
N LEU A 904 13.00 -10.39 -20.13
CA LEU A 904 12.27 -10.72 -18.92
C LEU A 904 12.43 -12.18 -18.54
N ILE A 905 12.58 -13.05 -19.53
CA ILE A 905 12.75 -14.48 -19.29
C ILE A 905 14.03 -14.73 -18.52
N CYS A 906 15.11 -14.02 -18.86
CA CYS A 906 16.31 -14.05 -18.04
C CYS A 906 16.12 -13.32 -16.71
N ALA A 907 15.27 -12.28 -16.71
CA ALA A 907 15.04 -11.51 -15.49
C ALA A 907 14.35 -12.34 -14.42
N GLN A 908 13.67 -13.43 -14.82
CA GLN A 908 12.98 -14.29 -13.85
C GLN A 908 13.93 -14.83 -12.80
N TYR A 909 15.11 -15.29 -13.22
CA TYR A 909 16.03 -15.99 -12.35
C TYR A 909 16.87 -15.05 -11.49
N VAL A 910 16.91 -13.76 -11.81
CA VAL A 910 17.64 -12.82 -10.98
C VAL A 910 16.68 -12.07 -10.07
N SER A 911 15.41 -11.93 -10.49
CA SER A 911 14.45 -11.23 -9.66
C SER A 911 13.86 -12.16 -8.59
N GLY A 912 13.49 -13.38 -8.97
CA GLY A 912 12.96 -14.29 -7.97
C GLY A 912 11.53 -14.70 -8.23
N TYR A 913 11.10 -14.62 -9.49
CA TYR A 913 9.79 -15.09 -9.89
C TYR A 913 9.96 -16.10 -11.01
N LYS A 914 8.99 -16.98 -11.15
CA LYS A 914 9.00 -18.03 -12.15
C LYS A 914 7.64 -18.08 -12.83
N VAL A 915 7.62 -18.09 -14.15
CA VAL A 915 6.39 -18.20 -14.92
C VAL A 915 6.09 -19.69 -15.12
N LEU A 916 4.97 -20.15 -14.57
CA LEU A 916 4.62 -21.56 -14.58
C LEU A 916 4.11 -22.01 -15.95
N PRO A 917 4.34 -23.28 -16.31
CA PRO A 917 3.77 -23.78 -17.56
C PRO A 917 2.27 -23.94 -17.44
N PRO A 918 1.53 -23.85 -18.54
CA PRO A 918 0.08 -24.07 -18.50
C PRO A 918 -0.24 -25.54 -18.32
N LEU A 919 -1.54 -25.79 -18.05
CA LEU A 919 -1.98 -27.15 -17.77
C LEU A 919 -1.89 -28.06 -18.99
N TYR A 920 -2.05 -27.50 -20.19
CA TYR A 920 -1.97 -28.27 -21.41
C TYR A 920 -0.94 -27.64 -22.32
N ASP A 921 -0.25 -28.48 -23.09
CA ASP A 921 0.66 -27.98 -24.11
C ASP A 921 -0.15 -27.58 -25.35
N ALA A 922 0.55 -27.10 -26.37
CA ALA A 922 -0.13 -26.62 -27.57
C ALA A 922 -0.73 -27.76 -28.37
N ASN A 923 -0.11 -28.95 -28.32
CA ASN A 923 -0.57 -30.07 -29.14
C ASN A 923 -1.94 -30.56 -28.71
N MET A 924 -2.14 -30.77 -27.40
CA MET A 924 -3.41 -31.34 -26.95
C MET A 924 -4.55 -30.32 -27.05
N GLU A 925 -4.25 -29.03 -26.84
CA GLU A 925 -5.23 -28.00 -27.12
C GLU A 925 -5.59 -27.98 -28.60
N ALA A 926 -4.71 -28.26 -29.50
CA ALA A 926 -5.14 -28.23 -30.85
C ALA A 926 -5.89 -29.48 -31.13
N MET A 927 -5.61 -30.56 -30.44
CA MET A 927 -6.41 -31.73 -30.65
C MET A 927 -7.83 -31.49 -30.23
N TYR A 928 -8.08 -30.83 -29.13
CA TYR A 928 -9.42 -30.49 -28.74
C TYR A 928 -10.06 -29.52 -29.71
N THR A 929 -9.34 -28.50 -30.15
CA THR A 929 -9.92 -27.57 -31.10
C THR A 929 -10.31 -28.26 -32.41
N ALA A 930 -9.46 -29.17 -32.88
CA ALA A 930 -9.76 -29.90 -34.12
C ALA A 930 -10.96 -30.83 -33.95
N SER A 931 -11.07 -31.47 -32.78
CA SER A 931 -12.22 -32.33 -32.51
C SER A 931 -13.51 -31.51 -32.40
N LEU A 932 -13.43 -30.31 -31.84
CA LEU A 932 -14.62 -29.44 -31.83
C LEU A 932 -14.97 -28.97 -33.23
N THR A 933 -13.96 -28.65 -34.04
CA THR A 933 -14.20 -28.17 -35.40
C THR A 933 -14.80 -29.26 -36.28
N GLY A 934 -14.39 -30.51 -36.08
CA GLY A 934 -14.90 -31.58 -36.90
C GLY A 934 -16.32 -32.03 -36.62
N SER A 935 -17.02 -31.42 -35.65
CA SER A 935 -18.36 -31.84 -35.29
C SER A 935 -19.37 -30.71 -35.42
N ILE A 936 -19.08 -29.68 -36.21
CA ILE A 936 -19.98 -28.53 -36.34
C ILE A 936 -20.88 -28.71 -37.55
N ALA A 937 -20.83 -29.89 -38.17
CA ALA A 937 -21.62 -30.12 -39.37
C ALA A 937 -23.08 -30.39 -39.03
N GLY A 938 -23.35 -31.45 -38.29
CA GLY A 938 -24.70 -31.83 -37.93
C GLY A 938 -25.13 -31.56 -36.51
N SER A 939 -24.36 -30.79 -35.73
CA SER A 939 -24.69 -30.58 -34.32
C SER A 939 -25.88 -29.65 -34.16
N PHE A 940 -26.01 -28.66 -35.03
CA PHE A 940 -27.13 -27.72 -34.95
C PHE A 940 -28.44 -28.34 -35.40
N TRP A 941 -28.38 -29.34 -36.29
CA TRP A 941 -29.55 -29.84 -37.00
C TRP A 941 -29.97 -31.16 -36.34
N THR A 942 -31.05 -31.08 -35.55
CA THR A 942 -31.62 -32.21 -34.81
C THR A 942 -30.55 -32.88 -33.95
N GLY A 943 -30.09 -32.10 -32.98
CA GLY A 943 -28.98 -32.51 -32.15
C GLY A 943 -29.15 -32.21 -30.68
N GLY A 944 -28.20 -31.49 -30.11
CA GLY A 944 -28.13 -31.27 -28.69
C GLY A 944 -27.10 -32.11 -27.98
N LEU A 945 -26.07 -32.59 -28.70
CA LEU A 945 -25.02 -33.46 -28.16
C LEU A 945 -25.59 -34.76 -27.59
N SER A 946 -26.71 -35.23 -28.14
CA SER A 946 -27.23 -36.54 -27.83
C SER A 946 -27.03 -37.54 -28.96
N SER A 947 -26.72 -37.07 -30.16
CA SER A 947 -26.42 -37.92 -31.29
C SER A 947 -25.50 -37.15 -32.22
N ALA A 948 -25.08 -37.80 -33.30
CA ALA A 948 -24.19 -37.18 -34.26
C ALA A 948 -24.72 -37.41 -35.67
N ALA A 949 -24.37 -36.50 -36.57
CA ALA A 949 -24.74 -36.59 -37.97
C ALA A 949 -23.50 -36.36 -38.83
N ALA A 950 -23.55 -36.89 -40.05
CA ALA A 950 -22.43 -36.83 -40.98
C ALA A 950 -22.77 -35.96 -42.18
N LEU A 951 -23.37 -34.80 -41.91
CA LEU A 951 -23.74 -33.88 -42.98
C LEU A 951 -22.50 -33.30 -43.62
N PRO A 952 -22.46 -33.17 -44.94
CA PRO A 952 -21.42 -32.36 -45.58
C PRO A 952 -21.59 -30.91 -45.21
N PHE A 953 -20.49 -30.16 -45.33
CA PHE A 953 -20.53 -28.74 -44.96
C PHE A 953 -21.42 -27.94 -45.91
N ALA A 954 -21.52 -28.34 -47.18
CA ALA A 954 -22.41 -27.66 -48.11
C ALA A 954 -23.87 -27.84 -47.70
N GLN A 955 -24.26 -29.06 -47.32
CA GLN A 955 -25.62 -29.29 -46.87
C GLN A 955 -25.89 -28.64 -45.54
N SER A 956 -24.90 -28.63 -44.64
CA SER A 956 -25.06 -27.97 -43.34
C SER A 956 -25.27 -26.47 -43.53
N MET A 957 -24.49 -25.86 -44.43
CA MET A 957 -24.68 -24.45 -44.74
C MET A 957 -26.03 -24.19 -45.39
N PHE A 958 -26.47 -25.10 -46.27
CA PHE A 958 -27.78 -24.94 -46.91
C PHE A 958 -28.90 -24.97 -45.89
N TYR A 959 -28.80 -25.88 -44.91
CA TYR A 959 -29.79 -25.93 -43.84
C TYR A 959 -29.73 -24.70 -42.94
N ARG A 960 -28.52 -24.18 -42.69
CA ARG A 960 -28.38 -22.98 -41.88
C ARG A 960 -29.05 -21.77 -42.52
N MET A 961 -28.72 -21.49 -43.78
CA MET A 961 -29.38 -20.36 -44.43
C MET A 961 -30.84 -20.63 -44.78
N ASN A 962 -31.27 -21.90 -44.84
CA ASN A 962 -32.69 -22.17 -44.97
C ASN A 962 -33.44 -21.81 -43.69
N GLY A 963 -32.90 -22.19 -42.54
CA GLY A 963 -33.51 -21.82 -41.27
C GLY A 963 -33.33 -20.37 -40.92
N ILE A 964 -32.43 -19.65 -41.61
CA ILE A 964 -32.25 -18.23 -41.36
C ILE A 964 -33.47 -17.45 -41.85
N GLY A 965 -34.07 -17.87 -42.96
CA GLY A 965 -35.18 -17.15 -43.54
C GLY A 965 -35.04 -16.94 -45.04
N ILE A 966 -34.17 -17.72 -45.67
CA ILE A 966 -33.97 -17.72 -47.12
C ILE A 966 -34.60 -18.99 -47.67
N THR A 967 -35.39 -18.86 -48.72
CA THR A 967 -36.14 -19.98 -49.26
C THR A 967 -35.22 -20.97 -49.96
N GLN A 968 -35.74 -22.18 -50.20
CA GLN A 968 -34.91 -23.26 -50.72
C GLN A 968 -34.54 -23.03 -52.18
N ASN A 969 -35.45 -22.50 -52.99
CA ASN A 969 -35.16 -22.32 -54.41
C ASN A 969 -34.12 -21.25 -54.64
N VAL A 970 -34.11 -20.20 -53.80
CA VAL A 970 -33.08 -19.17 -53.88
C VAL A 970 -31.71 -19.77 -53.58
N LEU A 971 -31.64 -20.61 -52.54
CA LEU A 971 -30.37 -21.24 -52.18
C LEU A 971 -29.93 -22.25 -53.24
N MET A 972 -30.87 -22.89 -53.92
CA MET A 972 -30.50 -23.85 -54.96
C MET A 972 -30.04 -23.16 -56.24
N LYS A 973 -30.61 -22.00 -56.57
CA LYS A 973 -30.26 -21.33 -57.83
C LYS A 973 -28.81 -20.88 -57.90
N ASN A 974 -28.44 -19.90 -57.10
CA ASN A 974 -27.08 -19.34 -57.14
C ASN A 974 -26.21 -19.92 -56.02
N GLN A 975 -26.07 -21.25 -56.04
CA GLN A 975 -25.23 -21.93 -55.04
C GLN A 975 -23.76 -21.56 -55.21
N ARG A 976 -23.31 -21.44 -56.47
CA ARG A 976 -21.92 -21.09 -56.73
C ARG A 976 -21.59 -19.68 -56.25
N GLU A 977 -22.57 -18.77 -56.29
CA GLU A 977 -22.37 -17.43 -55.74
C GLU A 977 -22.16 -17.49 -54.23
N ILE A 978 -22.93 -18.34 -53.53
CA ILE A 978 -22.76 -18.52 -52.09
C ILE A 978 -21.38 -19.07 -51.77
N ALA A 979 -20.95 -20.07 -52.54
CA ALA A 979 -19.63 -20.66 -52.33
C ALA A 979 -18.51 -19.65 -52.57
N ASN A 980 -18.65 -18.84 -53.62
CA ASN A 980 -17.64 -17.82 -53.92
C ASN A 980 -17.60 -16.74 -52.84
N LYS A 981 -18.77 -16.31 -52.35
CA LYS A 981 -18.80 -15.30 -51.30
C LYS A 981 -18.18 -15.82 -50.00
N PHE A 982 -18.49 -17.06 -49.63
CA PHE A 982 -17.89 -17.65 -48.43
C PHE A 982 -16.38 -17.81 -48.57
N ASN A 983 -15.93 -18.27 -49.75
CA ASN A 983 -14.51 -18.44 -49.98
C ASN A 983 -13.76 -17.11 -49.95
N GLN A 984 -14.34 -16.06 -50.56
CA GLN A 984 -13.66 -14.77 -50.55
C GLN A 984 -13.71 -14.12 -49.17
N ALA A 985 -14.75 -14.41 -48.36
CA ALA A 985 -14.77 -13.93 -46.99
C ALA A 985 -13.67 -14.56 -46.16
N LEU A 986 -13.49 -15.89 -46.29
CA LEU A 986 -12.40 -16.55 -45.58
C LEU A 986 -11.03 -16.10 -46.10
N GLY A 987 -10.94 -15.84 -47.41
CA GLY A 987 -9.67 -15.36 -47.96
C GLY A 987 -9.29 -13.98 -47.47
N ALA A 988 -10.27 -13.06 -47.39
CA ALA A 988 -10.00 -11.74 -46.83
C ALA A 988 -9.72 -11.82 -45.33
N MET A 989 -10.36 -12.77 -44.63
CA MET A 989 -10.07 -13.00 -43.23
C MET A 989 -8.69 -13.60 -43.00
N GLN A 990 -8.13 -14.28 -44.00
CA GLN A 990 -6.79 -14.86 -43.85
C GLN A 990 -5.72 -13.79 -43.69
N THR A 991 -5.78 -12.73 -44.50
CA THR A 991 -4.77 -11.69 -44.48
C THR A 991 -5.19 -10.48 -43.64
N GLY A 992 -6.12 -10.67 -42.70
CA GLY A 992 -6.64 -9.60 -41.89
C GLY A 992 -5.89 -9.32 -40.61
N PHE A 993 -4.81 -10.04 -40.33
CA PHE A 993 -4.05 -9.86 -39.09
C PHE A 993 -3.11 -8.66 -39.28
N THR A 994 -3.68 -7.47 -39.12
CA THR A 994 -2.92 -6.23 -39.26
C THR A 994 -3.13 -5.34 -38.04
N ALA A 995 -2.68 -4.10 -38.12
CA ALA A 995 -2.90 -3.15 -37.03
C ALA A 995 -4.32 -2.58 -37.02
N THR A 996 -5.10 -2.78 -38.08
CA THR A 996 -6.46 -2.30 -38.16
C THR A 996 -7.48 -3.33 -37.69
N ASN A 997 -7.03 -4.51 -37.26
CA ASN A 997 -7.93 -5.53 -36.74
C ASN A 997 -8.01 -5.41 -35.23
N GLN A 998 -9.24 -5.32 -34.71
CA GLN A 998 -9.42 -5.04 -33.29
C GLN A 998 -9.10 -6.24 -32.42
N ALA A 999 -9.49 -7.44 -32.86
CA ALA A 999 -9.28 -8.63 -32.03
C ALA A 999 -7.81 -9.02 -31.96
N PHE A 1000 -7.08 -8.88 -33.07
CA PHE A 1000 -5.65 -9.14 -33.06
C PHE A 1000 -4.91 -8.15 -32.17
N GLN A 1001 -5.34 -6.88 -32.19
CA GLN A 1001 -4.76 -5.91 -31.28
C GLN A 1001 -5.14 -6.21 -29.84
N LYS A 1002 -6.30 -6.83 -29.59
CA LYS A 1002 -6.62 -7.28 -28.24
C LYS A 1002 -5.67 -8.38 -27.78
N VAL A 1003 -5.34 -9.31 -28.68
CA VAL A 1003 -4.37 -10.37 -28.36
C VAL A 1003 -3.00 -9.77 -28.04
N GLN A 1004 -2.56 -8.83 -28.89
CA GLN A 1004 -1.28 -8.18 -28.67
C GLN A 1004 -1.27 -7.36 -27.39
N ASP A 1005 -2.39 -6.71 -27.07
CA ASP A 1005 -2.48 -5.93 -25.85
C ASP A 1005 -2.47 -6.81 -24.60
N VAL A 1006 -3.06 -8.01 -24.68
CA VAL A 1006 -2.99 -8.95 -23.56
C VAL A 1006 -1.55 -9.41 -23.33
N VAL A 1007 -0.84 -9.74 -24.41
CA VAL A 1007 0.57 -10.15 -24.29
C VAL A 1007 1.41 -9.02 -23.73
N ASN A 1008 1.19 -7.79 -24.21
CA ASN A 1008 1.92 -6.64 -23.71
C ASN A 1008 1.57 -6.32 -22.27
N ALA A 1009 0.34 -6.56 -21.84
CA ALA A 1009 -0.05 -6.30 -20.45
C ALA A 1009 0.60 -7.30 -19.51
N ASN A 1010 0.68 -8.57 -19.91
CA ASN A 1010 1.40 -9.55 -19.12
C ASN A 1010 2.89 -9.21 -19.02
N ALA A 1011 3.48 -8.79 -20.14
CA ALA A 1011 4.89 -8.38 -20.13
C ALA A 1011 5.09 -7.14 -19.27
N GLN A 1012 4.14 -6.21 -19.27
CA GLN A 1012 4.26 -5.01 -18.46
C GLN A 1012 4.13 -5.32 -16.98
N ALA A 1013 3.27 -6.28 -16.61
CA ALA A 1013 3.17 -6.69 -15.21
C ALA A 1013 4.47 -7.34 -14.74
N LEU A 1014 5.05 -8.22 -15.55
CA LEU A 1014 6.32 -8.84 -15.18
C LEU A 1014 7.45 -7.81 -15.12
N SER A 1015 7.46 -6.85 -16.04
CA SER A 1015 8.48 -5.80 -16.03
C SER A 1015 8.32 -4.88 -14.82
N LYS A 1016 7.09 -4.59 -14.41
CA LYS A 1016 6.86 -3.78 -13.23
C LYS A 1016 7.31 -4.51 -11.98
N LEU A 1017 7.09 -5.83 -11.91
CA LEU A 1017 7.59 -6.60 -10.79
C LEU A 1017 9.12 -6.62 -10.75
N ALA A 1018 9.75 -6.75 -11.92
CA ALA A 1018 11.22 -6.84 -11.96
C ALA A 1018 11.90 -5.50 -11.75
N SER A 1019 11.25 -4.39 -12.12
CA SER A 1019 11.89 -3.09 -12.13
C SER A 1019 11.87 -2.38 -10.79
N GLU A 1020 11.23 -2.94 -9.77
CA GLU A 1020 11.17 -2.32 -8.45
C GLU A 1020 12.25 -2.82 -7.52
N LEU A 1021 13.18 -3.63 -8.01
CA LEU A 1021 14.37 -3.99 -7.26
C LEU A 1021 15.50 -2.99 -7.42
N ALA A 1022 15.35 -2.04 -8.34
CA ALA A 1022 16.34 -0.99 -8.53
C ALA A 1022 15.96 0.32 -7.84
N ASN A 1023 14.84 0.34 -7.14
CA ASN A 1023 14.38 1.55 -6.46
C ASN A 1023 15.02 1.63 -5.08
N THR A 1024 15.60 2.80 -4.78
CA THR A 1024 16.23 3.00 -3.48
C THR A 1024 15.19 3.18 -2.37
N PHE A 1025 14.02 3.72 -2.71
CA PHE A 1025 12.96 4.08 -1.75
C PHE A 1025 13.47 5.04 -0.68
N GLY A 1026 14.34 5.96 -1.08
CA GLY A 1026 14.89 6.92 -0.14
C GLY A 1026 16.18 6.51 0.54
N ALA A 1027 16.63 5.28 0.33
CA ALA A 1027 17.88 4.82 0.94
C ALA A 1027 19.07 5.27 0.10
N ILE A 1028 20.27 4.99 0.60
CA ILE A 1028 21.49 5.40 -0.10
C ILE A 1028 21.70 4.57 -1.37
N SER A 1029 21.21 3.33 -1.39
CA SER A 1029 21.40 2.46 -2.53
C SER A 1029 20.26 1.46 -2.59
N ALA A 1030 20.09 0.86 -3.76
CA ALA A 1030 19.11 -0.19 -3.96
C ALA A 1030 19.65 -1.57 -3.62
N SER A 1031 20.92 -1.67 -3.27
CA SER A 1031 21.57 -2.94 -2.98
C SER A 1031 21.83 -3.07 -1.48
N ILE A 1032 21.52 -4.24 -0.94
CA ILE A 1032 21.74 -4.48 0.48
C ILE A 1032 23.23 -4.51 0.80
N GLY A 1033 24.04 -5.02 -0.14
CA GLY A 1033 25.48 -5.12 0.09
C GLY A 1033 26.17 -3.78 0.25
N ASP A 1034 25.75 -2.78 -0.52
CA ASP A 1034 26.31 -1.44 -0.38
C ASP A 1034 25.95 -0.83 0.97
N ILE A 1035 24.72 -1.04 1.42
CA ILE A 1035 24.30 -0.53 2.73
C ILE A 1035 25.08 -1.20 3.85
N LEU A 1036 25.27 -2.52 3.76
CA LEU A 1036 26.05 -3.22 4.78
C LEU A 1036 27.53 -2.84 4.73
N LYS A 1037 28.03 -2.46 3.55
CA LYS A 1037 29.42 -2.06 3.43
C LYS A 1037 29.66 -0.65 3.98
N ARG A 1038 28.71 0.27 3.76
CA ARG A 1038 28.96 1.66 4.09
C ARG A 1038 28.52 2.04 5.51
N LEU A 1039 27.27 1.81 5.85
CA LEU A 1039 26.72 2.35 7.07
C LEU A 1039 26.98 1.44 8.27
N ASP A 1040 26.75 2.00 9.46
CA ASP A 1040 26.81 1.26 10.71
C ASP A 1040 25.50 0.47 10.90
N VAL A 1041 25.44 -0.27 12.00
CA VAL A 1041 24.35 -1.23 12.21
C VAL A 1041 23.00 -0.52 12.36
N LEU A 1042 22.97 0.57 13.14
CA LEU A 1042 21.71 1.26 13.42
C LEU A 1042 21.13 1.91 12.16
N GLU A 1043 21.99 2.45 11.29
CA GLU A 1043 21.49 2.96 10.02
C GLU A 1043 21.17 1.84 9.03
N GLN A 1044 21.87 0.71 9.15
CA GLN A 1044 21.55 -0.44 8.31
C GLN A 1044 20.13 -0.93 8.58
N GLU A 1045 19.71 -0.90 9.86
CA GLU A 1045 18.34 -1.29 10.18
C GLU A 1045 17.32 -0.40 9.47
N VAL A 1046 17.55 0.92 9.47
CA VAL A 1046 16.60 1.86 8.86
C VAL A 1046 16.56 1.68 7.35
N GLN A 1047 17.74 1.59 6.71
CA GLN A 1047 17.77 1.49 5.25
C GLN A 1047 17.20 0.16 4.76
N ILE A 1048 17.56 -0.95 5.43
CA ILE A 1048 17.01 -2.24 5.05
C ILE A 1048 15.51 -2.29 5.36
N ASP A 1049 15.06 -1.60 6.41
CA ASP A 1049 13.62 -1.57 6.69
C ASP A 1049 12.84 -0.84 5.61
N ARG A 1050 13.35 0.28 5.11
CA ARG A 1050 12.61 0.98 4.05
C ARG A 1050 12.68 0.21 2.73
N LEU A 1051 13.80 -0.46 2.44
CA LEU A 1051 13.85 -1.32 1.25
C LEU A 1051 12.88 -2.50 1.37
N ILE A 1052 12.79 -3.09 2.56
CA ILE A 1052 11.86 -4.19 2.82
C ILE A 1052 10.43 -3.72 2.63
N ASN A 1053 10.10 -2.53 3.14
CA ASN A 1053 8.76 -1.99 3.01
C ASN A 1053 8.40 -1.76 1.54
N GLY A 1054 9.33 -1.20 0.75
CA GLY A 1054 9.07 -1.01 -0.66
C GLY A 1054 8.87 -2.31 -1.42
N ARG A 1055 9.71 -3.31 -1.14
CA ARG A 1055 9.59 -4.57 -1.87
C ARG A 1055 8.35 -5.36 -1.46
N LEU A 1056 7.95 -5.29 -0.20
CA LEU A 1056 6.70 -5.91 0.21
C LEU A 1056 5.50 -5.19 -0.39
N THR A 1057 5.58 -3.87 -0.54
CA THR A 1057 4.52 -3.14 -1.23
C THR A 1057 4.40 -3.57 -2.68
N SER A 1058 5.54 -3.79 -3.35
CA SER A 1058 5.52 -4.29 -4.72
C SER A 1058 4.90 -5.69 -4.81
N LEU A 1059 5.26 -6.57 -3.88
CA LEU A 1059 4.69 -7.92 -3.87
C LEU A 1059 3.18 -7.89 -3.63
N ASN A 1060 2.72 -7.05 -2.70
CA ASN A 1060 1.29 -6.95 -2.43
C ASN A 1060 0.54 -6.38 -3.62
N ALA A 1061 1.12 -5.40 -4.32
CA ALA A 1061 0.51 -4.86 -5.53
C ALA A 1061 0.40 -5.93 -6.61
N PHE A 1062 1.43 -6.76 -6.76
CA PHE A 1062 1.38 -7.84 -7.74
C PHE A 1062 0.30 -8.86 -7.39
N VAL A 1063 0.17 -9.22 -6.11
CA VAL A 1063 -0.84 -10.21 -5.72
C VAL A 1063 -2.25 -9.67 -5.91
N SER A 1064 -2.46 -8.37 -5.62
CA SER A 1064 -3.76 -7.77 -5.86
C SER A 1064 -4.10 -7.73 -7.35
N GLN A 1065 -3.10 -7.41 -8.18
CA GLN A 1065 -3.31 -7.42 -9.63
C GLN A 1065 -3.64 -8.83 -10.12
N GLN A 1066 -2.98 -9.85 -9.56
CA GLN A 1066 -3.27 -11.22 -9.92
C GLN A 1066 -4.70 -11.62 -9.55
N LEU A 1067 -5.16 -11.17 -8.38
CA LEU A 1067 -6.54 -11.46 -7.98
C LEU A 1067 -7.57 -10.79 -8.90
N VAL A 1068 -7.32 -9.54 -9.28
CA VAL A 1068 -8.24 -8.84 -10.17
C VAL A 1068 -8.26 -9.50 -11.55
N ARG A 1069 -7.09 -9.85 -12.07
CA ARG A 1069 -7.03 -10.55 -13.36
C ARG A 1069 -7.64 -11.93 -13.27
N SER A 1070 -7.58 -12.59 -12.11
CA SER A 1070 -8.23 -13.88 -11.94
C SER A 1070 -9.74 -13.75 -12.00
N GLU A 1071 -10.30 -12.70 -11.39
CA GLU A 1071 -11.74 -12.47 -11.51
C GLU A 1071 -12.15 -12.18 -12.95
N ALA A 1072 -11.34 -11.37 -13.65
CA ALA A 1072 -11.62 -11.09 -15.06
C ALA A 1072 -11.55 -12.36 -15.91
N ALA A 1073 -10.58 -13.23 -15.62
CA ALA A 1073 -10.45 -14.47 -16.37
C ALA A 1073 -11.58 -15.44 -16.07
N ALA A 1074 -12.10 -15.44 -14.84
CA ALA A 1074 -13.27 -16.26 -14.53
C ALA A 1074 -14.49 -15.80 -15.33
N ARG A 1075 -14.69 -14.48 -15.40
CA ARG A 1075 -15.79 -13.94 -16.21
C ARG A 1075 -15.63 -14.28 -17.68
N SER A 1076 -14.41 -14.13 -18.21
CA SER A 1076 -14.18 -14.42 -19.61
C SER A 1076 -14.25 -15.91 -19.91
N SER A 1077 -13.89 -16.76 -18.95
CA SER A 1077 -14.01 -18.20 -19.15
C SER A 1077 -15.48 -18.63 -19.20
N GLN A 1078 -16.32 -18.03 -18.34
CA GLN A 1078 -17.75 -18.28 -18.44
C GLN A 1078 -18.31 -17.81 -19.77
N LEU A 1079 -17.89 -16.64 -20.23
CA LEU A 1079 -18.35 -16.14 -21.54
C LEU A 1079 -17.86 -17.03 -22.67
N ALA A 1080 -16.64 -17.56 -22.57
CA ALA A 1080 -16.11 -18.46 -23.59
C ALA A 1080 -16.87 -19.78 -23.64
N LYS A 1081 -17.23 -20.32 -22.47
CA LYS A 1081 -18.05 -21.53 -22.44
C LYS A 1081 -19.41 -21.29 -23.07
N GLU A 1082 -20.05 -20.16 -22.73
CA GLU A 1082 -21.35 -19.83 -23.31
C GLU A 1082 -21.26 -19.63 -24.82
N LYS A 1083 -20.22 -18.94 -25.30
CA LYS A 1083 -20.08 -18.71 -26.73
C LYS A 1083 -19.74 -19.99 -27.48
N ILE A 1084 -18.96 -20.89 -26.90
CA ILE A 1084 -18.68 -22.16 -27.57
C ILE A 1084 -19.97 -22.96 -27.71
N ASN A 1085 -20.73 -23.09 -26.62
CA ASN A 1085 -21.96 -23.89 -26.66
C ASN A 1085 -23.07 -23.24 -27.47
N GLU A 1086 -23.03 -21.92 -27.68
CA GLU A 1086 -24.09 -21.23 -28.41
C GLU A 1086 -23.76 -21.00 -29.87
N CYS A 1087 -22.49 -20.72 -30.20
CA CYS A 1087 -22.07 -20.39 -31.56
C CYS A 1087 -21.45 -21.57 -32.28
N VAL A 1088 -20.60 -22.36 -31.62
CA VAL A 1088 -19.86 -23.39 -32.34
C VAL A 1088 -20.63 -24.69 -32.40
N LYS A 1089 -21.26 -25.11 -31.31
CA LYS A 1089 -22.00 -26.36 -31.28
C LYS A 1089 -23.42 -26.23 -31.81
N ALA A 1090 -23.90 -25.02 -32.06
CA ALA A 1090 -25.27 -24.83 -32.55
C ALA A 1090 -25.36 -23.49 -33.26
N GLN A 1091 -26.45 -23.32 -33.98
CA GLN A 1091 -26.76 -22.03 -34.59
C GLN A 1091 -27.43 -21.13 -33.56
N SER A 1092 -27.11 -19.84 -33.63
CA SER A 1092 -27.60 -18.87 -32.66
C SER A 1092 -28.89 -18.24 -33.16
N THR A 1093 -29.97 -18.43 -32.41
CA THR A 1093 -31.24 -17.78 -32.71
C THR A 1093 -31.37 -16.44 -32.00
N ARG A 1094 -30.38 -16.04 -31.20
CA ARG A 1094 -30.43 -14.79 -30.45
C ARG A 1094 -29.54 -13.76 -31.14
N SER A 1095 -30.10 -12.60 -31.39
CA SER A 1095 -29.40 -11.54 -32.09
C SER A 1095 -28.28 -10.96 -31.23
N GLY A 1096 -27.29 -10.37 -31.90
CA GLY A 1096 -26.20 -9.69 -31.21
C GLY A 1096 -25.12 -10.62 -30.69
N PHE A 1097 -25.55 -11.73 -30.08
CA PHE A 1097 -24.64 -12.79 -29.69
C PHE A 1097 -24.08 -13.45 -30.94
N CYS A 1098 -22.90 -14.08 -30.78
CA CYS A 1098 -22.19 -14.79 -31.86
C CYS A 1098 -21.87 -13.86 -33.04
N GLY A 1099 -21.47 -12.63 -32.72
CA GLY A 1099 -20.95 -11.72 -33.72
C GLY A 1099 -22.01 -10.79 -34.29
N GLN A 1100 -21.52 -9.81 -35.05
CA GLN A 1100 -22.39 -8.84 -35.69
C GLN A 1100 -23.14 -9.48 -36.86
N GLY A 1101 -24.41 -9.13 -37.00
CA GLY A 1101 -25.24 -9.67 -38.06
C GLY A 1101 -26.11 -10.81 -37.58
N THR A 1102 -26.58 -11.58 -38.55
CA THR A 1102 -27.42 -12.75 -38.26
C THR A 1102 -26.56 -13.99 -38.45
N HIS A 1103 -26.43 -14.78 -37.39
CA HIS A 1103 -25.36 -15.77 -37.30
C HIS A 1103 -25.64 -16.98 -38.18
N ILE A 1104 -24.60 -17.48 -38.84
CA ILE A 1104 -24.68 -18.65 -39.72
C ILE A 1104 -23.86 -19.81 -39.17
N VAL A 1105 -22.56 -19.62 -39.01
CA VAL A 1105 -21.66 -20.67 -38.55
C VAL A 1105 -20.46 -20.00 -37.88
N SER A 1106 -19.90 -20.66 -36.87
CA SER A 1106 -18.78 -20.11 -36.12
C SER A 1106 -17.69 -21.17 -35.97
N PHE A 1107 -16.44 -20.68 -35.89
CA PHE A 1107 -15.27 -21.52 -35.66
C PHE A 1107 -14.50 -20.95 -34.48
N VAL A 1108 -13.67 -21.80 -33.87
CA VAL A 1108 -12.87 -21.40 -32.73
C VAL A 1108 -11.41 -21.74 -32.99
N ILE A 1109 -10.51 -20.82 -32.64
CA ILE A 1109 -9.09 -20.92 -32.93
C ILE A 1109 -8.34 -20.63 -31.63
N ASN A 1110 -7.35 -21.46 -31.30
CA ASN A 1110 -6.54 -21.23 -30.12
C ASN A 1110 -5.73 -19.94 -30.25
N ALA A 1111 -5.53 -19.28 -29.13
CA ALA A 1111 -4.84 -18.00 -29.03
C ALA A 1111 -3.75 -18.11 -27.98
N PRO A 1112 -2.78 -17.18 -27.98
CA PRO A 1112 -1.72 -17.24 -26.95
C PRO A 1112 -2.20 -17.18 -25.51
N ASN A 1113 -3.31 -16.49 -25.22
CA ASN A 1113 -3.81 -16.43 -23.86
C ASN A 1113 -5.31 -16.69 -23.80
N GLY A 1114 -5.88 -17.35 -24.80
CA GLY A 1114 -7.30 -17.62 -24.80
C GLY A 1114 -7.79 -18.28 -26.06
N PHE A 1115 -8.93 -17.82 -26.58
CA PHE A 1115 -9.53 -18.38 -27.78
C PHE A 1115 -9.90 -17.26 -28.74
N TYR A 1116 -9.85 -17.58 -30.03
CA TYR A 1116 -10.09 -16.61 -31.09
C TYR A 1116 -11.24 -17.12 -31.95
N PHE A 1117 -12.41 -16.51 -31.80
CA PHE A 1117 -13.62 -16.94 -32.49
C PHE A 1117 -13.77 -16.24 -33.83
N ILE A 1118 -14.23 -16.99 -34.82
CA ILE A 1118 -14.52 -16.46 -36.15
C ILE A 1118 -16.00 -16.71 -36.42
N HIS A 1119 -16.80 -15.65 -36.45
CA HIS A 1119 -18.24 -15.74 -36.62
C HIS A 1119 -18.60 -15.36 -38.04
N VAL A 1120 -19.26 -16.26 -38.77
CA VAL A 1120 -19.75 -15.96 -40.11
C VAL A 1120 -21.21 -15.55 -39.99
N GLY A 1121 -21.52 -14.35 -40.43
CA GLY A 1121 -22.85 -13.80 -40.27
C GLY A 1121 -23.44 -13.33 -41.59
N TYR A 1122 -24.77 -13.30 -41.63
CA TYR A 1122 -25.49 -12.81 -42.79
C TYR A 1122 -25.59 -11.30 -42.73
N HIS A 1123 -25.00 -10.62 -43.71
CA HIS A 1123 -25.02 -9.16 -43.77
C HIS A 1123 -25.68 -8.70 -45.05
N PRO A 1124 -26.90 -8.15 -45.00
CA PRO A 1124 -27.53 -7.64 -46.22
C PRO A 1124 -26.83 -6.39 -46.74
N GLN A 1125 -26.97 -6.16 -48.05
CA GLN A 1125 -26.39 -5.00 -48.69
C GLN A 1125 -27.45 -4.03 -49.22
N ASP A 1126 -28.35 -4.50 -50.07
CA ASP A 1126 -29.38 -3.66 -50.67
C ASP A 1126 -30.70 -3.83 -49.91
N TYR A 1127 -31.56 -2.83 -50.03
CA TYR A 1127 -32.89 -2.90 -49.45
C TYR A 1127 -33.89 -2.28 -50.41
N VAL A 1128 -35.05 -2.91 -50.54
CA VAL A 1128 -36.17 -2.37 -51.31
C VAL A 1128 -37.42 -2.42 -50.44
N ASN A 1129 -38.19 -1.34 -50.47
CA ASN A 1129 -39.42 -1.28 -49.69
C ASN A 1129 -40.55 -1.94 -50.45
N GLN A 1130 -41.38 -2.69 -49.72
CA GLN A 1130 -42.50 -3.41 -50.30
C GLN A 1130 -43.72 -3.26 -49.39
N THR A 1131 -44.90 -3.32 -50.00
CA THR A 1131 -46.12 -3.42 -49.21
C THR A 1131 -46.39 -4.89 -48.87
N ALA A 1132 -47.07 -5.10 -47.74
CA ALA A 1132 -47.24 -6.44 -47.21
C ALA A 1132 -48.61 -6.54 -46.54
N ALA A 1133 -49.01 -7.78 -46.27
CA ALA A 1133 -50.26 -8.08 -45.59
C ALA A 1133 -50.01 -9.06 -44.46
N TYR A 1134 -50.79 -8.93 -43.39
CA TYR A 1134 -50.69 -9.87 -42.28
C TYR A 1134 -51.19 -11.25 -42.67
N GLY A 1135 -52.19 -11.31 -43.55
CA GLY A 1135 -52.71 -12.59 -44.00
C GLY A 1135 -53.65 -12.38 -45.16
N LEU A 1136 -54.07 -13.50 -45.76
CA LEU A 1136 -54.92 -13.50 -46.93
C LEU A 1136 -56.01 -14.53 -46.74
N CYS A 1137 -57.25 -14.17 -47.11
CA CYS A 1137 -58.32 -15.16 -47.19
C CYS A 1137 -59.46 -14.74 -48.10
N ASP A 1138 -60.19 -15.76 -48.54
CA ASP A 1138 -61.28 -15.60 -49.49
C ASP A 1138 -62.56 -15.20 -48.78
N SER A 1139 -63.33 -14.32 -49.43
CA SER A 1139 -64.56 -13.81 -48.85
C SER A 1139 -65.64 -14.88 -48.72
N SER A 1140 -65.52 -16.00 -49.43
CA SER A 1140 -66.56 -17.01 -49.39
C SER A 1140 -66.50 -17.85 -48.12
N SER A 1141 -65.32 -18.39 -47.80
CA SER A 1141 -65.21 -19.40 -46.75
C SER A 1141 -64.44 -18.93 -45.51
N LYS A 1142 -63.71 -17.80 -45.59
CA LYS A 1142 -62.92 -17.26 -44.48
C LYS A 1142 -61.89 -18.26 -43.95
N LYS A 1143 -61.24 -18.98 -44.86
CA LYS A 1143 -60.12 -19.85 -44.51
C LYS A 1143 -58.86 -19.01 -44.56
N CYS A 1144 -58.39 -18.53 -43.41
CA CYS A 1144 -57.39 -17.47 -43.40
C CYS A 1144 -56.01 -18.05 -43.12
N ILE A 1145 -55.05 -17.72 -43.98
CA ILE A 1145 -53.69 -18.23 -43.89
C ILE A 1145 -52.74 -17.09 -43.57
N ALA A 1146 -51.63 -17.43 -42.92
CA ALA A 1146 -50.56 -16.50 -42.62
C ALA A 1146 -49.25 -17.09 -43.08
N ALA A 1147 -48.38 -16.24 -43.63
CA ALA A 1147 -47.10 -16.70 -44.13
C ALA A 1147 -46.18 -17.08 -42.99
N LYS A 1148 -45.38 -18.11 -43.19
CA LYS A 1148 -44.37 -18.52 -42.23
C LYS A 1148 -42.98 -18.27 -42.79
N ASN A 1149 -42.12 -17.69 -41.95
CA ASN A 1149 -40.74 -17.34 -42.29
C ASN A 1149 -40.65 -16.43 -43.52
N GLY A 1150 -41.59 -15.49 -43.62
CA GLY A 1150 -41.61 -14.62 -44.77
C GLY A 1150 -42.81 -13.69 -44.72
N TYR A 1151 -43.04 -13.01 -45.84
CA TYR A 1151 -44.10 -12.03 -45.96
C TYR A 1151 -44.90 -12.28 -47.23
N PHE A 1152 -46.16 -11.83 -47.22
CA PHE A 1152 -47.00 -11.81 -48.42
C PHE A 1152 -46.89 -10.44 -49.04
N VAL A 1153 -46.27 -10.36 -50.22
CA VAL A 1153 -46.03 -9.09 -50.89
C VAL A 1153 -46.88 -9.01 -52.14
N LYS A 1154 -47.12 -7.77 -52.59
CA LYS A 1154 -47.97 -7.52 -53.75
C LYS A 1154 -47.16 -7.62 -55.05
N ASN A 1155 -47.89 -7.78 -56.15
CA ASN A 1155 -47.28 -7.90 -57.47
C ASN A 1155 -47.24 -6.52 -58.11
N ASP A 1156 -46.17 -6.27 -58.88
CA ASP A 1156 -45.95 -4.98 -59.51
C ASP A 1156 -46.77 -4.77 -60.78
N SER A 1157 -47.51 -5.79 -61.23
CA SER A 1157 -48.34 -5.68 -62.42
C SER A 1157 -49.83 -5.81 -62.14
N ASP A 1158 -50.22 -6.39 -61.00
CA ASP A 1158 -51.62 -6.54 -60.63
C ASP A 1158 -51.81 -6.10 -59.19
N SER A 1159 -52.99 -5.56 -58.90
CA SER A 1159 -53.35 -5.13 -57.56
C SER A 1159 -54.01 -6.23 -56.74
N GLY A 1160 -54.24 -7.40 -57.32
CA GLY A 1160 -54.88 -8.49 -56.61
C GLY A 1160 -54.03 -9.73 -56.54
N SER A 1161 -52.82 -9.67 -57.09
CA SER A 1161 -51.91 -10.81 -57.10
C SER A 1161 -50.93 -10.68 -55.94
N TRP A 1162 -50.89 -11.71 -55.09
CA TRP A 1162 -50.05 -11.74 -53.91
C TRP A 1162 -49.02 -12.86 -54.05
N SER A 1163 -47.79 -12.58 -53.65
CA SER A 1163 -46.72 -13.54 -53.71
C SER A 1163 -46.03 -13.64 -52.37
N TYR A 1164 -45.39 -14.79 -52.14
CA TYR A 1164 -44.61 -15.02 -50.94
C TYR A 1164 -43.14 -14.76 -51.23
N THR A 1165 -42.45 -14.16 -50.28
CA THR A 1165 -41.01 -13.94 -50.38
C THR A 1165 -40.36 -14.31 -49.06
N GLY A 1166 -39.07 -14.62 -49.13
CA GLY A 1166 -38.32 -14.90 -47.93
C GLY A 1166 -38.09 -13.66 -47.09
N SER A 1167 -37.80 -13.89 -45.82
CA SER A 1167 -37.56 -12.77 -44.90
C SER A 1167 -36.23 -12.09 -45.21
N SER A 1168 -35.17 -12.88 -45.38
CA SER A 1168 -33.83 -12.35 -45.54
C SER A 1168 -33.42 -12.15 -46.99
N PHE A 1169 -34.31 -12.42 -47.94
CA PHE A 1169 -34.00 -12.28 -49.36
C PHE A 1169 -35.29 -12.02 -50.12
N TYR A 1170 -35.23 -11.09 -51.06
CA TYR A 1170 -36.41 -10.72 -51.84
C TYR A 1170 -36.46 -11.58 -53.10
N GLN A 1171 -37.46 -12.45 -53.18
CA GLN A 1171 -37.74 -13.24 -54.37
C GLN A 1171 -39.20 -13.66 -54.35
N PRO A 1172 -40.06 -12.99 -55.12
CA PRO A 1172 -41.49 -13.36 -55.12
C PRO A 1172 -41.72 -14.76 -55.68
N GLU A 1173 -42.54 -15.53 -54.99
CA GLU A 1173 -42.80 -16.93 -55.28
C GLU A 1173 -44.30 -17.18 -55.22
N PRO A 1174 -44.79 -18.20 -55.91
CA PRO A 1174 -46.20 -18.58 -55.75
C PRO A 1174 -46.48 -19.08 -54.34
N ILE A 1175 -47.69 -18.82 -53.87
CA ILE A 1175 -48.11 -19.24 -52.54
C ILE A 1175 -48.49 -20.70 -52.57
N THR A 1176 -47.94 -21.48 -51.64
CA THR A 1176 -48.10 -22.92 -51.61
C THR A 1176 -48.43 -23.30 -50.16
N THR A 1177 -48.93 -24.52 -49.95
CA THR A 1177 -49.20 -24.97 -48.59
C THR A 1177 -47.93 -25.21 -47.77
N PHE A 1178 -46.76 -25.21 -48.39
CA PHE A 1178 -45.51 -25.45 -47.68
C PHE A 1178 -44.85 -24.18 -47.14
N ASN A 1179 -45.37 -22.99 -47.46
CA ASN A 1179 -44.82 -21.76 -46.92
C ASN A 1179 -45.89 -20.87 -46.29
N SER A 1180 -47.06 -21.43 -46.00
CA SER A 1180 -48.12 -20.71 -45.29
C SER A 1180 -48.80 -21.67 -44.33
N ARG A 1181 -49.41 -21.10 -43.31
CA ARG A 1181 -50.05 -21.87 -42.32
C ARG A 1181 -51.47 -21.41 -42.16
N PHE A 1182 -52.34 -22.29 -41.75
CA PHE A 1182 -53.72 -21.91 -41.51
C PHE A 1182 -53.86 -21.33 -40.10
N VAL A 1183 -54.49 -20.16 -40.01
CA VAL A 1183 -54.64 -19.47 -38.74
C VAL A 1183 -56.10 -19.07 -38.56
N GLU A 1184 -56.44 -18.72 -37.32
CA GLU A 1184 -57.77 -18.23 -37.03
C GLU A 1184 -57.96 -16.84 -37.64
N PRO A 1185 -59.11 -16.57 -38.26
CA PRO A 1185 -59.31 -15.28 -38.94
C PRO A 1185 -59.22 -14.09 -37.99
N GLU A 1186 -58.72 -12.97 -38.54
CA GLU A 1186 -58.74 -11.69 -37.85
C GLU A 1186 -59.31 -10.64 -38.76
N VAL A 1187 -59.71 -9.51 -38.16
CA VAL A 1187 -60.32 -8.42 -38.93
C VAL A 1187 -59.33 -7.62 -39.75
N THR A 1188 -58.03 -7.88 -39.57
CA THR A 1188 -57.00 -7.11 -40.27
C THR A 1188 -56.62 -7.75 -41.61
N PHE A 1189 -56.92 -9.02 -41.80
CA PHE A 1189 -56.52 -9.72 -43.02
C PHE A 1189 -57.26 -9.19 -44.25
N GLN A 1190 -56.61 -9.28 -45.39
CA GLN A 1190 -57.22 -8.87 -46.65
C GLN A 1190 -58.29 -9.87 -47.08
N ASN A 1191 -59.37 -9.34 -47.63
CA ASN A 1191 -60.48 -10.16 -48.11
C ASN A 1191 -60.39 -10.26 -49.63
N LEU A 1192 -59.64 -11.26 -50.09
CA LEU A 1192 -59.43 -11.47 -51.52
C LEU A 1192 -60.72 -11.96 -52.18
N SER A 1193 -60.99 -11.46 -53.38
CA SER A 1193 -62.17 -11.84 -54.14
C SER A 1193 -61.86 -12.75 -55.31
N ASN A 1194 -60.88 -12.39 -56.13
CA ASN A 1194 -60.50 -13.18 -57.29
C ASN A 1194 -58.99 -13.42 -57.27
N ASN A 1195 -58.57 -14.35 -58.13
CA ASN A 1195 -57.16 -14.77 -58.25
C ASN A 1195 -56.60 -15.26 -56.92
N LEU A 1196 -57.34 -16.16 -56.28
CA LEU A 1196 -56.91 -16.73 -55.01
C LEU A 1196 -55.71 -17.65 -55.21
N PRO A 1197 -54.81 -17.72 -54.23
CA PRO A 1197 -53.71 -18.67 -54.29
C PRO A 1197 -54.21 -20.10 -54.15
N PRO A 1198 -53.45 -21.09 -54.61
CA PRO A 1198 -53.90 -22.50 -54.53
C PRO A 1198 -54.18 -22.99 -53.11
N PRO A 1199 -53.51 -22.49 -52.06
CA PRO A 1199 -54.02 -22.78 -50.70
C PRO A 1199 -55.43 -22.26 -50.47
N LEU A 1200 -55.80 -21.14 -51.07
CA LEU A 1200 -57.13 -20.57 -50.90
C LEU A 1200 -58.13 -21.04 -51.95
N LEU A 1201 -57.71 -21.86 -52.89
CA LEU A 1201 -58.60 -22.29 -53.97
C LEU A 1201 -59.33 -23.58 -53.60
N CYS B 24 -14.80 47.51 59.82
CA CYS B 24 -15.04 46.41 58.89
C CYS B 24 -16.47 45.90 59.12
N ILE B 25 -17.22 45.73 58.03
CA ILE B 25 -18.67 45.55 58.12
C ILE B 25 -19.01 44.17 58.67
N SER B 26 -19.93 44.13 59.63
CA SER B 26 -20.50 42.87 60.08
C SER B 26 -21.40 42.27 59.01
N VAL B 27 -21.29 40.97 58.81
CA VAL B 27 -21.89 40.28 57.66
C VAL B 27 -22.85 39.22 58.16
N ASP B 28 -24.04 39.17 57.57
CA ASP B 28 -24.99 38.08 57.80
C ASP B 28 -24.78 36.97 56.79
N MET B 29 -25.17 35.76 57.19
CA MET B 29 -25.06 34.60 56.32
C MET B 29 -26.21 33.65 56.60
N GLN B 30 -27.06 33.44 55.59
CA GLN B 30 -28.10 32.41 55.64
C GLN B 30 -28.06 31.66 54.32
N PRO B 31 -27.16 30.67 54.19
CA PRO B 31 -27.05 29.94 52.92
C PRO B 31 -28.29 29.16 52.53
N SER B 32 -29.15 28.81 53.49
CA SER B 32 -30.35 28.04 53.20
C SER B 32 -31.38 28.85 52.39
N TYR B 33 -31.29 30.18 52.40
CA TYR B 33 -32.19 30.98 51.59
C TYR B 33 -31.83 30.90 50.11
N PHE B 34 -30.56 30.66 49.79
CA PHE B 34 -30.08 30.75 48.41
C PHE B 34 -30.23 29.46 47.62
N ILE B 35 -30.35 28.31 48.27
CA ILE B 35 -30.47 27.04 47.53
C ILE B 35 -31.84 26.98 46.86
N LYS B 36 -31.84 26.76 45.54
CA LYS B 36 -33.04 26.75 44.74
C LYS B 36 -32.94 25.61 43.73
N ASN B 37 -33.86 25.63 42.75
CA ASN B 37 -33.89 24.62 41.71
C ASN B 37 -33.65 25.18 40.31
N TRP B 38 -33.27 26.46 40.20
CA TRP B 38 -32.97 27.04 38.90
C TRP B 38 -31.80 26.33 38.24
N SER B 39 -31.96 25.97 36.97
CA SER B 39 -30.91 25.23 36.27
C SER B 39 -31.03 25.49 34.77
N MET B 40 -29.91 25.83 34.15
CA MET B 40 -29.83 25.98 32.69
C MET B 40 -28.72 25.08 32.18
N PRO B 41 -29.07 23.88 31.71
CA PRO B 41 -28.05 22.98 31.16
C PRO B 41 -27.50 23.50 29.83
N ILE B 42 -26.48 22.80 29.34
CA ILE B 42 -25.79 23.17 28.11
C ILE B 42 -26.48 22.48 26.94
N ASN B 43 -26.86 23.26 25.93
CA ASN B 43 -27.49 22.75 24.73
C ASN B 43 -26.46 22.84 23.59
N MET B 44 -26.16 21.70 22.96
CA MET B 44 -25.16 21.69 21.89
C MET B 44 -25.65 22.40 20.64
N SER B 45 -26.97 22.44 20.43
CA SER B 45 -27.53 23.04 19.23
C SER B 45 -27.56 24.55 19.30
N LYS B 46 -27.37 25.15 20.48
CA LYS B 46 -27.16 26.58 20.60
C LYS B 46 -25.69 26.95 20.72
N ALA B 47 -24.81 25.94 20.76
CA ALA B 47 -23.36 26.10 20.90
C ALA B 47 -23.00 26.89 22.15
N ASP B 48 -23.61 26.52 23.26
CA ASP B 48 -23.34 27.19 24.53
C ASP B 48 -21.96 26.79 25.06
N GLY B 49 -21.20 27.79 25.50
CA GLY B 49 -19.91 27.53 26.11
C GLY B 49 -18.83 27.09 25.16
N VAL B 50 -18.97 27.36 23.86
CA VAL B 50 -18.01 26.94 22.86
C VAL B 50 -17.01 28.07 22.64
N LEU B 51 -15.73 27.77 22.78
CA LEU B 51 -14.69 28.76 22.59
C LEU B 51 -14.38 28.91 21.11
N TYR B 52 -14.43 30.14 20.61
CA TYR B 52 -14.12 30.40 19.21
C TYR B 52 -12.64 30.16 18.94
N PRO B 53 -12.29 29.57 17.80
CA PRO B 53 -10.88 29.39 17.46
C PRO B 53 -10.13 30.71 17.35
N VAL B 54 -8.89 30.71 17.83
CA VAL B 54 -8.10 31.94 17.94
C VAL B 54 -7.30 32.16 16.67
N GLY B 55 -7.27 33.40 16.20
CA GLY B 55 -6.46 33.80 15.08
C GLY B 55 -7.09 33.60 13.71
N ARG B 56 -8.17 32.83 13.65
CA ARG B 56 -8.81 32.49 12.39
C ARG B 56 -10.30 32.50 12.47
N THR B 57 -10.99 32.46 11.34
CA THR B 57 -12.45 32.33 11.32
C THR B 57 -12.85 31.51 10.12
N TYR B 58 -14.11 31.06 10.14
CA TYR B 58 -14.65 30.20 9.08
C TYR B 58 -16.07 30.65 8.77
N SER B 59 -16.56 30.24 7.61
CA SER B 59 -17.92 30.52 7.21
C SER B 59 -18.39 29.45 6.23
N ASN B 60 -19.63 28.95 6.46
CA ASN B 60 -20.32 27.92 5.66
C ASN B 60 -19.66 26.55 5.77
N ILE B 61 -18.95 26.27 6.87
CA ILE B 61 -18.19 25.02 6.99
C ILE B 61 -18.56 24.33 8.29
N THR B 62 -18.30 23.02 8.32
CA THR B 62 -18.28 22.24 9.55
C THR B 62 -16.87 21.71 9.75
N ILE B 63 -16.35 21.85 10.97
CA ILE B 63 -15.00 21.40 11.33
C ILE B 63 -15.07 20.74 12.70
N THR B 64 -14.32 19.65 12.85
CA THR B 64 -14.11 19.03 14.16
C THR B 64 -12.97 19.74 14.87
N LEU B 65 -13.21 20.19 16.10
CA LEU B 65 -12.22 20.93 16.88
C LEU B 65 -11.95 20.17 18.18
N GLU B 66 -10.69 19.86 18.44
CA GLU B 66 -10.30 19.28 19.71
C GLU B 66 -9.71 20.39 20.58
N GLY B 67 -10.26 20.55 21.78
CA GLY B 67 -9.83 21.60 22.68
C GLY B 67 -10.48 21.50 24.04
N LEU B 68 -10.92 22.62 24.58
CA LEU B 68 -11.56 22.68 25.89
C LEU B 68 -13.02 23.05 25.70
N PHE B 69 -13.89 22.05 25.81
CA PHE B 69 -15.32 22.17 25.60
C PHE B 69 -16.07 21.54 26.76
N PRO B 70 -17.23 22.08 27.13
CA PRO B 70 -17.97 21.53 28.27
C PRO B 70 -18.95 20.44 27.86
N HIS B 71 -19.26 19.57 28.82
CA HIS B 71 -20.17 18.46 28.58
C HIS B 71 -21.59 18.95 28.38
N GLN B 72 -22.33 18.28 27.50
CA GLN B 72 -23.71 18.67 27.24
C GLN B 72 -24.63 18.22 28.36
N ALA B 73 -25.72 18.99 28.55
CA ALA B 73 -26.73 18.74 29.58
C ALA B 73 -26.10 18.69 30.97
N ASP B 74 -25.18 19.61 31.21
CA ASP B 74 -24.43 19.68 32.46
C ASP B 74 -25.05 20.78 33.30
N ARG B 75 -25.81 20.39 34.33
CA ARG B 75 -26.38 21.36 35.26
C ARG B 75 -25.25 21.87 36.14
N GLY B 76 -24.67 22.99 35.73
CA GLY B 76 -23.54 23.54 36.43
C GLY B 76 -23.92 24.17 37.75
N ASP B 77 -22.91 24.66 38.45
CA ASP B 77 -23.12 25.27 39.75
C ASP B 77 -23.85 26.61 39.62
N MET B 78 -24.77 26.86 40.53
CA MET B 78 -25.59 28.07 40.52
C MET B 78 -25.15 29.01 41.63
N TYR B 79 -25.02 30.29 41.29
CA TYR B 79 -24.65 31.32 42.24
C TYR B 79 -25.52 32.54 41.98
N VAL B 80 -26.19 33.03 43.02
CA VAL B 80 -27.08 34.18 42.90
C VAL B 80 -26.68 35.21 43.95
N TYR B 81 -26.75 36.49 43.58
CA TYR B 81 -26.48 37.58 44.50
C TYR B 81 -27.79 38.17 45.00
N SER B 82 -27.87 38.42 46.31
CA SER B 82 -29.05 38.99 46.94
C SER B 82 -28.79 40.44 47.34
N GLN B 83 -29.86 41.13 47.67
CA GLN B 83 -29.76 42.52 48.13
C GLN B 83 -29.52 42.55 49.64
N SER B 84 -29.43 43.75 50.18
CA SER B 84 -29.23 43.92 51.61
C SER B 84 -30.50 43.58 52.37
N HIS B 85 -30.32 43.13 53.62
CA HIS B 85 -31.43 42.76 54.49
C HIS B 85 -31.24 43.45 55.84
N LYS B 86 -32.17 44.34 56.19
CA LYS B 86 -32.17 45.08 57.45
C LYS B 86 -30.91 45.93 57.65
N GLY B 87 -30.33 46.41 56.55
CA GLY B 87 -29.19 47.29 56.62
C GLY B 87 -27.84 46.61 56.69
N ARG B 88 -27.79 45.29 56.64
CA ARG B 88 -26.54 44.54 56.65
C ARG B 88 -26.52 43.59 55.45
N PRO B 89 -25.34 43.28 54.92
CA PRO B 89 -25.28 42.42 53.73
C PRO B 89 -25.79 41.01 54.00
N PHE B 90 -26.48 40.46 53.00
CA PHE B 90 -27.12 39.15 53.10
C PHE B 90 -26.53 38.28 52.00
N ILE B 91 -25.61 37.39 52.36
CA ILE B 91 -24.89 36.57 51.40
C ILE B 91 -24.96 35.11 51.83
N SER B 92 -24.41 34.25 50.98
CA SER B 92 -24.31 32.82 51.23
C SER B 92 -22.87 32.49 51.60
N ASN B 93 -22.57 31.19 51.69
CA ASN B 93 -21.22 30.75 52.04
C ASN B 93 -20.38 30.45 50.81
N TYR B 94 -20.57 31.25 49.74
CA TYR B 94 -19.77 31.08 48.52
C TYR B 94 -18.29 31.32 48.77
N SER B 95 -17.95 32.20 49.72
CA SER B 95 -16.56 32.51 49.98
C SER B 95 -15.83 31.40 50.73
N LEU B 96 -16.56 30.50 51.40
CA LEU B 96 -15.95 29.44 52.18
C LEU B 96 -15.86 28.11 51.44
N VAL B 97 -16.24 28.07 50.16
CA VAL B 97 -16.19 26.86 49.37
C VAL B 97 -15.25 27.07 48.19
N THR B 98 -14.28 26.18 48.04
CA THR B 98 -13.30 26.24 46.96
C THR B 98 -13.59 25.13 45.96
N ASN B 99 -13.46 25.45 44.68
CA ASN B 99 -13.77 24.52 43.60
C ASN B 99 -12.53 24.29 42.74
N ASP B 100 -12.40 23.07 42.21
CA ASP B 100 -11.24 22.73 41.40
C ASP B 100 -11.31 23.43 40.05
N PHE B 101 -10.20 24.04 39.65
CA PHE B 101 -10.14 24.72 38.37
C PHE B 101 -10.10 23.74 37.22
N GLY B 102 -9.27 22.70 37.33
CA GLY B 102 -9.16 21.72 36.26
C GLY B 102 -8.49 22.31 35.03
N ASN B 103 -9.17 22.19 33.89
CA ASN B 103 -8.68 22.75 32.63
C ASN B 103 -9.26 24.12 32.33
N GLY B 104 -10.13 24.66 33.18
CA GLY B 104 -10.74 25.94 32.93
C GLY B 104 -12.25 25.89 33.08
N ILE B 105 -12.90 27.05 33.15
CA ILE B 105 -14.34 27.14 33.34
C ILE B 105 -14.92 28.16 32.37
N VAL B 106 -16.20 27.99 32.06
CA VAL B 106 -16.99 28.97 31.33
C VAL B 106 -18.20 29.33 32.17
N ILE B 107 -18.58 30.60 32.17
CA ILE B 107 -19.62 31.11 33.05
C ILE B 107 -20.68 31.80 32.18
N ARG B 108 -21.95 31.51 32.45
CA ARG B 108 -23.06 32.09 31.70
C ARG B 108 -23.63 33.27 32.49
N ILE B 109 -23.30 34.50 32.07
CA ILE B 109 -23.70 35.70 32.79
C ILE B 109 -25.05 36.18 32.24
N GLY B 110 -25.89 36.68 33.14
CA GLY B 110 -27.13 37.32 32.74
C GLY B 110 -28.11 36.43 32.00
N SER B 111 -28.25 35.17 32.45
CA SER B 111 -29.10 34.22 31.75
C SER B 111 -30.57 34.57 31.89
N ALA B 112 -31.01 34.81 33.12
CA ALA B 112 -32.42 35.08 33.39
C ALA B 112 -32.62 36.57 33.65
N ALA B 113 -32.52 37.33 32.56
CA ALA B 113 -32.83 38.74 32.56
C ALA B 113 -34.16 38.95 31.83
N ASN B 114 -34.75 40.12 32.06
CA ASN B 114 -36.06 40.55 31.54
C ASN B 114 -37.19 39.69 32.09
N LYS B 115 -36.96 38.98 33.19
CA LYS B 115 -37.96 38.12 33.79
C LYS B 115 -38.28 38.60 35.20
N THR B 116 -39.07 37.83 35.93
CA THR B 116 -39.51 38.20 37.28
C THR B 116 -38.94 37.18 38.26
N GLY B 117 -38.21 37.67 39.27
CA GLY B 117 -37.45 36.79 40.14
C GLY B 117 -37.57 37.18 41.60
N SER B 118 -37.06 36.31 42.45
CA SER B 118 -37.12 36.54 43.88
C SER B 118 -36.12 37.50 44.45
N PRO B 119 -36.56 38.31 45.42
CA PRO B 119 -35.58 39.14 46.10
C PRO B 119 -34.72 38.28 46.97
N ILE B 120 -34.89 36.97 46.87
CA ILE B 120 -34.02 36.04 47.60
C ILE B 120 -34.36 36.13 49.07
N ILE B 121 -34.29 37.31 49.65
CA ILE B 121 -34.69 37.47 51.06
C ILE B 121 -36.15 37.12 51.25
N SER B 122 -37.02 37.56 50.34
CA SER B 122 -38.46 37.32 50.45
C SER B 122 -38.97 36.42 49.36
N ASN B 123 -39.85 35.50 49.72
CA ASN B 123 -40.35 34.54 48.76
C ASN B 123 -41.81 34.80 48.39
N ILE B 124 -42.35 35.95 48.79
CA ILE B 124 -43.74 36.28 48.46
C ILE B 124 -43.83 36.60 46.97
N ALA B 125 -44.75 35.92 46.28
CA ALA B 125 -44.85 36.04 44.83
C ALA B 125 -45.26 37.44 44.39
N SER B 126 -46.07 38.13 45.18
CA SER B 126 -46.40 39.52 44.87
C SER B 126 -45.22 40.45 45.11
N ASN B 127 -44.21 40.01 45.87
CA ASN B 127 -43.05 40.82 46.21
C ASN B 127 -41.87 40.58 45.27
N PHE B 128 -42.11 39.98 44.11
CA PHE B 128 -41.06 39.78 43.12
C PHE B 128 -40.96 40.98 42.19
N GLN B 129 -39.74 41.28 41.74
CA GLN B 129 -39.50 42.40 40.83
C GLN B 129 -38.78 41.90 39.57
N ILE B 130 -38.40 42.86 38.73
CA ILE B 130 -37.74 42.59 37.46
C ILE B 130 -36.26 42.32 37.70
N MET B 131 -35.75 41.28 37.05
CA MET B 131 -34.38 40.82 37.27
C MET B 131 -33.37 41.75 36.60
N LYS B 132 -32.21 41.90 37.24
CA LYS B 132 -31.12 42.71 36.74
C LYS B 132 -29.84 41.89 36.69
N LYS B 133 -28.90 42.31 35.85
CA LYS B 133 -27.66 41.58 35.65
C LYS B 133 -26.55 42.14 36.50
N LEU B 134 -25.86 41.28 37.24
CA LEU B 134 -24.71 41.68 38.01
C LEU B 134 -23.61 40.77 37.59
N TYR B 135 -22.50 41.32 37.09
CA TYR B 135 -21.35 40.52 36.71
C TYR B 135 -20.72 39.82 37.88
N PRO B 136 -20.27 38.60 37.70
CA PRO B 136 -19.63 37.83 38.73
C PRO B 136 -18.29 38.32 39.21
N ALA B 137 -17.96 38.17 40.49
CA ALA B 137 -16.63 38.48 40.96
C ALA B 137 -15.96 37.15 41.07
N LEU B 138 -14.65 37.06 41.01
CA LEU B 138 -13.96 35.78 40.97
C LEU B 138 -12.56 35.89 41.57
N LEU B 139 -12.12 34.78 42.17
CA LEU B 139 -10.82 34.68 42.80
C LEU B 139 -10.18 33.36 42.40
N PHE B 140 -8.98 33.41 41.85
CA PHE B 140 -8.26 32.23 41.37
C PHE B 140 -6.93 32.13 42.09
N GLY B 141 -6.51 30.91 42.44
CA GLY B 141 -5.26 30.74 43.14
C GLY B 141 -4.74 29.34 43.03
N SER B 142 -3.56 29.12 43.62
CA SER B 142 -2.87 27.84 43.57
C SER B 142 -2.86 27.10 44.90
N ALA B 143 -2.64 27.81 46.00
CA ALA B 143 -2.61 27.20 47.33
C ALA B 143 -3.71 27.83 48.18
N VAL B 144 -4.55 27.00 48.78
CA VAL B 144 -5.67 27.45 49.58
C VAL B 144 -5.63 26.75 50.93
N GLY B 145 -5.70 27.52 52.01
CA GLY B 145 -5.77 26.99 53.36
C GLY B 145 -6.83 27.72 54.16
N LYS B 146 -6.50 27.99 55.42
CA LYS B 146 -7.39 28.68 56.34
C LYS B 146 -6.67 29.86 56.97
N PHE B 147 -7.44 30.87 57.34
CA PHE B 147 -6.89 32.01 58.07
C PHE B 147 -6.46 31.56 59.47
N PRO B 148 -5.22 31.84 59.90
CA PRO B 148 -4.71 31.35 61.18
C PRO B 148 -5.12 32.19 62.39
N ALA B 149 -6.36 32.66 62.39
CA ALA B 149 -6.95 33.30 63.57
C ALA B 149 -8.37 32.85 63.87
N ASN B 150 -9.05 32.20 62.92
CA ASN B 150 -10.42 31.73 63.10
C ASN B 150 -10.68 30.35 62.52
N ASN B 151 -9.75 29.82 61.71
CA ASN B 151 -9.82 28.47 61.14
C ASN B 151 -11.04 28.29 60.25
N LYS B 152 -11.36 29.32 59.47
CA LYS B 152 -12.43 29.27 58.49
C LYS B 152 -11.87 28.80 57.15
N THR B 153 -12.59 27.88 56.51
CA THR B 153 -12.11 27.29 55.27
C THR B 153 -12.18 28.31 54.13
N GLY B 154 -11.08 28.45 53.41
CA GLY B 154 -11.00 29.34 52.27
C GLY B 154 -10.13 30.55 52.56
N ALA B 155 -8.86 30.47 52.14
CA ALA B 155 -7.90 31.55 52.40
C ALA B 155 -6.81 31.41 51.34
N TYR B 156 -6.82 32.30 50.37
CA TYR B 156 -5.98 32.15 49.19
C TYR B 156 -4.58 32.67 49.51
N PHE B 157 -3.60 31.77 49.52
CA PHE B 157 -2.23 32.10 49.84
C PHE B 157 -1.43 32.37 48.58
N ASN B 158 -0.36 33.16 48.74
CA ASN B 158 0.51 33.63 47.67
C ASN B 158 -0.26 34.41 46.62
N HIS B 159 0.30 34.52 45.41
CA HIS B 159 -0.29 35.36 44.38
C HIS B 159 -1.59 34.75 43.85
N SER B 160 -2.62 35.58 43.75
CA SER B 160 -3.95 35.15 43.35
C SER B 160 -4.52 36.12 42.33
N LEU B 161 -5.23 35.58 41.34
CA LEU B 161 -5.86 36.39 40.31
C LEU B 161 -7.25 36.79 40.76
N VAL B 162 -7.45 38.08 40.99
CA VAL B 162 -8.74 38.62 41.43
C VAL B 162 -9.36 39.33 40.24
N ILE B 163 -10.43 38.76 39.69
CA ILE B 163 -11.18 39.36 38.59
C ILE B 163 -12.48 39.90 39.15
N LEU B 164 -12.58 41.21 39.29
CA LEU B 164 -13.78 41.83 39.84
C LEU B 164 -14.22 43.03 39.02
N PRO B 165 -15.53 43.28 38.95
CA PRO B 165 -16.03 44.45 38.23
C PRO B 165 -16.14 45.68 39.13
N GLU B 166 -15.81 46.83 38.56
CA GLU B 166 -15.84 48.09 39.29
C GLU B 166 -16.78 49.07 38.60
N LYS B 167 -16.96 50.22 39.24
CA LYS B 167 -17.81 51.33 38.80
C LYS B 167 -19.25 50.81 38.66
N CYS B 168 -20.00 51.31 37.69
CA CYS B 168 -21.38 50.87 37.48
C CYS B 168 -21.46 49.69 36.53
N GLY B 169 -20.68 48.65 36.81
CA GLY B 169 -20.63 47.46 35.97
C GLY B 169 -20.11 47.73 34.58
N THR B 170 -19.10 48.58 34.45
CA THR B 170 -18.59 48.96 33.14
C THR B 170 -17.13 48.58 32.90
N VAL B 171 -16.36 48.28 33.94
CA VAL B 171 -14.94 47.96 33.80
C VAL B 171 -14.65 46.67 34.54
N ILE B 172 -13.88 45.78 33.90
CA ILE B 172 -13.42 44.53 34.50
C ILE B 172 -11.94 44.69 34.80
N THR B 173 -11.54 44.38 36.02
CA THR B 173 -10.15 44.49 36.45
C THR B 173 -9.58 43.11 36.74
N ALA B 174 -8.30 42.94 36.47
CA ALA B 174 -7.59 41.70 36.75
C ALA B 174 -6.47 42.02 37.73
N LEU B 175 -6.66 41.61 38.98
CA LEU B 175 -5.67 41.82 40.03
C LEU B 175 -4.93 40.51 40.26
N TYR B 176 -3.70 40.42 39.79
CA TYR B 176 -2.81 39.34 40.17
C TYR B 176 -2.10 39.79 41.43
N CYS B 177 -2.59 39.35 42.58
CA CYS B 177 -2.25 40.08 43.77
C CYS B 177 -2.34 39.17 44.99
N VAL B 178 -1.58 39.50 46.02
CA VAL B 178 -1.47 38.68 47.23
C VAL B 178 -2.38 39.32 48.27
N LEU B 179 -3.35 38.55 48.77
CA LEU B 179 -4.33 39.04 49.73
C LEU B 179 -4.00 38.45 51.10
N GLU B 180 -3.71 39.33 52.07
CA GLU B 180 -3.33 38.86 53.40
C GLU B 180 -4.34 39.33 54.43
N PRO B 181 -4.54 38.58 55.52
CA PRO B 181 -5.52 38.97 56.55
C PRO B 181 -5.20 40.32 57.18
N LYS B 182 -6.24 41.13 57.37
CA LYS B 182 -6.12 42.45 57.97
C LYS B 182 -6.67 42.40 59.39
N ASN B 183 -5.79 42.58 60.38
CA ASN B 183 -6.21 42.57 61.77
C ASN B 183 -7.12 43.77 62.04
N ASP B 184 -8.41 43.48 62.27
CA ASP B 184 -9.46 44.45 62.53
C ASP B 184 -10.58 43.73 63.24
N THR B 185 -11.35 44.49 64.04
CA THR B 185 -12.42 43.90 64.82
C THR B 185 -13.53 43.37 63.92
N ASN B 186 -13.94 42.12 64.16
CA ASN B 186 -14.97 41.42 63.38
C ASN B 186 -14.64 41.39 61.89
N CYS B 187 -13.37 41.13 61.57
CA CYS B 187 -12.91 41.20 60.19
C CYS B 187 -11.90 40.08 59.97
N THR B 188 -11.32 40.04 58.77
CA THR B 188 -10.50 38.90 58.35
C THR B 188 -9.19 38.86 59.11
N GLY B 189 -9.10 38.00 60.12
CA GLY B 189 -7.93 37.94 60.95
C GLY B 189 -8.27 38.03 62.43
N SER B 190 -9.56 37.93 62.72
CA SER B 190 -10.07 37.93 64.09
C SER B 190 -11.01 36.73 64.24
N SER B 191 -11.53 36.55 65.45
CA SER B 191 -12.46 35.46 65.71
C SER B 191 -13.91 35.83 65.42
N GLY B 192 -14.19 37.10 65.15
CA GLY B 192 -15.53 37.54 64.79
C GLY B 192 -15.82 37.51 63.31
N TYR B 193 -14.87 37.04 62.50
CA TYR B 193 -15.06 36.92 61.07
C TYR B 193 -16.02 35.79 60.72
N VAL B 194 -16.94 36.05 59.80
CA VAL B 194 -17.80 34.99 59.29
C VAL B 194 -17.66 34.85 57.78
N SER B 195 -17.37 35.95 57.08
CA SER B 195 -17.26 36.02 55.63
C SER B 195 -16.88 37.45 55.25
N TYR B 196 -16.39 37.59 54.01
CA TYR B 196 -16.15 38.90 53.41
C TYR B 196 -17.13 39.12 52.27
N VAL B 197 -17.61 40.35 52.13
CA VAL B 197 -18.61 40.70 51.12
C VAL B 197 -18.14 41.94 50.38
N LEU B 198 -18.30 41.98 49.08
CA LEU B 198 -17.97 43.18 48.38
C LEU B 198 -19.25 43.96 48.30
N PHE B 199 -19.67 44.57 49.41
CA PHE B 199 -20.92 45.31 49.51
C PHE B 199 -20.90 46.52 48.67
N GLU B 200 -22.04 46.87 48.10
CA GLU B 200 -22.05 47.97 47.18
C GLU B 200 -23.37 48.68 47.20
N ASN B 201 -23.52 49.79 46.52
CA ASN B 201 -24.76 50.57 46.58
C ASN B 201 -25.59 50.41 45.35
N PHE B 202 -26.89 50.28 45.51
CA PHE B 202 -27.74 50.25 44.35
C PHE B 202 -27.71 51.64 43.77
N SER B 203 -27.85 51.76 42.47
CA SER B 203 -27.93 53.08 41.88
C SER B 203 -28.12 52.98 40.37
N ASN B 211 -14.06 53.07 44.11
CA ASN B 211 -14.19 51.80 43.41
C ASN B 211 -14.48 50.65 44.36
N LEU B 212 -14.83 49.48 43.80
CA LEU B 212 -15.07 48.25 44.59
C LEU B 212 -13.78 47.72 45.10
N LYS B 213 -12.70 48.01 44.39
CA LYS B 213 -11.38 47.65 44.90
C LYS B 213 -11.15 48.17 46.31
N ASN B 214 -11.70 49.34 46.63
CA ASN B 214 -11.63 49.86 47.99
C ASN B 214 -12.43 48.97 48.94
N SER B 215 -13.58 48.44 48.48
CA SER B 215 -14.36 47.53 49.30
C SER B 215 -13.64 46.21 49.52
N LEU B 216 -12.90 45.73 48.50
CA LEU B 216 -12.04 44.57 48.71
C LEU B 216 -10.90 44.88 49.67
N GLN B 217 -10.37 46.11 49.59
CA GLN B 217 -9.23 46.50 50.41
C GLN B 217 -9.60 46.67 51.88
N GLN B 218 -10.89 46.73 52.21
CA GLN B 218 -11.30 46.77 53.60
C GLN B 218 -11.18 45.41 54.28
N TRP B 219 -10.98 44.33 53.53
CA TRP B 219 -10.95 42.99 54.10
C TRP B 219 -9.60 42.31 54.02
N PHE B 220 -8.78 42.64 53.03
CA PHE B 220 -7.49 41.99 52.83
C PHE B 220 -6.40 43.04 52.68
N ASN B 221 -5.14 42.58 52.76
CA ASN B 221 -3.98 43.43 52.48
C ASN B 221 -3.51 43.17 51.07
N ILE B 222 -3.61 44.19 50.23
CA ILE B 222 -3.27 44.14 48.81
C ILE B 222 -1.78 44.47 48.64
N LYS B 223 -0.97 43.44 48.37
CA LYS B 223 0.49 43.53 48.41
C LYS B 223 1.17 42.76 47.28
N ASP B 224 2.21 43.34 46.72
CA ASP B 224 2.95 42.69 45.66
C ASP B 224 2.19 42.63 44.39
N CYS B 225 1.29 43.56 44.17
CA CYS B 225 0.50 43.42 42.98
C CYS B 225 1.49 43.52 41.87
N LEU B 226 1.33 42.71 40.83
CA LEU B 226 2.28 42.67 39.76
C LEU B 226 1.69 43.47 38.64
N PHE B 227 0.56 43.07 38.12
CA PHE B 227 -0.15 43.84 37.11
C PHE B 227 -1.57 44.10 37.59
N GLU B 228 -2.15 45.17 37.07
CA GLU B 228 -3.57 45.46 37.28
C GLU B 228 -4.10 45.92 35.92
N LYS B 229 -4.58 44.96 35.14
CA LYS B 229 -5.09 45.27 33.81
C LYS B 229 -6.56 45.64 33.88
N ASN B 230 -6.96 46.56 33.01
CA ASN B 230 -8.28 47.15 33.01
C ASN B 230 -8.94 46.95 31.65
N TYR B 231 -10.22 46.59 31.65
CA TYR B 231 -10.97 46.34 30.42
C TYR B 231 -12.37 46.88 30.60
N ASN B 232 -12.76 47.83 29.76
CA ASN B 232 -14.04 48.51 29.90
C ASN B 232 -15.09 47.89 28.99
N VAL B 233 -16.27 47.62 29.55
CA VAL B 233 -17.37 46.99 28.83
C VAL B 233 -18.61 47.86 28.97
N THR B 234 -19.62 47.55 28.16
CA THR B 234 -20.88 48.28 28.20
C THR B 234 -21.76 47.79 29.37
N ASP B 235 -22.78 48.60 29.68
CA ASP B 235 -23.74 48.29 30.74
C ASP B 235 -25.03 47.68 30.20
N ASP B 236 -24.92 46.82 29.19
CA ASP B 236 -26.08 46.14 28.64
C ASP B 236 -26.71 45.17 29.64
N GLU B 237 -27.95 44.80 29.39
CA GLU B 237 -28.71 43.89 30.25
C GLU B 237 -29.09 42.61 29.52
N ARG B 238 -28.14 42.04 28.78
CA ARG B 238 -28.40 40.88 27.94
C ARG B 238 -27.50 39.71 28.31
N GLU B 239 -27.77 38.56 27.68
CA GLU B 239 -27.01 37.34 27.92
C GLU B 239 -25.57 37.51 27.47
N GLU B 240 -24.66 36.85 28.19
CA GLU B 240 -23.26 37.24 28.17
C GLU B 240 -22.45 36.06 28.72
N TRP B 241 -21.28 35.84 28.13
CA TRP B 241 -20.48 34.67 28.47
C TRP B 241 -19.06 35.09 28.84
N PHE B 242 -18.47 34.34 29.76
CA PHE B 242 -17.12 34.59 30.23
C PHE B 242 -16.41 33.25 30.43
N GLY B 243 -15.14 33.18 30.05
CA GLY B 243 -14.39 31.96 30.22
C GLY B 243 -12.90 32.18 30.40
N ILE B 244 -12.30 31.39 31.28
CA ILE B 244 -10.89 31.50 31.61
C ILE B 244 -10.24 30.13 31.47
N ILE B 245 -9.14 30.07 30.73
CA ILE B 245 -8.33 28.87 30.60
C ILE B 245 -6.89 29.23 30.93
N GLN B 246 -6.10 28.22 31.26
CA GLN B 246 -4.69 28.41 31.56
C GLN B 246 -3.88 27.48 30.69
N ASP B 247 -2.76 27.91 30.14
CA ASP B 247 -1.89 27.03 29.41
C ASP B 247 -0.50 27.38 29.71
N GLN B 248 0.43 26.97 28.88
CA GLN B 248 1.84 27.31 29.03
C GLN B 248 2.14 28.76 28.64
N GLN B 249 1.38 29.32 27.70
CA GLN B 249 1.55 30.71 27.30
C GLN B 249 0.86 31.69 28.23
N GLY B 250 0.15 31.23 29.25
CA GLY B 250 -0.42 32.12 30.24
C GLY B 250 -1.90 31.85 30.42
N VAL B 251 -2.57 32.80 31.07
CA VAL B 251 -4.00 32.72 31.34
C VAL B 251 -4.74 33.50 30.26
N HIS B 252 -5.69 32.84 29.61
CA HIS B 252 -6.47 33.41 28.52
C HIS B 252 -7.91 33.63 28.97
N LEU B 253 -8.45 34.80 28.64
CA LEU B 253 -9.82 35.15 28.98
C LEU B 253 -10.67 35.19 27.71
N TYR B 254 -11.96 34.89 27.86
CA TYR B 254 -12.88 34.90 26.73
C TYR B 254 -14.15 35.65 27.13
N THR B 255 -14.78 36.28 26.14
CA THR B 255 -16.01 37.03 26.38
C THR B 255 -16.85 37.02 25.11
N SER B 256 -18.11 37.42 25.26
CA SER B 256 -19.06 37.42 24.16
C SER B 256 -19.28 38.81 23.56
N ARG B 257 -18.73 39.86 24.17
CA ARG B 257 -18.91 41.22 23.69
C ARG B 257 -17.81 41.68 22.75
N LYS B 258 -16.87 40.80 22.40
CA LYS B 258 -15.73 41.23 21.59
C LYS B 258 -16.14 41.49 20.14
N ASN B 259 -16.94 40.61 19.56
CA ASN B 259 -17.39 40.78 18.18
C ASN B 259 -18.89 40.49 18.10
N GLY B 260 -19.63 41.41 17.50
CA GLY B 260 -21.03 41.20 17.21
C GLY B 260 -21.91 41.12 18.46
N TYR B 261 -23.03 40.42 18.31
CA TYR B 261 -24.03 40.27 19.36
C TYR B 261 -24.39 38.81 19.61
N SER B 262 -23.53 37.87 19.21
CA SER B 262 -23.81 36.45 19.36
C SER B 262 -23.37 35.93 20.72
N ASN B 263 -23.54 34.63 20.93
CA ASN B 263 -23.14 33.97 22.17
C ASN B 263 -21.73 33.38 22.10
N ASN B 264 -21.02 33.59 20.98
CA ASN B 264 -19.68 33.04 20.84
C ASN B 264 -18.68 33.78 21.72
N MET B 265 -17.56 33.12 21.98
CA MET B 265 -16.63 33.53 23.02
C MET B 265 -15.26 33.76 22.37
N PHE B 266 -14.81 35.02 22.38
CA PHE B 266 -13.61 35.42 21.66
C PHE B 266 -12.49 35.77 22.62
N LEU B 267 -11.25 35.55 22.17
CA LEU B 267 -10.08 35.72 23.02
C LEU B 267 -9.77 37.18 23.27
N PHE B 268 -9.50 37.51 24.54
CA PHE B 268 -8.92 38.79 24.91
C PHE B 268 -8.18 38.57 26.23
N ALA B 269 -7.28 39.50 26.55
CA ALA B 269 -6.57 39.53 27.83
C ALA B 269 -5.75 38.27 28.07
N THR B 270 -4.71 38.11 27.25
CA THR B 270 -3.73 37.05 27.51
C THR B 270 -2.86 37.45 28.70
N LEU B 271 -3.23 37.00 29.89
CA LEU B 271 -2.54 37.42 31.10
C LEU B 271 -1.22 36.68 31.26
N PRO B 272 -0.18 37.34 31.76
CA PRO B 272 1.11 36.65 32.04
C PRO B 272 1.15 36.01 33.42
N ILE B 273 0.38 34.94 33.58
CA ILE B 273 0.31 34.18 34.82
C ILE B 273 0.70 32.74 34.50
N TYR B 274 1.91 32.35 34.90
CA TYR B 274 2.45 31.05 34.56
C TYR B 274 2.44 30.07 35.73
N ASP B 275 1.96 30.49 36.90
CA ASP B 275 1.74 29.56 38.00
C ASP B 275 0.40 28.86 37.80
N GLN B 276 0.37 27.56 38.10
CA GLN B 276 -0.79 26.74 37.77
C GLN B 276 -1.96 27.06 38.71
N ILE B 277 -3.08 27.45 38.13
CA ILE B 277 -4.29 27.72 38.89
C ILE B 277 -4.98 26.40 39.18
N LEU B 278 -5.26 26.13 40.46
CA LEU B 278 -5.93 24.91 40.86
C LEU B 278 -7.26 25.13 41.57
N TYR B 279 -7.53 26.33 42.07
CA TYR B 279 -8.72 26.59 42.86
C TYR B 279 -9.37 27.88 42.39
N TYR B 280 -10.69 27.93 42.48
CA TYR B 280 -11.43 29.16 42.21
C TYR B 280 -12.62 29.25 43.15
N THR B 281 -12.96 30.48 43.52
CA THR B 281 -14.13 30.77 44.34
C THR B 281 -14.98 31.83 43.67
N VAL B 282 -16.14 32.09 44.25
CA VAL B 282 -17.00 33.19 43.86
C VAL B 282 -17.08 34.12 45.05
N MET B 283 -16.55 35.32 44.92
CA MET B 283 -16.62 36.28 46.01
C MET B 283 -18.04 36.83 46.12
N PRO B 284 -18.67 36.75 47.29
CA PRO B 284 -20.06 37.18 47.43
C PRO B 284 -20.22 38.68 47.25
N ARG B 285 -21.35 39.07 46.68
CA ARG B 285 -21.70 40.47 46.46
C ARG B 285 -23.10 40.71 46.98
N SER B 286 -23.35 41.94 47.41
CA SER B 286 -24.68 42.34 47.85
C SER B 286 -24.87 43.81 47.51
N ILE B 287 -26.09 44.16 47.13
CA ILE B 287 -26.43 45.53 46.75
C ILE B 287 -27.31 46.12 47.85
N ASN B 288 -26.90 47.28 48.36
CA ASN B 288 -27.66 47.94 49.41
C ASN B 288 -28.98 48.46 48.86
N ALA B 289 -30.04 48.32 49.66
CA ALA B 289 -31.38 48.73 49.24
C ALA B 289 -31.54 50.25 49.34
N TYR B 295 -37.03 46.46 47.63
CA TYR B 295 -37.01 45.09 47.12
C TYR B 295 -36.54 45.03 45.67
N HIS B 296 -35.39 44.40 45.46
CA HIS B 296 -34.82 44.21 44.13
C HIS B 296 -34.38 42.76 43.96
N ALA B 297 -34.44 42.29 42.72
CA ALA B 297 -34.06 40.94 42.37
C ALA B 297 -33.04 40.99 41.24
N PHE B 298 -32.03 40.13 41.32
CA PHE B 298 -30.96 40.08 40.34
C PHE B 298 -30.84 38.69 39.72
N SER B 299 -30.26 38.65 38.53
CA SER B 299 -30.07 37.40 37.83
C SER B 299 -28.97 36.57 38.47
N ALA B 300 -28.89 35.31 38.07
CA ALA B 300 -27.87 34.40 38.55
C ALA B 300 -27.04 33.89 37.37
N PHE B 301 -25.82 33.47 37.69
CA PHE B 301 -24.87 32.97 36.70
C PHE B 301 -24.53 31.52 36.99
N TYR B 302 -24.24 30.78 35.93
CA TYR B 302 -23.98 29.35 36.01
C TYR B 302 -22.56 29.08 35.56
N ILE B 303 -21.81 28.29 36.33
CA ILE B 303 -20.42 27.98 36.05
C ILE B 303 -20.33 26.53 35.61
N TYR B 304 -19.74 26.30 34.44
CA TYR B 304 -19.55 24.98 33.89
C TYR B 304 -18.05 24.72 33.72
N LYS B 305 -17.65 23.48 33.90
CA LYS B 305 -16.24 23.10 33.81
C LYS B 305 -15.92 22.56 32.42
N LEU B 306 -14.75 22.92 31.92
CA LEU B 306 -14.30 22.51 30.60
C LEU B 306 -13.55 21.18 30.68
N HIS B 307 -13.59 20.43 29.58
CA HIS B 307 -12.95 19.12 29.50
C HIS B 307 -12.21 19.01 28.17
N LYS B 308 -11.29 18.04 28.11
CA LYS B 308 -10.54 17.77 26.89
C LYS B 308 -11.28 16.69 26.10
N ILE B 309 -12.20 17.12 25.24
CA ILE B 309 -13.07 16.22 24.50
C ILE B 309 -13.13 16.64 23.04
N ASN B 310 -13.51 15.69 22.18
CA ASN B 310 -13.76 15.99 20.78
C ASN B 310 -15.10 16.69 20.63
N TYR B 311 -15.18 17.59 19.66
CA TYR B 311 -16.32 18.50 19.57
C TYR B 311 -16.34 19.11 18.18
N MET B 312 -17.41 18.84 17.41
CA MET B 312 -17.56 19.34 16.06
C MET B 312 -18.52 20.44 16.06
N VAL B 313 -18.28 21.52 15.34
CA VAL B 313 -19.14 22.69 15.35
C VAL B 313 -19.48 23.10 13.91
N ASP B 314 -20.46 23.99 13.80
CA ASP B 314 -20.88 24.55 12.51
C ASP B 314 -20.84 26.07 12.57
N PHE B 315 -20.37 26.69 11.50
CA PHE B 315 -20.41 28.14 11.36
C PHE B 315 -21.54 28.55 10.41
N ASP B 316 -21.61 29.85 10.16
CA ASP B 316 -22.64 30.39 9.30
C ASP B 316 -22.09 31.31 8.21
N VAL B 317 -22.91 32.23 7.71
CA VAL B 317 -22.42 33.18 6.71
C VAL B 317 -21.60 34.28 7.39
N ASN B 318 -22.09 34.79 8.53
CA ASN B 318 -21.40 35.88 9.21
C ASN B 318 -20.15 35.41 9.96
N GLY B 319 -19.96 34.11 10.13
CA GLY B 319 -18.78 33.58 10.77
C GLY B 319 -18.96 33.13 12.21
N TYR B 320 -20.17 33.18 12.76
CA TYR B 320 -20.41 32.74 14.12
C TYR B 320 -20.82 31.28 14.16
N ILE B 321 -20.53 30.62 15.28
CA ILE B 321 -20.96 29.25 15.50
C ILE B 321 -22.42 29.25 15.91
N THR B 322 -23.13 28.27 15.35
CA THR B 322 -24.55 28.14 15.61
C THR B 322 -24.95 26.75 16.12
N ARG B 323 -24.29 25.68 15.69
CA ARG B 323 -24.57 24.35 16.18
C ARG B 323 -23.29 23.63 16.54
N ALA B 324 -23.31 22.71 17.50
CA ALA B 324 -22.15 21.90 17.84
C ALA B 324 -22.56 20.51 18.33
N VAL B 325 -21.70 19.51 18.32
CA VAL B 325 -22.04 18.13 18.73
C VAL B 325 -21.12 17.59 19.80
N ASP B 326 -21.62 17.31 20.99
CA ASP B 326 -20.79 16.98 22.15
C ASP B 326 -19.80 15.87 21.84
N CYS B 327 -20.17 14.95 20.94
CA CYS B 327 -19.39 13.82 20.42
C CYS B 327 -19.24 12.67 21.43
N GLY B 328 -19.69 12.84 22.67
CA GLY B 328 -19.59 11.77 23.64
C GLY B 328 -20.82 11.63 24.51
N TYR B 329 -21.87 12.39 24.19
CA TYR B 329 -23.08 12.37 25.01
C TYR B 329 -23.80 11.03 24.89
N ASN B 330 -24.04 10.57 23.67
CA ASN B 330 -24.71 9.30 23.44
C ASN B 330 -24.05 8.61 22.26
N ASP B 331 -24.64 7.50 21.83
CA ASP B 331 -24.08 6.73 20.72
C ASP B 331 -24.25 7.47 19.39
N TYR B 332 -25.32 8.24 19.26
CA TYR B 332 -25.60 8.91 17.99
C TYR B 332 -24.59 10.02 17.70
N THR B 333 -24.17 10.76 18.73
CA THR B 333 -23.15 11.78 18.53
C THR B 333 -21.79 11.16 18.18
N GLN B 334 -21.46 10.03 18.82
CA GLN B 334 -20.22 9.33 18.48
C GLN B 334 -20.26 8.82 17.05
N LEU B 335 -21.42 8.34 16.60
CA LEU B 335 -21.57 7.92 15.22
C LEU B 335 -21.45 9.10 14.25
N GLN B 336 -22.00 10.26 14.63
CA GLN B 336 -21.86 11.47 13.81
C GLN B 336 -20.40 11.86 13.68
N CYS B 337 -19.63 11.74 14.76
CA CYS B 337 -18.19 11.99 14.66
C CYS B 337 -17.49 10.92 13.82
N SER B 338 -17.95 9.66 13.93
CA SER B 338 -17.34 8.58 13.16
C SER B 338 -17.57 8.75 11.67
N TYR B 339 -18.65 9.43 11.27
CA TYR B 339 -18.88 9.72 9.85
C TYR B 339 -18.66 11.18 9.50
N GLY B 340 -18.41 12.04 10.48
CA GLY B 340 -17.98 13.40 10.21
C GLY B 340 -18.98 14.28 9.51
N GLN B 341 -20.26 14.09 9.78
CA GLN B 341 -21.29 14.94 9.20
C GLN B 341 -22.46 15.03 10.17
N PHE B 342 -23.29 16.04 9.97
CA PHE B 342 -24.37 16.36 10.89
C PHE B 342 -25.76 16.12 10.34
N ASP B 343 -25.92 16.06 9.02
CA ASP B 343 -27.14 15.56 8.40
C ASP B 343 -26.84 14.17 7.87
N MET B 344 -27.31 13.15 8.57
CA MET B 344 -27.06 11.77 8.21
C MET B 344 -28.35 11.13 7.70
N ASP B 345 -28.19 9.97 7.08
CA ASP B 345 -29.31 9.23 6.52
C ASP B 345 -29.62 8.02 7.38
N SER B 346 -30.71 7.34 7.02
CA SER B 346 -31.14 6.16 7.75
C SER B 346 -30.20 4.98 7.45
N GLY B 347 -30.27 3.98 8.31
CA GLY B 347 -29.47 2.78 8.16
C GLY B 347 -29.00 2.26 9.51
N VAL B 348 -28.65 0.98 9.54
CA VAL B 348 -28.11 0.35 10.74
C VAL B 348 -26.59 0.47 10.63
N TYR B 349 -26.05 1.51 11.23
CA TYR B 349 -24.63 1.78 11.17
C TYR B 349 -23.88 0.92 12.18
N SER B 350 -22.56 0.94 12.08
CA SER B 350 -21.68 0.31 13.05
C SER B 350 -20.92 1.40 13.80
N ALA B 351 -21.06 1.41 15.12
CA ALA B 351 -20.42 2.41 15.96
C ALA B 351 -19.09 1.87 16.48
N SER B 352 -18.38 2.71 17.22
CA SER B 352 -17.09 2.33 17.76
C SER B 352 -17.25 1.33 18.90
N TYR B 353 -16.23 0.51 19.08
CA TYR B 353 -16.16 -0.38 20.23
C TYR B 353 -15.95 0.43 21.51
N PHE B 354 -16.48 -0.08 22.61
CA PHE B 354 -16.27 0.50 23.93
C PHE B 354 -15.49 -0.49 24.79
N ASN B 355 -14.35 -0.06 25.30
CA ASN B 355 -13.42 -0.94 25.99
C ASN B 355 -13.66 -0.91 27.49
N ALA B 356 -13.48 -2.06 28.13
CA ALA B 356 -13.67 -2.17 29.58
C ALA B 356 -12.55 -1.43 30.32
N ARG B 357 -12.90 -0.82 31.43
CA ARG B 357 -11.91 -0.11 32.22
C ARG B 357 -11.29 -1.03 33.24
N SER B 358 -10.55 -0.46 34.19
CA SER B 358 -9.96 -1.26 35.25
C SER B 358 -10.90 -1.38 36.45
N ARG B 359 -11.08 -2.60 36.95
CA ARG B 359 -11.88 -2.86 38.13
C ARG B 359 -11.04 -3.26 39.33
N GLY B 360 -9.73 -3.15 39.25
CA GLY B 360 -8.87 -3.51 40.36
C GLY B 360 -7.42 -3.56 39.93
N TYR B 361 -6.58 -3.91 40.90
CA TYR B 361 -5.14 -4.00 40.69
C TYR B 361 -4.64 -5.26 41.38
N TYR B 362 -3.71 -5.96 40.73
CA TYR B 362 -3.13 -7.19 41.27
C TYR B 362 -1.61 -7.07 41.19
N TYR B 363 -0.93 -7.59 42.22
CA TYR B 363 0.51 -7.41 42.36
C TYR B 363 1.11 -8.70 42.86
N GLU B 364 2.22 -9.13 42.24
CA GLU B 364 3.10 -10.15 42.78
C GLU B 364 4.53 -9.75 42.46
N ALA B 365 5.45 -10.11 43.35
CA ALA B 365 6.86 -9.78 43.12
C ALA B 365 7.84 -10.88 43.49
N ALA B 366 7.42 -11.91 44.22
CA ALA B 366 8.23 -13.03 44.71
C ALA B 366 9.34 -12.62 45.67
N GLU B 367 9.35 -11.35 46.12
CA GLU B 367 10.23 -10.84 47.17
C GLU B 367 11.70 -11.02 46.81
N LEU B 368 12.16 -10.24 45.84
CA LEU B 368 13.53 -10.32 45.35
C LEU B 368 14.48 -9.38 46.04
N THR B 369 15.59 -9.89 46.52
CA THR B 369 16.59 -9.11 47.20
C THR B 369 17.45 -8.20 46.44
N GLU B 370 17.93 -7.18 47.09
CA GLU B 370 18.85 -6.26 46.49
C GLU B 370 20.14 -6.88 46.08
N CYS B 371 20.48 -6.76 44.82
CA CYS B 371 21.75 -7.24 44.30
C CYS B 371 22.79 -6.13 44.39
N ASP B 372 24.03 -6.52 44.69
CA ASP B 372 25.09 -5.57 45.00
C ASP B 372 25.60 -4.93 43.71
N LEU B 373 25.26 -3.67 43.50
CA LEU B 373 25.89 -2.83 42.48
C LEU B 373 27.09 -2.09 43.02
N ASP B 374 27.46 -2.30 44.28
CA ASP B 374 28.66 -1.70 44.85
C ASP B 374 29.94 -2.35 44.36
N VAL B 375 29.85 -3.49 43.66
CA VAL B 375 31.03 -4.09 43.05
C VAL B 375 31.59 -3.23 41.93
N LEU B 376 30.77 -2.33 41.36
CA LEU B 376 31.27 -1.37 40.40
C LEU B 376 32.24 -0.38 41.05
N PHE B 377 32.02 -0.04 42.32
CA PHE B 377 32.85 0.90 43.04
C PHE B 377 33.62 0.25 44.18
N LYS B 378 33.88 -1.05 44.11
CA LYS B 378 34.54 -1.76 45.19
C LYS B 378 36.05 -1.85 44.97
N ASN B 379 36.47 -2.50 43.90
CA ASN B 379 37.88 -2.75 43.64
C ASN B 379 38.46 -1.61 42.80
N ASP B 380 39.65 -1.84 42.25
CA ASP B 380 40.29 -0.87 41.38
C ASP B 380 39.52 -0.75 40.07
N ALA B 381 39.61 0.43 39.45
CA ALA B 381 38.92 0.68 38.20
C ALA B 381 39.54 -0.16 37.08
N PRO B 382 38.75 -0.88 36.29
CA PRO B 382 39.32 -1.81 35.30
C PRO B 382 39.96 -1.09 34.13
N ILE B 383 40.95 -1.77 33.55
CA ILE B 383 41.57 -1.32 32.32
C ILE B 383 40.61 -1.62 31.17
N ILE B 384 40.67 -0.81 30.11
CA ILE B 384 39.83 -1.04 28.93
C ILE B 384 40.10 -2.40 28.31
N ALA B 385 41.36 -2.84 28.30
CA ALA B 385 41.69 -4.16 27.77
C ALA B 385 41.13 -5.27 28.66
N ASN B 386 41.34 -5.16 29.96
CA ASN B 386 40.80 -6.12 30.93
C ASN B 386 39.55 -5.57 31.61
N TYR B 387 38.51 -5.33 30.81
CA TYR B 387 37.31 -4.75 31.39
C TYR B 387 36.46 -5.82 32.08
N SER B 388 35.55 -5.36 32.92
CA SER B 388 34.79 -6.23 33.82
C SER B 388 33.33 -6.27 33.41
N ARG B 389 32.72 -7.45 33.56
CA ARG B 389 31.33 -7.67 33.21
C ARG B 389 30.63 -8.40 34.36
N ARG B 390 29.44 -7.95 34.71
CA ARG B 390 28.60 -8.62 35.70
C ARG B 390 27.19 -8.74 35.13
N VAL B 391 26.53 -9.85 35.44
CA VAL B 391 25.16 -10.11 35.00
C VAL B 391 24.30 -10.27 36.24
N PHE B 392 23.26 -9.44 36.34
CA PHE B 392 22.39 -9.40 37.51
C PHE B 392 21.04 -9.98 37.16
N THR B 393 20.58 -10.94 37.98
CA THR B 393 19.30 -11.59 37.79
C THR B 393 18.67 -11.82 39.16
N ASN B 394 17.34 -11.75 39.20
CA ASN B 394 16.53 -12.02 40.41
C ASN B 394 16.89 -11.06 41.54
N CYS B 395 16.84 -9.76 41.25
CA CYS B 395 17.23 -8.78 42.25
C CYS B 395 16.51 -7.46 42.01
N ASN B 396 16.62 -6.57 43.00
CA ASN B 396 16.13 -5.21 42.92
C ASN B 396 17.29 -4.25 43.15
N TYR B 397 17.13 -3.03 42.63
CA TYR B 397 18.17 -2.02 42.79
C TYR B 397 17.54 -0.67 43.07
N ASN B 398 18.25 0.14 43.84
CA ASN B 398 17.86 1.51 44.18
C ASN B 398 18.74 2.44 43.35
N LEU B 399 18.15 3.04 42.32
CA LEU B 399 18.93 3.85 41.38
C LEU B 399 19.30 5.22 41.93
N THR B 400 18.53 5.74 42.88
CA THR B 400 18.84 7.05 43.46
C THR B 400 20.16 7.03 44.20
N LYS B 401 20.46 5.93 44.90
CA LYS B 401 21.76 5.79 45.54
C LYS B 401 22.88 5.62 44.51
N LEU B 402 22.61 4.95 43.40
CA LEU B 402 23.66 4.69 42.42
C LEU B 402 24.04 5.96 41.66
N LEU B 403 23.05 6.76 41.25
CA LEU B 403 23.33 8.00 40.55
C LEU B 403 23.75 9.13 41.48
N SER B 404 23.69 8.94 42.80
CA SER B 404 24.20 9.92 43.73
C SER B 404 25.71 9.81 43.93
N LEU B 405 26.35 8.76 43.39
CA LEU B 405 27.79 8.58 43.54
C LEU B 405 28.58 9.07 42.34
N VAL B 406 27.92 9.30 41.20
CA VAL B 406 28.61 9.68 39.96
C VAL B 406 27.96 10.94 39.41
N GLN B 407 28.72 11.64 38.57
CA GLN B 407 28.21 12.76 37.79
C GLN B 407 28.26 12.36 36.32
N VAL B 408 27.10 12.17 35.71
CA VAL B 408 27.02 11.73 34.33
C VAL B 408 27.38 12.89 33.42
N ASP B 409 28.35 12.67 32.54
CA ASP B 409 28.71 13.66 31.53
C ASP B 409 27.83 13.55 30.30
N GLU B 410 27.61 12.33 29.82
CA GLU B 410 26.81 12.09 28.62
C GLU B 410 26.40 10.62 28.59
N PHE B 411 25.14 10.36 28.30
CA PHE B 411 24.64 9.00 28.13
C PHE B 411 24.15 8.83 26.70
N VAL B 412 24.42 7.67 26.12
CA VAL B 412 24.00 7.33 24.77
C VAL B 412 23.20 6.04 24.86
N CYS B 413 21.89 6.13 24.65
CA CYS B 413 21.00 4.99 24.75
C CYS B 413 20.33 4.69 23.42
N HIS B 414 20.15 3.41 23.13
CA HIS B 414 19.44 2.96 21.94
C HIS B 414 18.36 1.99 22.37
N LYS B 415 17.14 2.22 21.89
CA LYS B 415 15.92 1.43 22.11
C LYS B 415 15.41 1.47 23.55
N THR B 416 16.11 2.15 24.46
CA THR B 416 15.61 2.43 25.80
C THR B 416 15.99 3.85 26.19
N THR B 417 15.48 4.27 27.34
CA THR B 417 15.85 5.52 27.98
C THR B 417 16.17 5.24 29.44
N PRO B 418 16.99 6.09 30.07
CA PRO B 418 17.22 5.93 31.52
C PRO B 418 15.97 6.09 32.37
N GLU B 419 14.92 6.76 31.89
CA GLU B 419 13.66 6.79 32.61
C GLU B 419 13.02 5.41 32.67
N ALA B 420 13.15 4.63 31.59
CA ALA B 420 12.57 3.29 31.57
C ALA B 420 13.30 2.36 32.51
N LEU B 421 14.62 2.47 32.58
CA LEU B 421 15.42 1.63 33.47
C LEU B 421 15.28 2.02 34.93
N ALA B 422 14.65 3.14 35.24
CA ALA B 422 14.28 3.49 36.60
C ALA B 422 12.82 3.19 36.91
N THR B 423 12.03 2.79 35.92
CA THR B 423 10.61 2.51 36.13
C THR B 423 10.25 1.07 35.81
N GLY B 424 10.64 0.56 34.62
CA GLY B 424 10.19 -0.73 34.18
C GLY B 424 11.11 -1.87 34.56
N CYS B 425 10.58 -3.09 34.46
CA CYS B 425 11.31 -4.30 34.74
C CYS B 425 11.73 -4.99 33.46
N TYR B 426 12.76 -5.83 33.57
CA TYR B 426 13.28 -6.57 32.42
C TYR B 426 13.92 -7.86 32.91
N SER B 427 14.28 -8.71 31.95
CA SER B 427 14.66 -10.09 32.27
C SER B 427 16.01 -10.16 32.98
N SER B 428 17.02 -9.47 32.45
CA SER B 428 18.36 -9.55 33.00
C SER B 428 19.09 -8.24 32.73
N LEU B 429 20.16 -8.02 33.48
CA LEU B 429 20.93 -6.79 33.41
C LEU B 429 22.40 -7.14 33.26
N THR B 430 23.08 -6.51 32.30
CA THR B 430 24.50 -6.72 32.07
C THR B 430 25.22 -5.38 32.13
N VAL B 431 26.24 -5.29 32.97
CA VAL B 431 27.00 -4.07 33.17
C VAL B 431 28.45 -4.32 32.80
N ASP B 432 28.94 -3.62 31.79
CA ASP B 432 30.35 -3.62 31.42
C ASP B 432 30.93 -2.26 31.78
N TRP B 433 31.91 -2.24 32.67
CA TRP B 433 32.49 -0.98 33.12
C TRP B 433 34.01 -1.00 33.01
N PHE B 434 34.57 0.13 32.58
CA PHE B 434 36.00 0.31 32.44
C PHE B 434 36.31 1.80 32.57
N ALA B 435 37.57 2.10 32.83
CA ALA B 435 38.01 3.49 32.98
C ALA B 435 38.51 4.03 31.65
N LEU B 436 37.98 5.17 31.24
CA LEU B 436 38.36 5.81 30.00
C LEU B 436 38.08 7.30 30.13
N PRO B 437 39.02 8.18 29.79
CA PRO B 437 38.79 9.60 29.94
C PRO B 437 37.82 10.15 28.91
N PHE B 438 37.29 11.34 29.19
CA PHE B 438 36.31 11.96 28.31
C PHE B 438 36.94 12.51 27.04
N SER B 439 38.26 12.69 27.00
CA SER B 439 38.90 13.25 25.82
C SER B 439 38.91 12.27 24.65
N MET B 440 38.58 11.02 24.97
CA MET B 440 38.59 9.93 23.98
C MET B 440 37.33 9.14 24.05
N LYS B 441 36.25 9.80 24.30
CA LYS B 441 34.94 9.14 24.29
C LYS B 441 34.38 9.01 22.89
N SER B 442 34.96 9.69 21.90
CA SER B 442 34.55 9.52 20.51
C SER B 442 35.03 8.19 19.92
N THR B 443 35.99 7.54 20.58
CA THR B 443 36.42 6.21 20.14
C THR B 443 35.34 5.17 20.38
N LEU B 444 34.53 5.36 21.41
CA LEU B 444 33.40 4.47 21.69
C LEU B 444 32.15 4.82 20.89
N ALA B 445 32.18 5.88 20.10
CA ALA B 445 31.05 6.22 19.26
C ALA B 445 30.95 5.24 18.10
N ILE B 446 29.73 5.08 17.58
CA ILE B 446 29.50 4.07 16.54
C ILE B 446 30.12 4.52 15.23
N GLY B 447 30.70 3.56 14.51
CA GLY B 447 31.37 3.83 13.25
C GLY B 447 32.81 4.30 13.38
N SER B 448 33.34 4.41 14.58
CA SER B 448 34.68 4.95 14.78
C SER B 448 35.75 4.00 14.24
N ALA B 449 36.82 4.57 13.70
CA ALA B 449 37.91 3.81 13.10
C ALA B 449 39.10 3.67 14.03
N GLU B 450 38.97 4.07 15.28
CA GLU B 450 40.05 3.94 16.24
C GLU B 450 40.24 2.49 16.66
N ALA B 451 41.41 2.21 17.25
CA ALA B 451 41.76 0.86 17.67
C ALA B 451 40.96 0.38 18.87
N ILE B 452 40.30 1.29 19.60
CA ILE B 452 39.52 0.94 20.77
C ILE B 452 38.37 0.01 20.38
N SER B 453 37.63 0.37 19.34
CA SER B 453 36.45 -0.41 18.95
C SER B 453 36.84 -1.76 18.37
N MET B 454 37.91 -1.83 17.60
CA MET B 454 38.26 -3.06 16.91
C MET B 454 39.23 -3.95 17.67
N PHE B 455 39.74 -3.52 18.82
CA PHE B 455 40.59 -4.41 19.61
C PHE B 455 40.24 -4.49 21.09
N ASN B 456 39.55 -3.50 21.65
CA ASN B 456 39.36 -3.42 23.10
C ASN B 456 37.92 -3.62 23.52
N TYR B 457 36.99 -2.86 22.96
CA TYR B 457 35.58 -2.97 23.31
C TYR B 457 34.74 -2.74 22.07
N ASN B 458 34.07 -3.80 21.59
CA ASN B 458 33.16 -3.71 20.46
C ASN B 458 31.75 -3.90 20.99
N GLN B 459 30.97 -2.83 21.02
CA GLN B 459 29.65 -2.85 21.64
C GLN B 459 28.65 -3.57 20.73
N ASP B 460 27.72 -4.26 21.36
CA ASP B 460 26.73 -5.02 20.63
C ASP B 460 25.45 -4.29 20.65
N TYR B 461 24.82 -4.17 19.51
CA TYR B 461 23.60 -3.39 19.39
C TYR B 461 22.38 -4.25 19.02
N SER B 462 22.41 -5.53 19.30
CA SER B 462 21.32 -6.36 18.94
C SER B 462 20.30 -6.31 20.02
N ASN B 463 20.66 -5.81 21.18
CA ASN B 463 19.78 -5.76 22.31
C ASN B 463 19.97 -4.37 22.86
N PRO B 464 18.99 -3.83 23.55
CA PRO B 464 19.00 -2.45 24.04
C PRO B 464 20.22 -2.06 24.88
N THR B 465 20.83 -0.89 24.72
CA THR B 465 22.05 -0.58 25.45
C THR B 465 22.05 0.89 25.84
N CYS B 466 22.83 1.20 26.88
CA CYS B 466 23.13 2.57 27.28
C CYS B 466 24.60 2.67 27.64
N ARG B 467 25.33 3.54 26.96
CA ARG B 467 26.72 3.80 27.25
C ARG B 467 26.81 5.09 28.06
N ILE B 468 27.28 4.98 29.31
CA ILE B 468 27.24 6.06 30.28
C ILE B 468 28.66 6.49 30.59
N HIS B 469 28.99 7.74 30.29
CA HIS B 469 30.27 8.33 30.67
C HIS B 469 30.07 9.16 31.92
N ALA B 470 30.52 8.64 33.06
CA ALA B 470 30.37 9.29 34.35
C ALA B 470 31.73 9.49 34.99
N ALA B 471 31.75 10.33 36.03
CA ALA B 471 32.98 10.67 36.73
C ALA B 471 32.76 10.50 38.22
N VAL B 472 33.55 9.64 38.85
CA VAL B 472 33.55 9.50 40.30
C VAL B 472 34.50 10.54 40.86
N THR B 473 33.96 11.44 41.68
CA THR B 473 34.76 12.55 42.20
C THR B 473 35.74 12.05 43.28
N ALA B 474 36.69 12.93 43.61
CA ALA B 474 37.74 12.57 44.56
C ALA B 474 37.18 12.32 45.96
N ASN B 475 36.21 13.13 46.39
CA ASN B 475 35.62 12.94 47.71
C ASN B 475 34.85 11.62 47.79
N VAL B 476 34.10 11.27 46.74
CA VAL B 476 33.44 9.98 46.69
C VAL B 476 34.46 8.86 46.58
N SER B 477 35.56 9.09 45.85
CA SER B 477 36.60 8.07 45.71
C SER B 477 37.25 7.75 47.05
N THR B 478 37.47 8.77 47.88
CA THR B 478 38.01 8.50 49.21
C THR B 478 36.95 7.99 50.19
N ALA B 479 35.68 8.38 49.99
CA ALA B 479 34.61 7.83 50.82
C ALA B 479 34.47 6.33 50.61
N LEU B 480 34.55 5.88 49.37
CA LEU B 480 34.61 4.47 49.04
C LEU B 480 36.08 4.05 49.01
N ASN B 481 36.37 2.85 48.51
CA ASN B 481 37.75 2.43 48.27
C ASN B 481 38.10 2.48 46.80
N PHE B 482 37.34 3.23 46.01
CA PHE B 482 37.55 3.31 44.56
C PHE B 482 38.83 4.08 44.24
N THR B 483 39.73 3.43 43.50
CA THR B 483 41.00 4.03 43.09
C THR B 483 41.19 3.82 41.59
N ALA B 484 42.24 4.43 41.05
CA ALA B 484 42.61 4.25 39.65
C ALA B 484 44.13 4.16 39.51
N ASN B 485 44.76 3.36 40.37
CA ASN B 485 46.21 3.30 40.46
C ASN B 485 46.85 2.31 39.50
N ALA B 486 46.07 1.64 38.65
CA ALA B 486 46.63 0.69 37.70
C ALA B 486 47.33 1.41 36.55
N ASN B 487 48.09 0.65 35.78
CA ASN B 487 48.75 1.16 34.58
C ASN B 487 47.79 0.97 33.40
N TYR B 488 47.19 2.06 32.96
CA TYR B 488 46.09 2.01 32.01
C TYR B 488 46.63 2.13 30.59
N ALA B 489 46.32 1.13 29.76
CA ALA B 489 46.71 1.14 28.36
C ALA B 489 45.75 0.27 27.58
N TYR B 490 45.60 0.57 26.29
CA TYR B 490 44.74 -0.22 25.42
C TYR B 490 45.57 -0.94 24.38
N ILE B 491 44.89 -1.70 23.53
CA ILE B 491 45.53 -2.53 22.51
C ILE B 491 45.36 -1.84 21.17
N SER B 492 46.48 -1.39 20.60
CA SER B 492 46.45 -0.77 19.28
C SER B 492 46.75 -1.76 18.16
N ARG B 493 47.10 -3.00 18.48
CA ARG B 493 47.44 -4.00 17.48
C ARG B 493 47.33 -5.38 18.12
N CYS B 494 46.59 -6.27 17.47
CA CYS B 494 46.43 -7.65 17.92
C CYS B 494 46.48 -8.50 16.65
N GLN B 495 47.69 -8.91 16.27
CA GLN B 495 47.98 -9.47 14.96
C GLN B 495 48.70 -10.80 15.11
N GLY B 496 48.31 -11.78 14.30
CA GLY B 496 48.90 -13.10 14.34
C GLY B 496 50.21 -13.17 13.56
N VAL B 497 50.79 -14.34 13.33
CA VAL B 497 52.01 -14.37 12.49
C VAL B 497 51.68 -14.27 11.03
N ASP B 498 50.42 -14.47 10.66
CA ASP B 498 49.94 -14.27 9.31
C ASP B 498 50.10 -12.82 9.02
N GLY B 499 49.90 -11.97 10.01
CA GLY B 499 49.87 -10.55 9.80
C GLY B 499 48.49 -10.01 9.58
N LYS B 500 47.48 -10.86 9.65
CA LYS B 500 46.12 -10.38 9.53
C LYS B 500 45.64 -10.01 10.90
N PRO B 501 45.15 -8.78 11.05
CA PRO B 501 44.58 -8.38 12.35
C PRO B 501 43.46 -9.28 12.80
N ILE B 502 43.39 -9.48 14.11
CA ILE B 502 42.34 -10.29 14.75
C ILE B 502 41.38 -9.32 15.40
N LEU B 503 40.25 -9.07 14.73
CA LEU B 503 39.29 -8.10 15.24
C LEU B 503 38.44 -8.72 16.35
N LEU B 504 37.84 -7.85 17.16
CA LEU B 504 37.03 -8.25 18.29
C LEU B 504 35.57 -8.30 17.86
N GLN B 505 34.93 -9.44 18.06
CA GLN B 505 33.52 -9.57 17.72
C GLN B 505 32.66 -8.79 18.71
N PRO B 506 31.46 -8.35 18.29
CA PRO B 506 30.60 -7.60 19.21
C PRO B 506 30.16 -8.44 20.40
N GLY B 507 30.10 -7.78 21.57
CA GLY B 507 29.67 -8.43 22.78
C GLY B 507 30.56 -9.54 23.28
N GLN B 508 31.87 -9.43 23.08
CA GLN B 508 32.82 -10.41 23.55
C GLN B 508 33.97 -9.70 24.26
N MET B 509 34.54 -10.38 25.25
CA MET B 509 35.69 -9.84 25.94
C MET B 509 36.94 -9.99 25.06
N THR B 510 38.00 -9.29 25.45
CA THR B 510 39.21 -9.22 24.65
C THR B 510 39.88 -10.59 24.59
N ASN B 511 40.48 -10.90 23.43
CA ASN B 511 41.24 -12.14 23.26
C ASN B 511 42.37 -12.22 24.25
N ILE B 512 42.51 -13.38 24.90
CA ILE B 512 43.39 -13.50 26.07
C ILE B 512 44.86 -13.39 25.69
N ALA B 513 45.21 -13.79 24.47
CA ALA B 513 46.61 -13.69 24.03
C ALA B 513 47.05 -12.23 23.95
N CYS B 514 46.28 -11.41 23.22
CA CYS B 514 46.61 -10.00 23.08
C CYS B 514 46.41 -9.25 24.39
N ARG B 515 45.41 -9.64 25.18
CA ARG B 515 45.18 -9.04 26.49
C ARG B 515 46.37 -9.26 27.41
N SER B 516 46.83 -10.52 27.53
CA SER B 516 47.95 -10.84 28.41
C SER B 516 49.24 -10.22 27.90
N GLY B 517 49.43 -10.19 26.58
CA GLY B 517 50.63 -9.57 26.04
C GLY B 517 50.70 -8.08 26.26
N VAL B 518 49.55 -7.39 26.14
CA VAL B 518 49.52 -5.95 26.36
C VAL B 518 49.69 -5.63 27.84
N LEU B 519 48.98 -6.35 28.72
CA LEU B 519 49.09 -6.06 30.14
C LEU B 519 50.39 -6.56 30.75
N ALA B 520 51.14 -7.41 30.06
CA ALA B 520 52.44 -7.83 30.56
C ALA B 520 53.51 -6.76 30.36
N ARG B 521 53.47 -6.06 29.23
CA ARG B 521 54.48 -5.08 28.90
C ARG B 521 54.29 -3.81 29.74
N PRO B 522 55.33 -3.32 30.43
CA PRO B 522 55.17 -2.12 31.26
C PRO B 522 55.31 -0.81 30.50
N SER B 523 55.76 -0.82 29.25
CA SER B 523 56.00 0.41 28.51
C SER B 523 55.26 0.37 27.17
N ASP B 524 55.01 1.56 26.64
CA ASP B 524 54.27 1.67 25.39
C ASP B 524 55.12 1.23 24.20
N ALA B 525 54.50 0.48 23.29
CA ALA B 525 55.16 0.05 22.06
C ALA B 525 54.10 -0.24 21.02
N ASP B 526 54.26 0.32 19.82
CA ASP B 526 53.27 0.12 18.77
C ASP B 526 53.42 -1.28 18.15
N TYR B 527 54.64 -1.78 18.04
CA TYR B 527 54.90 -3.08 17.44
C TYR B 527 55.94 -3.81 18.28
N PHE B 528 55.54 -4.93 18.87
CA PHE B 528 56.48 -5.75 19.62
C PHE B 528 56.02 -7.20 19.58
N GLY B 529 56.98 -8.12 19.53
CA GLY B 529 56.65 -9.52 19.50
C GLY B 529 56.24 -10.06 20.85
N TYR B 530 55.45 -11.14 20.81
CA TYR B 530 54.96 -11.78 22.03
C TYR B 530 54.65 -13.24 21.72
N SER B 531 55.24 -14.14 22.48
CA SER B 531 55.01 -15.57 22.34
C SER B 531 54.02 -16.01 23.41
N PHE B 532 52.80 -16.34 23.00
CA PHE B 532 51.75 -16.76 23.92
C PHE B 532 51.56 -18.26 23.78
N GLN B 533 52.18 -19.02 24.71
CA GLN B 533 51.96 -20.46 24.88
C GLN B 533 52.21 -21.24 23.60
N GLY B 534 53.27 -20.88 22.88
CA GLY B 534 53.69 -21.59 21.69
C GLY B 534 53.37 -20.90 20.39
N ARG B 535 52.61 -19.81 20.42
CA ARG B 535 52.26 -19.07 19.20
C ARG B 535 52.71 -17.62 19.34
N ASN B 536 53.33 -17.11 18.27
CA ASN B 536 53.86 -15.75 18.26
C ASN B 536 52.78 -14.75 17.89
N TYR B 537 52.81 -13.59 18.55
CA TYR B 537 51.90 -12.50 18.27
C TYR B 537 52.67 -11.19 18.20
N TYR B 538 52.28 -10.32 17.28
CA TYR B 538 52.80 -8.96 17.22
C TYR B 538 51.72 -8.02 17.72
N LEU B 539 52.04 -7.27 18.77
CA LEU B 539 51.04 -6.53 19.52
C LEU B 539 51.37 -5.04 19.56
N GLY B 540 50.43 -4.28 20.10
CA GLY B 540 50.62 -2.85 20.29
C GLY B 540 50.08 -2.37 21.63
N ARG B 541 50.78 -1.41 22.24
CA ARG B 541 50.40 -0.88 23.54
C ARG B 541 50.44 0.64 23.48
N LYS B 542 49.34 1.29 23.83
CA LYS B 542 49.26 2.74 23.93
C LYS B 542 48.58 3.11 25.23
N SER B 543 49.20 3.98 26.00
CA SER B 543 48.73 4.29 27.34
C SER B 543 47.78 5.48 27.35
N TYR B 544 47.10 5.64 28.49
CA TYR B 544 46.22 6.77 28.72
C TYR B 544 46.09 6.96 30.23
N LYS B 545 45.48 8.07 30.61
CA LYS B 545 45.24 8.32 32.03
C LYS B 545 43.83 8.82 32.28
N PRO B 546 42.99 8.05 32.97
CA PRO B 546 41.62 8.49 33.25
C PRO B 546 41.50 9.47 34.40
N LYS B 547 42.47 9.50 35.32
CA LYS B 547 42.41 10.44 36.43
C LYS B 547 42.67 11.87 35.95
N THR B 548 42.03 12.82 36.61
CA THR B 548 42.16 14.24 36.29
C THR B 548 43.04 14.93 37.33
N ASP B 549 43.17 16.25 37.18
CA ASP B 549 43.94 17.02 38.14
C ASP B 549 43.23 17.10 39.49
N GLU B 550 41.90 17.14 39.50
CA GLU B 550 41.14 17.15 40.73
C GLU B 550 41.15 15.79 41.44
N GLY B 551 41.62 14.74 40.78
CA GLY B 551 41.53 13.40 41.31
C GLY B 551 40.30 12.63 40.89
N ASP B 552 39.51 13.17 39.96
CA ASP B 552 38.29 12.50 39.53
C ASP B 552 38.63 11.34 38.60
N VAL B 553 38.06 10.18 38.89
CA VAL B 553 38.22 9.01 38.02
C VAL B 553 37.06 9.01 37.03
N GLN B 554 37.38 9.06 35.75
CA GLN B 554 36.38 9.13 34.69
C GLN B 554 36.09 7.72 34.18
N MET B 555 34.82 7.35 34.22
CA MET B 555 34.39 5.97 34.02
C MET B 555 33.46 5.88 32.82
N VAL B 556 33.36 4.68 32.26
CA VAL B 556 32.39 4.36 31.22
C VAL B 556 31.61 3.13 31.66
N TYR B 557 30.28 3.24 31.68
CA TYR B 557 29.40 2.15 32.06
C TYR B 557 28.52 1.80 30.87
N VAL B 558 28.57 0.55 30.44
CA VAL B 558 27.72 0.05 29.36
C VAL B 558 26.65 -0.83 30.00
N ILE B 559 25.40 -0.39 29.92
CA ILE B 559 24.25 -1.06 30.53
C ILE B 559 23.42 -1.72 29.43
N THR B 560 23.14 -3.00 29.58
CA THR B 560 22.39 -3.78 28.58
C THR B 560 21.17 -4.40 29.23
N PRO B 561 20.04 -3.69 29.29
CA PRO B 561 18.80 -4.31 29.78
C PRO B 561 18.22 -5.23 28.72
N LYS B 562 17.91 -6.45 29.11
CA LYS B 562 17.44 -7.47 28.19
C LYS B 562 15.96 -7.71 28.45
N TYR B 563 15.12 -7.47 27.43
CA TYR B 563 13.68 -7.65 27.52
C TYR B 563 13.33 -8.93 26.78
N ASP B 564 13.10 -10.00 27.53
CA ASP B 564 12.72 -11.28 26.96
C ASP B 564 11.33 -11.66 27.43
N LYS B 565 10.78 -12.71 26.82
CA LYS B 565 9.50 -13.23 27.23
C LYS B 565 9.60 -13.92 28.58
N GLY B 566 8.51 -13.89 29.34
CA GLY B 566 8.48 -14.52 30.63
C GLY B 566 8.60 -13.53 31.76
N PRO B 567 9.03 -14.00 32.94
CA PRO B 567 9.17 -13.10 34.08
C PRO B 567 10.25 -12.05 33.86
N ASP B 568 10.00 -10.86 34.40
CA ASP B 568 10.94 -9.76 34.38
C ASP B 568 11.42 -9.56 35.81
N THR B 569 12.50 -10.25 36.16
CA THR B 569 12.93 -10.39 37.55
C THR B 569 13.95 -9.35 37.97
N VAL B 570 14.33 -8.41 37.11
CA VAL B 570 15.17 -7.30 37.49
C VAL B 570 14.30 -6.05 37.48
N CYS B 571 14.02 -5.52 38.67
CA CYS B 571 13.13 -4.39 38.82
C CYS B 571 13.79 -3.30 39.65
N PRO B 572 13.51 -2.04 39.34
CA PRO B 572 13.96 -0.96 40.23
C PRO B 572 13.13 -0.95 41.51
N LEU B 573 13.75 -0.39 42.56
CA LEU B 573 13.10 -0.33 43.86
C LEU B 573 12.00 0.74 43.85
N LYS B 574 10.78 0.34 43.57
CA LYS B 574 9.64 1.24 43.50
C LYS B 574 8.86 1.24 44.80
N ASP B 575 8.11 2.31 45.03
CA ASP B 575 7.30 2.46 46.23
C ASP B 575 5.83 2.17 45.95
N LEU B 586 -11.63 -10.54 42.23
CA LEU B 586 -11.26 -9.92 40.97
C LEU B 586 -11.16 -10.95 39.85
N LEU B 587 -12.19 -11.78 39.71
CA LEU B 587 -12.24 -12.81 38.69
C LEU B 587 -13.27 -12.43 37.63
N GLY B 588 -12.87 -12.52 36.37
CA GLY B 588 -13.75 -12.18 35.27
C GLY B 588 -13.83 -10.71 34.95
N GLN B 589 -12.92 -9.89 35.48
CA GLN B 589 -12.95 -8.46 35.28
C GLN B 589 -11.65 -8.00 34.65
N CYS B 590 -11.74 -6.98 33.79
CA CYS B 590 -10.55 -6.34 33.24
C CYS B 590 -9.85 -5.57 34.36
N ILE B 591 -8.73 -6.18 34.78
CA ILE B 591 -7.99 -5.61 35.85
C ILE B 591 -6.58 -5.44 35.46
N ASP B 592 -5.92 -4.40 35.96
CA ASP B 592 -4.48 -4.22 35.78
C ASP B 592 -3.60 -5.19 36.57
N TYR B 593 -2.47 -5.66 36.03
CA TYR B 593 -1.64 -6.62 36.71
C TYR B 593 -0.15 -6.37 36.69
N ASP B 594 0.60 -7.07 37.53
CA ASP B 594 2.08 -6.97 37.50
C ASP B 594 2.73 -8.25 38.09
N ILE B 595 2.38 -9.40 37.53
CA ILE B 595 2.71 -10.73 38.10
C ILE B 595 4.19 -10.87 38.43
N HIS B 596 5.06 -10.73 37.44
CA HIS B 596 6.50 -10.85 37.66
C HIS B 596 7.18 -9.70 36.95
N GLY B 597 6.64 -8.49 37.13
CA GLY B 597 7.09 -7.34 36.40
C GLY B 597 6.46 -7.18 35.04
N VAL B 598 5.54 -8.06 34.65
CA VAL B 598 4.83 -7.96 33.38
C VAL B 598 3.54 -7.19 33.64
N VAL B 599 3.44 -6.00 33.07
CA VAL B 599 2.34 -5.07 33.35
C VAL B 599 1.42 -5.04 32.14
N GLY B 600 0.12 -5.12 32.41
CA GLY B 600 -0.86 -5.06 31.35
C GLY B 600 -2.26 -5.27 31.91
N ARG B 601 -3.21 -5.54 31.03
CA ARG B 601 -4.60 -5.74 31.42
C ARG B 601 -5.15 -6.99 30.77
N GLY B 602 -6.15 -7.57 31.44
CA GLY B 602 -6.73 -8.81 30.95
C GLY B 602 -7.78 -9.32 31.91
N VAL B 603 -8.29 -10.51 31.60
CA VAL B 603 -9.35 -11.15 32.37
C VAL B 603 -8.81 -12.43 32.98
N PHE B 604 -8.97 -12.58 34.28
CA PHE B 604 -8.42 -13.69 35.04
C PHE B 604 -9.52 -14.70 35.35
N GLN B 605 -9.21 -15.99 35.17
CA GLN B 605 -10.16 -17.07 35.44
C GLN B 605 -9.46 -18.16 36.24
N VAL B 606 -10.20 -18.79 37.15
CA VAL B 606 -9.74 -20.05 37.72
C VAL B 606 -9.85 -21.12 36.64
N CYS B 607 -8.73 -21.75 36.33
CA CYS B 607 -8.60 -22.45 35.06
C CYS B 607 -7.82 -23.74 35.27
N ASN B 608 -8.06 -24.71 34.39
CA ASN B 608 -7.36 -25.99 34.47
C ASN B 608 -5.91 -25.81 34.04
N THR B 609 -5.00 -26.51 34.73
CA THR B 609 -3.58 -26.30 34.51
C THR B 609 -3.12 -26.83 33.16
N THR B 610 -2.25 -26.06 32.52
CA THR B 610 -1.64 -26.43 31.24
C THR B 610 -0.16 -26.08 31.29
N GLY B 611 0.63 -26.79 30.49
CA GLY B 611 2.04 -26.48 30.41
C GLY B 611 2.82 -26.93 31.64
N ILE B 612 4.01 -26.38 31.76
CA ILE B 612 4.93 -26.73 32.84
C ILE B 612 4.81 -25.70 33.95
N ALA B 613 4.64 -26.17 35.18
CA ALA B 613 4.51 -25.28 36.33
C ALA B 613 5.79 -24.52 36.64
N SER B 614 6.96 -25.04 36.21
CA SER B 614 8.21 -24.34 36.47
C SER B 614 8.30 -23.05 35.66
N GLN B 615 7.97 -23.12 34.37
CA GLN B 615 7.90 -21.92 33.55
C GLN B 615 6.62 -21.18 33.90
N ILE B 616 6.75 -19.96 34.39
CA ILE B 616 5.62 -19.28 35.02
C ILE B 616 4.56 -18.91 33.99
N PHE B 617 4.96 -18.31 32.88
CA PHE B 617 4.04 -17.74 31.91
C PHE B 617 3.81 -18.69 30.74
N VAL B 618 2.55 -18.87 30.37
CA VAL B 618 2.16 -19.64 29.20
C VAL B 618 1.86 -18.68 28.06
N TYR B 619 2.48 -18.91 26.91
CA TYR B 619 2.37 -18.03 25.76
C TYR B 619 1.61 -18.70 24.63
N ASP B 620 1.11 -17.88 23.72
CA ASP B 620 0.49 -18.32 22.49
C ASP B 620 1.53 -18.23 21.37
N GLY B 621 1.09 -18.43 20.13
CA GLY B 621 2.00 -18.34 19.00
C GLY B 621 2.31 -16.94 18.53
N PHE B 622 1.73 -15.91 19.15
CA PHE B 622 1.94 -14.53 18.76
C PHE B 622 2.62 -13.71 19.85
N GLY B 623 3.24 -14.37 20.82
CA GLY B 623 3.86 -13.65 21.92
C GLY B 623 2.88 -13.05 22.90
N ASN B 624 1.73 -13.68 23.10
CA ASN B 624 0.71 -13.20 24.02
C ASN B 624 0.59 -14.17 25.18
N ILE B 625 0.60 -13.63 26.39
CA ILE B 625 0.45 -14.45 27.59
C ILE B 625 -1.01 -14.89 27.72
N ILE B 626 -1.24 -16.19 27.64
CA ILE B 626 -2.58 -16.75 27.74
C ILE B 626 -2.80 -17.43 29.08
N GLY B 627 -1.92 -17.21 30.04
CA GLY B 627 -2.08 -17.81 31.35
C GLY B 627 -0.77 -17.80 32.12
N PHE B 628 -0.87 -18.08 33.41
CA PHE B 628 0.30 -18.10 34.27
C PHE B 628 0.06 -19.02 35.45
N HIS B 629 1.15 -19.54 35.99
CA HIS B 629 1.14 -20.28 37.24
C HIS B 629 1.60 -19.38 38.37
N SER B 630 1.03 -19.59 39.56
CA SER B 630 1.39 -18.76 40.70
C SER B 630 1.81 -19.63 41.88
N LYS B 631 2.04 -19.00 43.03
CA LYS B 631 2.28 -19.74 44.24
C LYS B 631 0.98 -20.41 44.72
N ASN B 632 1.14 -21.34 45.66
CA ASN B 632 0.08 -22.21 46.19
C ASN B 632 -0.51 -23.13 45.12
N GLY B 633 0.18 -23.30 43.99
CA GLY B 633 -0.14 -24.33 43.02
C GLY B 633 -1.35 -24.08 42.16
N THR B 634 -1.97 -22.91 42.22
CA THR B 634 -3.14 -22.63 41.42
C THR B 634 -2.75 -22.02 40.07
N TYR B 635 -3.57 -22.30 39.06
CA TYR B 635 -3.32 -21.86 37.69
C TYR B 635 -4.45 -20.97 37.23
N TYR B 636 -4.10 -19.85 36.61
CA TYR B 636 -5.06 -18.94 35.99
C TYR B 636 -4.71 -18.79 34.52
N CYS B 637 -5.69 -18.96 33.65
CA CYS B 637 -5.51 -18.71 32.23
C CYS B 637 -6.12 -17.35 31.87
N MET B 638 -5.39 -16.59 31.07
CA MET B 638 -5.66 -15.18 30.84
C MET B 638 -6.24 -14.96 29.44
N ALA B 639 -6.84 -13.78 29.27
CA ALA B 639 -7.36 -13.31 28.00
C ALA B 639 -7.51 -11.81 28.11
N PRO B 640 -7.19 -11.04 27.08
CA PRO B 640 -7.41 -9.59 27.13
C PRO B 640 -8.88 -9.27 27.30
N CYS B 641 -9.16 -8.19 28.03
CA CYS B 641 -10.55 -7.79 28.25
C CYS B 641 -11.14 -7.25 26.96
N VAL B 642 -12.15 -7.95 26.46
CA VAL B 642 -12.73 -7.70 25.14
C VAL B 642 -13.76 -6.58 25.21
N SER B 643 -14.18 -6.08 24.06
CA SER B 643 -15.01 -4.89 23.97
C SER B 643 -16.37 -5.24 23.36
N VAL B 644 -17.39 -4.51 23.80
CA VAL B 644 -18.75 -4.71 23.32
C VAL B 644 -18.92 -4.07 21.94
N PRO B 645 -19.35 -4.81 20.92
CA PRO B 645 -19.65 -4.20 19.62
C PRO B 645 -21.00 -3.50 19.66
N VAL B 646 -21.03 -2.25 19.21
CA VAL B 646 -22.21 -1.40 19.30
C VAL B 646 -22.62 -0.97 17.90
N SER B 647 -23.90 -1.15 17.58
CA SER B 647 -24.49 -0.68 16.35
C SER B 647 -25.60 0.31 16.67
N VAL B 648 -25.78 1.30 15.78
CA VAL B 648 -26.76 2.36 15.97
C VAL B 648 -27.78 2.27 14.84
N ILE B 649 -29.06 2.25 15.19
CA ILE B 649 -30.15 2.31 14.24
C ILE B 649 -30.73 3.71 14.26
N TYR B 650 -30.68 4.40 13.13
CA TYR B 650 -31.16 5.78 13.04
C TYR B 650 -32.11 5.90 11.87
N ASP B 651 -33.17 6.69 12.05
CA ASP B 651 -34.11 7.00 10.98
C ASP B 651 -34.21 8.51 10.82
N LYS B 652 -34.07 8.99 9.60
CA LYS B 652 -34.04 10.43 9.35
C LYS B 652 -35.41 11.07 9.45
N SER B 653 -36.47 10.34 9.10
CA SER B 653 -37.81 10.92 9.07
C SER B 653 -38.32 11.23 10.47
N SER B 654 -38.14 10.30 11.42
CA SER B 654 -38.61 10.50 12.78
C SER B 654 -37.56 11.10 13.70
N ASP B 655 -36.29 11.15 13.27
CA ASP B 655 -35.16 11.63 14.07
C ASP B 655 -35.07 10.88 15.40
N VAL B 656 -35.20 9.56 15.32
CA VAL B 656 -35.17 8.67 16.48
C VAL B 656 -34.03 7.69 16.29
N HIS B 657 -33.19 7.54 17.30
CA HIS B 657 -32.05 6.63 17.23
C HIS B 657 -32.20 5.52 18.26
N ALA B 658 -31.78 4.32 17.87
CA ALA B 658 -31.74 3.16 18.75
C ALA B 658 -30.34 2.55 18.72
N THR B 659 -30.01 1.78 19.73
CA THR B 659 -28.65 1.27 19.92
C THR B 659 -28.68 -0.25 20.02
N LEU B 660 -28.06 -0.91 19.05
CA LEU B 660 -27.93 -2.37 19.05
C LEU B 660 -26.56 -2.75 19.56
N TYR B 661 -26.52 -3.57 20.61
CA TYR B 661 -25.29 -4.16 21.10
C TYR B 661 -25.20 -5.57 20.52
N SER B 662 -24.32 -5.73 19.53
CA SER B 662 -24.38 -6.90 18.66
C SER B 662 -23.88 -8.15 19.37
N SER B 663 -24.71 -9.20 19.34
CA SER B 663 -24.36 -10.57 19.76
C SER B 663 -23.90 -10.63 21.21
N VAL B 664 -24.43 -9.77 22.07
CA VAL B 664 -24.11 -9.77 23.49
C VAL B 664 -25.34 -10.30 24.21
N GLU B 665 -25.12 -11.12 25.23
CA GLU B 665 -26.21 -11.42 26.15
C GLU B 665 -26.39 -10.26 27.12
N CYS B 666 -27.64 -9.82 27.29
CA CYS B 666 -27.93 -8.61 28.07
C CYS B 666 -27.56 -8.73 29.54
N ASN B 667 -27.28 -9.89 30.06
CA ASN B 667 -26.85 -9.93 31.45
C ASN B 667 -25.55 -9.24 31.56
N HIS B 668 -24.69 -9.52 30.61
CA HIS B 668 -23.34 -9.00 30.66
C HIS B 668 -23.24 -7.52 30.44
N ILE B 669 -24.30 -6.86 30.03
CA ILE B 669 -24.13 -5.45 29.78
C ILE B 669 -23.77 -4.78 31.08
N LYS B 670 -24.41 -5.19 32.18
CA LYS B 670 -24.19 -4.55 33.48
C LYS B 670 -22.74 -4.42 33.89
N SER B 671 -21.98 -5.49 33.77
CA SER B 671 -20.58 -5.51 34.23
C SER B 671 -19.74 -4.46 33.51
N VAL B 672 -20.07 -4.13 32.27
CA VAL B 672 -19.32 -3.14 31.51
C VAL B 672 -20.22 -1.92 31.26
N ALA B 673 -21.18 -1.69 32.16
CA ALA B 673 -22.14 -0.60 32.00
C ALA B 673 -21.52 0.78 32.15
N THR B 674 -20.29 0.88 32.62
CA THR B 674 -19.64 2.17 32.82
C THR B 674 -18.65 2.52 31.70
N VAL B 675 -18.67 1.78 30.60
CA VAL B 675 -17.70 1.99 29.52
C VAL B 675 -18.33 2.65 28.30
N PHE B 676 -19.65 2.75 28.23
CA PHE B 676 -20.33 3.36 27.10
C PHE B 676 -20.37 4.87 27.26
N SER B 677 -21.20 5.52 26.45
CA SER B 677 -21.32 6.98 26.47
C SER B 677 -22.00 7.44 27.75
N ARG B 678 -22.09 8.77 27.91
CA ARG B 678 -22.58 9.36 29.15
C ARG B 678 -24.10 9.46 29.22
N GLN B 679 -24.81 8.80 28.31
CA GLN B 679 -26.27 8.69 28.40
C GLN B 679 -26.73 7.31 28.82
N THR B 680 -26.10 6.26 28.29
CA THR B 680 -26.44 4.89 28.66
C THR B 680 -25.99 4.59 30.09
N ASN B 689 -32.51 -0.67 31.81
CA ASN B 689 -33.15 0.26 30.87
C ASN B 689 -34.24 -0.44 30.06
N GLY B 690 -34.31 -0.10 28.78
CA GLY B 690 -35.24 -0.73 27.86
C GLY B 690 -34.73 -2.08 27.40
N LEU B 691 -34.85 -3.07 28.27
CA LEU B 691 -34.17 -4.34 28.11
C LEU B 691 -35.00 -5.30 27.27
N LEU B 692 -34.37 -5.89 26.24
CA LEU B 692 -35.10 -6.76 25.32
C LEU B 692 -34.12 -7.65 24.58
N GLN B 693 -34.31 -8.96 24.68
CA GLN B 693 -33.49 -9.93 23.98
C GLN B 693 -33.91 -10.07 22.52
N THR B 694 -32.92 -10.23 21.63
CA THR B 694 -33.16 -10.31 20.20
C THR B 694 -32.18 -11.33 19.62
N ALA B 695 -32.55 -11.91 18.47
CA ALA B 695 -31.75 -12.97 17.87
C ALA B 695 -30.43 -12.46 17.27
N VAL B 696 -30.32 -11.18 17.00
CA VAL B 696 -29.09 -10.60 16.48
C VAL B 696 -28.30 -9.90 17.57
N GLY B 697 -28.52 -10.29 18.82
CA GLY B 697 -27.94 -9.57 19.94
C GLY B 697 -28.98 -8.65 20.55
N CYS B 698 -29.04 -8.61 21.87
CA CYS B 698 -30.06 -7.84 22.56
C CYS B 698 -29.82 -6.34 22.41
N VAL B 699 -30.90 -5.57 22.45
CA VAL B 699 -30.90 -4.18 21.99
C VAL B 699 -31.64 -3.30 23.00
N ILE B 700 -31.30 -2.01 23.01
CA ILE B 700 -31.97 -1.01 23.83
C ILE B 700 -32.73 -0.06 22.92
N GLY B 701 -33.81 0.56 23.39
CA GLY B 701 -34.63 1.46 22.57
C GLY B 701 -35.71 0.90 21.67
N PHE B 702 -36.02 -0.39 21.77
CA PHE B 702 -37.00 -1.05 20.90
C PHE B 702 -38.15 -1.73 21.62
N ARG B 703 -39.40 -1.58 21.17
CA ARG B 703 -40.53 -2.34 21.74
C ARG B 703 -40.82 -3.68 21.02
N ASN B 704 -41.06 -4.81 21.71
CA ASN B 704 -41.23 -6.08 21.01
C ASN B 704 -42.65 -6.14 20.46
N THR B 705 -42.78 -6.31 19.16
CA THR B 705 -44.08 -6.43 18.50
C THR B 705 -44.09 -7.69 17.65
N SER B 706 -45.31 -8.18 17.38
CA SER B 706 -45.51 -9.37 16.57
C SER B 706 -45.84 -9.03 15.11
N ASP B 707 -45.83 -7.76 14.75
CA ASP B 707 -46.14 -7.37 13.38
C ASP B 707 -45.05 -7.84 12.42
N THR B 708 -45.47 -8.16 11.20
CA THR B 708 -44.55 -8.61 10.16
C THR B 708 -44.73 -7.72 8.94
N VAL B 709 -43.61 -7.23 8.40
CA VAL B 709 -43.60 -6.42 7.19
C VAL B 709 -42.62 -7.05 6.21
N GLU B 710 -43.05 -7.19 4.96
CA GLU B 710 -42.23 -7.89 3.97
C GLU B 710 -41.06 -7.05 3.47
N ASP B 711 -41.23 -5.73 3.38
CA ASP B 711 -40.20 -4.85 2.87
C ASP B 711 -39.91 -3.77 3.91
N CYS B 712 -38.69 -3.77 4.45
CA CYS B 712 -38.28 -2.80 5.44
C CYS B 712 -36.93 -2.21 5.05
N THR B 713 -36.70 -0.96 5.47
CA THR B 713 -35.48 -0.23 5.13
C THR B 713 -34.47 -0.21 6.26
N LEU B 714 -34.77 -0.83 7.41
CA LEU B 714 -33.86 -0.88 8.55
C LEU B 714 -33.70 -2.33 9.00
N PRO B 715 -32.94 -3.14 8.26
CA PRO B 715 -32.79 -4.55 8.65
C PRO B 715 -31.76 -4.72 9.75
N LEU B 716 -32.16 -5.40 10.82
CA LEU B 716 -31.28 -5.65 11.95
C LEU B 716 -30.47 -6.93 11.83
N GLY B 717 -30.72 -7.73 10.81
CA GLY B 717 -30.03 -8.99 10.67
C GLY B 717 -30.93 -10.12 10.24
N GLN B 718 -30.98 -11.20 11.03
CA GLN B 718 -31.67 -12.41 10.64
C GLN B 718 -33.19 -12.26 10.69
N SER B 719 -33.76 -11.83 9.56
CA SER B 719 -35.21 -11.69 9.38
C SER B 719 -35.83 -10.75 10.41
N LEU B 720 -35.13 -9.65 10.70
CA LEU B 720 -35.58 -8.67 11.68
C LEU B 720 -35.50 -7.28 11.06
N CYS B 721 -36.40 -6.41 11.50
CA CYS B 721 -36.48 -5.05 10.98
C CYS B 721 -36.67 -4.08 12.14
N ALA B 722 -36.74 -2.79 11.81
CA ALA B 722 -36.99 -1.73 12.79
C ALA B 722 -37.99 -0.78 12.17
N LYS B 723 -39.24 -0.87 12.62
CA LYS B 723 -40.30 -0.03 12.06
C LYS B 723 -40.16 1.39 12.57
N PRO B 724 -40.28 2.41 11.71
CA PRO B 724 -40.21 3.78 12.18
C PRO B 724 -41.33 4.09 13.15
N PRO B 725 -41.10 5.01 14.11
CA PRO B 725 -42.15 5.38 15.06
C PRO B 725 -43.35 6.08 14.43
N SER B 726 -43.09 7.06 13.57
CA SER B 726 -44.17 7.84 12.96
C SER B 726 -44.91 7.04 11.91
N ASN B 735 -45.15 7.04 18.44
CA ASN B 735 -44.37 7.17 19.66
C ASN B 735 -43.04 7.85 19.39
N ASN B 736 -42.07 7.59 20.26
CA ASN B 736 -40.71 8.13 20.11
C ASN B 736 -39.72 6.98 20.17
N THR B 737 -40.11 5.83 19.62
CA THR B 737 -39.26 4.65 19.62
C THR B 737 -39.68 3.72 18.50
N PHE B 738 -38.76 2.86 18.08
CA PHE B 738 -39.01 1.94 16.97
C PHE B 738 -39.91 0.78 17.41
N ALA B 739 -40.14 -0.15 16.49
CA ALA B 739 -40.85 -1.37 16.78
C ALA B 739 -40.09 -2.53 16.15
N LEU B 740 -39.92 -3.61 16.92
CA LEU B 740 -39.23 -4.80 16.42
C LEU B 740 -40.23 -5.63 15.61
N VAL B 741 -40.02 -5.70 14.30
CA VAL B 741 -40.92 -6.39 13.40
C VAL B 741 -40.13 -7.37 12.55
N HIS B 742 -40.74 -8.52 12.27
CA HIS B 742 -40.11 -9.57 11.50
C HIS B 742 -40.34 -9.39 10.00
N MET B 743 -39.46 -9.99 9.21
CA MET B 743 -39.66 -10.05 7.77
C MET B 743 -40.74 -11.07 7.45
N LEU B 744 -41.58 -10.75 6.47
CA LEU B 744 -42.74 -11.56 6.12
C LEU B 744 -42.43 -12.39 4.88
N PHE B 745 -42.61 -13.70 4.98
CA PHE B 745 -42.53 -14.59 3.83
C PHE B 745 -43.95 -14.81 3.30
N GLN B 746 -44.26 -14.20 2.16
CA GLN B 746 -45.59 -14.33 1.59
C GLN B 746 -45.76 -15.71 1.00
N ASN B 747 -46.72 -16.47 1.53
CA ASN B 747 -46.94 -17.83 1.08
C ASN B 747 -47.56 -17.82 -0.32
N PRO B 748 -47.04 -18.61 -1.25
CA PRO B 748 -47.68 -18.73 -2.56
C PRO B 748 -48.98 -19.50 -2.48
N LEU B 749 -49.83 -19.31 -3.50
CA LEU B 749 -51.12 -19.98 -3.55
C LEU B 749 -50.92 -21.48 -3.75
N LYS B 750 -51.57 -22.28 -2.93
CA LYS B 750 -51.40 -23.73 -2.98
C LYS B 750 -52.21 -24.33 -4.12
N VAL B 751 -51.59 -25.22 -4.87
CA VAL B 751 -52.25 -26.00 -5.91
C VAL B 751 -52.12 -27.47 -5.53
N SER B 752 -53.23 -28.19 -5.56
CA SER B 752 -53.30 -29.56 -5.09
C SER B 752 -53.15 -30.53 -6.26
N VAL B 753 -52.34 -31.55 -6.08
CA VAL B 753 -52.15 -32.58 -7.09
C VAL B 753 -53.32 -33.55 -7.04
N LEU B 754 -53.96 -33.76 -8.18
CA LEU B 754 -55.00 -34.77 -8.33
C LEU B 754 -54.35 -36.10 -8.69
N ASN B 755 -54.79 -37.17 -8.01
CA ASN B 755 -54.22 -38.50 -8.20
C ASN B 755 -54.87 -39.25 -9.36
N SER B 756 -55.50 -38.54 -10.29
CA SER B 756 -56.17 -39.12 -11.44
C SER B 756 -55.52 -38.61 -12.73
N THR B 757 -56.16 -38.92 -13.86
CA THR B 757 -55.66 -38.48 -15.15
C THR B 757 -55.89 -37.00 -15.40
N GLU B 758 -56.73 -36.35 -14.61
CA GLU B 758 -56.90 -34.90 -14.66
C GLU B 758 -55.88 -34.23 -13.74
N PHE B 759 -55.73 -32.92 -13.89
CA PHE B 759 -54.77 -32.20 -13.09
C PHE B 759 -55.23 -30.76 -12.91
N GLN B 760 -54.84 -30.17 -11.78
CA GLN B 760 -55.28 -28.82 -11.43
C GLN B 760 -54.41 -27.77 -12.11
N VAL B 761 -55.04 -26.69 -12.54
CA VAL B 761 -54.35 -25.53 -13.07
C VAL B 761 -54.89 -24.28 -12.39
N SER B 762 -54.03 -23.28 -12.22
CA SER B 762 -54.40 -21.98 -11.69
C SER B 762 -54.17 -20.95 -12.79
N ILE B 763 -55.24 -20.51 -13.42
CA ILE B 763 -55.19 -19.64 -14.59
C ILE B 763 -55.59 -18.23 -14.14
N PRO B 764 -54.87 -17.19 -14.56
CA PRO B 764 -55.26 -15.82 -14.19
C PRO B 764 -56.60 -15.41 -14.79
N GLN B 765 -57.31 -14.57 -14.04
CA GLN B 765 -58.55 -13.97 -14.53
C GLN B 765 -58.44 -12.47 -14.74
N ASN B 766 -57.47 -11.81 -14.12
CA ASN B 766 -57.22 -10.39 -14.30
C ASN B 766 -55.73 -10.15 -14.21
N PHE B 767 -55.30 -9.00 -14.71
CA PHE B 767 -53.88 -8.68 -14.72
C PHE B 767 -53.70 -7.17 -14.72
N SER B 768 -52.44 -6.74 -14.66
CA SER B 768 -52.08 -5.34 -14.80
C SER B 768 -50.68 -5.26 -15.39
N PHE B 769 -50.45 -4.23 -16.20
CA PHE B 769 -49.15 -4.03 -16.81
C PHE B 769 -48.17 -3.50 -15.77
N GLY B 770 -47.31 -4.39 -15.27
CA GLY B 770 -46.33 -4.01 -14.28
C GLY B 770 -45.05 -3.51 -14.94
N ILE B 771 -44.54 -2.40 -14.41
CA ILE B 771 -43.30 -1.79 -14.90
C ILE B 771 -42.19 -2.11 -13.92
N THR B 772 -41.13 -2.75 -14.43
CA THR B 772 -39.89 -2.89 -13.69
C THR B 772 -38.80 -2.13 -14.44
N GLU B 773 -37.89 -1.53 -13.68
CA GLU B 773 -36.85 -0.71 -14.25
C GLU B 773 -35.53 -0.99 -13.55
N GLU B 774 -34.48 -0.91 -14.38
CA GLU B 774 -33.15 -1.26 -13.94
C GLU B 774 -32.06 -0.43 -14.56
N PHE B 775 -31.02 -0.10 -13.79
CA PHE B 775 -29.95 0.72 -14.31
C PHE B 775 -28.68 -0.12 -14.45
N ILE B 776 -27.98 0.05 -15.56
CA ILE B 776 -26.73 -0.66 -15.81
C ILE B 776 -25.61 0.37 -15.98
N GLU B 777 -24.57 0.23 -15.16
CA GLU B 777 -23.46 1.18 -15.11
C GLU B 777 -22.40 0.70 -16.11
N THR B 778 -22.44 1.25 -17.32
CA THR B 778 -21.67 0.70 -18.42
C THR B 778 -20.30 1.35 -18.60
N SER B 779 -20.12 2.58 -18.15
CA SER B 779 -18.88 3.31 -18.36
C SER B 779 -18.40 3.93 -17.05
N ILE B 780 -17.10 4.00 -16.87
CA ILE B 780 -16.52 4.58 -15.68
C ILE B 780 -16.13 6.02 -15.95
N GLN B 781 -15.80 6.75 -14.89
CA GLN B 781 -15.32 8.12 -15.01
C GLN B 781 -13.85 8.09 -15.42
N LYS B 782 -13.54 8.69 -16.55
CA LYS B 782 -12.19 8.68 -17.10
C LYS B 782 -11.40 9.84 -16.51
N VAL B 783 -10.35 9.51 -15.74
CA VAL B 783 -9.57 10.50 -15.01
C VAL B 783 -8.11 10.32 -15.40
N THR B 784 -7.41 11.42 -15.67
CA THR B 784 -5.97 11.44 -15.86
C THR B 784 -5.35 12.31 -14.76
N VAL B 785 -4.29 11.80 -14.14
CA VAL B 785 -3.62 12.49 -13.04
C VAL B 785 -2.18 12.77 -13.44
N ASP B 786 -1.77 14.02 -13.32
CA ASP B 786 -0.36 14.39 -13.50
C ASP B 786 0.38 13.99 -12.23
N CYS B 787 1.22 12.96 -12.32
CA CYS B 787 1.80 12.35 -11.14
C CYS B 787 2.80 13.27 -10.45
N LYS B 788 3.65 13.95 -11.22
CA LYS B 788 4.66 14.82 -10.62
C LYS B 788 4.03 16.02 -9.95
N GLN B 789 3.02 16.63 -10.59
CA GLN B 789 2.31 17.75 -10.00
C GLN B 789 1.54 17.33 -8.76
N TYR B 790 0.93 16.15 -8.78
CA TYR B 790 0.19 15.67 -7.62
C TYR B 790 1.12 15.38 -6.44
N VAL B 791 2.24 14.72 -6.70
CA VAL B 791 3.11 14.30 -5.60
C VAL B 791 3.88 15.49 -5.04
N CYS B 792 4.45 16.34 -5.90
CA CYS B 792 5.43 17.31 -5.43
C CYS B 792 4.97 18.76 -5.50
N ASN B 793 3.86 19.06 -6.18
CA ASN B 793 3.29 20.41 -6.26
C ASN B 793 4.27 21.41 -6.88
N GLY B 794 5.14 20.94 -7.77
CA GLY B 794 6.03 21.83 -8.49
C GLY B 794 7.26 22.30 -7.73
N PHE B 795 7.65 21.60 -6.67
CA PHE B 795 8.85 21.95 -5.92
C PHE B 795 10.01 21.11 -6.43
N GLU B 796 11.13 21.78 -6.74
CA GLU B 796 12.25 21.13 -7.42
C GLU B 796 12.99 20.16 -6.50
N ARG B 797 13.09 20.51 -5.21
CA ARG B 797 13.71 19.61 -4.24
C ARG B 797 12.90 18.32 -4.09
N CYS B 798 11.58 18.44 -4.03
CA CYS B 798 10.73 17.26 -3.99
C CYS B 798 10.87 16.44 -5.27
N GLU B 799 11.00 17.10 -6.42
CA GLU B 799 11.13 16.36 -7.67
C GLU B 799 12.44 15.60 -7.75
N GLN B 800 13.53 16.20 -7.23
CA GLN B 800 14.79 15.47 -7.13
C GLN B 800 14.67 14.27 -6.20
N LEU B 801 14.00 14.45 -5.05
CA LEU B 801 13.81 13.33 -4.13
C LEU B 801 12.91 12.26 -4.72
N LEU B 802 11.96 12.64 -5.57
CA LEU B 802 11.07 11.68 -6.19
C LEU B 802 11.77 10.89 -7.30
N VAL B 803 12.59 11.56 -8.11
CA VAL B 803 13.31 10.83 -9.15
C VAL B 803 14.44 10.00 -8.56
N GLN B 804 14.92 10.33 -7.37
CA GLN B 804 15.83 9.42 -6.68
C GLN B 804 15.06 8.29 -5.99
N TYR B 805 13.79 8.55 -5.66
CA TYR B 805 12.97 7.57 -4.94
C TYR B 805 12.61 6.39 -5.84
N GLY B 806 12.16 6.66 -7.05
CA GLY B 806 11.74 5.60 -7.94
C GLY B 806 11.30 6.16 -9.28
N GLN B 807 10.60 5.33 -10.05
CA GLN B 807 10.10 5.69 -11.37
C GLN B 807 8.61 5.39 -11.47
N PHE B 808 7.85 5.88 -10.48
CA PHE B 808 6.45 5.54 -10.36
C PHE B 808 5.55 6.27 -11.34
N CYS B 809 5.91 7.51 -11.70
CA CYS B 809 4.97 8.38 -12.40
C CYS B 809 4.69 7.92 -13.82
N SER B 810 5.71 7.40 -14.52
CA SER B 810 5.50 6.89 -15.86
C SER B 810 4.58 5.68 -15.86
N LYS B 811 4.74 4.79 -14.89
CA LYS B 811 3.87 3.62 -14.79
C LYS B 811 2.45 4.02 -14.42
N ILE B 812 2.30 5.02 -13.54
CA ILE B 812 0.97 5.53 -13.19
C ILE B 812 0.27 6.10 -14.42
N ASN B 813 1.00 6.91 -15.20
CA ASN B 813 0.45 7.50 -16.41
C ASN B 813 0.09 6.44 -17.44
N GLN B 814 0.94 5.43 -17.60
CA GLN B 814 0.66 4.36 -18.55
C GLN B 814 -0.59 3.58 -18.17
N ALA B 815 -0.71 3.21 -16.90
CA ALA B 815 -1.89 2.45 -16.45
C ALA B 815 -3.16 3.28 -16.58
N LEU B 816 -3.10 4.55 -16.19
CA LEU B 816 -4.29 5.40 -16.23
C LEU B 816 -4.64 5.83 -17.64
N HIS B 817 -3.70 5.72 -18.59
CA HIS B 817 -4.01 5.96 -20.00
C HIS B 817 -4.59 4.72 -20.66
N GLY B 818 -4.08 3.55 -20.29
CA GLY B 818 -4.64 2.30 -20.80
C GLY B 818 -6.07 2.07 -20.34
N VAL B 819 -6.37 2.47 -19.10
CA VAL B 819 -7.75 2.36 -18.59
C VAL B 819 -8.70 3.19 -19.44
N ASN B 820 -8.31 4.42 -19.79
CA ASN B 820 -9.17 5.29 -20.59
C ASN B 820 -9.28 4.79 -22.03
N LEU B 821 -8.19 4.24 -22.58
CA LEU B 821 -8.28 3.64 -23.91
C LEU B 821 -9.24 2.46 -23.94
N ARG B 822 -9.18 1.61 -22.91
CA ARG B 822 -10.10 0.48 -22.86
C ARG B 822 -11.54 0.93 -22.65
N GLN B 823 -11.75 2.01 -21.88
CA GLN B 823 -13.09 2.55 -21.71
C GLN B 823 -13.64 3.11 -23.02
N ASP B 824 -12.81 3.81 -23.79
CA ASP B 824 -13.25 4.33 -25.08
C ASP B 824 -13.58 3.20 -26.05
N ASP B 825 -12.75 2.16 -26.07
CA ASP B 825 -13.03 1.01 -26.93
C ASP B 825 -14.32 0.31 -26.50
N ALA B 826 -14.56 0.19 -25.19
CA ALA B 826 -15.77 -0.44 -24.70
C ALA B 826 -17.02 0.37 -25.07
N THR B 827 -16.94 1.70 -24.96
CA THR B 827 -18.08 2.54 -25.35
C THR B 827 -18.34 2.45 -26.85
N LYS B 828 -17.28 2.44 -27.66
CA LYS B 828 -17.44 2.31 -29.10
C LYS B 828 -18.05 0.97 -29.48
N SER B 829 -17.61 -0.11 -28.81
CA SER B 829 -18.19 -1.42 -29.07
C SER B 829 -19.63 -1.52 -28.60
N LEU B 830 -19.97 -0.84 -27.50
CA LEU B 830 -21.33 -0.87 -26.99
C LEU B 830 -22.28 -0.11 -27.90
N PHE B 831 -21.81 0.99 -28.50
CA PHE B 831 -22.69 1.78 -29.37
C PHE B 831 -22.77 1.25 -30.79
N GLU B 832 -22.26 0.05 -31.07
CA GLU B 832 -22.47 -0.61 -32.34
C GLU B 832 -23.57 -1.65 -32.30
N ASP B 833 -23.92 -2.14 -31.11
CA ASP B 833 -25.08 -3.01 -30.94
C ASP B 833 -26.37 -2.24 -30.70
N ILE B 834 -26.28 -0.94 -30.45
CA ILE B 834 -27.46 -0.11 -30.27
C ILE B 834 -27.96 0.42 -31.61
N LYS B 835 -27.07 0.68 -32.56
CA LYS B 835 -27.48 1.15 -33.87
C LYS B 835 -28.24 0.08 -34.64
N VAL B 836 -29.23 0.53 -35.41
CA VAL B 836 -30.06 -0.37 -36.20
C VAL B 836 -29.79 -0.08 -37.67
N PRO B 837 -29.87 -1.08 -38.56
CA PRO B 837 -29.70 -0.78 -39.99
C PRO B 837 -30.85 0.03 -40.56
N GLN B 838 -32.08 -0.25 -40.11
CA GLN B 838 -33.26 0.47 -40.56
C GLN B 838 -34.11 0.85 -39.35
N SER B 839 -34.81 1.97 -39.48
CA SER B 839 -35.62 2.48 -38.37
C SER B 839 -36.86 3.17 -38.92
N VAL B 840 -37.86 3.31 -38.06
CA VAL B 840 -39.11 3.96 -38.39
C VAL B 840 -39.21 5.24 -37.55
N PRO B 841 -39.00 6.41 -38.15
CA PRO B 841 -39.06 7.65 -37.35
C PRO B 841 -40.46 8.03 -36.90
N LEU B 842 -41.50 7.52 -37.56
CA LEU B 842 -42.88 7.90 -37.25
C LEU B 842 -43.60 6.87 -36.40
N MET B 843 -42.89 5.90 -35.84
CA MET B 843 -43.56 4.85 -35.06
C MET B 843 -44.08 5.40 -33.74
N THR B 844 -43.35 6.35 -33.14
CA THR B 844 -43.72 6.87 -31.83
C THR B 844 -44.89 7.84 -31.91
N SER B 845 -45.05 8.52 -33.04
CA SER B 845 -46.08 9.55 -33.17
C SER B 845 -47.41 9.03 -33.70
N LEU B 846 -47.41 7.90 -34.40
CA LEU B 846 -48.64 7.24 -34.84
C LEU B 846 -48.71 5.89 -34.14
N THR B 847 -49.28 5.89 -32.93
CA THR B 847 -49.48 4.67 -32.16
C THR B 847 -50.94 4.29 -32.03
N GLY B 848 -51.84 5.26 -31.90
CA GLY B 848 -53.23 4.98 -31.68
C GLY B 848 -53.66 5.33 -30.27
N ASP B 849 -54.26 4.37 -29.57
CA ASP B 849 -54.68 4.62 -28.19
C ASP B 849 -53.51 4.65 -27.22
N TYR B 850 -52.39 4.00 -27.56
CA TYR B 850 -51.22 4.03 -26.70
C TYR B 850 -50.55 5.40 -26.74
N ASN B 851 -50.14 5.89 -25.59
CA ASN B 851 -49.46 7.17 -25.46
C ASN B 851 -47.98 6.89 -25.19
N LEU B 852 -47.14 7.20 -26.18
CA LEU B 852 -45.70 6.99 -26.09
C LEU B 852 -44.93 8.28 -26.33
N SER B 853 -45.44 9.39 -25.77
CA SER B 853 -44.74 10.66 -25.90
C SER B 853 -43.50 10.73 -25.02
N LEU B 854 -43.38 9.84 -24.03
CA LEU B 854 -42.22 9.85 -23.15
C LEU B 854 -40.97 9.35 -23.88
N PHE B 855 -41.15 8.54 -24.93
CA PHE B 855 -40.04 8.05 -25.74
C PHE B 855 -40.01 8.69 -27.12
N GLU B 856 -40.65 9.84 -27.29
CA GLU B 856 -40.72 10.52 -28.57
C GLU B 856 -39.64 11.59 -28.64
N ALA B 857 -38.86 11.56 -29.73
CA ALA B 857 -37.79 12.54 -29.93
C ALA B 857 -38.27 13.64 -30.85
N PRO B 858 -38.39 14.89 -30.37
CA PRO B 858 -38.87 16.02 -31.17
C PRO B 858 -37.95 16.38 -32.33
N ASN B 866 -32.66 18.72 -30.10
CA ASN B 866 -32.02 17.56 -29.49
C ASN B 866 -32.93 16.35 -29.51
N TYR B 867 -32.35 15.15 -29.55
CA TYR B 867 -33.16 13.97 -29.53
C TYR B 867 -33.46 13.52 -28.11
N ARG B 868 -32.94 14.18 -27.10
CA ARG B 868 -33.18 13.63 -25.78
C ARG B 868 -34.67 13.60 -25.54
N SER B 869 -35.23 12.42 -25.38
CA SER B 869 -36.64 12.21 -25.19
C SER B 869 -37.02 12.67 -23.85
N ALA B 870 -38.29 12.91 -23.63
CA ALA B 870 -38.68 13.50 -22.38
C ALA B 870 -38.34 12.63 -21.23
N LEU B 871 -38.48 11.33 -21.32
CA LEU B 871 -38.06 10.57 -20.15
C LEU B 871 -36.58 10.85 -19.84
N GLU B 872 -35.73 10.99 -20.84
CA GLU B 872 -34.31 11.26 -20.62
C GLU B 872 -34.11 12.62 -19.97
N ASP B 873 -34.87 13.62 -20.41
CA ASP B 873 -34.81 14.95 -19.80
C ASP B 873 -35.21 14.90 -18.34
N LEU B 874 -36.29 14.18 -18.03
CA LEU B 874 -36.74 14.12 -16.64
C LEU B 874 -35.77 13.34 -15.77
N LEU B 875 -35.18 12.26 -16.31
CA LEU B 875 -34.17 11.51 -15.56
C LEU B 875 -32.92 12.35 -15.31
N PHE B 876 -32.48 13.13 -16.30
CA PHE B 876 -31.28 13.94 -16.12
C PHE B 876 -31.55 15.13 -15.20
N ASP B 877 -32.80 15.62 -15.18
CA ASP B 877 -33.12 16.72 -14.27
C ASP B 877 -33.26 16.23 -12.82
N LYS B 878 -33.89 15.08 -12.62
CA LYS B 878 -34.15 14.62 -11.25
C LYS B 878 -32.89 14.14 -10.53
N VAL B 879 -31.85 13.78 -11.27
CA VAL B 879 -30.62 13.30 -10.67
C VAL B 879 -29.73 14.50 -10.33
N THR B 880 -29.03 14.41 -9.20
CA THR B 880 -28.20 15.51 -8.72
C THR B 880 -26.83 15.37 -9.39
N LEU B 881 -26.67 16.04 -10.53
CA LEU B 881 -25.43 16.02 -11.29
C LEU B 881 -25.08 17.43 -11.71
N SER B 882 -23.82 17.79 -11.56
CA SER B 882 -23.31 19.10 -11.94
C SER B 882 -22.45 18.98 -13.19
N ASP B 883 -22.58 19.95 -14.08
CA ASP B 883 -21.84 19.94 -15.33
C ASP B 883 -20.36 20.17 -15.04
N PRO B 884 -19.46 19.26 -15.45
CA PRO B 884 -18.03 19.55 -15.27
C PRO B 884 -17.55 20.69 -16.13
N GLY B 885 -18.07 20.80 -17.34
CA GLY B 885 -17.67 21.88 -18.21
C GLY B 885 -16.51 21.42 -19.05
N TYR B 886 -16.77 21.08 -20.30
CA TYR B 886 -15.71 20.69 -21.20
C TYR B 886 -15.21 21.84 -22.05
N MET B 887 -16.03 22.86 -22.27
CA MET B 887 -15.61 23.96 -23.12
C MET B 887 -14.82 25.00 -22.33
N LYS B 888 -15.38 25.51 -21.24
CA LYS B 888 -14.75 26.60 -20.48
C LYS B 888 -14.82 26.39 -18.95
N GLY B 889 -14.53 25.18 -18.48
CA GLY B 889 -14.52 24.95 -17.05
C GLY B 889 -13.39 25.65 -16.30
N TYR B 890 -12.21 25.75 -16.92
CA TYR B 890 -11.07 26.40 -16.29
C TYR B 890 -11.34 27.87 -16.00
N ASP B 891 -11.97 28.57 -16.93
CA ASP B 891 -12.30 29.97 -16.69
C ASP B 891 -13.28 30.10 -15.57
N GLU B 892 -14.36 29.39 -15.59
CA GLU B 892 -15.31 29.62 -14.55
C GLU B 892 -14.76 29.30 -13.19
N CYS B 893 -14.06 28.20 -13.06
CA CYS B 893 -13.45 27.84 -11.78
C CYS B 893 -12.44 28.85 -11.40
N MET B 894 -11.70 29.34 -12.37
CA MET B 894 -10.62 30.24 -12.04
C MET B 894 -11.13 31.52 -11.38
N LYS B 895 -12.22 32.07 -11.86
CA LYS B 895 -12.77 33.24 -11.22
C LYS B 895 -13.92 32.87 -10.31
N ASP B 903 -15.73 23.72 -5.64
CA ASP B 903 -16.15 22.33 -5.60
C ASP B 903 -15.06 21.38 -6.08
N LEU B 904 -15.45 20.13 -6.37
CA LEU B 904 -14.49 19.16 -6.90
C LEU B 904 -14.04 19.55 -8.31
N ILE B 905 -14.95 20.11 -9.10
CA ILE B 905 -14.65 20.50 -10.47
C ILE B 905 -13.57 21.57 -10.51
N CYS B 906 -13.64 22.53 -9.58
CA CYS B 906 -12.55 23.49 -9.45
C CYS B 906 -11.35 22.88 -8.76
N ALA B 907 -11.56 21.82 -7.98
CA ALA B 907 -10.45 21.14 -7.31
C ALA B 907 -9.59 20.35 -8.28
N GLN B 908 -10.10 20.04 -9.47
CA GLN B 908 -9.31 19.33 -10.48
C GLN B 908 -8.01 20.06 -10.80
N TYR B 909 -8.10 21.36 -11.06
CA TYR B 909 -6.92 22.10 -11.51
C TYR B 909 -5.93 22.35 -10.38
N VAL B 910 -6.39 22.45 -9.13
CA VAL B 910 -5.46 22.65 -8.03
C VAL B 910 -4.92 21.34 -7.47
N SER B 911 -5.51 20.20 -7.82
CA SER B 911 -5.06 18.93 -7.27
C SER B 911 -4.21 18.11 -8.23
N GLY B 912 -4.21 18.41 -9.52
CA GLY B 912 -3.39 17.70 -10.47
C GLY B 912 -4.07 16.60 -11.24
N TYR B 913 -5.39 16.48 -11.16
CA TYR B 913 -6.16 15.50 -11.91
C TYR B 913 -7.13 16.20 -12.84
N LYS B 914 -7.70 15.43 -13.77
CA LYS B 914 -8.61 15.96 -14.76
C LYS B 914 -9.57 14.87 -15.20
N VAL B 915 -10.84 15.23 -15.34
CA VAL B 915 -11.87 14.31 -15.80
C VAL B 915 -12.03 14.50 -17.31
N LEU B 916 -11.77 13.45 -18.07
CA LEU B 916 -11.84 13.53 -19.51
C LEU B 916 -13.30 13.52 -19.99
N PRO B 917 -13.59 14.18 -21.11
CA PRO B 917 -14.93 14.09 -21.69
C PRO B 917 -15.20 12.70 -22.22
N PRO B 918 -16.45 12.29 -22.30
CA PRO B 918 -16.78 10.98 -22.86
C PRO B 918 -16.56 10.94 -24.36
N LEU B 919 -16.65 9.72 -24.91
CA LEU B 919 -16.39 9.52 -26.33
C LEU B 919 -17.45 10.16 -27.21
N TYR B 920 -18.70 10.15 -26.78
CA TYR B 920 -19.79 10.73 -27.56
C TYR B 920 -20.44 11.86 -26.79
N ASP B 921 -20.89 12.86 -27.54
CA ASP B 921 -21.75 13.91 -26.99
C ASP B 921 -23.08 13.30 -26.57
N ALA B 922 -23.75 13.97 -25.62
CA ALA B 922 -25.06 13.50 -25.17
C ALA B 922 -26.09 13.52 -26.28
N ASN B 923 -25.95 14.46 -27.23
CA ASN B 923 -26.88 14.54 -28.35
C ASN B 923 -26.75 13.32 -29.27
N MET B 924 -25.52 12.88 -29.54
CA MET B 924 -25.34 11.71 -30.41
C MET B 924 -25.83 10.43 -29.73
N GLU B 925 -25.63 10.33 -28.42
CA GLU B 925 -26.22 9.21 -27.67
C GLU B 925 -27.74 9.25 -27.73
N ALA B 926 -28.31 10.46 -27.70
CA ALA B 926 -29.75 10.59 -27.85
C ALA B 926 -30.22 10.14 -29.22
N MET B 927 -29.48 10.46 -30.28
CA MET B 927 -29.85 9.99 -31.62
C MET B 927 -29.75 8.47 -31.73
N TYR B 928 -28.71 7.88 -31.14
CA TYR B 928 -28.61 6.41 -31.13
C TYR B 928 -29.79 5.77 -30.41
N THR B 929 -30.14 6.30 -29.24
CA THR B 929 -31.24 5.74 -28.48
C THR B 929 -32.58 5.94 -29.18
N ALA B 930 -32.78 7.09 -29.83
CA ALA B 930 -34.03 7.34 -30.56
C ALA B 930 -34.13 6.44 -31.79
N SER B 931 -33.02 6.21 -32.49
CA SER B 931 -33.04 5.29 -33.62
C SER B 931 -33.32 3.87 -33.18
N LEU B 932 -32.80 3.47 -32.02
CA LEU B 932 -33.12 2.14 -31.50
C LEU B 932 -34.59 2.04 -31.09
N THR B 933 -35.12 3.10 -30.47
CA THR B 933 -36.51 3.09 -30.00
C THR B 933 -37.49 3.07 -31.17
N GLY B 934 -37.15 3.75 -32.27
CA GLY B 934 -38.06 3.82 -33.40
C GLY B 934 -38.23 2.54 -34.18
N SER B 935 -37.44 1.50 -33.90
CA SER B 935 -37.47 0.26 -34.67
C SER B 935 -37.86 -0.94 -33.81
N ILE B 936 -38.58 -0.72 -32.71
CA ILE B 936 -38.94 -1.83 -31.83
C ILE B 936 -40.25 -2.49 -32.20
N ALA B 937 -41.05 -1.89 -33.08
CA ALA B 937 -42.35 -2.45 -33.42
C ALA B 937 -42.21 -3.66 -34.34
N GLY B 938 -41.63 -3.48 -35.51
CA GLY B 938 -41.44 -4.58 -36.43
C GLY B 938 -40.07 -5.20 -36.35
N SER B 939 -39.70 -5.71 -35.18
CA SER B 939 -38.37 -6.29 -35.00
C SER B 939 -38.46 -7.68 -34.40
N PHE B 940 -39.49 -7.93 -33.59
CA PHE B 940 -39.71 -9.25 -33.01
C PHE B 940 -40.54 -10.15 -33.91
N TRP B 941 -41.35 -9.58 -34.79
CA TRP B 941 -42.33 -10.33 -35.57
C TRP B 941 -41.67 -10.74 -36.88
N THR B 942 -41.18 -11.98 -36.92
CA THR B 942 -40.42 -12.56 -38.03
C THR B 942 -39.23 -11.66 -38.38
N GLY B 943 -38.38 -11.45 -37.38
CA GLY B 943 -37.24 -10.57 -37.54
C GLY B 943 -35.92 -11.15 -37.06
N GLY B 944 -34.97 -11.29 -37.97
CA GLY B 944 -33.60 -11.65 -37.61
C GLY B 944 -32.71 -10.44 -37.77
N LEU B 945 -33.30 -9.26 -37.60
CA LEU B 945 -32.69 -7.96 -37.91
C LEU B 945 -32.23 -7.88 -39.36
N SER B 946 -32.92 -8.58 -40.26
CA SER B 946 -32.62 -8.50 -41.68
C SER B 946 -33.70 -7.80 -42.48
N SER B 947 -34.96 -7.95 -42.10
CA SER B 947 -36.07 -7.29 -42.78
C SER B 947 -36.82 -6.43 -41.77
N ALA B 948 -36.79 -5.13 -41.97
CA ALA B 948 -37.55 -4.23 -41.12
C ALA B 948 -39.01 -4.22 -41.53
N ALA B 949 -39.90 -4.20 -40.55
CA ALA B 949 -41.32 -4.09 -40.78
C ALA B 949 -41.82 -2.75 -40.24
N ALA B 950 -43.00 -2.35 -40.71
CA ALA B 950 -43.56 -1.05 -40.34
C ALA B 950 -44.87 -1.24 -39.59
N LEU B 951 -44.89 -2.16 -38.63
CA LEU B 951 -46.10 -2.39 -37.85
C LEU B 951 -46.41 -1.17 -36.98
N PRO B 952 -47.67 -0.81 -36.84
CA PRO B 952 -48.06 0.13 -35.79
C PRO B 952 -47.81 -0.46 -34.42
N PHE B 953 -47.70 0.41 -33.42
CA PHE B 953 -47.40 -0.06 -32.07
C PHE B 953 -48.56 -0.88 -31.49
N ALA B 954 -49.80 -0.55 -31.87
CA ALA B 954 -50.94 -1.34 -31.39
C ALA B 954 -50.90 -2.76 -31.93
N GLN B 955 -50.56 -2.92 -33.22
CA GLN B 955 -50.46 -4.26 -33.80
C GLN B 955 -49.30 -5.03 -33.20
N SER B 956 -48.17 -4.36 -32.96
CA SER B 956 -47.03 -5.02 -32.34
C SER B 956 -47.35 -5.49 -30.93
N MET B 957 -48.05 -4.65 -30.16
CA MET B 957 -48.47 -5.06 -28.82
C MET B 957 -49.47 -6.20 -28.88
N PHE B 958 -50.39 -6.17 -29.85
CA PHE B 958 -51.36 -7.25 -30.02
C PHE B 958 -50.68 -8.57 -30.31
N TYR B 959 -49.67 -8.57 -31.19
CA TYR B 959 -48.91 -9.79 -31.45
C TYR B 959 -48.07 -10.22 -30.26
N ARG B 960 -47.57 -9.26 -29.46
CA ARG B 960 -46.78 -9.60 -28.29
C ARG B 960 -47.63 -10.34 -27.26
N MET B 961 -48.79 -9.78 -26.90
CA MET B 961 -49.66 -10.50 -25.96
C MET B 961 -50.34 -11.71 -26.58
N ASN B 962 -50.39 -11.81 -27.91
CA ASN B 962 -50.84 -13.06 -28.51
C ASN B 962 -49.82 -14.17 -28.32
N GLY B 963 -48.55 -13.87 -28.60
CA GLY B 963 -47.50 -14.85 -28.43
C GLY B 963 -47.19 -15.16 -26.98
N ILE B 964 -47.59 -14.29 -26.06
CA ILE B 964 -47.40 -14.58 -24.65
C ILE B 964 -48.33 -15.70 -24.20
N GLY B 965 -49.59 -15.69 -24.65
CA GLY B 965 -50.52 -16.72 -24.27
C GLY B 965 -51.97 -16.28 -24.13
N ILE B 966 -52.22 -14.97 -24.22
CA ILE B 966 -53.60 -14.48 -24.22
C ILE B 966 -54.21 -14.74 -25.60
N THR B 967 -55.40 -15.33 -25.61
CA THR B 967 -56.08 -15.60 -26.87
C THR B 967 -56.52 -14.33 -27.56
N GLN B 968 -56.65 -14.40 -28.88
CA GLN B 968 -56.93 -13.22 -29.69
C GLN B 968 -58.32 -12.66 -29.44
N ASN B 969 -59.29 -13.52 -29.10
CA ASN B 969 -60.64 -13.03 -28.83
C ASN B 969 -60.65 -12.11 -27.61
N VAL B 970 -59.90 -12.48 -26.57
CA VAL B 970 -59.78 -11.64 -25.38
C VAL B 970 -59.10 -10.31 -25.73
N LEU B 971 -58.05 -10.38 -26.54
CA LEU B 971 -57.34 -9.17 -26.96
C LEU B 971 -58.24 -8.24 -27.77
N MET B 972 -59.06 -8.80 -28.65
CA MET B 972 -59.92 -7.97 -29.49
C MET B 972 -61.07 -7.39 -28.70
N LYS B 973 -61.56 -8.10 -27.68
CA LYS B 973 -62.68 -7.62 -26.87
C LYS B 973 -62.39 -6.30 -26.17
N ASN B 974 -61.52 -6.31 -25.17
CA ASN B 974 -61.21 -5.11 -24.39
C ASN B 974 -59.87 -4.54 -24.80
N GLN B 975 -59.84 -3.84 -25.95
CA GLN B 975 -58.64 -3.11 -26.33
C GLN B 975 -58.45 -1.85 -25.51
N ARG B 976 -59.55 -1.18 -25.16
CA ARG B 976 -59.46 0.07 -24.40
C ARG B 976 -58.90 -0.18 -23.01
N GLU B 977 -59.22 -1.33 -22.41
CA GLU B 977 -58.68 -1.68 -21.10
C GLU B 977 -57.17 -1.87 -21.17
N ILE B 978 -56.67 -2.52 -22.22
CA ILE B 978 -55.24 -2.70 -22.40
C ILE B 978 -54.55 -1.36 -22.57
N ALA B 979 -55.14 -0.47 -23.38
CA ALA B 979 -54.56 0.85 -23.58
C ALA B 979 -54.52 1.65 -22.29
N ASN B 980 -55.60 1.60 -21.51
CA ASN B 980 -55.64 2.34 -20.25
C ASN B 980 -54.64 1.82 -19.23
N LYS B 981 -54.49 0.49 -19.14
CA LYS B 981 -53.52 -0.09 -18.23
C LYS B 981 -52.09 0.31 -18.62
N PHE B 982 -51.79 0.25 -19.92
CA PHE B 982 -50.47 0.64 -20.40
C PHE B 982 -50.19 2.12 -20.14
N ASN B 983 -51.19 2.98 -20.37
CA ASN B 983 -51.02 4.41 -20.16
C ASN B 983 -50.83 4.74 -18.68
N GLN B 984 -51.59 4.10 -17.80
CA GLN B 984 -51.44 4.37 -16.37
C GLN B 984 -50.10 3.86 -15.86
N ALA B 985 -49.59 2.76 -16.41
CA ALA B 985 -48.27 2.27 -16.03
C ALA B 985 -47.17 3.23 -16.48
N LEU B 986 -47.29 3.75 -17.71
CA LEU B 986 -46.28 4.72 -18.17
C LEU B 986 -46.34 6.02 -17.39
N GLY B 987 -47.53 6.48 -17.01
CA GLY B 987 -47.62 7.66 -16.15
C GLY B 987 -46.99 7.45 -14.79
N ALA B 988 -47.22 6.35 -14.10
CA ALA B 988 -46.58 6.26 -12.80
C ALA B 988 -45.15 6.61 -12.95
N MET B 989 -44.57 6.37 -14.10
CA MET B 989 -43.15 6.59 -14.22
C MET B 989 -42.75 8.06 -14.35
N GLN B 990 -43.61 8.93 -14.80
CA GLN B 990 -43.23 10.31 -14.86
C GLN B 990 -42.92 10.83 -13.47
N THR B 991 -43.70 10.42 -12.47
CA THR B 991 -43.43 10.80 -11.11
C THR B 991 -42.63 9.71 -10.52
N GLY B 992 -42.07 8.89 -11.38
CA GLY B 992 -41.34 7.73 -10.90
C GLY B 992 -40.13 7.97 -10.08
N PHE B 993 -39.33 8.95 -10.45
CA PHE B 993 -38.10 9.10 -9.75
C PHE B 993 -38.43 9.62 -8.41
N THR B 994 -37.92 8.95 -7.40
CA THR B 994 -38.24 9.29 -6.04
C THR B 994 -37.18 8.66 -5.26
N ALA B 995 -37.06 8.99 -4.01
CA ALA B 995 -36.11 8.26 -3.21
C ALA B 995 -36.59 6.84 -2.82
N THR B 996 -37.85 6.49 -3.05
CA THR B 996 -38.26 5.12 -2.77
C THR B 996 -37.99 4.17 -3.93
N ASN B 997 -37.61 4.70 -5.09
CA ASN B 997 -37.24 3.87 -6.22
C ASN B 997 -35.88 3.24 -5.98
N GLN B 998 -35.60 2.15 -6.70
CA GLN B 998 -34.36 1.42 -6.53
C GLN B 998 -33.34 1.69 -7.62
N ALA B 999 -33.77 1.74 -8.89
CA ALA B 999 -32.83 1.97 -9.97
C ALA B 999 -32.35 3.41 -10.02
N PHE B 1000 -33.24 4.37 -9.74
CA PHE B 1000 -32.84 5.77 -9.66
C PHE B 1000 -31.88 6.00 -8.52
N GLN B 1001 -32.09 5.30 -7.40
CA GLN B 1001 -31.12 5.37 -6.31
C GLN B 1001 -29.80 4.74 -6.71
N LYS B 1002 -29.81 3.75 -7.61
CA LYS B 1002 -28.55 3.21 -8.11
C LYS B 1002 -27.81 4.22 -8.98
N VAL B 1003 -28.55 4.99 -9.80
CA VAL B 1003 -27.91 6.05 -10.59
C VAL B 1003 -27.29 7.10 -9.68
N GLN B 1004 -28.04 7.51 -8.65
CA GLN B 1004 -27.53 8.48 -7.70
C GLN B 1004 -26.33 7.93 -6.92
N ASP B 1005 -26.36 6.64 -6.60
CA ASP B 1005 -25.26 6.02 -5.87
C ASP B 1005 -24.01 5.93 -6.73
N VAL B 1006 -24.16 5.70 -8.03
CA VAL B 1006 -23.01 5.70 -8.94
C VAL B 1006 -22.39 7.09 -9.03
N VAL B 1007 -23.23 8.12 -9.16
CA VAL B 1007 -22.73 9.50 -9.19
C VAL B 1007 -22.02 9.84 -7.88
N ASN B 1008 -22.61 9.43 -6.75
CA ASN B 1008 -21.98 9.68 -5.45
C ASN B 1008 -20.68 8.90 -5.27
N ALA B 1009 -20.59 7.70 -5.84
CA ALA B 1009 -19.35 6.93 -5.72
C ALA B 1009 -18.22 7.55 -6.53
N ASN B 1010 -18.53 8.04 -7.73
CA ASN B 1010 -17.51 8.77 -8.50
C ASN B 1010 -17.08 10.05 -7.79
N ALA B 1011 -18.05 10.77 -7.22
CA ALA B 1011 -17.73 11.97 -6.46
C ALA B 1011 -16.88 11.64 -5.23
N GLN B 1012 -17.16 10.51 -4.58
CA GLN B 1012 -16.39 10.12 -3.40
C GLN B 1012 -14.96 9.73 -3.77
N ALA B 1013 -14.78 9.06 -4.91
CA ALA B 1013 -13.42 8.74 -5.37
C ALA B 1013 -12.62 10.00 -5.66
N LEU B 1014 -13.23 10.94 -6.38
CA LEU B 1014 -12.53 12.21 -6.66
C LEU B 1014 -12.27 13.00 -5.39
N SER B 1015 -13.22 12.99 -4.45
CA SER B 1015 -13.07 13.72 -3.19
C SER B 1015 -11.97 13.11 -2.33
N LYS B 1016 -11.87 11.78 -2.32
CA LYS B 1016 -10.77 11.12 -1.60
C LYS B 1016 -9.43 11.51 -2.20
N LEU B 1017 -9.33 11.49 -3.54
CA LEU B 1017 -8.09 11.86 -4.21
C LEU B 1017 -7.70 13.30 -3.92
N ALA B 1018 -8.68 14.21 -3.91
CA ALA B 1018 -8.38 15.62 -3.67
C ALA B 1018 -8.06 15.89 -2.20
N SER B 1019 -8.80 15.28 -1.28
CA SER B 1019 -8.66 15.58 0.14
C SER B 1019 -7.52 14.85 0.80
N GLU B 1020 -6.95 13.84 0.15
CA GLU B 1020 -5.87 13.11 0.80
C GLU B 1020 -4.54 13.87 0.73
N LEU B 1021 -4.44 14.90 -0.11
CA LEU B 1021 -3.27 15.76 -0.14
C LEU B 1021 -3.09 16.59 1.12
N ALA B 1022 -4.15 16.77 1.92
CA ALA B 1022 -4.06 17.56 3.14
C ALA B 1022 -3.47 16.79 4.32
N ASN B 1023 -3.19 15.50 4.14
CA ASN B 1023 -2.62 14.70 5.22
C ASN B 1023 -1.14 15.00 5.40
N THR B 1024 -0.71 15.13 6.66
CA THR B 1024 0.69 15.34 6.94
C THR B 1024 1.51 14.06 6.80
N PHE B 1025 0.86 12.90 6.98
CA PHE B 1025 1.49 11.58 6.93
C PHE B 1025 2.63 11.47 7.93
N GLY B 1026 2.45 12.07 9.11
CA GLY B 1026 3.47 12.04 10.13
C GLY B 1026 4.49 13.15 10.06
N ALA B 1027 4.45 14.00 9.04
CA ALA B 1027 5.36 15.12 8.94
C ALA B 1027 4.86 16.29 9.76
N ILE B 1028 5.70 17.33 9.84
CA ILE B 1028 5.33 18.53 10.59
C ILE B 1028 4.30 19.36 9.85
N SER B 1029 4.17 19.19 8.54
CA SER B 1029 3.21 19.94 7.75
C SER B 1029 2.89 19.16 6.50
N ALA B 1030 1.74 19.48 5.90
CA ALA B 1030 1.31 18.86 4.65
C ALA B 1030 1.75 19.66 3.43
N SER B 1031 2.53 20.72 3.62
CA SER B 1031 3.00 21.57 2.54
C SER B 1031 4.52 21.46 2.43
N ILE B 1032 4.99 21.36 1.18
CA ILE B 1032 6.43 21.24 0.95
C ILE B 1032 7.13 22.55 1.32
N GLY B 1033 6.48 23.68 1.07
CA GLY B 1033 7.12 24.97 1.30
C GLY B 1033 7.39 25.25 2.77
N ASP B 1034 6.46 24.87 3.64
CA ASP B 1034 6.66 25.05 5.08
C ASP B 1034 7.80 24.17 5.60
N ILE B 1035 7.88 22.95 5.08
CA ILE B 1035 8.98 22.05 5.45
C ILE B 1035 10.31 22.60 4.97
N LEU B 1036 10.35 23.15 3.76
CA LEU B 1036 11.57 23.76 3.25
C LEU B 1036 11.96 25.02 4.02
N LYS B 1037 10.97 25.76 4.51
CA LYS B 1037 11.28 26.97 5.28
C LYS B 1037 11.77 26.65 6.68
N ARG B 1038 11.18 25.64 7.32
CA ARG B 1038 11.45 25.42 8.74
C ARG B 1038 12.67 24.54 9.00
N LEU B 1039 12.77 23.41 8.32
CA LEU B 1039 13.76 22.40 8.68
C LEU B 1039 15.01 22.49 7.81
N ASP B 1040 16.07 21.85 8.30
CA ASP B 1040 17.33 21.75 7.57
C ASP B 1040 17.22 20.67 6.49
N VAL B 1041 18.29 20.52 5.71
CA VAL B 1041 18.25 19.69 4.51
C VAL B 1041 18.08 18.21 4.86
N LEU B 1042 18.79 17.73 5.89
CA LEU B 1042 18.68 16.34 6.28
C LEU B 1042 17.28 16.00 6.81
N GLU B 1043 16.68 16.92 7.55
CA GLU B 1043 15.30 16.72 7.98
C GLU B 1043 14.32 16.88 6.82
N GLN B 1044 14.62 17.79 5.90
CA GLN B 1044 13.77 18.01 4.73
C GLN B 1044 13.66 16.74 3.89
N GLU B 1045 14.77 16.00 3.75
CA GLU B 1045 14.73 14.73 3.03
C GLU B 1045 13.74 13.76 3.65
N VAL B 1046 13.74 13.65 4.97
CA VAL B 1046 12.85 12.71 5.66
C VAL B 1046 11.39 13.14 5.50
N GLN B 1047 11.10 14.42 5.71
CA GLN B 1047 9.71 14.87 5.65
C GLN B 1047 9.15 14.79 4.23
N ILE B 1048 9.94 15.21 3.24
CA ILE B 1048 9.49 15.10 1.85
C ILE B 1048 9.40 13.63 1.44
N ASP B 1049 10.25 12.76 2.00
CA ASP B 1049 10.15 11.34 1.67
C ASP B 1049 8.87 10.71 2.21
N ARG B 1050 8.46 11.06 3.43
CA ARG B 1050 7.22 10.47 3.93
C ARG B 1050 5.99 11.06 3.24
N LEU B 1051 6.03 12.35 2.86
CA LEU B 1051 4.95 12.91 2.05
C LEU B 1051 4.88 12.24 0.67
N ILE B 1052 6.04 11.98 0.06
CA ILE B 1052 6.10 11.30 -1.22
C ILE B 1052 5.52 9.89 -1.11
N ASN B 1053 5.88 9.17 -0.05
CA ASN B 1053 5.36 7.82 0.15
C ASN B 1053 3.84 7.82 0.31
N GLY B 1054 3.31 8.76 1.11
CA GLY B 1054 1.86 8.83 1.27
C GLY B 1054 1.13 9.16 -0.02
N ARG B 1055 1.65 10.11 -0.79
CA ARG B 1055 0.95 10.49 -2.02
C ARG B 1055 1.08 9.44 -3.11
N LEU B 1056 2.22 8.72 -3.17
CA LEU B 1056 2.33 7.60 -4.10
C LEU B 1056 1.41 6.46 -3.72
N THR B 1057 1.23 6.23 -2.41
CA THR B 1057 0.25 5.24 -1.96
C THR B 1057 -1.15 5.63 -2.38
N SER B 1058 -1.46 6.93 -2.30
CA SER B 1058 -2.77 7.42 -2.72
C SER B 1058 -2.99 7.21 -4.21
N LEU B 1059 -1.98 7.51 -5.03
CA LEU B 1059 -2.08 7.30 -6.48
C LEU B 1059 -2.25 5.83 -6.81
N ASN B 1060 -1.51 4.95 -6.14
CA ASN B 1060 -1.64 3.52 -6.37
C ASN B 1060 -3.02 3.01 -5.99
N ALA B 1061 -3.58 3.51 -4.87
CA ALA B 1061 -4.92 3.12 -4.47
C ALA B 1061 -5.95 3.57 -5.49
N PHE B 1062 -5.79 4.78 -6.03
CA PHE B 1062 -6.71 5.26 -7.06
C PHE B 1062 -6.63 4.42 -8.33
N VAL B 1063 -5.42 4.04 -8.74
CA VAL B 1063 -5.26 3.24 -9.96
C VAL B 1063 -5.86 1.85 -9.76
N SER B 1064 -5.69 1.25 -8.57
CA SER B 1064 -6.30 -0.05 -8.30
C SER B 1064 -7.82 0.03 -8.31
N GLN B 1065 -8.38 1.10 -7.72
CA GLN B 1065 -9.82 1.30 -7.76
C GLN B 1065 -10.32 1.46 -9.20
N GLN B 1066 -9.56 2.20 -10.02
CA GLN B 1066 -9.93 2.36 -11.42
C GLN B 1066 -9.93 1.03 -12.16
N LEU B 1067 -8.95 0.18 -11.89
CA LEU B 1067 -8.91 -1.14 -12.54
C LEU B 1067 -10.10 -2.01 -12.13
N VAL B 1068 -10.44 -2.00 -10.84
CA VAL B 1068 -11.57 -2.81 -10.38
C VAL B 1068 -12.89 -2.32 -10.98
N ARG B 1069 -13.10 -1.01 -10.99
CA ARG B 1069 -14.31 -0.47 -11.63
C ARG B 1069 -14.30 -0.70 -13.13
N SER B 1070 -13.11 -0.80 -13.75
CA SER B 1070 -13.04 -1.10 -15.18
C SER B 1070 -13.51 -2.52 -15.47
N GLU B 1071 -13.11 -3.50 -14.64
CA GLU B 1071 -13.62 -4.85 -14.83
C GLU B 1071 -15.13 -4.93 -14.56
N ALA B 1072 -15.61 -4.20 -13.55
CA ALA B 1072 -17.04 -4.15 -13.30
C ALA B 1072 -17.80 -3.55 -14.47
N ALA B 1073 -17.25 -2.49 -15.08
CA ALA B 1073 -17.89 -1.87 -16.23
C ALA B 1073 -17.85 -2.77 -17.45
N ALA B 1074 -16.81 -3.59 -17.60
CA ALA B 1074 -16.79 -4.57 -18.69
C ALA B 1074 -17.89 -5.60 -18.54
N ARG B 1075 -18.08 -6.11 -17.32
CA ARG B 1075 -19.17 -7.05 -17.06
C ARG B 1075 -20.53 -6.41 -17.32
N SER B 1076 -20.72 -5.17 -16.86
CA SER B 1076 -21.98 -4.50 -17.08
C SER B 1076 -22.20 -4.13 -18.54
N SER B 1077 -21.13 -3.89 -19.29
CA SER B 1077 -21.27 -3.63 -20.72
C SER B 1077 -21.71 -4.87 -21.48
N GLN B 1078 -21.17 -6.04 -21.10
CA GLN B 1078 -21.64 -7.29 -21.67
C GLN B 1078 -23.11 -7.53 -21.34
N LEU B 1079 -23.50 -7.26 -20.09
CA LEU B 1079 -24.89 -7.39 -19.69
C LEU B 1079 -25.79 -6.43 -20.45
N ALA B 1080 -25.31 -5.20 -20.68
CA ALA B 1080 -26.10 -4.21 -21.43
C ALA B 1080 -26.28 -4.62 -22.88
N LYS B 1081 -25.24 -5.17 -23.51
CA LYS B 1081 -25.37 -5.67 -24.87
C LYS B 1081 -26.39 -6.80 -24.94
N GLU B 1082 -26.31 -7.75 -24.00
CA GLU B 1082 -27.23 -8.88 -23.99
C GLU B 1082 -28.66 -8.41 -23.76
N LYS B 1083 -28.86 -7.48 -22.83
CA LYS B 1083 -30.21 -7.00 -22.54
C LYS B 1083 -30.78 -6.16 -23.67
N ILE B 1084 -29.96 -5.37 -24.37
CA ILE B 1084 -30.48 -4.64 -25.52
C ILE B 1084 -30.91 -5.63 -26.60
N ASN B 1085 -30.04 -6.57 -26.96
CA ASN B 1085 -30.32 -7.47 -28.07
C ASN B 1085 -31.42 -8.48 -27.75
N GLU B 1086 -31.71 -8.72 -26.48
CA GLU B 1086 -32.79 -9.62 -26.10
C GLU B 1086 -34.09 -8.91 -25.76
N CYS B 1087 -34.04 -7.94 -24.84
CA CYS B 1087 -35.24 -7.27 -24.36
C CYS B 1087 -35.78 -6.27 -25.36
N VAL B 1088 -34.92 -5.54 -26.07
CA VAL B 1088 -35.36 -4.38 -26.83
C VAL B 1088 -35.59 -4.73 -28.29
N LYS B 1089 -34.62 -5.38 -28.93
CA LYS B 1089 -34.78 -5.73 -30.34
C LYS B 1089 -35.71 -6.92 -30.56
N ALA B 1090 -35.97 -7.71 -29.52
CA ALA B 1090 -36.87 -8.85 -29.64
C ALA B 1090 -37.70 -8.94 -28.36
N GLN B 1091 -38.57 -9.95 -28.31
CA GLN B 1091 -39.37 -10.24 -27.13
C GLN B 1091 -38.81 -11.49 -26.47
N SER B 1092 -38.49 -11.38 -25.19
CA SER B 1092 -37.82 -12.46 -24.47
C SER B 1092 -38.80 -13.57 -24.10
N THR B 1093 -38.31 -14.80 -24.16
CA THR B 1093 -39.06 -15.95 -23.70
C THR B 1093 -38.49 -16.57 -22.43
N ARG B 1094 -37.32 -16.14 -21.99
CA ARG B 1094 -36.71 -16.61 -20.76
C ARG B 1094 -37.13 -15.71 -19.62
N SER B 1095 -37.76 -16.28 -18.60
CA SER B 1095 -38.29 -15.50 -17.49
C SER B 1095 -37.17 -14.97 -16.62
N GLY B 1096 -37.51 -13.98 -15.80
CA GLY B 1096 -36.50 -13.35 -14.93
C GLY B 1096 -35.56 -12.40 -15.63
N PHE B 1097 -34.92 -12.85 -16.70
CA PHE B 1097 -34.23 -11.96 -17.61
C PHE B 1097 -35.28 -11.06 -18.29
N CYS B 1098 -34.87 -9.83 -18.62
CA CYS B 1098 -35.76 -8.78 -19.11
C CYS B 1098 -36.88 -8.47 -18.11
N GLY B 1099 -36.55 -8.51 -16.83
CA GLY B 1099 -37.46 -8.03 -15.81
C GLY B 1099 -38.39 -9.09 -15.23
N GLN B 1100 -39.22 -8.61 -14.30
CA GLN B 1100 -40.18 -9.48 -13.62
C GLN B 1100 -41.44 -9.78 -14.34
N GLY B 1101 -41.83 -11.03 -14.28
CA GLY B 1101 -42.98 -11.45 -15.06
C GLY B 1101 -42.57 -11.89 -16.46
N THR B 1102 -43.58 -12.02 -17.31
CA THR B 1102 -43.36 -12.38 -18.71
C THR B 1102 -43.23 -11.12 -19.54
N HIS B 1103 -42.15 -11.04 -20.30
CA HIS B 1103 -41.76 -9.80 -20.98
C HIS B 1103 -42.69 -9.49 -22.15
N ILE B 1104 -43.05 -8.22 -22.30
CA ILE B 1104 -43.86 -7.73 -23.42
C ILE B 1104 -43.04 -6.83 -24.33
N VAL B 1105 -42.57 -5.70 -23.80
CA VAL B 1105 -41.82 -4.72 -24.59
C VAL B 1105 -40.89 -3.99 -23.63
N SER B 1106 -39.75 -3.53 -24.16
CA SER B 1106 -38.76 -2.82 -23.37
C SER B 1106 -38.23 -1.62 -24.14
N PHE B 1107 -37.78 -0.61 -23.39
CA PHE B 1107 -37.24 0.63 -23.93
C PHE B 1107 -35.93 0.94 -23.24
N VAL B 1108 -35.08 1.71 -23.93
CA VAL B 1108 -33.80 2.14 -23.40
C VAL B 1108 -33.83 3.66 -23.19
N ILE B 1109 -33.26 4.10 -22.08
CA ILE B 1109 -33.13 5.51 -21.75
C ILE B 1109 -31.69 5.76 -21.33
N ASN B 1110 -31.08 6.81 -21.90
CA ASN B 1110 -29.72 7.16 -21.51
C ASN B 1110 -29.66 7.64 -20.07
N ALA B 1111 -28.56 7.31 -19.41
CA ALA B 1111 -28.31 7.63 -18.01
C ALA B 1111 -26.98 8.37 -17.92
N PRO B 1112 -26.72 9.10 -16.81
CA PRO B 1112 -25.44 9.81 -16.69
C PRO B 1112 -24.20 8.94 -16.76
N ASN B 1113 -24.26 7.68 -16.32
CA ASN B 1113 -23.11 6.80 -16.41
C ASN B 1113 -23.44 5.45 -17.03
N GLY B 1114 -24.55 5.35 -17.74
CA GLY B 1114 -24.94 4.09 -18.35
C GLY B 1114 -26.25 4.14 -19.09
N PHE B 1115 -27.08 3.11 -18.93
CA PHE B 1115 -28.37 3.03 -19.59
C PHE B 1115 -29.45 2.68 -18.59
N TYR B 1116 -30.66 3.14 -18.87
CA TYR B 1116 -31.81 2.94 -18.01
C TYR B 1116 -32.88 2.20 -18.79
N PHE B 1117 -33.19 0.97 -18.37
CA PHE B 1117 -34.14 0.11 -19.05
C PHE B 1117 -35.49 0.18 -18.36
N ILE B 1118 -36.55 0.11 -19.17
CA ILE B 1118 -37.92 0.03 -18.67
C ILE B 1118 -38.55 -1.18 -19.33
N HIS B 1119 -38.84 -2.21 -18.53
CA HIS B 1119 -39.41 -3.45 -19.04
C HIS B 1119 -40.89 -3.51 -18.70
N VAL B 1120 -41.73 -3.69 -19.72
CA VAL B 1120 -43.16 -3.85 -19.53
C VAL B 1120 -43.46 -5.35 -19.44
N GLY B 1121 -44.08 -5.76 -18.35
CA GLY B 1121 -44.32 -7.17 -18.11
C GLY B 1121 -45.77 -7.46 -17.77
N TYR B 1122 -46.21 -8.65 -18.18
CA TYR B 1122 -47.54 -9.14 -17.86
C TYR B 1122 -47.54 -9.65 -16.43
N HIS B 1123 -48.28 -8.98 -15.55
CA HIS B 1123 -48.37 -9.38 -14.15
C HIS B 1123 -49.81 -9.75 -13.83
N PRO B 1124 -50.12 -11.03 -13.61
CA PRO B 1124 -51.49 -11.41 -13.25
C PRO B 1124 -51.87 -10.92 -11.86
N GLN B 1125 -53.18 -10.73 -11.66
CA GLN B 1125 -53.70 -10.27 -10.38
C GLN B 1125 -54.52 -11.34 -9.67
N ASP B 1126 -55.56 -11.86 -10.33
CA ASP B 1126 -56.42 -12.87 -9.75
C ASP B 1126 -56.01 -14.25 -10.24
N TYR B 1127 -56.48 -15.27 -9.54
CA TYR B 1127 -56.27 -16.65 -9.95
C TYR B 1127 -57.46 -17.49 -9.54
N VAL B 1128 -57.83 -18.44 -10.40
CA VAL B 1128 -58.88 -19.40 -10.11
C VAL B 1128 -58.37 -20.80 -10.44
N ASN B 1129 -58.69 -21.75 -9.58
CA ASN B 1129 -58.27 -23.13 -9.81
C ASN B 1129 -59.24 -23.82 -10.75
N GLN B 1130 -58.68 -24.64 -11.64
CA GLN B 1130 -59.46 -25.31 -12.67
C GLN B 1130 -58.93 -26.73 -12.86
N THR B 1131 -59.80 -27.61 -13.33
CA THR B 1131 -59.38 -28.94 -13.72
C THR B 1131 -59.11 -28.98 -15.21
N ALA B 1132 -58.19 -29.85 -15.62
CA ALA B 1132 -57.71 -29.87 -16.99
C ALA B 1132 -57.43 -31.31 -17.41
N ALA B 1133 -57.06 -31.48 -18.67
CA ALA B 1133 -56.70 -32.77 -19.21
C ALA B 1133 -55.47 -32.64 -20.09
N TYR B 1134 -54.66 -33.70 -20.11
CA TYR B 1134 -53.50 -33.74 -21.01
C TYR B 1134 -53.94 -33.73 -22.47
N GLY B 1135 -55.08 -34.34 -22.77
CA GLY B 1135 -55.59 -34.32 -24.12
C GLY B 1135 -56.95 -34.99 -24.16
N LEU B 1136 -57.50 -35.06 -25.38
CA LEU B 1136 -58.82 -35.65 -25.60
C LEU B 1136 -58.73 -36.66 -26.73
N CYS B 1137 -59.44 -37.77 -26.59
CA CYS B 1137 -59.50 -38.83 -27.60
C CYS B 1137 -60.95 -39.20 -27.85
N ASP B 1138 -61.25 -39.76 -29.01
CA ASP B 1138 -62.58 -40.27 -29.30
C ASP B 1138 -62.54 -41.80 -29.30
N SER B 1139 -63.35 -42.37 -28.44
CA SER B 1139 -63.33 -43.80 -28.27
C SER B 1139 -63.23 -44.52 -29.56
N SER B 1140 -64.17 -44.25 -30.45
CA SER B 1140 -64.18 -44.96 -31.69
C SER B 1140 -63.01 -44.79 -32.67
N SER B 1141 -62.53 -43.58 -32.89
CA SER B 1141 -61.48 -43.42 -33.91
C SER B 1141 -60.06 -43.29 -33.39
N LYS B 1142 -59.88 -43.32 -32.09
CA LYS B 1142 -58.57 -43.11 -31.52
C LYS B 1142 -57.87 -41.89 -32.03
N LYS B 1143 -58.59 -41.00 -32.68
CA LYS B 1143 -57.96 -39.73 -33.01
C LYS B 1143 -57.78 -38.94 -31.72
N CYS B 1144 -56.57 -38.43 -31.49
CA CYS B 1144 -56.28 -37.79 -30.21
C CYS B 1144 -55.67 -36.42 -30.46
N ILE B 1145 -56.26 -35.40 -29.84
CA ILE B 1145 -55.81 -34.02 -30.01
C ILE B 1145 -55.27 -33.51 -28.69
N ALA B 1146 -54.36 -32.55 -28.77
CA ALA B 1146 -53.80 -31.87 -27.61
C ALA B 1146 -53.84 -30.38 -27.86
N ALA B 1147 -54.06 -29.62 -26.78
CA ALA B 1147 -54.13 -28.17 -26.88
C ALA B 1147 -52.74 -27.58 -27.05
N LYS B 1148 -52.68 -26.45 -27.77
CA LYS B 1148 -51.45 -25.69 -27.91
C LYS B 1148 -51.66 -24.28 -27.34
N ASN B 1149 -50.67 -23.83 -26.57
CA ASN B 1149 -50.68 -22.53 -25.91
C ASN B 1149 -51.91 -22.35 -25.01
N GLY B 1150 -52.29 -23.42 -24.31
CA GLY B 1150 -53.45 -23.36 -23.44
C GLY B 1150 -53.77 -24.73 -22.87
N TYR B 1151 -54.93 -24.79 -22.23
CA TYR B 1151 -55.40 -26.01 -21.57
C TYR B 1151 -56.81 -26.34 -22.04
N PHE B 1152 -57.20 -27.59 -21.83
CA PHE B 1152 -58.58 -28.04 -22.03
C PHE B 1152 -59.24 -28.10 -20.65
N VAL B 1153 -60.10 -27.14 -20.36
CA VAL B 1153 -60.75 -27.05 -19.05
C VAL B 1153 -62.19 -27.54 -19.16
N LYS B 1154 -62.69 -28.08 -18.06
CA LYS B 1154 -64.06 -28.60 -18.01
C LYS B 1154 -65.07 -27.47 -17.96
N ASN B 1155 -66.25 -27.73 -18.53
CA ASN B 1155 -67.32 -26.76 -18.50
C ASN B 1155 -68.05 -26.80 -17.16
N ASP B 1156 -68.67 -25.68 -16.80
CA ASP B 1156 -69.32 -25.53 -15.52
C ASP B 1156 -70.74 -26.09 -15.49
N SER B 1157 -71.31 -26.43 -16.64
CA SER B 1157 -72.68 -26.91 -16.70
C SER B 1157 -72.80 -28.34 -17.20
N ASP B 1158 -71.69 -29.02 -17.47
CA ASP B 1158 -71.74 -30.39 -17.95
C ASP B 1158 -70.47 -31.12 -17.50
N SER B 1159 -70.57 -32.44 -17.41
CA SER B 1159 -69.45 -33.29 -17.03
C SER B 1159 -68.71 -33.87 -18.23
N GLY B 1160 -69.13 -33.53 -19.44
CA GLY B 1160 -68.48 -34.06 -20.63
C GLY B 1160 -68.10 -32.99 -21.63
N SER B 1161 -68.46 -31.75 -21.34
CA SER B 1161 -68.15 -30.63 -22.21
C SER B 1161 -66.81 -30.03 -21.82
N TRP B 1162 -65.92 -29.89 -22.80
CA TRP B 1162 -64.59 -29.35 -22.58
C TRP B 1162 -64.42 -28.08 -23.41
N SER B 1163 -63.77 -27.08 -22.82
CA SER B 1163 -63.52 -25.82 -23.50
C SER B 1163 -62.03 -25.52 -23.46
N TYR B 1164 -61.60 -24.69 -24.40
CA TYR B 1164 -60.22 -24.24 -24.47
C TYR B 1164 -60.09 -22.89 -23.78
N THR B 1165 -58.99 -22.72 -23.05
CA THR B 1165 -58.68 -21.47 -22.39
C THR B 1165 -57.23 -21.10 -22.68
N GLY B 1166 -56.94 -19.81 -22.59
CA GLY B 1166 -55.58 -19.36 -22.75
C GLY B 1166 -54.73 -19.68 -21.54
N SER B 1167 -53.42 -19.65 -21.74
CA SER B 1167 -52.50 -19.93 -20.64
C SER B 1167 -52.42 -18.76 -19.67
N SER B 1168 -52.39 -17.53 -20.18
CA SER B 1168 -52.20 -16.35 -19.36
C SER B 1168 -53.49 -15.61 -19.04
N PHE B 1169 -54.63 -16.10 -19.53
CA PHE B 1169 -55.92 -15.48 -19.25
C PHE B 1169 -56.99 -16.56 -19.28
N TYR B 1170 -58.09 -16.31 -18.57
CA TYR B 1170 -59.19 -17.25 -18.49
C TYR B 1170 -60.37 -16.76 -19.32
N GLN B 1171 -60.74 -17.55 -20.31
CA GLN B 1171 -61.94 -17.38 -21.11
C GLN B 1171 -62.29 -18.71 -21.75
N PRO B 1172 -63.41 -19.33 -21.38
CA PRO B 1172 -63.78 -20.63 -21.98
C PRO B 1172 -64.27 -20.44 -23.41
N GLU B 1173 -63.57 -21.06 -24.36
CA GLU B 1173 -63.87 -20.95 -25.77
C GLU B 1173 -64.15 -22.32 -26.36
N PRO B 1174 -64.93 -22.40 -27.45
CA PRO B 1174 -65.11 -23.67 -28.14
C PRO B 1174 -63.79 -24.18 -28.71
N ILE B 1175 -63.67 -25.50 -28.77
CA ILE B 1175 -62.46 -26.13 -29.30
C ILE B 1175 -62.56 -26.18 -30.82
N THR B 1176 -61.61 -25.55 -31.49
CA THR B 1176 -61.55 -25.53 -32.94
C THR B 1176 -60.27 -26.24 -33.40
N THR B 1177 -60.06 -26.23 -34.71
CA THR B 1177 -58.84 -26.80 -35.26
C THR B 1177 -57.64 -25.90 -35.03
N PHE B 1178 -57.85 -24.59 -34.91
CA PHE B 1178 -56.76 -23.64 -34.85
C PHE B 1178 -56.09 -23.57 -33.48
N ASN B 1179 -56.73 -24.08 -32.42
CA ASN B 1179 -56.14 -24.03 -31.09
C ASN B 1179 -55.83 -25.42 -30.55
N SER B 1180 -55.76 -26.42 -31.43
CA SER B 1180 -55.42 -27.78 -31.03
C SER B 1180 -54.57 -28.42 -32.12
N ARG B 1181 -53.75 -29.38 -31.72
CA ARG B 1181 -52.90 -30.13 -32.64
C ARG B 1181 -53.19 -31.62 -32.50
N PHE B 1182 -53.04 -32.34 -33.62
CA PHE B 1182 -53.19 -33.79 -33.60
C PHE B 1182 -51.91 -34.43 -33.09
N VAL B 1183 -52.04 -35.33 -32.11
CA VAL B 1183 -50.89 -35.94 -31.47
C VAL B 1183 -51.09 -37.46 -31.44
N GLU B 1184 -49.98 -38.16 -31.19
CA GLU B 1184 -50.02 -39.60 -31.01
C GLU B 1184 -50.78 -39.94 -29.74
N PRO B 1185 -51.62 -40.97 -29.75
CA PRO B 1185 -52.46 -41.27 -28.58
C PRO B 1185 -51.65 -41.67 -27.35
N GLU B 1186 -52.19 -41.36 -26.18
CA GLU B 1186 -51.60 -41.74 -24.91
C GLU B 1186 -52.67 -42.34 -24.01
N VAL B 1187 -52.24 -43.14 -23.03
CA VAL B 1187 -53.18 -43.76 -22.11
C VAL B 1187 -53.71 -42.76 -21.08
N THR B 1188 -53.08 -41.60 -20.96
CA THR B 1188 -53.45 -40.65 -19.93
C THR B 1188 -54.35 -39.53 -20.48
N PHE B 1189 -54.85 -39.70 -21.70
CA PHE B 1189 -55.82 -38.78 -22.28
C PHE B 1189 -57.23 -39.20 -21.91
N GLN B 1190 -58.13 -38.23 -21.87
CA GLN B 1190 -59.54 -38.53 -21.60
C GLN B 1190 -60.17 -39.21 -22.83
N ASN B 1191 -60.83 -40.34 -22.64
CA ASN B 1191 -61.52 -41.05 -23.72
C ASN B 1191 -62.97 -40.63 -23.79
N LEU B 1192 -63.26 -39.59 -24.53
CA LEU B 1192 -64.61 -39.08 -24.65
C LEU B 1192 -65.47 -40.01 -25.50
N SER B 1193 -66.76 -40.07 -25.14
CA SER B 1193 -67.73 -40.92 -25.82
C SER B 1193 -68.84 -40.12 -26.47
N ASN B 1194 -69.43 -39.15 -25.79
CA ASN B 1194 -70.52 -38.36 -26.33
C ASN B 1194 -70.16 -36.88 -26.24
N ASN B 1195 -70.84 -36.09 -27.07
CA ASN B 1195 -70.65 -34.63 -27.19
C ASN B 1195 -69.20 -34.30 -27.53
N LEU B 1196 -68.77 -34.81 -28.69
CA LEU B 1196 -67.41 -34.58 -29.14
C LEU B 1196 -67.24 -33.16 -29.67
N PRO B 1197 -66.08 -32.56 -29.46
CA PRO B 1197 -65.80 -31.24 -30.05
C PRO B 1197 -65.63 -31.36 -31.56
N PRO B 1198 -65.79 -30.25 -32.30
CA PRO B 1198 -65.74 -30.29 -33.78
C PRO B 1198 -64.45 -30.86 -34.36
N PRO B 1199 -63.26 -30.65 -33.76
CA PRO B 1199 -62.09 -31.40 -34.29
C PRO B 1199 -62.22 -32.91 -34.17
N LEU B 1200 -62.88 -33.41 -33.14
CA LEU B 1200 -63.10 -34.85 -32.99
C LEU B 1200 -64.42 -35.31 -33.59
N LEU B 1201 -65.22 -34.41 -34.13
CA LEU B 1201 -66.53 -34.77 -34.67
C LEU B 1201 -66.50 -34.76 -36.19
N CYS C 24 52.04 -41.25 40.73
CA CYS C 24 50.99 -41.08 39.74
C CYS C 24 50.73 -42.46 39.11
N ILE C 25 49.56 -42.64 38.49
CA ILE C 25 49.08 -43.96 38.08
C ILE C 25 49.51 -44.24 36.65
N SER C 26 50.02 -45.46 36.42
CA SER C 26 50.32 -45.91 35.06
C SER C 26 49.03 -46.28 34.33
N VAL C 27 49.02 -46.02 33.02
CA VAL C 27 47.80 -46.01 32.23
C VAL C 27 48.00 -46.90 31.01
N ASP C 28 47.02 -47.76 30.72
CA ASP C 28 47.06 -48.61 29.55
C ASP C 28 46.07 -48.06 28.53
N MET C 29 46.58 -47.28 27.57
CA MET C 29 45.77 -46.60 26.58
C MET C 29 45.78 -47.43 25.30
N GLN C 30 44.62 -47.97 24.93
CA GLN C 30 44.46 -48.80 23.74
C GLN C 30 43.28 -48.28 22.92
N PRO C 31 43.45 -47.18 22.18
CA PRO C 31 42.33 -46.63 21.40
C PRO C 31 41.77 -47.57 20.33
N SER C 32 42.59 -48.47 19.79
CA SER C 32 42.15 -49.42 18.76
C SER C 32 40.98 -50.29 19.24
N TYR C 33 40.90 -50.55 20.55
CA TYR C 33 39.82 -51.37 21.07
C TYR C 33 38.48 -50.61 21.07
N PHE C 34 38.52 -49.28 21.11
CA PHE C 34 37.30 -48.50 21.33
C PHE C 34 36.53 -48.17 20.06
N ILE C 35 37.16 -48.23 18.88
CA ILE C 35 36.48 -47.86 17.65
C ILE C 35 35.43 -48.91 17.30
N LYS C 36 34.19 -48.47 17.12
CA LYS C 36 33.07 -49.36 16.84
C LYS C 36 32.21 -48.71 15.77
N ASN C 37 31.01 -49.26 15.57
CA ASN C 37 30.05 -48.74 14.60
C ASN C 37 28.76 -48.25 15.25
N TRP C 38 28.70 -48.18 16.58
CA TRP C 38 27.51 -47.70 17.26
C TRP C 38 27.23 -46.25 16.89
N SER C 39 25.99 -45.97 16.47
CA SER C 39 25.64 -44.64 16.02
C SER C 39 24.14 -44.40 16.24
N MET C 40 23.83 -43.33 16.97
CA MET C 40 22.45 -42.92 17.19
C MET C 40 22.26 -41.53 16.60
N PRO C 41 21.78 -41.42 15.36
CA PRO C 41 21.62 -40.11 14.75
C PRO C 41 20.45 -39.34 15.36
N ILE C 42 20.34 -38.09 14.95
CA ILE C 42 19.32 -37.19 15.47
C ILE C 42 18.06 -37.34 14.65
N ASN C 43 16.95 -37.63 15.33
CA ASN C 43 15.64 -37.75 14.73
C ASN C 43 14.83 -36.52 15.11
N MET C 44 14.51 -35.67 14.12
CA MET C 44 13.78 -34.44 14.40
C MET C 44 12.37 -34.72 14.87
N SER C 45 11.76 -35.80 14.38
CA SER C 45 10.41 -36.19 14.79
C SER C 45 10.36 -36.70 16.23
N LYS C 46 11.50 -36.95 16.86
CA LYS C 46 11.55 -37.31 18.26
C LYS C 46 11.99 -36.12 19.12
N ALA C 47 12.27 -34.98 18.50
CA ALA C 47 12.72 -33.75 19.15
C ALA C 47 13.99 -33.98 19.97
N ASP C 48 14.89 -34.78 19.42
CA ASP C 48 16.16 -35.04 20.11
C ASP C 48 17.09 -33.84 20.00
N GLY C 49 17.69 -33.48 21.13
CA GLY C 49 18.66 -32.39 21.15
C GLY C 49 18.07 -31.02 20.99
N VAL C 50 16.79 -30.82 21.31
CA VAL C 50 16.13 -29.54 21.14
C VAL C 50 16.10 -28.82 22.49
N LEU C 51 16.61 -27.59 22.51
CA LEU C 51 16.64 -26.79 23.72
C LEU C 51 15.28 -26.15 23.95
N TYR C 52 14.77 -26.27 25.17
CA TYR C 52 13.48 -25.68 25.51
C TYR C 52 13.58 -24.14 25.50
N PRO C 53 12.53 -23.45 25.09
CA PRO C 53 12.50 -21.99 25.19
C PRO C 53 12.61 -21.54 26.65
N VAL C 54 13.32 -20.43 26.86
CA VAL C 54 13.75 -20.02 28.19
C VAL C 54 12.77 -18.99 28.74
N GLY C 55 12.27 -19.24 29.94
CA GLY C 55 11.40 -18.31 30.63
C GLY C 55 9.93 -18.44 30.35
N ARG C 56 9.57 -19.28 29.40
CA ARG C 56 8.18 -19.43 29.00
C ARG C 56 7.83 -20.84 28.66
N THR C 57 6.55 -21.16 28.52
CA THR C 57 6.09 -22.46 28.06
C THR C 57 4.88 -22.29 27.17
N TYR C 58 4.57 -23.34 26.41
CA TYR C 58 3.44 -23.36 25.49
C TYR C 58 2.68 -24.68 25.68
N SER C 59 1.52 -24.78 25.03
CA SER C 59 0.71 -26.00 25.08
C SER C 59 -0.15 -26.09 23.83
N ASN C 60 0.08 -27.15 23.04
CA ASN C 60 -0.64 -27.44 21.79
C ASN C 60 -0.54 -26.29 20.79
N ILE C 61 0.67 -25.77 20.61
CA ILE C 61 0.95 -24.71 19.63
C ILE C 61 2.17 -25.14 18.83
N THR C 62 2.20 -24.73 17.56
CA THR C 62 3.36 -24.91 16.69
C THR C 62 4.03 -23.56 16.47
N ILE C 63 5.34 -23.48 16.76
CA ILE C 63 6.10 -22.24 16.67
C ILE C 63 7.39 -22.53 15.90
N THR C 64 7.81 -21.57 15.07
CA THR C 64 9.08 -21.64 14.36
C THR C 64 10.13 -20.92 15.21
N LEU C 65 10.75 -21.67 16.12
CA LEU C 65 11.76 -21.09 17.00
C LEU C 65 13.07 -20.87 16.26
N GLU C 66 13.82 -19.88 16.73
CA GLU C 66 15.14 -19.58 16.21
C GLU C 66 16.15 -19.67 17.35
N GLY C 67 17.30 -20.27 17.08
CA GLY C 67 18.31 -20.43 18.10
C GLY C 67 19.41 -21.40 17.68
N LEU C 68 19.89 -22.18 18.64
CA LEU C 68 20.97 -23.13 18.39
C LEU C 68 20.37 -24.54 18.38
N PHE C 69 20.34 -25.15 17.21
CA PHE C 69 19.74 -26.45 16.99
C PHE C 69 20.67 -27.33 16.19
N PRO C 70 20.62 -28.65 16.38
CA PRO C 70 21.48 -29.55 15.61
C PRO C 70 20.77 -30.08 14.36
N HIS C 71 21.59 -30.63 13.46
CA HIS C 71 21.10 -31.14 12.19
C HIS C 71 20.38 -32.47 12.36
N GLN C 72 19.50 -32.76 11.39
CA GLN C 72 18.81 -34.05 11.36
C GLN C 72 19.75 -35.13 10.85
N ALA C 73 19.69 -36.30 11.50
CA ALA C 73 20.47 -37.49 11.14
C ALA C 73 21.97 -37.21 11.20
N ASP C 74 22.37 -36.39 12.17
CA ASP C 74 23.77 -36.06 12.39
C ASP C 74 24.38 -37.14 13.29
N ARG C 75 25.28 -37.94 12.73
CA ARG C 75 25.96 -38.97 13.51
C ARG C 75 26.99 -38.29 14.40
N GLY C 76 26.65 -38.10 15.66
CA GLY C 76 27.56 -37.45 16.57
C GLY C 76 28.74 -38.33 16.94
N ASP C 77 29.73 -37.70 17.56
CA ASP C 77 30.92 -38.42 17.98
C ASP C 77 30.61 -39.34 19.14
N MET C 78 31.08 -40.58 19.06
CA MET C 78 30.80 -41.61 20.05
C MET C 78 31.98 -41.76 21.00
N TYR C 79 31.68 -41.83 22.30
CA TYR C 79 32.68 -42.02 23.34
C TYR C 79 32.18 -43.06 24.31
N VAL C 80 33.01 -44.05 24.63
CA VAL C 80 32.68 -45.08 25.62
C VAL C 80 33.75 -45.09 26.69
N TYR C 81 33.34 -45.41 27.91
CA TYR C 81 34.26 -45.61 29.02
C TYR C 81 34.37 -47.10 29.28
N SER C 82 35.58 -47.55 29.64
CA SER C 82 35.85 -48.95 29.83
C SER C 82 36.28 -49.23 31.26
N GLN C 83 36.12 -50.48 31.67
CA GLN C 83 36.57 -50.95 32.97
C GLN C 83 38.08 -51.20 32.95
N SER C 84 38.64 -51.46 34.12
CA SER C 84 40.06 -51.74 34.23
C SER C 84 40.39 -53.08 33.58
N HIS C 85 41.54 -53.14 32.91
CA HIS C 85 41.93 -54.35 32.19
C HIS C 85 42.57 -55.37 33.13
N LYS C 86 43.72 -55.03 33.70
CA LYS C 86 44.48 -55.95 34.54
C LYS C 86 44.69 -55.41 35.95
N GLY C 87 43.93 -54.39 36.35
CA GLY C 87 44.23 -53.64 37.54
C GLY C 87 44.81 -52.27 37.26
N ARG C 88 44.91 -51.90 35.99
CA ARG C 88 45.37 -50.61 35.51
C ARG C 88 44.32 -50.01 34.58
N PRO C 89 44.23 -48.68 34.50
CA PRO C 89 43.17 -48.05 33.69
C PRO C 89 43.26 -48.41 32.22
N PHE C 90 42.09 -48.59 31.61
CA PHE C 90 41.94 -48.91 30.19
C PHE C 90 41.14 -47.76 29.57
N ILE C 91 41.81 -46.91 28.81
CA ILE C 91 41.18 -45.71 28.25
C ILE C 91 41.51 -45.62 26.77
N SER C 92 40.96 -44.58 26.15
CA SER C 92 41.05 -44.34 24.71
C SER C 92 41.86 -43.08 24.43
N ASN C 93 41.82 -42.65 23.18
CA ASN C 93 42.53 -41.50 22.63
C ASN C 93 41.87 -40.17 22.99
N TYR C 94 40.94 -40.15 23.95
CA TYR C 94 40.07 -39.01 24.16
C TYR C 94 40.79 -37.80 24.72
N SER C 95 41.81 -38.00 25.56
CA SER C 95 42.44 -36.89 26.25
C SER C 95 43.36 -36.08 25.35
N LEU C 96 43.89 -36.66 24.29
CA LEU C 96 44.87 -35.98 23.45
C LEU C 96 44.24 -35.35 22.20
N VAL C 97 42.92 -35.40 22.06
CA VAL C 97 42.21 -34.80 20.94
C VAL C 97 41.31 -33.69 21.48
N THR C 98 41.39 -32.52 20.86
CA THR C 98 40.63 -31.35 21.28
C THR C 98 39.67 -30.97 20.17
N ASN C 99 38.38 -30.93 20.49
CA ASN C 99 37.36 -30.64 19.50
C ASN C 99 37.03 -29.15 19.51
N ASP C 100 36.10 -28.75 18.65
CA ASP C 100 35.71 -27.35 18.53
C ASP C 100 34.38 -27.12 19.21
N PHE C 101 34.33 -26.12 20.09
CA PHE C 101 33.08 -25.83 20.80
C PHE C 101 32.06 -25.22 19.86
N GLY C 102 32.48 -24.25 19.05
CA GLY C 102 31.59 -23.61 18.10
C GLY C 102 30.51 -22.79 18.77
N ASN C 103 29.25 -23.19 18.59
CA ASN C 103 28.13 -22.53 19.22
C ASN C 103 27.57 -23.31 20.40
N GLY C 104 28.18 -24.44 20.76
CA GLY C 104 27.70 -25.26 21.84
C GLY C 104 27.47 -26.70 21.43
N ILE C 105 27.35 -27.60 22.40
CA ILE C 105 27.14 -29.01 22.13
C ILE C 105 25.99 -29.53 22.95
N VAL C 106 25.38 -30.62 22.46
CA VAL C 106 24.33 -31.34 23.17
C VAL C 106 24.73 -32.81 23.21
N ILE C 107 24.50 -33.45 24.36
CA ILE C 107 24.97 -34.81 24.59
C ILE C 107 23.78 -35.70 24.89
N ARG C 108 23.67 -36.81 24.14
CA ARG C 108 22.69 -37.86 24.42
C ARG C 108 23.28 -38.78 25.47
N ILE C 109 22.80 -38.68 26.69
CA ILE C 109 23.46 -39.32 27.84
C ILE C 109 22.78 -40.66 28.07
N GLY C 110 23.57 -41.73 28.11
CA GLY C 110 23.01 -43.05 28.31
C GLY C 110 22.44 -43.62 27.03
N SER C 111 21.11 -43.71 26.95
CA SER C 111 20.35 -44.10 25.76
C SER C 111 20.66 -45.51 25.26
N ALA C 112 21.43 -46.29 26.02
CA ALA C 112 21.76 -47.65 25.64
C ALA C 112 21.74 -48.59 26.84
N ALA C 113 21.15 -48.17 27.96
CA ALA C 113 21.05 -49.05 29.11
C ALA C 113 20.07 -50.19 28.83
N ASN C 114 20.16 -51.22 29.67
CA ASN C 114 19.32 -52.42 29.61
C ASN C 114 19.48 -53.17 28.30
N LYS C 115 20.64 -53.06 27.66
CA LYS C 115 20.97 -53.82 26.46
C LYS C 115 22.21 -54.66 26.74
N THR C 116 22.52 -55.54 25.78
CA THR C 116 23.69 -56.41 25.89
C THR C 116 24.92 -55.63 25.45
N GLY C 117 25.86 -55.43 26.35
CA GLY C 117 27.02 -54.57 26.11
C GLY C 117 28.30 -55.36 25.99
N SER C 118 29.22 -54.84 25.18
CA SER C 118 30.55 -55.39 25.04
C SER C 118 31.48 -54.70 26.05
N PRO C 119 32.06 -55.42 27.01
CA PRO C 119 33.26 -54.90 27.66
C PRO C 119 34.33 -54.68 26.61
N ILE C 120 34.95 -53.50 26.66
CA ILE C 120 35.93 -53.14 25.63
C ILE C 120 37.17 -54.03 25.72
N ILE C 121 37.46 -54.59 26.89
CA ILE C 121 38.61 -55.48 27.06
C ILE C 121 38.25 -56.92 26.74
N SER C 122 36.99 -57.19 26.36
CA SER C 122 36.57 -58.57 26.13
C SER C 122 35.47 -58.57 25.07
N ASN C 123 35.83 -58.94 23.84
CA ASN C 123 34.88 -58.97 22.73
C ASN C 123 34.10 -60.28 22.70
N ILE C 124 34.44 -61.25 23.54
CA ILE C 124 33.75 -62.54 23.55
C ILE C 124 32.35 -62.36 24.10
N ALA C 125 31.36 -62.87 23.37
CA ALA C 125 29.95 -62.65 23.71
C ALA C 125 29.52 -63.36 24.99
N SER C 126 30.30 -64.34 25.47
CA SER C 126 30.01 -64.92 26.77
C SER C 126 30.29 -63.94 27.90
N ASN C 127 31.26 -63.05 27.71
CA ASN C 127 31.58 -62.01 28.69
C ASN C 127 30.65 -60.81 28.60
N PHE C 128 29.73 -60.80 27.64
CA PHE C 128 28.85 -59.66 27.44
C PHE C 128 27.85 -59.55 28.59
N GLN C 129 27.60 -58.32 29.04
CA GLN C 129 26.70 -58.07 30.16
C GLN C 129 25.86 -56.85 29.88
N ILE C 130 25.00 -56.51 30.84
CA ILE C 130 24.08 -55.41 30.71
C ILE C 130 24.82 -54.09 30.91
N MET C 131 24.55 -53.11 30.04
CA MET C 131 25.17 -51.80 30.14
C MET C 131 24.67 -51.03 31.36
N LYS C 132 25.58 -50.33 32.02
CA LYS C 132 25.26 -49.40 33.08
C LYS C 132 25.37 -47.97 32.56
N LYS C 133 25.02 -47.02 33.40
CA LYS C 133 25.03 -45.60 33.03
C LYS C 133 26.20 -44.90 33.69
N LEU C 134 27.00 -44.20 32.88
CA LEU C 134 28.11 -43.40 33.36
C LEU C 134 27.96 -41.97 32.88
N TYR C 135 28.28 -41.04 33.74
CA TYR C 135 28.29 -39.63 33.36
C TYR C 135 29.70 -39.22 32.95
N PRO C 136 29.83 -38.49 31.84
CA PRO C 136 31.16 -38.10 31.36
C PRO C 136 31.78 -36.99 32.20
N ALA C 137 33.09 -36.88 32.08
CA ALA C 137 33.84 -35.76 32.62
C ALA C 137 34.23 -34.86 31.45
N LEU C 138 33.84 -33.60 31.53
CA LEU C 138 34.03 -32.65 30.44
C LEU C 138 34.98 -31.55 30.86
N LEU C 139 35.66 -30.98 29.88
CA LEU C 139 36.65 -29.93 30.10
C LEU C 139 36.55 -28.92 28.97
N PHE C 140 36.20 -27.68 29.33
CA PHE C 140 36.01 -26.60 28.38
C PHE C 140 37.02 -25.52 28.65
N GLY C 141 37.66 -25.00 27.59
CA GLY C 141 38.66 -23.97 27.76
C GLY C 141 38.73 -23.01 26.60
N SER C 142 39.70 -22.10 26.62
CA SER C 142 39.85 -21.11 25.58
C SER C 142 41.17 -21.21 24.83
N ALA C 143 42.26 -21.52 25.52
CA ALA C 143 43.58 -21.66 24.90
C ALA C 143 44.10 -23.07 25.16
N VAL C 144 44.47 -23.76 24.08
CA VAL C 144 44.91 -25.14 24.16
C VAL C 144 46.29 -25.26 23.52
N GLY C 145 47.20 -25.93 24.21
CA GLY C 145 48.51 -26.25 23.68
C GLY C 145 48.90 -27.64 24.12
N LYS C 146 50.20 -27.82 24.38
CA LYS C 146 50.76 -29.12 24.76
C LYS C 146 51.54 -28.99 26.06
N PHE C 147 51.53 -30.07 26.84
CA PHE C 147 52.28 -30.09 28.06
C PHE C 147 53.75 -30.01 27.70
N PRO C 148 54.54 -29.21 28.41
CA PRO C 148 55.95 -29.03 28.05
C PRO C 148 56.89 -30.20 28.11
N ALA C 149 56.80 -31.03 29.14
CA ALA C 149 57.75 -32.14 29.30
C ALA C 149 57.73 -33.21 28.24
N ASN C 150 56.55 -33.59 27.79
CA ASN C 150 56.45 -34.70 26.86
C ASN C 150 56.01 -34.29 25.47
N ASN C 151 55.37 -33.15 25.36
CA ASN C 151 54.81 -32.70 24.08
C ASN C 151 53.47 -33.38 23.75
N LYS C 152 52.67 -33.67 24.77
CA LYS C 152 51.36 -34.28 24.57
C LYS C 152 50.28 -33.20 24.53
N THR C 153 49.35 -33.33 23.59
CA THR C 153 48.32 -32.31 23.41
C THR C 153 47.30 -32.34 24.54
N GLY C 154 46.46 -31.31 24.58
CA GLY C 154 45.43 -31.19 25.59
C GLY C 154 45.89 -30.57 26.88
N ALA C 155 46.76 -29.56 26.81
CA ALA C 155 47.31 -28.96 28.02
C ALA C 155 46.29 -28.06 28.71
N TYR C 156 45.54 -27.28 27.94
CA TYR C 156 44.44 -26.43 28.43
C TYR C 156 44.93 -25.37 29.42
N PHE C 157 45.72 -24.46 28.88
CA PHE C 157 46.25 -23.35 29.66
C PHE C 157 45.15 -22.38 30.07
N ASN C 158 45.48 -21.55 31.05
CA ASN C 158 44.60 -20.54 31.64
C ASN C 158 43.34 -21.15 32.23
N HIS C 159 42.33 -20.32 32.48
CA HIS C 159 41.13 -20.75 33.17
C HIS C 159 40.33 -21.71 32.31
N SER C 160 39.67 -22.67 32.95
CA SER C 160 38.94 -23.70 32.23
C SER C 160 37.80 -24.22 33.08
N LEU C 161 36.71 -24.61 32.43
CA LEU C 161 35.53 -25.12 33.11
C LEU C 161 35.60 -26.65 33.11
N VAL C 162 35.63 -27.24 34.31
CA VAL C 162 35.74 -28.68 34.46
C VAL C 162 34.43 -29.18 35.05
N ILE C 163 33.68 -29.95 34.26
CA ILE C 163 32.41 -30.50 34.70
C ILE C 163 32.65 -31.95 35.12
N LEU C 164 32.46 -32.24 36.41
CA LEU C 164 32.76 -33.53 36.97
C LEU C 164 31.52 -34.15 37.63
N PRO C 165 31.19 -35.39 37.31
CA PRO C 165 30.15 -36.10 38.07
C PRO C 165 30.68 -36.73 39.35
N GLU C 166 30.76 -35.95 40.43
CA GLU C 166 31.37 -36.41 41.66
C GLU C 166 30.46 -37.41 42.38
N LYS C 167 30.97 -37.95 43.49
CA LYS C 167 30.30 -38.97 44.30
C LYS C 167 29.95 -40.20 43.48
N CYS C 168 29.02 -41.02 43.96
CA CYS C 168 28.56 -42.17 43.20
C CYS C 168 27.52 -41.76 42.15
N GLY C 169 27.87 -40.80 41.29
CA GLY C 169 26.96 -40.29 40.29
C GLY C 169 25.76 -39.57 40.84
N THR C 170 25.92 -38.83 41.94
CA THR C 170 24.82 -38.12 42.57
C THR C 170 24.98 -36.61 42.59
N VAL C 171 26.17 -36.08 42.36
CA VAL C 171 26.36 -34.64 42.27
C VAL C 171 27.24 -34.35 41.05
N ILE C 172 26.86 -33.34 40.28
CA ILE C 172 27.65 -32.84 39.16
C ILE C 172 28.27 -31.51 39.55
N THR C 173 29.57 -31.38 39.35
CA THR C 173 30.34 -30.25 39.83
C THR C 173 30.88 -29.46 38.65
N ALA C 174 30.57 -28.17 38.61
CA ALA C 174 31.06 -27.26 37.58
C ALA C 174 32.04 -26.30 38.25
N LEU C 175 33.33 -26.62 38.20
CA LEU C 175 34.35 -25.79 38.80
C LEU C 175 35.21 -25.16 37.72
N TYR C 176 35.49 -23.87 37.87
CA TYR C 176 36.08 -23.03 36.83
C TYR C 176 37.45 -22.54 37.25
N CYS C 177 38.50 -23.29 36.92
CA CYS C 177 39.86 -22.82 37.17
C CYS C 177 40.92 -23.59 36.40
N VAL C 178 42.16 -23.28 36.75
CA VAL C 178 43.33 -23.44 35.89
C VAL C 178 44.01 -24.74 36.26
N LEU C 179 44.40 -25.50 35.24
CA LEU C 179 45.09 -26.76 35.42
C LEU C 179 46.53 -26.60 34.99
N GLU C 180 47.46 -26.75 35.94
CA GLU C 180 48.87 -26.72 35.61
C GLU C 180 49.49 -28.09 35.88
N PRO C 181 50.51 -28.48 35.11
CA PRO C 181 51.16 -29.77 35.35
C PRO C 181 51.87 -29.81 36.68
N LYS C 182 51.84 -30.99 37.30
CA LYS C 182 52.46 -31.22 38.59
C LYS C 182 53.76 -31.98 38.40
N ASN C 183 54.86 -31.46 38.95
CA ASN C 183 56.18 -32.07 38.76
C ASN C 183 56.25 -33.33 39.60
N ASP C 184 55.75 -34.43 39.02
CA ASP C 184 55.77 -35.75 39.64
C ASP C 184 56.20 -36.76 38.60
N THR C 185 56.74 -37.88 39.08
CA THR C 185 57.30 -38.88 38.17
C THR C 185 56.21 -39.63 37.42
N ASN C 186 56.42 -39.80 36.11
CA ASN C 186 55.49 -40.49 35.21
C ASN C 186 54.08 -39.91 35.27
N CYS C 187 54.00 -38.59 35.33
CA CYS C 187 52.72 -37.90 35.49
C CYS C 187 52.76 -36.66 34.61
N THR C 188 51.75 -35.79 34.75
CA THR C 188 51.62 -34.62 33.87
C THR C 188 52.77 -33.66 34.10
N GLY C 189 53.67 -33.55 33.13
CA GLY C 189 54.84 -32.73 33.28
C GLY C 189 56.08 -33.56 33.54
N SER C 190 56.17 -34.70 32.87
CA SER C 190 57.32 -35.60 33.00
C SER C 190 57.61 -36.19 31.62
N SER C 191 58.54 -37.14 31.57
CA SER C 191 58.91 -37.78 30.32
C SER C 191 58.18 -39.09 30.08
N GLY C 192 57.53 -39.65 31.11
CA GLY C 192 56.87 -40.93 30.98
C GLY C 192 55.37 -40.82 31.14
N TYR C 193 54.78 -39.78 30.56
CA TYR C 193 53.35 -39.51 30.64
C TYR C 193 52.69 -39.84 29.31
N VAL C 194 51.53 -40.51 29.39
CA VAL C 194 50.76 -40.87 28.20
C VAL C 194 49.38 -40.22 28.20
N SER C 195 48.67 -40.28 29.32
CA SER C 195 47.33 -39.71 29.44
C SER C 195 46.94 -39.69 30.91
N TYR C 196 45.88 -38.96 31.22
CA TYR C 196 45.35 -38.85 32.57
C TYR C 196 43.97 -39.49 32.63
N VAL C 197 43.72 -40.25 33.69
CA VAL C 197 42.47 -40.97 33.88
C VAL C 197 41.84 -40.52 35.19
N LEU C 198 40.53 -40.27 35.16
CA LEU C 198 39.75 -40.06 36.38
C LEU C 198 39.30 -41.43 36.86
N PHE C 199 40.24 -42.14 37.49
CA PHE C 199 40.05 -43.54 37.84
C PHE C 199 39.15 -43.63 39.06
N GLU C 200 38.17 -44.53 39.02
CA GLU C 200 37.17 -44.66 40.07
C GLU C 200 37.00 -46.13 40.44
N ASN C 201 36.40 -46.37 41.60
CA ASN C 201 36.04 -47.70 42.04
C ASN C 201 34.62 -48.05 41.60
N PHE C 202 34.23 -49.29 41.90
CA PHE C 202 32.88 -49.70 41.60
C PHE C 202 32.18 -49.93 42.95
N SER C 203 30.95 -49.51 43.08
CA SER C 203 30.15 -49.60 44.30
C SER C 203 30.04 -51.02 44.86
N ASN C 211 34.88 -38.80 44.84
CA ASN C 211 35.24 -37.52 44.23
C ASN C 211 36.36 -37.66 43.22
N LEU C 212 36.05 -37.40 41.95
CA LEU C 212 37.06 -37.41 40.91
C LEU C 212 37.97 -36.19 40.95
N LYS C 213 37.63 -35.18 41.75
CA LYS C 213 38.49 -34.02 41.91
C LYS C 213 39.82 -34.41 42.53
N ASN C 214 39.83 -35.42 43.39
CA ASN C 214 41.08 -35.89 43.97
C ASN C 214 41.98 -36.53 42.92
N SER C 215 41.40 -37.30 41.99
CA SER C 215 42.18 -37.82 40.87
C SER C 215 42.66 -36.70 39.95
N LEU C 216 41.82 -35.70 39.72
CA LEU C 216 42.20 -34.56 38.89
C LEU C 216 43.37 -33.81 39.54
N GLN C 217 43.32 -33.64 40.85
CA GLN C 217 44.44 -33.04 41.59
C GLN C 217 45.65 -33.96 41.63
N GLN C 218 45.43 -35.28 41.52
CA GLN C 218 46.54 -36.20 41.33
C GLN C 218 47.19 -36.05 39.97
N TRP C 219 46.46 -35.49 38.99
CA TRP C 219 47.04 -35.24 37.68
C TRP C 219 47.24 -33.76 37.34
N PHE C 220 46.74 -32.84 38.16
CA PHE C 220 46.84 -31.42 37.86
C PHE C 220 46.94 -30.62 39.15
N ASN C 221 47.14 -29.31 38.99
CA ASN C 221 47.17 -28.37 40.11
C ASN C 221 45.94 -27.47 40.05
N ILE C 222 45.27 -27.32 41.18
CA ILE C 222 44.04 -26.52 41.28
C ILE C 222 44.41 -25.19 41.92
N LYS C 223 44.52 -24.13 41.12
CA LYS C 223 44.82 -22.80 41.62
C LYS C 223 43.95 -21.75 40.93
N ASP C 224 43.87 -20.56 41.57
CA ASP C 224 43.09 -19.41 41.10
C ASP C 224 41.62 -19.77 40.91
N CYS C 225 41.05 -20.50 41.88
CA CYS C 225 39.80 -21.17 41.58
C CYS C 225 38.63 -20.28 41.97
N LEU C 226 37.80 -19.94 40.98
CA LEU C 226 36.83 -18.85 41.06
C LEU C 226 35.51 -19.27 41.70
N PHE C 227 34.90 -20.33 41.19
CA PHE C 227 33.71 -20.88 41.84
C PHE C 227 33.71 -22.39 41.70
N GLU C 228 33.02 -23.03 42.63
CA GLU C 228 32.86 -24.48 42.66
C GLU C 228 31.39 -24.73 43.00
N LYS C 229 30.62 -25.10 41.99
CA LYS C 229 29.17 -25.21 42.11
C LYS C 229 28.75 -26.66 42.01
N ASN C 230 27.85 -27.08 42.90
CA ASN C 230 27.41 -28.47 42.99
C ASN C 230 25.92 -28.54 42.75
N TYR C 231 25.49 -29.52 41.96
CA TYR C 231 24.08 -29.69 41.62
C TYR C 231 23.66 -31.13 41.86
N ASN C 232 22.54 -31.29 42.56
CA ASN C 232 22.12 -32.59 43.05
C ASN C 232 21.30 -33.33 42.00
N VAL C 233 21.72 -34.56 41.68
CA VAL C 233 20.99 -35.42 40.76
C VAL C 233 20.83 -36.80 41.41
N THR C 234 19.86 -37.54 40.91
CA THR C 234 19.60 -38.89 41.39
C THR C 234 20.27 -39.92 40.50
N ASP C 235 20.68 -41.03 41.12
CA ASP C 235 21.31 -42.11 40.39
C ASP C 235 20.24 -42.93 39.68
N ASP C 236 20.28 -42.94 38.35
CA ASP C 236 19.29 -43.64 37.55
C ASP C 236 19.98 -44.35 36.40
N GLU C 237 19.19 -45.01 35.56
CA GLU C 237 19.70 -45.81 34.45
C GLU C 237 18.96 -45.45 33.17
N ARG C 238 18.81 -44.16 32.91
CA ARG C 238 17.87 -43.67 31.92
C ARG C 238 18.56 -42.81 30.87
N GLU C 239 17.84 -42.58 29.78
CA GLU C 239 18.24 -41.58 28.78
C GLU C 239 18.19 -40.20 29.40
N GLU C 240 19.23 -39.41 29.14
CA GLU C 240 19.26 -38.04 29.64
C GLU C 240 19.91 -37.18 28.56
N TRP C 241 19.61 -35.89 28.56
CA TRP C 241 20.28 -34.94 27.67
C TRP C 241 21.01 -33.89 28.48
N PHE C 242 22.18 -33.49 28.00
CA PHE C 242 22.98 -32.44 28.61
C PHE C 242 23.49 -31.50 27.53
N GLY C 243 23.36 -30.20 27.77
CA GLY C 243 23.77 -29.23 26.77
C GLY C 243 24.35 -27.96 27.35
N ILE C 244 25.37 -27.43 26.70
CA ILE C 244 26.06 -26.23 27.14
C ILE C 244 26.13 -25.24 25.98
N ILE C 245 25.79 -23.98 26.25
CA ILE C 245 25.93 -22.89 25.30
C ILE C 245 26.64 -21.74 26.01
N GLN C 246 27.08 -20.76 25.24
CA GLN C 246 27.71 -19.57 25.79
C GLN C 246 27.22 -18.36 25.01
N ASP C 247 26.84 -17.31 25.74
CA ASP C 247 26.38 -16.07 25.13
C ASP C 247 27.06 -14.93 25.89
N GLN C 248 26.63 -13.70 25.65
CA GLN C 248 27.14 -12.55 26.39
C GLN C 248 26.82 -12.64 27.88
N GLN C 249 25.68 -13.25 28.23
CA GLN C 249 25.25 -13.34 29.61
C GLN C 249 25.93 -14.46 30.38
N GLY C 250 26.77 -15.25 29.74
CA GLY C 250 27.55 -16.26 30.42
C GLY C 250 27.37 -17.62 29.78
N VAL C 251 27.67 -18.65 30.56
CA VAL C 251 27.56 -20.04 30.12
C VAL C 251 26.27 -20.61 30.69
N HIS C 252 25.42 -21.11 29.81
CA HIS C 252 24.14 -21.70 30.20
C HIS C 252 24.21 -23.21 30.05
N LEU C 253 23.79 -23.92 31.08
CA LEU C 253 23.72 -25.39 31.04
C LEU C 253 22.27 -25.84 30.89
N TYR C 254 22.09 -26.98 30.22
CA TYR C 254 20.78 -27.56 30.02
C TYR C 254 20.82 -29.02 30.41
N THR C 255 19.69 -29.52 30.92
CA THR C 255 19.61 -30.90 31.36
C THR C 255 18.17 -31.39 31.15
N SER C 256 18.00 -32.70 31.25
CA SER C 256 16.69 -33.32 31.13
C SER C 256 16.10 -33.76 32.46
N ARG C 257 16.87 -33.68 33.54
CA ARG C 257 16.33 -33.99 34.88
C ARG C 257 15.69 -32.77 35.52
N LYS C 258 14.83 -32.12 34.76
CA LYS C 258 13.95 -31.06 35.25
C LYS C 258 12.55 -31.39 34.78
N ASN C 259 11.57 -31.07 35.63
CA ASN C 259 10.15 -31.33 35.40
C ASN C 259 9.86 -32.81 35.21
N GLY C 260 8.70 -33.14 34.65
CA GLY C 260 8.26 -34.53 34.69
C GLY C 260 8.52 -35.39 33.47
N TYR C 261 9.61 -36.18 33.53
CA TYR C 261 9.80 -37.40 32.74
C TYR C 261 9.76 -37.15 31.22
N SER C 262 10.70 -36.34 30.74
CA SER C 262 10.73 -35.99 29.32
C SER C 262 12.18 -35.95 28.83
N ASN C 263 12.31 -35.92 27.51
CA ASN C 263 13.61 -35.77 26.85
C ASN C 263 13.94 -34.32 26.54
N ASN C 264 13.15 -33.37 27.04
CA ASN C 264 13.38 -31.97 26.78
C ASN C 264 14.57 -31.47 27.58
N MET C 265 14.90 -30.19 27.38
CA MET C 265 16.21 -29.66 27.76
C MET C 265 16.01 -28.27 28.36
N PHE C 266 15.93 -28.19 29.68
CA PHE C 266 15.61 -26.96 30.38
C PHE C 266 16.86 -26.31 30.97
N LEU C 267 16.87 -24.98 31.01
CA LEU C 267 18.03 -24.25 31.46
C LEU C 267 18.18 -24.33 32.97
N PHE C 268 19.43 -24.46 33.41
CA PHE C 268 19.81 -24.32 34.81
C PHE C 268 21.27 -23.93 34.83
N ALA C 269 21.70 -23.35 35.96
CA ALA C 269 23.11 -23.06 36.24
C ALA C 269 23.72 -22.11 35.21
N THR C 270 23.23 -20.87 35.22
CA THR C 270 23.86 -19.83 34.42
C THR C 270 25.20 -19.44 35.04
N LEU C 271 26.29 -20.02 34.53
CA LEU C 271 27.60 -19.79 35.12
C LEU C 271 28.17 -18.43 34.68
N PRO C 272 28.88 -17.74 35.57
CA PRO C 272 29.48 -16.43 35.23
C PRO C 272 30.83 -16.56 34.52
N ILE C 273 30.83 -17.15 33.34
CA ILE C 273 32.03 -17.32 32.53
C ILE C 273 31.82 -16.52 31.25
N TYR C 274 32.68 -15.52 31.02
CA TYR C 274 32.48 -14.60 29.92
C TYR C 274 33.55 -14.66 28.84
N ASP C 275 34.70 -15.25 29.12
CA ASP C 275 35.67 -15.54 28.07
C ASP C 275 35.13 -16.63 27.16
N GLN C 276 35.41 -16.51 25.87
CA GLN C 276 34.80 -17.38 24.88
C GLN C 276 35.40 -18.78 24.93
N ILE C 277 34.56 -19.79 25.14
CA ILE C 277 35.00 -21.18 25.07
C ILE C 277 35.17 -21.56 23.61
N LEU C 278 36.34 -22.07 23.27
CA LEU C 278 36.63 -22.46 21.89
C LEU C 278 36.90 -23.94 21.71
N TYR C 279 37.25 -24.67 22.77
CA TYR C 279 37.60 -26.07 22.66
C TYR C 279 36.94 -26.86 23.78
N TYR C 280 36.68 -28.14 23.51
CA TYR C 280 36.20 -29.05 24.53
C TYR C 280 36.83 -30.42 24.30
N THR C 281 37.05 -31.14 25.40
CA THR C 281 37.51 -32.52 25.36
C THR C 281 36.63 -33.36 26.27
N VAL C 282 36.73 -34.67 26.10
CA VAL C 282 36.10 -35.63 26.98
C VAL C 282 37.20 -36.29 27.78
N MET C 283 37.21 -36.04 29.08
CA MET C 283 38.25 -36.60 29.92
C MET C 283 37.98 -38.08 30.15
N PRO C 284 38.95 -38.96 29.85
CA PRO C 284 38.68 -40.40 29.97
C PRO C 284 38.46 -40.84 31.41
N ARG C 285 37.62 -41.86 31.55
CA ARG C 285 37.11 -42.30 32.84
C ARG C 285 37.09 -43.82 32.86
N SER C 286 37.58 -44.42 33.93
CA SER C 286 37.61 -45.86 34.05
C SER C 286 37.22 -46.27 35.46
N ILE C 287 36.69 -47.49 35.58
CA ILE C 287 36.22 -48.05 36.84
C ILE C 287 36.96 -49.35 37.10
N ASN C 288 37.56 -49.46 38.28
CA ASN C 288 38.30 -50.66 38.64
C ASN C 288 37.35 -51.84 38.81
N ALA C 289 37.82 -53.03 38.42
CA ALA C 289 37.00 -54.22 38.47
C ALA C 289 36.82 -54.72 39.91
N TYR C 295 34.11 -58.67 34.79
CA TYR C 295 33.71 -57.96 33.59
C TYR C 295 32.48 -57.08 33.83
N HIS C 296 32.49 -55.89 33.23
CA HIS C 296 31.36 -54.97 33.30
C HIS C 296 31.25 -54.22 31.97
N ALA C 297 30.05 -53.68 31.72
CA ALA C 297 29.78 -52.95 30.50
C ALA C 297 29.00 -51.68 30.82
N PHE C 298 29.29 -50.61 30.09
CA PHE C 298 28.67 -49.31 30.32
C PHE C 298 28.17 -48.72 29.01
N SER C 299 27.22 -47.80 29.13
CA SER C 299 26.61 -47.18 27.97
C SER C 299 27.55 -46.14 27.34
N ALA C 300 27.10 -45.59 26.23
CA ALA C 300 27.83 -44.56 25.50
C ALA C 300 27.05 -43.25 25.53
N PHE C 301 27.76 -42.18 25.21
CA PHE C 301 27.15 -40.87 25.03
C PHE C 301 27.63 -40.29 23.71
N TYR C 302 26.74 -39.60 23.02
CA TYR C 302 27.02 -39.02 21.71
C TYR C 302 26.95 -37.51 21.81
N ILE C 303 27.91 -36.83 21.20
CA ILE C 303 27.99 -35.37 21.26
C ILE C 303 27.66 -34.81 19.88
N TYR C 304 26.67 -33.92 19.84
CA TYR C 304 26.24 -33.27 18.60
C TYR C 304 26.48 -31.78 18.72
N LYS C 305 26.76 -31.14 17.59
CA LYS C 305 27.10 -29.73 17.56
C LYS C 305 25.88 -28.90 17.18
N LEU C 306 25.70 -27.77 17.87
CA LEU C 306 24.60 -26.87 17.61
C LEU C 306 24.96 -25.87 16.52
N HIS C 307 23.97 -25.48 15.72
CA HIS C 307 24.15 -24.54 14.63
C HIS C 307 23.08 -23.47 14.70
N LYS C 308 23.36 -22.33 14.06
CA LYS C 308 22.39 -21.23 13.97
C LYS C 308 21.48 -21.50 12.79
N ILE C 309 20.40 -22.25 13.02
CA ILE C 309 19.47 -22.64 11.97
C ILE C 309 18.05 -22.43 12.43
N ASN C 310 17.14 -22.32 11.46
CA ASN C 310 15.72 -22.28 11.75
C ASN C 310 15.20 -23.68 12.06
N TYR C 311 14.16 -23.75 12.89
CA TYR C 311 13.76 -25.03 13.45
C TYR C 311 12.32 -24.90 13.95
N MET C 312 11.43 -25.75 13.45
CA MET C 312 10.01 -25.69 13.77
C MET C 312 9.66 -26.85 14.70
N VAL C 313 9.09 -26.52 15.86
CA VAL C 313 8.75 -27.51 16.88
C VAL C 313 7.26 -27.44 17.19
N ASP C 314 6.82 -28.41 17.98
CA ASP C 314 5.44 -28.46 18.43
C ASP C 314 5.42 -28.87 19.88
N PHE C 315 4.42 -28.46 20.64
CA PHE C 315 4.28 -28.77 22.06
C PHE C 315 3.09 -29.71 22.28
N ASP C 316 2.84 -30.09 23.52
CA ASP C 316 1.68 -30.94 23.82
C ASP C 316 0.77 -30.39 24.91
N VAL C 317 0.15 -31.25 25.70
CA VAL C 317 -0.74 -30.80 26.76
C VAL C 317 0.05 -30.40 28.00
N ASN C 318 1.06 -31.17 28.34
CA ASN C 318 1.88 -30.88 29.52
C ASN C 318 2.99 -29.89 29.23
N GLY C 319 3.13 -29.43 28.00
CA GLY C 319 4.12 -28.43 27.67
C GLY C 319 5.48 -28.98 27.32
N TYR C 320 5.51 -30.14 26.66
CA TYR C 320 6.75 -30.78 26.25
C TYR C 320 6.81 -30.87 24.74
N ILE C 321 8.00 -30.68 24.19
CA ILE C 321 8.20 -30.80 22.75
C ILE C 321 8.28 -32.28 22.39
N THR C 322 7.32 -32.73 21.58
CA THR C 322 7.25 -34.13 21.19
C THR C 322 7.85 -34.40 19.82
N ARG C 323 7.77 -33.43 18.91
CA ARG C 323 8.25 -33.58 17.54
C ARG C 323 8.78 -32.25 16.94
N ALA C 324 9.82 -32.24 16.10
CA ALA C 324 10.37 -31.01 15.54
C ALA C 324 10.71 -31.21 14.08
N VAL C 325 11.06 -30.12 13.41
CA VAL C 325 11.38 -30.11 11.98
C VAL C 325 12.71 -29.40 11.78
N ASP C 326 13.61 -30.02 11.01
CA ASP C 326 14.96 -29.48 10.83
C ASP C 326 14.97 -28.16 10.06
N CYS C 327 14.00 -27.98 9.14
CA CYS C 327 13.87 -26.76 8.33
C CYS C 327 15.12 -26.50 7.48
N GLY C 328 15.37 -27.43 6.56
CA GLY C 328 16.53 -27.29 5.71
C GLY C 328 17.25 -28.60 5.43
N TYR C 329 16.78 -29.69 6.02
CA TYR C 329 17.37 -30.99 5.75
C TYR C 329 17.10 -31.43 4.31
N ASN C 330 15.85 -31.34 3.88
CA ASN C 330 15.51 -31.57 2.47
C ASN C 330 14.58 -30.45 1.99
N ASP C 331 14.04 -30.61 0.77
CA ASP C 331 13.15 -29.59 0.23
C ASP C 331 11.81 -29.58 0.94
N TYR C 332 11.38 -30.72 1.47
CA TYR C 332 10.07 -30.82 2.10
C TYR C 332 10.02 -30.05 3.41
N THR C 333 11.10 -30.09 4.20
CA THR C 333 11.13 -29.31 5.44
C THR C 333 11.20 -27.82 5.15
N GLN C 334 11.92 -27.44 4.08
CA GLN C 334 11.95 -26.03 3.67
C GLN C 334 10.57 -25.56 3.26
N LEU C 335 9.81 -26.41 2.56
CA LEU C 335 8.45 -26.06 2.19
C LEU C 335 7.53 -25.99 3.41
N GLN C 336 7.74 -26.89 4.38
CA GLN C 336 6.96 -26.87 5.61
C GLN C 336 7.19 -25.59 6.40
N CYS C 337 8.44 -25.09 6.40
CA CYS C 337 8.70 -23.79 7.00
C CYS C 337 8.14 -22.65 6.17
N SER C 338 8.14 -22.80 4.84
CA SER C 338 7.58 -21.77 3.97
C SER C 338 6.09 -21.60 4.19
N TYR C 339 5.38 -22.67 4.52
CA TYR C 339 3.95 -22.58 4.79
C TYR C 339 3.61 -22.72 6.26
N GLY C 340 4.60 -22.97 7.12
CA GLY C 340 4.38 -22.88 8.56
C GLY C 340 3.49 -23.93 9.17
N GLN C 341 3.34 -25.08 8.53
CA GLN C 341 2.48 -26.14 9.05
C GLN C 341 3.07 -27.49 8.66
N PHE C 342 2.35 -28.55 9.03
CA PHE C 342 2.82 -29.91 8.85
C PHE C 342 1.77 -30.85 8.25
N ASP C 343 0.50 -30.48 8.27
CA ASP C 343 -0.57 -31.28 7.69
C ASP C 343 -0.92 -30.80 6.29
N MET C 344 0.21 -30.60 5.59
CA MET C 344 0.16 -30.11 4.26
C MET C 344 -0.63 -30.96 3.37
N ASP C 345 -1.42 -30.34 2.53
CA ASP C 345 -2.14 -31.04 1.53
C ASP C 345 -1.25 -31.38 0.37
N SER C 346 -1.67 -32.29 -0.47
CA SER C 346 -0.96 -32.59 -1.66
C SER C 346 -1.01 -31.42 -2.62
N GLY C 347 -0.24 -31.41 -3.67
CA GLY C 347 -0.11 -30.31 -4.61
C GLY C 347 1.33 -30.11 -5.04
N VAL C 348 1.48 -29.49 -6.20
CA VAL C 348 2.80 -29.15 -6.74
C VAL C 348 3.10 -27.74 -6.26
N TYR C 349 3.78 -27.63 -5.13
CA TYR C 349 4.11 -26.35 -4.55
C TYR C 349 5.35 -25.77 -5.22
N SER C 350 5.53 -24.46 -5.05
CA SER C 350 6.73 -23.78 -5.51
C SER C 350 7.62 -23.50 -4.31
N ALA C 351 8.81 -24.10 -4.29
CA ALA C 351 9.72 -23.96 -3.18
C ALA C 351 10.58 -22.71 -3.37
N SER C 352 11.59 -22.55 -2.52
CA SER C 352 12.41 -21.36 -2.55
C SER C 352 13.39 -21.40 -3.71
N TYR C 353 14.00 -20.24 -3.98
CA TYR C 353 15.08 -20.11 -4.94
C TYR C 353 16.39 -20.35 -4.21
N PHE C 354 17.09 -21.42 -4.56
CA PHE C 354 18.36 -21.74 -3.93
C PHE C 354 19.47 -20.97 -4.62
N ASN C 355 20.06 -20.00 -3.92
CA ASN C 355 21.04 -19.10 -4.50
C ASN C 355 22.43 -19.74 -4.52
N ALA C 356 23.24 -19.34 -5.50
CA ALA C 356 24.54 -19.94 -5.73
C ALA C 356 25.53 -19.53 -4.64
N ARG C 357 26.73 -20.11 -4.71
CA ARG C 357 27.77 -19.89 -3.70
C ARG C 357 29.08 -19.48 -4.38
N SER C 358 29.87 -18.71 -3.65
CA SER C 358 31.10 -18.14 -4.19
C SER C 358 32.13 -19.24 -4.46
N ARG C 359 32.71 -19.20 -5.66
CA ARG C 359 33.63 -20.24 -6.09
C ARG C 359 35.07 -19.78 -6.18
N GLY C 360 35.31 -18.53 -6.59
CA GLY C 360 36.65 -17.99 -6.65
C GLY C 360 36.64 -16.52 -6.30
N TYR C 361 37.84 -15.95 -6.23
CA TYR C 361 38.01 -14.53 -5.94
C TYR C 361 38.94 -13.93 -6.99
N TYR C 362 38.45 -12.94 -7.72
CA TYR C 362 39.20 -12.26 -8.77
C TYR C 362 39.45 -10.82 -8.34
N TYR C 363 40.67 -10.34 -8.56
CA TYR C 363 41.08 -9.04 -8.04
C TYR C 363 41.96 -8.33 -9.06
N GLU C 364 41.66 -7.04 -9.29
CA GLU C 364 42.54 -6.14 -10.01
C GLU C 364 42.60 -4.81 -9.27
N ALA C 365 43.74 -4.14 -9.37
CA ALA C 365 43.92 -2.85 -8.70
C ALA C 365 44.61 -1.80 -9.54
N ALA C 366 45.15 -2.14 -10.72
CA ALA C 366 45.85 -1.24 -11.64
C ALA C 366 47.10 -0.60 -11.01
N GLU C 367 47.61 -1.19 -9.93
CA GLU C 367 48.82 -0.77 -9.23
C GLU C 367 48.76 0.72 -8.84
N LEU C 368 47.79 1.01 -7.97
CA LEU C 368 47.56 2.39 -7.56
C LEU C 368 48.68 2.88 -6.66
N THR C 369 49.09 4.13 -6.87
CA THR C 369 50.14 4.75 -6.07
C THR C 369 49.54 5.31 -4.78
N GLU C 370 50.31 6.10 -4.05
CA GLU C 370 49.85 6.74 -2.83
C GLU C 370 49.78 8.25 -3.03
N CYS C 371 48.78 8.87 -2.42
CA CYS C 371 48.58 10.31 -2.53
C CYS C 371 48.95 10.99 -1.22
N ASP C 372 49.49 12.21 -1.35
CA ASP C 372 50.04 12.92 -0.20
C ASP C 372 48.90 13.51 0.63
N LEU C 373 48.70 12.97 1.83
CA LEU C 373 47.83 13.57 2.82
C LEU C 373 48.62 14.23 3.94
N ASP C 374 49.96 14.26 3.85
CA ASP C 374 50.78 15.05 4.74
C ASP C 374 50.83 16.52 4.36
N VAL C 375 50.24 16.90 3.23
CA VAL C 375 50.07 18.31 2.88
C VAL C 375 49.10 18.98 3.84
N LEU C 376 48.24 18.22 4.50
CA LEU C 376 47.40 18.74 5.57
C LEU C 376 48.22 19.17 6.78
N PHE C 377 49.41 18.61 6.96
CA PHE C 377 50.29 18.93 8.08
C PHE C 377 51.63 19.47 7.60
N LYS C 378 51.65 20.10 6.42
CA LYS C 378 52.89 20.60 5.83
C LYS C 378 53.08 22.10 6.05
N ASN C 379 52.05 22.89 5.84
CA ASN C 379 52.12 24.34 5.92
C ASN C 379 51.37 24.82 7.15
N ASP C 380 51.19 26.14 7.23
CA ASP C 380 50.43 26.74 8.32
C ASP C 380 48.97 26.29 8.28
N ALA C 381 48.34 26.28 9.44
CA ALA C 381 46.93 25.88 9.53
C ALA C 381 46.06 26.92 8.85
N PRO C 382 45.15 26.50 7.97
CA PRO C 382 44.34 27.47 7.21
C PRO C 382 43.37 28.24 8.08
N ILE C 383 43.07 29.46 7.66
CA ILE C 383 42.06 30.30 8.28
C ILE C 383 40.70 29.86 7.77
N ILE C 384 39.66 30.03 8.61
CA ILE C 384 38.30 29.74 8.17
C ILE C 384 37.88 30.62 7.00
N ALA C 385 38.38 31.84 6.91
CA ALA C 385 38.05 32.70 5.78
C ALA C 385 38.73 32.24 4.51
N ASN C 386 39.87 31.57 4.63
CA ASN C 386 40.71 31.13 3.51
C ASN C 386 41.03 29.64 3.65
N TYR C 387 40.00 28.81 3.85
CA TYR C 387 40.22 27.39 4.02
C TYR C 387 40.71 26.74 2.74
N SER C 388 41.46 25.65 2.89
CA SER C 388 42.09 24.96 1.78
C SER C 388 41.29 23.71 1.41
N ARG C 389 41.44 23.30 0.15
CA ARG C 389 40.74 22.13 -0.36
C ARG C 389 41.67 21.36 -1.28
N ARG C 390 41.67 20.04 -1.16
CA ARG C 390 42.39 19.16 -2.08
C ARG C 390 41.47 18.04 -2.51
N VAL C 391 41.60 17.60 -3.76
CA VAL C 391 40.82 16.52 -4.31
C VAL C 391 41.78 15.43 -4.77
N PHE C 392 41.59 14.22 -4.26
CA PHE C 392 42.50 13.10 -4.50
C PHE C 392 41.82 12.07 -5.40
N THR C 393 42.51 11.70 -6.48
CA THR C 393 42.07 10.63 -7.37
C THR C 393 43.26 9.75 -7.73
N ASN C 394 42.98 8.48 -7.96
CA ASN C 394 43.97 7.46 -8.36
C ASN C 394 45.11 7.36 -7.34
N CYS C 395 44.74 7.01 -6.11
CA CYS C 395 45.73 6.97 -5.04
C CYS C 395 45.27 5.99 -3.96
N ASN C 396 46.20 5.67 -3.06
CA ASN C 396 45.93 4.86 -1.89
C ASN C 396 46.39 5.61 -0.65
N TYR C 397 45.72 5.36 0.47
CA TYR C 397 46.06 6.04 1.71
C TYR C 397 46.10 5.07 2.87
N ASN C 398 47.15 5.18 3.68
CA ASN C 398 47.29 4.45 4.94
C ASN C 398 46.66 5.32 6.02
N LEU C 399 45.43 4.99 6.40
CA LEU C 399 44.65 5.90 7.24
C LEU C 399 45.13 5.90 8.68
N THR C 400 45.53 4.73 9.19
CA THR C 400 45.93 4.63 10.60
C THR C 400 47.22 5.38 10.88
N LYS C 401 48.01 5.67 9.85
CA LYS C 401 49.15 6.57 10.03
C LYS C 401 48.69 8.01 10.21
N LEU C 402 47.61 8.40 9.53
CA LEU C 402 47.05 9.76 9.66
C LEU C 402 46.29 9.93 10.94
N LEU C 403 45.66 8.88 11.45
CA LEU C 403 45.00 8.96 12.75
C LEU C 403 45.98 8.88 13.91
N SER C 404 47.22 8.45 13.66
CA SER C 404 48.24 8.49 14.70
C SER C 404 48.78 9.89 14.92
N LEU C 405 48.51 10.82 14.00
CA LEU C 405 48.98 12.19 14.12
C LEU C 405 47.99 13.12 14.80
N VAL C 406 46.73 12.72 14.94
CA VAL C 406 45.70 13.56 15.52
C VAL C 406 44.96 12.79 16.59
N GLN C 407 44.33 13.53 17.50
CA GLN C 407 43.38 12.97 18.45
C GLN C 407 42.01 13.56 18.16
N VAL C 408 41.01 12.70 18.05
CA VAL C 408 39.68 13.08 17.59
C VAL C 408 38.80 13.40 18.78
N ASP C 409 38.18 14.57 18.76
CA ASP C 409 37.21 14.96 19.79
C ASP C 409 35.81 14.53 19.43
N GLU C 410 35.39 14.79 18.19
CA GLU C 410 34.05 14.44 17.73
C GLU C 410 34.06 14.37 16.21
N PHE C 411 33.32 13.41 15.66
CA PHE C 411 33.11 13.33 14.22
C PHE C 411 31.62 13.27 13.94
N VAL C 412 31.18 14.00 12.93
CA VAL C 412 29.80 13.99 12.47
C VAL C 412 29.81 13.51 11.03
N CYS C 413 29.16 12.37 10.78
CA CYS C 413 29.14 11.76 9.45
C CYS C 413 27.69 11.60 8.99
N HIS C 414 27.48 11.80 7.69
CA HIS C 414 26.19 11.57 7.07
C HIS C 414 26.39 10.68 5.86
N LYS C 415 25.59 9.61 5.79
CA LYS C 415 25.54 8.59 4.74
C LYS C 415 26.81 7.77 4.61
N THR C 416 27.83 7.99 5.45
CA THR C 416 28.98 7.12 5.57
C THR C 416 29.38 7.02 7.03
N THR C 417 30.33 6.13 7.29
CA THR C 417 31.00 5.97 8.56
C THR C 417 32.50 5.97 8.33
N PRO C 418 33.30 6.33 9.34
CA PRO C 418 34.75 6.17 9.21
C PRO C 418 35.21 4.73 9.02
N GLU C 419 34.42 3.74 9.43
CA GLU C 419 34.75 2.35 9.15
C GLU C 419 34.70 2.06 7.66
N ALA C 420 33.72 2.63 6.96
CA ALA C 420 33.62 2.46 5.52
C ALA C 420 34.79 3.14 4.81
N LEU C 421 35.21 4.31 5.29
CA LEU C 421 36.38 4.96 4.74
C LEU C 421 37.68 4.28 5.12
N ALA C 422 37.64 3.41 6.14
CA ALA C 422 38.76 2.53 6.45
C ALA C 422 38.74 1.25 5.64
N THR C 423 37.60 0.86 5.08
CA THR C 423 37.51 -0.37 4.31
C THR C 423 37.17 -0.16 2.85
N GLY C 424 36.11 0.59 2.54
CA GLY C 424 35.61 0.63 1.18
C GLY C 424 36.35 1.62 0.29
N CYS C 425 36.10 1.46 -1.01
CA CYS C 425 36.66 2.32 -2.05
C CYS C 425 35.58 3.24 -2.61
N TYR C 426 36.03 4.33 -3.22
CA TYR C 426 35.10 5.31 -3.79
C TYR C 426 35.80 6.06 -4.92
N SER C 427 35.02 6.85 -5.65
CA SER C 427 35.49 7.45 -6.89
C SER C 427 36.52 8.55 -6.62
N SER C 428 36.21 9.47 -5.71
CA SER C 428 37.09 10.59 -5.44
C SER C 428 36.98 10.98 -3.97
N LEU C 429 37.98 11.71 -3.51
CA LEU C 429 38.06 12.14 -2.11
C LEU C 429 38.37 13.63 -2.07
N THR C 430 37.57 14.38 -1.30
CA THR C 430 37.75 15.82 -1.16
C THR C 430 37.89 16.15 0.32
N VAL C 431 38.94 16.92 0.65
CA VAL C 431 39.23 17.28 2.04
C VAL C 431 39.25 18.80 2.15
N ASP C 432 38.50 19.39 3.05
CA ASP C 432 38.47 20.80 3.26
C ASP C 432 38.85 20.95 4.69
N TRP C 433 39.95 21.54 4.98
CA TRP C 433 40.52 21.63 6.32
C TRP C 433 40.87 23.06 6.69
N PHE C 434 40.57 23.42 7.93
CA PHE C 434 40.83 24.74 8.48
C PHE C 434 40.96 24.61 9.99
N ALA C 435 41.46 25.66 10.61
CA ALA C 435 41.67 25.70 12.05
C ALA C 435 40.50 26.40 12.73
N LEU C 436 39.91 25.75 13.74
CA LEU C 436 38.80 26.29 14.48
C LEU C 436 38.79 25.66 15.87
N PRO C 437 38.59 26.45 16.92
CA PRO C 437 38.60 25.89 18.27
C PRO C 437 37.37 25.04 18.56
N PHE C 438 37.49 24.20 19.59
CA PHE C 438 36.39 23.31 19.95
C PHE C 438 35.21 24.06 20.54
N SER C 439 35.43 25.25 21.08
CA SER C 439 34.32 26.05 21.60
C SER C 439 33.40 26.56 20.50
N MET C 440 33.89 26.67 19.27
CA MET C 440 33.09 27.09 18.13
C MET C 440 32.51 25.91 17.35
N LYS C 441 32.45 24.73 17.96
CA LYS C 441 31.98 23.54 17.27
C LYS C 441 30.49 23.65 16.93
N SER C 442 29.72 24.39 17.72
CA SER C 442 28.30 24.55 17.44
C SER C 442 28.03 25.43 16.22
N THR C 443 29.01 26.24 15.81
CA THR C 443 28.82 27.10 14.64
C THR C 443 28.82 26.31 13.34
N LEU C 444 29.46 25.14 13.32
CA LEU C 444 29.48 24.29 12.14
C LEU C 444 28.36 23.26 12.12
N ALA C 445 27.55 23.19 13.17
CA ALA C 445 26.41 22.28 13.20
C ALA C 445 25.36 22.75 12.22
N ILE C 446 24.58 21.78 11.71
CA ILE C 446 23.62 22.08 10.65
C ILE C 446 22.44 22.85 11.23
N GLY C 447 21.96 23.84 10.48
CA GLY C 447 20.91 24.71 10.92
C GLY C 447 21.35 25.89 11.76
N SER C 448 22.66 26.05 11.97
CA SER C 448 23.18 27.11 12.83
C SER C 448 22.95 28.49 12.21
N ALA C 449 22.67 29.45 13.08
CA ALA C 449 22.39 30.82 12.66
C ALA C 449 23.60 31.75 12.81
N GLU C 450 24.76 31.19 13.15
CA GLU C 450 25.97 31.98 13.31
C GLU C 450 26.52 32.42 11.96
N ALA C 451 27.47 33.36 12.00
CA ALA C 451 28.04 33.93 10.79
C ALA C 451 28.99 32.97 10.08
N ILE C 452 29.44 31.92 10.76
CA ILE C 452 30.38 30.97 10.16
C ILE C 452 29.73 30.27 8.97
N SER C 453 28.52 29.75 9.16
CA SER C 453 27.87 28.99 8.11
C SER C 453 27.41 29.88 6.96
N MET C 454 27.09 31.14 7.24
CA MET C 454 26.52 32.00 6.21
C MET C 454 27.57 32.82 5.47
N PHE C 455 28.77 33.00 6.01
CA PHE C 455 29.79 33.75 5.28
C PHE C 455 31.11 33.03 5.09
N ASN C 456 31.45 32.05 5.91
CA ASN C 456 32.78 31.47 5.91
C ASN C 456 32.83 30.05 5.34
N TYR C 457 32.02 29.14 5.85
CA TYR C 457 32.04 27.76 5.38
C TYR C 457 30.64 27.19 5.47
N ASN C 458 30.03 26.92 4.32
CA ASN C 458 28.72 26.27 4.25
C ASN C 458 28.91 24.86 3.72
N GLN C 459 28.49 23.87 4.49
CA GLN C 459 28.75 22.49 4.15
C GLN C 459 27.70 21.97 3.18
N ASP C 460 28.13 21.18 2.21
CA ASP C 460 27.23 20.63 1.24
C ASP C 460 26.80 19.27 1.66
N TYR C 461 25.51 19.03 1.62
CA TYR C 461 24.96 17.75 2.06
C TYR C 461 24.34 16.96 0.91
N SER C 462 24.69 17.29 -0.33
CA SER C 462 24.25 16.50 -1.47
C SER C 462 25.12 15.28 -1.70
N ASN C 463 26.23 15.16 -0.98
CA ASN C 463 27.17 14.06 -1.06
C ASN C 463 27.44 13.55 0.35
N PRO C 464 27.90 12.32 0.50
CA PRO C 464 28.29 11.83 1.83
C PRO C 464 29.47 12.63 2.38
N THR C 465 29.37 13.01 3.64
CA THR C 465 30.35 13.88 4.28
C THR C 465 30.69 13.37 5.66
N CYS C 466 31.87 13.77 6.14
CA CYS C 466 32.29 13.56 7.52
C CYS C 466 33.05 14.78 8.00
N ARG C 467 32.49 15.48 8.99
CA ARG C 467 33.15 16.62 9.59
C ARG C 467 33.86 16.17 10.86
N ILE C 468 35.17 16.36 10.93
CA ILE C 468 36.01 15.80 11.96
C ILE C 468 36.66 16.94 12.73
N HIS C 469 36.44 16.99 14.04
CA HIS C 469 37.11 17.95 14.90
C HIS C 469 38.26 17.26 15.62
N ALA C 470 39.49 17.55 15.18
CA ALA C 470 40.67 16.89 15.70
C ALA C 470 41.68 17.92 16.19
N ALA C 471 42.53 17.51 17.13
CA ALA C 471 43.56 18.37 17.71
C ALA C 471 44.93 17.76 17.45
N VAL C 472 45.82 18.55 16.87
CA VAL C 472 47.22 18.15 16.70
C VAL C 472 47.97 18.57 17.96
N THR C 473 48.57 17.60 18.64
CA THR C 473 49.25 17.90 19.90
C THR C 473 50.55 18.65 19.64
N ALA C 474 51.07 19.26 20.71
CA ALA C 474 52.25 20.12 20.59
C ALA C 474 53.49 19.32 20.16
N ASN C 475 53.65 18.12 20.69
CA ASN C 475 54.80 17.29 20.30
C ASN C 475 54.74 16.89 18.84
N VAL C 476 53.54 16.55 18.35
CA VAL C 476 53.35 16.29 16.93
C VAL C 476 53.52 17.57 16.13
N SER C 477 53.10 18.71 16.69
CA SER C 477 53.19 19.98 16.00
C SER C 477 54.64 20.38 15.73
N THR C 478 55.52 20.22 16.72
CA THR C 478 56.94 20.47 16.47
C THR C 478 57.64 19.29 15.81
N ALA C 479 57.03 18.10 15.80
CA ALA C 479 57.63 16.99 15.07
C ALA C 479 57.46 17.13 13.56
N LEU C 480 56.30 17.61 13.14
CA LEU C 480 55.97 17.72 11.72
C LEU C 480 56.23 19.10 11.15
N ASN C 481 56.80 20.01 11.95
CA ASN C 481 56.97 21.44 11.59
C ASN C 481 55.64 22.07 11.20
N PHE C 482 54.58 21.70 11.92
CA PHE C 482 53.24 22.19 11.68
C PHE C 482 52.92 23.27 12.70
N THR C 483 52.65 24.48 12.23
CA THR C 483 52.47 25.64 13.08
C THR C 483 51.11 26.29 12.81
N ALA C 484 50.77 27.26 13.67
CA ALA C 484 49.59 28.09 13.51
C ALA C 484 49.96 29.49 14.00
N ASN C 485 50.44 30.34 13.08
CA ASN C 485 50.92 31.66 13.43
C ASN C 485 50.22 32.77 12.66
N ALA C 486 49.13 32.47 11.97
CA ALA C 486 48.40 33.51 11.25
C ALA C 486 47.47 34.25 12.20
N ASN C 487 46.91 35.36 11.69
CA ASN C 487 45.92 36.13 12.43
C ASN C 487 44.55 35.57 12.09
N TYR C 488 44.09 34.64 12.92
CA TYR C 488 42.89 33.87 12.60
C TYR C 488 41.64 34.70 12.88
N ALA C 489 40.81 34.87 11.86
CA ALA C 489 39.57 35.62 11.99
C ALA C 489 38.58 35.13 10.95
N TYR C 490 37.30 35.32 11.24
CA TYR C 490 36.25 34.95 10.31
C TYR C 490 35.51 36.20 9.82
N ILE C 491 34.61 35.98 8.88
CA ILE C 491 33.86 37.05 8.23
C ILE C 491 32.50 37.13 8.91
N SER C 492 32.33 38.13 9.78
CA SER C 492 31.04 38.32 10.44
C SER C 492 30.04 39.06 9.56
N ARG C 493 30.50 39.69 8.48
CA ARG C 493 29.62 40.41 7.58
C ARG C 493 30.30 40.51 6.22
N CYS C 494 29.56 40.17 5.16
CA CYS C 494 30.05 40.23 3.78
C CYS C 494 28.89 40.79 2.96
N GLN C 495 28.85 42.11 2.85
CA GLN C 495 27.68 42.84 2.38
C GLN C 495 28.05 43.78 1.25
N GLY C 496 27.21 43.83 0.23
CA GLY C 496 27.45 44.67 -0.92
C GLY C 496 27.05 46.12 -0.68
N VAL C 497 27.17 46.91 -1.74
CA VAL C 497 26.85 48.33 -1.66
C VAL C 497 25.35 48.56 -1.49
N ASP C 498 24.52 47.64 -2.00
CA ASP C 498 23.07 47.76 -1.90
C ASP C 498 22.54 47.42 -0.52
N GLY C 499 23.37 46.88 0.37
CA GLY C 499 22.95 46.53 1.71
C GLY C 499 22.48 45.10 1.88
N LYS C 500 22.33 44.35 0.79
CA LYS C 500 21.90 42.96 0.91
C LYS C 500 23.09 42.06 1.24
N PRO C 501 22.99 41.25 2.28
CA PRO C 501 24.07 40.30 2.59
C PRO C 501 24.28 39.30 1.46
N ILE C 502 25.54 38.97 1.21
CA ILE C 502 25.92 38.02 0.17
C ILE C 502 26.21 36.69 0.86
N LEU C 503 25.27 35.78 0.80
CA LEU C 503 25.39 34.51 1.50
C LEU C 503 26.22 33.52 0.70
N LEU C 504 26.93 32.66 1.41
CA LEU C 504 27.78 31.64 0.78
C LEU C 504 26.91 30.46 0.35
N GLN C 505 27.04 30.01 -0.88
CA GLN C 505 26.21 28.92 -1.33
C GLN C 505 26.93 27.68 -0.90
N PRO C 506 26.22 26.56 -0.79
CA PRO C 506 26.83 25.34 -0.27
C PRO C 506 27.91 24.78 -1.18
N GLY C 507 28.98 24.30 -0.57
CA GLY C 507 30.07 23.68 -1.30
C GLY C 507 30.85 24.62 -2.19
N GLN C 508 30.94 25.90 -1.82
CA GLN C 508 31.68 26.88 -2.61
C GLN C 508 32.73 27.54 -1.73
N MET C 509 33.79 28.00 -2.37
CA MET C 509 34.81 28.78 -1.68
C MET C 509 34.24 30.14 -1.29
N THR C 510 34.88 30.75 -0.30
CA THR C 510 34.46 32.05 0.20
C THR C 510 34.64 33.12 -0.87
N ASN C 511 33.76 34.13 -0.84
CA ASN C 511 33.77 35.20 -1.83
C ASN C 511 35.10 35.96 -1.80
N ILE C 512 35.63 36.24 -3.00
CA ILE C 512 37.00 36.73 -3.13
C ILE C 512 37.14 38.12 -2.54
N ALA C 513 36.14 38.99 -2.76
CA ALA C 513 36.17 40.35 -2.23
C ALA C 513 36.19 40.34 -0.70
N CYS C 514 35.32 39.53 -0.09
CA CYS C 514 35.28 39.47 1.36
C CYS C 514 36.51 38.76 1.93
N ARG C 515 37.06 37.77 1.21
CA ARG C 515 38.33 37.18 1.64
C ARG C 515 39.44 38.21 1.69
N SER C 516 39.60 38.99 0.62
CA SER C 516 40.68 39.96 0.56
C SER C 516 40.48 41.08 1.59
N GLY C 517 39.24 41.57 1.73
CA GLY C 517 38.99 42.64 2.68
C GLY C 517 39.14 42.22 4.13
N VAL C 518 38.70 41.00 4.46
CA VAL C 518 38.80 40.54 5.84
C VAL C 518 40.25 40.20 6.18
N LEU C 519 40.96 39.49 5.30
CA LEU C 519 42.34 39.16 5.58
C LEU C 519 43.29 40.34 5.43
N ALA C 520 42.83 41.46 4.87
CA ALA C 520 43.69 42.65 4.83
C ALA C 520 43.69 43.40 6.16
N ARG C 521 42.52 43.59 6.75
CA ARG C 521 42.41 44.40 7.97
C ARG C 521 42.95 43.63 9.16
N PRO C 522 43.85 44.23 9.96
CA PRO C 522 44.42 43.50 11.10
C PRO C 522 43.67 43.63 12.41
N SER C 523 42.65 44.47 12.50
CA SER C 523 41.90 44.66 13.73
C SER C 523 40.45 44.27 13.52
N ASP C 524 39.81 43.83 14.60
CA ASP C 524 38.41 43.40 14.53
C ASP C 524 37.50 44.61 14.36
N ALA C 525 36.57 44.51 13.41
CA ALA C 525 35.57 45.54 13.18
C ALA C 525 34.34 44.90 12.57
N ASP C 526 33.18 45.15 13.18
CA ASP C 526 31.95 44.53 12.69
C ASP C 526 31.49 45.18 11.39
N TYR C 527 31.76 46.48 11.22
CA TYR C 527 31.31 47.21 10.04
C TYR C 527 32.41 48.17 9.61
N PHE C 528 32.90 48.01 8.40
CA PHE C 528 33.88 48.93 7.84
C PHE C 528 33.77 48.91 6.32
N GLY C 529 34.32 49.96 5.70
CA GLY C 529 34.26 50.09 4.25
C GLY C 529 35.49 49.48 3.60
N TYR C 530 35.26 48.87 2.43
CA TYR C 530 36.34 48.25 1.68
C TYR C 530 36.02 48.36 0.19
N SER C 531 36.92 48.96 -0.58
CA SER C 531 36.76 49.12 -2.01
C SER C 531 37.55 48.03 -2.71
N PHE C 532 36.85 47.07 -3.29
CA PHE C 532 37.48 45.95 -3.99
C PHE C 532 37.36 46.19 -5.49
N GLN C 533 38.47 46.62 -6.09
CA GLN C 533 38.61 46.83 -7.54
C GLN C 533 37.51 47.75 -8.09
N GLY C 534 37.27 48.84 -7.38
CA GLY C 534 36.31 49.84 -7.81
C GLY C 534 34.90 49.63 -7.30
N ARG C 535 34.63 48.54 -6.60
CA ARG C 535 33.32 48.26 -6.03
C ARG C 535 33.42 48.26 -4.51
N ASN C 536 32.54 49.02 -3.86
CA ASN C 536 32.61 49.18 -2.41
C ASN C 536 31.89 48.03 -1.71
N TYR C 537 32.54 47.45 -0.70
CA TYR C 537 31.97 46.38 0.10
C TYR C 537 32.04 46.74 1.57
N TYR C 538 30.97 46.41 2.29
CA TYR C 538 30.89 46.64 3.73
C TYR C 538 31.08 45.29 4.42
N LEU C 539 32.15 45.16 5.19
CA LEU C 539 32.58 43.87 5.70
C LEU C 539 32.65 43.86 7.21
N GLY C 540 32.84 42.66 7.76
CA GLY C 540 33.02 42.46 9.18
C GLY C 540 34.11 41.46 9.50
N ARG C 541 34.81 41.67 10.60
CA ARG C 541 35.93 40.80 10.98
C ARG C 541 35.90 40.55 12.47
N LYS C 542 35.92 39.28 12.86
CA LYS C 542 36.00 38.89 14.26
C LYS C 542 37.05 37.80 14.41
N SER C 543 37.95 37.99 15.37
CA SER C 543 39.10 37.11 15.50
C SER C 543 38.80 35.94 16.45
N TYR C 544 39.67 34.95 16.40
CA TYR C 544 39.62 33.79 17.28
C TYR C 544 41.02 33.23 17.38
N LYS C 545 41.19 32.25 18.27
CA LYS C 545 42.49 31.61 18.42
C LYS C 545 42.33 30.11 18.63
N PRO C 546 42.78 29.28 17.67
CA PRO C 546 42.61 27.84 17.82
C PRO C 546 43.62 27.16 18.72
N LYS C 547 44.75 27.79 19.01
CA LYS C 547 45.78 27.16 19.83
C LYS C 547 45.38 27.18 21.30
N THR C 548 45.64 26.08 21.99
CA THR C 548 45.34 25.95 23.40
C THR C 548 46.53 26.42 24.22
N ASP C 549 46.45 26.26 25.54
CA ASP C 549 47.56 26.64 26.41
C ASP C 549 48.74 25.71 26.25
N GLU C 550 48.50 24.42 26.01
CA GLU C 550 49.58 23.48 25.78
C GLU C 550 50.29 23.73 24.46
N GLY C 551 49.58 24.28 23.48
CA GLY C 551 50.14 24.49 22.16
C GLY C 551 49.46 23.62 21.12
N ASP C 552 48.39 22.94 21.52
CA ASP C 552 47.65 22.09 20.60
C ASP C 552 46.87 22.94 19.60
N VAL C 553 47.00 22.62 18.32
CA VAL C 553 46.26 23.31 17.27
C VAL C 553 44.99 22.51 17.02
N GLN C 554 43.84 23.15 17.24
CA GLN C 554 42.55 22.49 17.09
C GLN C 554 42.04 22.70 15.69
N MET C 555 41.85 21.61 14.95
CA MET C 555 41.58 21.64 13.52
C MET C 555 40.20 21.06 13.24
N VAL C 556 39.67 21.40 12.06
CA VAL C 556 38.44 20.81 11.55
C VAL C 556 38.71 20.27 10.15
N TYR C 557 38.41 19.00 9.93
CA TYR C 557 38.57 18.35 8.64
C TYR C 557 37.21 17.92 8.14
N VAL C 558 36.88 18.30 6.92
CA VAL C 558 35.63 17.90 6.28
C VAL C 558 35.99 16.93 5.15
N ILE C 559 35.56 15.68 5.31
CA ILE C 559 35.90 14.60 4.39
C ILE C 559 34.66 14.29 3.55
N THR C 560 34.81 14.34 2.22
CA THR C 560 33.68 14.17 1.31
C THR C 560 33.98 13.01 0.35
N PRO C 561 33.68 11.77 0.74
CA PRO C 561 33.83 10.65 -0.19
C PRO C 561 32.67 10.63 -1.18
N LYS C 562 33.01 10.67 -2.46
CA LYS C 562 32.02 10.72 -3.51
C LYS C 562 31.93 9.35 -4.17
N TYR C 563 30.74 8.75 -4.14
CA TYR C 563 30.53 7.42 -4.68
C TYR C 563 29.82 7.55 -6.02
N ASP C 564 30.54 7.29 -7.11
CA ASP C 564 29.98 7.33 -8.44
C ASP C 564 30.11 5.96 -9.08
N LYS C 565 29.19 5.68 -10.00
CA LYS C 565 29.24 4.41 -10.73
C LYS C 565 30.43 4.41 -11.67
N GLY C 566 31.07 3.24 -11.79
CA GLY C 566 32.29 3.12 -12.55
C GLY C 566 33.43 2.66 -11.67
N PRO C 567 34.67 2.96 -12.08
CA PRO C 567 35.82 2.60 -11.25
C PRO C 567 35.85 3.38 -9.95
N ASP C 568 36.35 2.74 -8.91
CA ASP C 568 36.53 3.34 -7.60
C ASP C 568 38.04 3.48 -7.39
N THR C 569 38.57 4.63 -7.78
CA THR C 569 40.01 4.83 -7.88
C THR C 569 40.65 5.36 -6.61
N VAL C 570 39.89 5.52 -5.53
CA VAL C 570 40.46 5.90 -4.24
C VAL C 570 40.16 4.77 -3.26
N CYS C 571 41.19 4.09 -2.80
CA CYS C 571 41.07 2.97 -1.89
C CYS C 571 42.00 3.15 -0.70
N PRO C 572 41.63 2.64 0.46
CA PRO C 572 42.58 2.59 1.57
C PRO C 572 43.63 1.51 1.33
N LEU C 573 44.78 1.69 1.95
CA LEU C 573 45.88 0.75 1.80
C LEU C 573 45.58 -0.50 2.61
N LYS C 574 45.36 -1.62 1.91
CA LYS C 574 45.00 -2.88 2.54
C LYS C 574 45.99 -3.96 2.14
N ASP C 575 46.22 -4.91 3.05
CA ASP C 575 47.12 -6.02 2.78
C ASP C 575 46.39 -7.18 2.11
N LEU C 586 37.92 -19.51 -14.08
CA LEU C 586 36.77 -19.06 -13.31
C LEU C 586 35.63 -18.61 -14.21
N LEU C 587 35.73 -18.94 -15.50
CA LEU C 587 34.70 -18.56 -16.45
C LEU C 587 33.44 -19.37 -16.23
N GLY C 588 32.29 -18.69 -16.32
CA GLY C 588 31.01 -19.35 -16.12
C GLY C 588 30.73 -19.78 -14.70
N GLN C 589 31.31 -19.11 -13.71
CA GLN C 589 31.14 -19.47 -12.32
C GLN C 589 30.73 -18.25 -11.51
N CYS C 590 29.82 -18.46 -10.56
CA CYS C 590 29.45 -17.43 -9.59
C CYS C 590 30.63 -17.23 -8.64
N ILE C 591 31.36 -16.13 -8.84
CA ILE C 591 32.56 -15.84 -8.07
C ILE C 591 32.47 -14.43 -7.50
N ASP C 592 33.24 -14.19 -6.44
CA ASP C 592 33.37 -12.86 -5.86
C ASP C 592 34.46 -12.08 -6.59
N TYR C 593 34.25 -10.79 -6.80
CA TYR C 593 35.19 -9.99 -7.55
C TYR C 593 35.50 -8.64 -7.01
N ASP C 594 36.60 -8.11 -7.44
CA ASP C 594 37.04 -6.76 -7.07
C ASP C 594 37.79 -6.24 -8.30
N ILE C 595 37.07 -5.51 -9.16
CA ILE C 595 37.62 -5.15 -10.46
C ILE C 595 38.45 -3.88 -10.36
N HIS C 596 37.80 -2.75 -10.05
CA HIS C 596 38.51 -1.50 -9.75
C HIS C 596 37.84 -0.91 -8.52
N GLY C 597 38.21 -1.41 -7.34
CA GLY C 597 37.61 -0.96 -6.10
C GLY C 597 36.14 -1.27 -5.95
N VAL C 598 35.59 -2.12 -6.82
CA VAL C 598 34.17 -2.43 -6.84
C VAL C 598 34.01 -3.90 -6.48
N VAL C 599 33.35 -4.16 -5.37
CA VAL C 599 33.19 -5.52 -4.85
C VAL C 599 31.78 -6.00 -5.18
N GLY C 600 31.70 -7.20 -5.73
CA GLY C 600 30.43 -7.78 -6.11
C GLY C 600 30.56 -9.27 -6.32
N ARG C 601 29.52 -9.86 -6.91
CA ARG C 601 29.49 -11.31 -7.06
C ARG C 601 28.62 -11.66 -8.27
N GLY C 602 29.21 -12.33 -9.26
CA GLY C 602 28.48 -12.65 -10.47
C GLY C 602 29.26 -13.59 -11.37
N VAL C 603 28.73 -13.78 -12.58
CA VAL C 603 29.29 -14.71 -13.56
C VAL C 603 30.04 -13.92 -14.63
N PHE C 604 31.25 -14.36 -14.95
CA PHE C 604 32.08 -13.74 -15.97
C PHE C 604 32.10 -14.63 -17.21
N GLN C 605 31.91 -14.01 -18.37
CA GLN C 605 31.92 -14.70 -19.66
C GLN C 605 32.87 -14.01 -20.61
N VAL C 606 33.63 -14.79 -21.38
CA VAL C 606 34.36 -14.24 -22.51
C VAL C 606 33.35 -13.77 -23.55
N CYS C 607 33.59 -12.60 -24.14
CA CYS C 607 32.49 -11.91 -24.78
C CYS C 607 33.03 -10.97 -25.84
N ASN C 608 32.17 -10.62 -26.80
CA ASN C 608 32.54 -9.67 -27.83
C ASN C 608 32.53 -8.25 -27.27
N THR C 609 33.53 -7.47 -27.64
CA THR C 609 33.69 -6.13 -27.09
C THR C 609 32.59 -5.19 -27.54
N THR C 610 32.19 -4.28 -26.65
CA THR C 610 31.21 -3.27 -26.97
C THR C 610 31.46 -2.04 -26.10
N GLY C 611 31.00 -0.89 -26.57
CA GLY C 611 31.25 0.35 -25.89
C GLY C 611 32.66 0.87 -26.14
N ILE C 612 33.04 1.86 -25.32
CA ILE C 612 34.36 2.47 -25.39
C ILE C 612 35.26 1.78 -24.37
N ALA C 613 36.45 1.36 -24.82
CA ALA C 613 37.38 0.66 -23.95
C ALA C 613 37.94 1.54 -22.84
N SER C 614 37.95 2.87 -23.03
CA SER C 614 38.44 3.77 -21.99
C SER C 614 37.50 3.80 -20.80
N GLN C 615 36.21 3.98 -21.04
CA GLN C 615 35.20 3.85 -19.98
C GLN C 615 35.10 2.36 -19.66
N ILE C 616 35.76 1.96 -18.57
CA ILE C 616 36.05 0.54 -18.35
C ILE C 616 34.78 -0.24 -18.04
N PHE C 617 33.94 0.31 -17.16
CA PHE C 617 32.69 -0.36 -16.81
C PHE C 617 31.60 -0.06 -17.83
N VAL C 618 30.75 -1.05 -18.06
CA VAL C 618 29.59 -0.94 -18.93
C VAL C 618 28.34 -1.15 -18.10
N TYR C 619 27.35 -0.28 -18.27
CA TYR C 619 26.14 -0.29 -17.47
C TYR C 619 24.91 -0.45 -18.35
N ASP C 620 23.82 -0.92 -17.74
CA ASP C 620 22.51 -0.90 -18.35
C ASP C 620 21.74 0.32 -17.87
N GLY C 621 20.45 0.35 -18.15
CA GLY C 621 19.62 1.47 -17.73
C GLY C 621 19.16 1.45 -16.30
N PHE C 622 19.53 0.42 -15.54
CA PHE C 622 19.08 0.27 -14.15
C PHE C 622 20.25 0.33 -13.17
N GLY C 623 21.39 0.87 -13.59
CA GLY C 623 22.55 0.99 -12.72
C GLY C 623 23.21 -0.32 -12.33
N ASN C 624 23.33 -1.26 -13.27
CA ASN C 624 23.99 -2.53 -13.03
C ASN C 624 25.13 -2.71 -14.02
N ILE C 625 26.27 -3.20 -13.52
CA ILE C 625 27.41 -3.49 -14.38
C ILE C 625 27.11 -4.75 -15.16
N ILE C 626 27.05 -4.62 -16.49
CA ILE C 626 26.81 -5.76 -17.37
C ILE C 626 28.06 -6.16 -18.13
N GLY C 627 29.22 -5.69 -17.71
CA GLY C 627 30.46 -6.02 -18.36
C GLY C 627 31.53 -4.99 -18.06
N PHE C 628 32.78 -5.38 -18.33
CA PHE C 628 33.89 -4.47 -18.10
C PHE C 628 35.01 -4.80 -19.08
N HIS C 629 35.84 -3.79 -19.34
CA HIS C 629 37.02 -3.96 -20.18
C HIS C 629 38.22 -4.20 -19.28
N SER C 630 38.80 -5.40 -19.39
CA SER C 630 39.97 -5.73 -18.61
C SER C 630 41.22 -5.21 -19.32
N LYS C 631 42.37 -5.36 -18.65
CA LYS C 631 43.64 -5.07 -19.28
C LYS C 631 43.97 -6.15 -20.30
N ASN C 632 45.01 -5.88 -21.11
CA ASN C 632 45.42 -6.71 -22.24
C ASN C 632 44.32 -6.83 -23.30
N GLY C 633 43.42 -5.85 -23.35
CA GLY C 633 42.43 -5.77 -24.41
C GLY C 633 41.40 -6.89 -24.45
N THR C 634 40.97 -7.39 -23.31
CA THR C 634 39.97 -8.45 -23.24
C THR C 634 38.71 -7.90 -22.58
N TYR C 635 37.56 -8.17 -23.19
CA TYR C 635 36.28 -7.72 -22.68
C TYR C 635 35.50 -8.92 -22.15
N TYR C 636 34.99 -8.79 -20.92
CA TYR C 636 34.11 -9.79 -20.32
C TYR C 636 32.77 -9.14 -20.05
N CYS C 637 31.70 -9.70 -20.63
CA CYS C 637 30.36 -9.25 -20.29
C CYS C 637 29.86 -10.06 -19.10
N MET C 638 28.98 -9.44 -18.32
CA MET C 638 28.79 -9.78 -16.93
C MET C 638 27.31 -9.94 -16.61
N ALA C 639 27.02 -10.76 -15.60
CA ALA C 639 25.66 -10.98 -15.13
C ALA C 639 25.74 -11.51 -13.72
N PRO C 640 24.77 -11.20 -12.86
CA PRO C 640 24.71 -11.83 -11.54
C PRO C 640 24.47 -13.33 -11.67
N CYS C 641 25.01 -14.08 -10.72
CA CYS C 641 24.83 -15.53 -10.78
C CYS C 641 23.41 -15.88 -10.37
N VAL C 642 22.71 -16.58 -11.26
CA VAL C 642 21.29 -16.82 -11.18
C VAL C 642 21.00 -18.03 -10.29
N SER C 643 19.74 -18.18 -9.88
CA SER C 643 19.34 -19.22 -8.94
C SER C 643 18.50 -20.26 -9.67
N VAL C 644 18.40 -21.43 -9.04
CA VAL C 644 17.70 -22.58 -9.62
C VAL C 644 16.27 -22.57 -9.09
N PRO C 645 15.27 -22.58 -9.97
CA PRO C 645 13.87 -22.70 -9.49
C PRO C 645 13.58 -24.13 -9.06
N VAL C 646 13.04 -24.28 -7.85
CA VAL C 646 12.77 -25.57 -7.25
C VAL C 646 11.30 -25.66 -6.91
N SER C 647 10.67 -26.78 -7.28
CA SER C 647 9.29 -27.07 -6.93
C SER C 647 9.22 -28.42 -6.25
N VAL C 648 8.28 -28.57 -5.33
CA VAL C 648 8.14 -29.77 -4.52
C VAL C 648 6.79 -30.41 -4.81
N ILE C 649 6.80 -31.68 -5.19
CA ILE C 649 5.58 -32.44 -5.44
C ILE C 649 5.35 -33.34 -4.24
N TYR C 650 4.25 -33.14 -3.54
CA TYR C 650 3.95 -33.90 -2.32
C TYR C 650 2.61 -34.59 -2.45
N ASP C 651 2.57 -35.85 -2.03
CA ASP C 651 1.34 -36.64 -1.94
C ASP C 651 1.10 -36.98 -0.47
N LYS C 652 -0.04 -36.55 0.07
CA LYS C 652 -0.30 -36.74 1.49
C LYS C 652 -0.71 -38.18 1.81
N SER C 653 -1.38 -38.86 0.87
CA SER C 653 -1.93 -40.19 1.13
C SER C 653 -0.84 -41.23 1.34
N SER C 654 0.35 -41.04 0.74
CA SER C 654 1.45 -41.95 0.95
C SER C 654 2.64 -41.30 1.64
N ASP C 655 2.64 -39.98 1.82
CA ASP C 655 3.72 -39.20 2.44
C ASP C 655 5.02 -39.45 1.66
N VAL C 656 4.99 -39.06 0.38
CA VAL C 656 6.11 -39.22 -0.54
C VAL C 656 6.30 -37.90 -1.26
N HIS C 657 7.54 -37.41 -1.31
CA HIS C 657 7.84 -36.13 -1.92
C HIS C 657 8.88 -36.27 -3.02
N ALA C 658 8.75 -35.43 -4.04
CA ALA C 658 9.68 -35.37 -5.15
C ALA C 658 10.00 -33.92 -5.44
N THR C 659 11.13 -33.68 -6.11
CA THR C 659 11.67 -32.34 -6.31
C THR C 659 11.84 -32.08 -7.80
N LEU C 660 11.22 -31.01 -8.28
CA LEU C 660 11.29 -30.62 -9.69
C LEU C 660 12.08 -29.33 -9.83
N TYR C 661 13.06 -29.34 -10.72
CA TYR C 661 13.89 -28.17 -11.02
C TYR C 661 13.38 -27.59 -12.33
N SER C 662 12.60 -26.51 -12.24
CA SER C 662 11.88 -26.00 -13.40
C SER C 662 12.82 -25.35 -14.39
N SER C 663 12.70 -25.76 -15.66
CA SER C 663 13.46 -25.27 -16.81
C SER C 663 14.96 -25.56 -16.73
N VAL C 664 15.39 -26.43 -15.84
CA VAL C 664 16.81 -26.69 -15.60
C VAL C 664 17.19 -28.00 -16.29
N GLU C 665 18.13 -27.93 -17.23
CA GLU C 665 18.70 -29.15 -17.79
C GLU C 665 19.59 -29.82 -16.77
N CYS C 666 19.78 -31.13 -16.95
CA CYS C 666 20.46 -31.95 -15.95
C CYS C 666 21.95 -31.63 -15.87
N ASN C 667 22.53 -31.13 -16.92
CA ASN C 667 23.94 -30.86 -16.86
C ASN C 667 24.25 -29.81 -15.88
N HIS C 668 23.53 -28.71 -15.92
CA HIS C 668 23.89 -27.53 -15.12
C HIS C 668 23.80 -27.81 -13.63
N ILE C 669 22.92 -28.72 -13.22
CA ILE C 669 22.66 -28.93 -11.80
C ILE C 669 23.88 -29.50 -11.09
N LYS C 670 24.80 -30.09 -11.82
CA LYS C 670 26.00 -30.57 -11.16
C LYS C 670 26.91 -29.40 -10.98
N SER C 671 27.04 -28.59 -12.01
CA SER C 671 27.95 -27.46 -11.96
C SER C 671 27.87 -26.70 -10.65
N VAL C 672 26.66 -26.36 -10.23
CA VAL C 672 26.41 -25.79 -8.90
C VAL C 672 25.44 -26.74 -8.20
N ALA C 673 25.98 -27.71 -7.47
CA ALA C 673 25.20 -28.70 -6.73
C ALA C 673 25.35 -28.54 -5.22
N THR C 674 26.09 -27.54 -4.77
CA THR C 674 26.40 -27.37 -3.36
C THR C 674 25.41 -26.42 -2.67
N VAL C 675 24.43 -25.92 -3.40
CA VAL C 675 23.57 -24.84 -2.91
C VAL C 675 22.15 -25.32 -2.63
N PHE C 676 21.90 -26.62 -2.72
CA PHE C 676 20.60 -27.17 -2.41
C PHE C 676 20.59 -27.62 -0.96
N SER C 677 19.56 -28.37 -0.57
CA SER C 677 19.43 -28.83 0.79
C SER C 677 20.49 -29.89 1.11
N ARG C 678 20.59 -30.24 2.39
CA ARG C 678 21.65 -31.14 2.85
C ARG C 678 21.47 -32.56 2.31
N GLN C 679 20.22 -33.03 2.18
CA GLN C 679 20.01 -34.37 1.65
C GLN C 679 20.31 -34.44 0.17
N THR C 680 20.10 -33.36 -0.56
CA THR C 680 20.36 -33.33 -2.00
C THR C 680 21.85 -33.29 -2.29
N ASN C 689 22.87 -40.49 -9.46
CA ASN C 689 22.25 -39.32 -10.07
C ASN C 689 20.77 -39.24 -9.74
N GLY C 690 19.97 -40.06 -10.43
CA GLY C 690 18.53 -40.02 -10.30
C GLY C 690 17.83 -38.98 -11.14
N LEU C 691 18.55 -38.30 -12.03
CA LEU C 691 17.97 -37.29 -12.89
C LEU C 691 17.11 -37.93 -13.97
N LEU C 692 16.15 -37.15 -14.48
CA LEU C 692 15.28 -37.62 -15.56
C LEU C 692 14.76 -36.40 -16.29
N GLN C 693 15.03 -36.31 -17.58
CA GLN C 693 14.65 -35.13 -18.37
C GLN C 693 13.16 -35.16 -18.69
N THR C 694 12.49 -34.05 -18.41
CA THR C 694 11.08 -33.86 -18.71
C THR C 694 10.90 -32.60 -19.56
N ALA C 695 9.65 -32.28 -19.84
CA ALA C 695 9.30 -31.06 -20.58
C ALA C 695 9.17 -29.85 -19.67
N VAL C 696 9.30 -30.02 -18.36
CA VAL C 696 9.17 -28.92 -17.41
C VAL C 696 10.45 -28.80 -16.60
N GLY C 697 11.54 -29.30 -17.16
CA GLY C 697 12.81 -29.30 -16.46
C GLY C 697 13.15 -30.59 -15.80
N CYS C 698 14.39 -30.78 -15.43
CA CYS C 698 14.82 -32.06 -14.85
C CYS C 698 14.12 -32.34 -13.57
N VAL C 699 13.80 -33.60 -13.33
CA VAL C 699 13.14 -33.98 -12.11
C VAL C 699 13.78 -35.12 -11.33
N ILE C 700 13.84 -35.01 -10.02
CA ILE C 700 14.38 -36.02 -9.13
C ILE C 700 13.24 -36.71 -8.43
N GLY C 701 13.38 -37.99 -8.10
CA GLY C 701 12.32 -38.74 -7.47
C GLY C 701 11.23 -39.35 -8.31
N PHE C 702 11.35 -39.32 -9.64
CA PHE C 702 10.33 -39.82 -10.55
C PHE C 702 10.78 -40.91 -11.52
N ARG C 703 10.02 -41.99 -11.72
CA ARG C 703 10.32 -43.01 -12.74
C ARG C 703 9.71 -42.70 -14.14
N ASN C 704 10.40 -42.98 -15.25
CA ASN C 704 9.83 -42.60 -16.56
C ASN C 704 8.88 -43.70 -17.01
N THR C 705 7.65 -43.62 -16.51
CA THR C 705 6.57 -44.51 -16.92
C THR C 705 5.92 -43.96 -18.20
N SER C 706 5.45 -44.86 -19.05
CA SER C 706 4.78 -44.48 -20.29
C SER C 706 3.27 -44.53 -20.20
N ASP C 707 2.71 -44.70 -19.00
CA ASP C 707 1.26 -44.75 -18.86
C ASP C 707 0.65 -43.37 -19.06
N THR C 708 -0.63 -43.36 -19.43
CA THR C 708 -1.39 -42.14 -19.61
C THR C 708 -2.70 -42.25 -18.85
N VAL C 709 -3.06 -41.20 -18.11
CA VAL C 709 -4.29 -41.15 -17.34
C VAL C 709 -5.04 -39.88 -17.70
N GLU C 710 -6.37 -39.96 -17.75
CA GLU C 710 -7.16 -38.82 -18.20
C GLU C 710 -7.24 -37.72 -17.15
N ASP C 711 -7.18 -38.08 -15.87
CA ASP C 711 -7.21 -37.09 -14.80
C ASP C 711 -6.12 -37.38 -13.78
N CYS C 712 -5.61 -36.32 -13.16
CA CYS C 712 -4.57 -36.44 -12.16
C CYS C 712 -4.70 -35.29 -11.17
N THR C 713 -4.29 -35.56 -9.93
CA THR C 713 -4.33 -34.54 -8.88
C THR C 713 -2.98 -33.88 -8.64
N LEU C 714 -1.94 -34.28 -9.36
CA LEU C 714 -0.62 -33.67 -9.25
C LEU C 714 -0.11 -33.31 -10.64
N PRO C 715 -0.62 -32.23 -11.24
CA PRO C 715 -0.17 -31.85 -12.58
C PRO C 715 1.16 -31.10 -12.53
N LEU C 716 2.09 -31.49 -13.39
CA LEU C 716 3.41 -30.87 -13.42
C LEU C 716 3.53 -29.76 -14.45
N GLY C 717 2.52 -29.57 -15.30
CA GLY C 717 2.64 -28.57 -16.34
C GLY C 717 2.14 -29.05 -17.69
N GLN C 718 3.02 -29.11 -18.68
CA GLN C 718 2.64 -29.33 -20.06
C GLN C 718 2.25 -30.79 -20.27
N SER C 719 1.00 -31.09 -19.92
CA SER C 719 0.37 -32.41 -20.09
C SER C 719 1.16 -33.52 -19.38
N LEU C 720 1.65 -33.21 -18.19
CA LEU C 720 2.38 -34.17 -17.37
C LEU C 720 1.75 -34.23 -15.99
N CYS C 721 1.78 -35.41 -15.38
CA CYS C 721 1.25 -35.62 -14.05
C CYS C 721 2.26 -36.40 -13.22
N ALA C 722 1.88 -36.66 -11.97
CA ALA C 722 2.69 -37.44 -11.04
C ALA C 722 1.77 -38.41 -10.33
N LYS C 723 1.77 -39.67 -10.76
CA LYS C 723 0.93 -40.67 -10.13
C LYS C 723 1.50 -41.07 -8.77
N PRO C 724 0.70 -41.08 -7.72
CA PRO C 724 1.20 -41.48 -6.39
C PRO C 724 1.59 -42.95 -6.37
N PRO C 725 2.43 -43.36 -5.41
CA PRO C 725 2.78 -44.78 -5.28
C PRO C 725 1.57 -45.65 -5.00
N SER C 726 1.57 -46.84 -5.58
CA SER C 726 0.45 -47.76 -5.45
C SER C 726 0.48 -48.50 -4.12
N ASN C 735 4.87 -48.88 -4.50
CA ASN C 735 6.30 -48.65 -4.46
C ASN C 735 6.67 -47.61 -3.40
N ASN C 736 7.71 -46.84 -3.70
CA ASN C 736 8.21 -45.81 -2.79
C ASN C 736 8.48 -44.50 -3.53
N THR C 737 7.91 -44.32 -4.71
CA THR C 737 8.17 -43.15 -5.53
C THR C 737 7.01 -42.94 -6.48
N PHE C 738 6.93 -41.74 -7.05
CA PHE C 738 5.87 -41.42 -7.99
C PHE C 738 6.11 -42.10 -9.33
N ALA C 739 5.21 -41.84 -10.28
CA ALA C 739 5.37 -42.28 -11.65
C ALA C 739 5.00 -41.13 -12.58
N LEU C 740 5.86 -40.89 -13.57
CA LEU C 740 5.59 -39.86 -14.57
C LEU C 740 4.55 -40.40 -15.55
N VAL C 741 3.41 -39.73 -15.66
CA VAL C 741 2.36 -40.11 -16.59
C VAL C 741 1.92 -38.88 -17.36
N HIS C 742 1.40 -39.11 -18.55
CA HIS C 742 0.86 -38.04 -19.39
C HIS C 742 -0.65 -37.94 -19.25
N MET C 743 -1.17 -36.75 -19.56
CA MET C 743 -2.61 -36.57 -19.61
C MET C 743 -3.16 -37.25 -20.84
N LEU C 744 -4.25 -38.00 -20.67
CA LEU C 744 -4.84 -38.76 -21.76
C LEU C 744 -5.89 -37.92 -22.49
N PHE C 745 -5.78 -37.87 -23.82
CA PHE C 745 -6.79 -37.25 -24.67
C PHE C 745 -7.71 -38.34 -25.19
N GLN C 746 -8.94 -38.38 -24.69
CA GLN C 746 -9.89 -39.39 -25.10
C GLN C 746 -10.40 -39.08 -26.50
N ASN C 747 -10.09 -39.97 -27.45
CA ASN C 747 -10.52 -39.77 -28.82
C ASN C 747 -12.03 -39.99 -28.93
N PRO C 748 -12.76 -39.09 -29.57
CA PRO C 748 -14.20 -39.30 -29.76
C PRO C 748 -14.46 -40.35 -30.82
N LEU C 749 -15.71 -40.79 -30.87
CA LEU C 749 -16.12 -41.78 -31.86
C LEU C 749 -16.07 -41.18 -33.26
N LYS C 750 -15.68 -42.00 -34.23
CA LYS C 750 -15.51 -41.56 -35.60
C LYS C 750 -16.77 -41.84 -36.40
N VAL C 751 -17.26 -40.81 -37.10
CA VAL C 751 -18.38 -40.94 -38.02
C VAL C 751 -17.87 -40.53 -39.40
N SER C 752 -18.15 -41.36 -40.41
CA SER C 752 -17.65 -41.14 -41.75
C SER C 752 -18.71 -40.47 -42.62
N VAL C 753 -18.27 -39.50 -43.42
CA VAL C 753 -19.17 -38.80 -44.34
C VAL C 753 -19.37 -39.65 -45.59
N LEU C 754 -20.63 -39.88 -45.96
CA LEU C 754 -20.96 -40.57 -47.19
C LEU C 754 -21.20 -39.54 -48.30
N ASN C 755 -20.54 -39.74 -49.44
CA ASN C 755 -20.66 -38.81 -50.55
C ASN C 755 -22.00 -38.91 -51.27
N SER C 756 -22.81 -39.92 -50.97
CA SER C 756 -24.09 -40.11 -51.64
C SER C 756 -25.15 -39.22 -51.00
N THR C 757 -26.41 -39.44 -51.38
CA THR C 757 -27.53 -38.69 -50.82
C THR C 757 -27.89 -39.13 -49.40
N GLU C 758 -27.39 -40.27 -48.96
CA GLU C 758 -27.59 -40.71 -47.58
C GLU C 758 -26.48 -40.15 -46.70
N PHE C 759 -26.62 -40.34 -45.39
CA PHE C 759 -25.66 -39.79 -44.45
C PHE C 759 -25.70 -40.63 -43.18
N GLN C 760 -24.54 -40.69 -42.50
CA GLN C 760 -24.39 -41.52 -41.32
C GLN C 760 -24.89 -40.79 -40.08
N VAL C 761 -25.49 -41.55 -39.17
CA VAL C 761 -25.89 -41.05 -37.86
C VAL C 761 -25.33 -41.98 -36.80
N SER C 762 -25.21 -41.45 -35.58
CA SER C 762 -24.74 -42.22 -34.44
C SER C 762 -25.73 -41.98 -33.30
N ILE C 763 -26.58 -42.97 -33.05
CA ILE C 763 -27.69 -42.85 -32.11
C ILE C 763 -27.41 -43.78 -30.95
N PRO C 764 -27.55 -43.32 -29.70
CA PRO C 764 -27.29 -44.20 -28.55
C PRO C 764 -28.30 -45.32 -28.44
N GLN C 765 -27.84 -46.46 -27.93
CA GLN C 765 -28.69 -47.61 -27.66
C GLN C 765 -29.12 -47.69 -26.21
N ASN C 766 -28.39 -47.06 -25.30
CA ASN C 766 -28.75 -47.02 -23.89
C ASN C 766 -28.30 -45.68 -23.32
N PHE C 767 -28.67 -45.42 -22.08
CA PHE C 767 -28.31 -44.14 -21.45
C PHE C 767 -28.24 -44.33 -19.95
N SER C 768 -27.80 -43.26 -19.28
CA SER C 768 -27.79 -43.19 -17.83
C SER C 768 -27.99 -41.75 -17.41
N PHE C 769 -28.46 -41.56 -16.18
CA PHE C 769 -28.69 -40.22 -15.63
C PHE C 769 -27.42 -39.72 -14.97
N GLY C 770 -26.65 -38.92 -15.70
CA GLY C 770 -25.53 -38.23 -15.09
C GLY C 770 -26.00 -37.05 -14.27
N ILE C 771 -25.31 -36.80 -13.16
CA ILE C 771 -25.63 -35.70 -12.26
C ILE C 771 -24.46 -34.75 -12.24
N THR C 772 -24.72 -33.48 -12.52
CA THR C 772 -23.71 -32.43 -12.44
C THR C 772 -24.01 -31.56 -11.23
N GLU C 773 -23.02 -31.39 -10.37
CA GLU C 773 -23.14 -30.57 -9.18
C GLU C 773 -22.24 -29.36 -9.30
N GLU C 774 -22.76 -28.20 -8.91
CA GLU C 774 -21.94 -27.00 -8.94
C GLU C 774 -22.35 -26.09 -7.79
N PHE C 775 -21.43 -25.21 -7.42
CA PHE C 775 -21.66 -24.26 -6.34
C PHE C 775 -21.41 -22.85 -6.86
N ILE C 776 -22.30 -21.93 -6.51
CA ILE C 776 -22.19 -20.53 -6.90
C ILE C 776 -22.17 -19.70 -5.62
N GLU C 777 -21.07 -18.98 -5.41
CA GLU C 777 -20.88 -18.19 -4.19
C GLU C 777 -21.52 -16.82 -4.41
N THR C 778 -22.71 -16.63 -3.84
CA THR C 778 -23.52 -15.45 -4.14
C THR C 778 -23.42 -14.34 -3.10
N SER C 779 -22.79 -14.60 -1.95
CA SER C 779 -22.73 -13.59 -0.90
C SER C 779 -21.35 -13.60 -0.26
N ILE C 780 -20.78 -12.42 -0.06
CA ILE C 780 -19.51 -12.28 0.64
C ILE C 780 -19.75 -12.23 2.14
N GLN C 781 -18.69 -12.36 2.92
CA GLN C 781 -18.77 -12.21 4.37
C GLN C 781 -18.81 -10.73 4.72
N LYS C 782 -19.85 -10.31 5.44
CA LYS C 782 -20.03 -8.91 5.79
C LYS C 782 -19.31 -8.64 7.10
N VAL C 783 -18.29 -7.78 7.05
CA VAL C 783 -17.44 -7.47 8.18
C VAL C 783 -17.41 -5.96 8.36
N THR C 784 -17.59 -5.48 9.59
CA THR C 784 -17.37 -4.08 9.94
C THR C 784 -16.20 -3.99 10.91
N VAL C 785 -15.25 -3.12 10.60
CA VAL C 785 -14.05 -2.95 11.41
C VAL C 785 -14.04 -1.55 11.99
N ASP C 786 -13.84 -1.46 13.31
CA ASP C 786 -13.68 -0.17 13.96
C ASP C 786 -12.23 0.26 13.80
N CYS C 787 -12.01 1.32 13.02
CA CYS C 787 -10.66 1.72 12.64
C CYS C 787 -9.85 2.23 13.82
N LYS C 788 -10.47 3.00 14.71
CA LYS C 788 -9.77 3.55 15.86
C LYS C 788 -9.28 2.46 16.80
N GLN C 789 -10.15 1.50 17.11
CA GLN C 789 -9.77 0.41 18.01
C GLN C 789 -8.73 -0.49 17.37
N TYR C 790 -8.84 -0.73 16.06
CA TYR C 790 -7.89 -1.60 15.38
C TYR C 790 -6.51 -0.97 15.31
N VAL C 791 -6.43 0.32 14.96
CA VAL C 791 -5.12 0.95 14.81
C VAL C 791 -4.50 1.26 16.17
N CYS C 792 -5.27 1.80 17.11
CA CYS C 792 -4.65 2.35 18.31
C CYS C 792 -4.88 1.56 19.58
N ASN C 793 -5.94 0.74 19.64
CA ASN C 793 -6.25 -0.14 20.78
C ASN C 793 -6.42 0.73 22.03
N GLY C 794 -7.13 1.85 21.86
CA GLY C 794 -7.58 2.66 22.97
C GLY C 794 -6.57 3.64 23.54
N PHE C 795 -5.32 3.60 23.10
CA PHE C 795 -4.31 4.51 23.66
C PHE C 795 -4.50 5.91 23.10
N GLU C 796 -4.54 6.89 24.00
CA GLU C 796 -4.86 8.26 23.64
C GLU C 796 -3.73 8.93 22.86
N ARG C 797 -2.48 8.60 23.18
CA ARG C 797 -1.34 9.14 22.43
C ARG C 797 -1.36 8.67 20.97
N CYS C 798 -1.70 7.40 20.75
CA CYS C 798 -1.86 6.90 19.39
C CYS C 798 -3.00 7.60 18.68
N GLU C 799 -4.10 7.86 19.40
CA GLU C 799 -5.24 8.53 18.77
C GLU C 799 -4.90 9.95 18.35
N GLN C 800 -4.14 10.67 19.17
CA GLN C 800 -3.67 11.99 18.78
C GLN C 800 -2.75 11.90 17.57
N LEU C 801 -1.85 10.91 17.55
CA LEU C 801 -0.97 10.76 16.40
C LEU C 801 -1.73 10.36 15.14
N LEU C 802 -2.82 9.61 15.29
CA LEU C 802 -3.61 9.18 14.14
C LEU C 802 -4.47 10.30 13.59
N VAL C 803 -5.02 11.16 14.46
CA VAL C 803 -5.74 12.32 13.94
C VAL C 803 -4.79 13.36 13.39
N GLN C 804 -3.52 13.34 13.82
CA GLN C 804 -2.50 14.14 13.13
C GLN C 804 -2.10 13.49 11.81
N TYR C 805 -2.23 12.17 11.69
CA TYR C 805 -1.83 11.46 10.49
C TYR C 805 -2.77 11.76 9.33
N GLY C 806 -4.07 11.68 9.56
CA GLY C 806 -5.04 11.90 8.51
C GLY C 806 -6.44 11.60 9.00
N GLN C 807 -7.35 11.39 8.04
CA GLN C 807 -8.75 11.10 8.33
C GLN C 807 -9.16 9.80 7.64
N PHE C 808 -8.37 8.74 7.88
CA PHE C 808 -8.56 7.48 7.18
C PHE C 808 -9.78 6.71 7.67
N CYS C 809 -10.10 6.82 8.98
CA CYS C 809 -11.05 5.91 9.59
C CYS C 809 -12.48 6.13 9.10
N SER C 810 -12.86 7.40 8.89
CA SER C 810 -14.20 7.68 8.38
C SER C 810 -14.38 7.14 6.96
N LYS C 811 -13.35 7.28 6.12
CA LYS C 811 -13.39 6.75 4.77
C LYS C 811 -13.46 5.22 4.78
N ILE C 812 -12.70 4.58 5.67
CA ILE C 812 -12.73 3.13 5.80
C ILE C 812 -14.13 2.66 6.21
N ASN C 813 -14.72 3.33 7.21
CA ASN C 813 -16.04 2.95 7.69
C ASN C 813 -17.11 3.16 6.62
N GLN C 814 -17.04 4.27 5.89
CA GLN C 814 -18.03 4.55 4.85
C GLN C 814 -17.94 3.53 3.71
N ALA C 815 -16.73 3.22 3.26
CA ALA C 815 -16.58 2.24 2.18
C ALA C 815 -17.04 0.86 2.62
N LEU C 816 -16.67 0.46 3.84
CA LEU C 816 -16.98 -0.88 4.32
C LEU C 816 -18.45 -1.00 4.72
N HIS C 817 -19.14 0.13 4.93
CA HIS C 817 -20.59 0.12 5.12
C HIS C 817 -21.34 0.08 3.79
N GLY C 818 -20.80 0.77 2.78
CA GLY C 818 -21.40 0.70 1.45
C GLY C 818 -21.32 -0.69 0.85
N VAL C 819 -20.22 -1.40 1.11
CA VAL C 819 -20.10 -2.79 0.65
C VAL C 819 -21.20 -3.67 1.25
N ASN C 820 -21.44 -3.53 2.56
CA ASN C 820 -22.46 -4.35 3.21
C ASN C 820 -23.86 -3.98 2.76
N LEU C 821 -24.12 -2.70 2.53
CA LEU C 821 -25.41 -2.27 2.01
C LEU C 821 -25.68 -2.85 0.62
N ARG C 822 -24.65 -2.84 -0.23
CA ARG C 822 -24.79 -3.42 -1.57
C ARG C 822 -25.00 -4.92 -1.49
N GLN C 823 -24.34 -5.60 -0.54
CA GLN C 823 -24.54 -7.03 -0.37
C GLN C 823 -25.96 -7.35 0.07
N ASP C 824 -26.53 -6.54 0.97
CA ASP C 824 -27.92 -6.75 1.39
C ASP C 824 -28.89 -6.55 0.23
N ASP C 825 -28.66 -5.52 -0.59
CA ASP C 825 -29.52 -5.29 -1.74
C ASP C 825 -29.40 -6.44 -2.75
N ALA C 826 -28.19 -6.96 -2.95
CA ALA C 826 -28.01 -8.10 -3.84
C ALA C 826 -28.70 -9.34 -3.31
N THR C 827 -28.70 -9.54 -1.99
CA THR C 827 -29.40 -10.68 -1.40
C THR C 827 -30.91 -10.58 -1.63
N LYS C 828 -31.48 -9.40 -1.44
CA LYS C 828 -32.91 -9.23 -1.72
C LYS C 828 -33.23 -9.46 -3.19
N SER C 829 -32.39 -8.91 -4.09
CA SER C 829 -32.63 -9.10 -5.52
C SER C 829 -32.49 -10.56 -5.93
N LEU C 830 -31.62 -11.31 -5.26
CA LEU C 830 -31.53 -12.74 -5.51
C LEU C 830 -32.77 -13.48 -5.03
N PHE C 831 -33.27 -13.14 -3.85
CA PHE C 831 -34.42 -13.89 -3.33
C PHE C 831 -35.75 -13.45 -3.91
N GLU C 832 -35.80 -12.38 -4.70
CA GLU C 832 -37.02 -12.13 -5.48
C GLU C 832 -37.19 -13.16 -6.60
N ASP C 833 -36.08 -13.62 -7.19
CA ASP C 833 -36.18 -14.57 -8.29
C ASP C 833 -36.60 -15.97 -7.82
N ILE C 834 -36.20 -16.35 -6.60
CA ILE C 834 -36.57 -17.65 -6.06
C ILE C 834 -38.05 -17.68 -5.71
N LYS C 835 -38.64 -16.52 -5.45
CA LYS C 835 -40.06 -16.44 -5.11
C LYS C 835 -40.93 -16.84 -6.30
N VAL C 836 -41.95 -17.66 -6.02
CA VAL C 836 -42.87 -18.14 -7.04
C VAL C 836 -44.27 -17.66 -6.67
N PRO C 837 -45.17 -17.43 -7.64
CA PRO C 837 -46.54 -17.05 -7.29
C PRO C 837 -47.36 -18.23 -6.78
N GLN C 838 -47.07 -19.44 -7.29
CA GLN C 838 -47.73 -20.65 -6.84
C GLN C 838 -46.73 -21.77 -6.67
N SER C 839 -46.95 -22.59 -5.65
CA SER C 839 -46.16 -23.79 -5.41
C SER C 839 -47.09 -24.91 -5.02
N VAL C 840 -46.66 -26.14 -5.26
CA VAL C 840 -47.42 -27.33 -4.89
C VAL C 840 -46.75 -27.94 -3.65
N PRO C 841 -47.39 -27.87 -2.48
CA PRO C 841 -46.73 -28.40 -1.26
C PRO C 841 -46.69 -29.91 -1.20
N LEU C 842 -47.43 -30.63 -2.04
CA LEU C 842 -47.52 -32.07 -1.98
C LEU C 842 -46.87 -32.76 -3.18
N MET C 843 -46.10 -32.03 -3.97
CA MET C 843 -45.49 -32.60 -5.17
C MET C 843 -44.36 -33.56 -4.85
N THR C 844 -43.52 -33.20 -3.89
CA THR C 844 -42.34 -34.01 -3.56
C THR C 844 -42.70 -35.31 -2.86
N SER C 845 -43.89 -35.40 -2.27
CA SER C 845 -44.32 -36.62 -1.59
C SER C 845 -45.23 -37.48 -2.45
N LEU C 846 -46.01 -36.88 -3.36
CA LEU C 846 -46.93 -37.62 -4.22
C LEU C 846 -46.27 -37.78 -5.59
N THR C 847 -45.38 -38.75 -5.69
CA THR C 847 -44.71 -39.10 -6.93
C THR C 847 -45.07 -40.53 -7.30
N GLY C 848 -44.46 -41.02 -8.37
CA GLY C 848 -44.65 -42.40 -8.78
C GLY C 848 -43.61 -43.30 -8.15
N ASP C 849 -42.75 -43.87 -8.98
CA ASP C 849 -41.64 -44.67 -8.49
C ASP C 849 -40.39 -43.83 -8.21
N TYR C 850 -40.45 -42.53 -8.45
CA TYR C 850 -39.33 -41.65 -8.16
C TYR C 850 -39.27 -41.34 -6.68
N ASN C 851 -38.07 -41.40 -6.11
CA ASN C 851 -37.84 -41.09 -4.70
C ASN C 851 -37.18 -39.71 -4.65
N LEU C 852 -37.95 -38.71 -4.22
CA LEU C 852 -37.46 -37.36 -4.06
C LEU C 852 -37.51 -36.93 -2.60
N SER C 853 -37.16 -37.83 -1.70
CA SER C 853 -37.15 -37.52 -0.28
C SER C 853 -35.98 -36.64 0.13
N LEU C 854 -34.97 -36.50 -0.74
CA LEU C 854 -33.86 -35.59 -0.46
C LEU C 854 -34.26 -34.13 -0.59
N PHE C 855 -35.43 -33.84 -1.17
CA PHE C 855 -35.87 -32.47 -1.37
C PHE C 855 -37.20 -32.17 -0.68
N GLU C 856 -37.66 -33.03 0.23
CA GLU C 856 -38.85 -32.72 1.00
C GLU C 856 -38.55 -31.67 2.06
N ALA C 857 -39.53 -30.78 2.29
CA ALA C 857 -39.35 -29.70 3.25
C ALA C 857 -39.05 -30.18 4.68
N PRO C 858 -39.69 -31.24 5.22
CA PRO C 858 -39.14 -31.72 6.49
C PRO C 858 -37.74 -32.31 6.36
N ASN C 866 -38.76 -26.91 10.85
CA ASN C 866 -37.96 -26.29 9.80
C ASN C 866 -38.40 -26.74 8.42
N TYR C 867 -38.06 -25.92 7.42
CA TYR C 867 -38.27 -26.22 6.02
C TYR C 867 -36.99 -26.67 5.35
N ARG C 868 -35.93 -26.90 6.13
CA ARG C 868 -34.66 -27.35 5.57
C ARG C 868 -34.76 -28.81 5.17
N SER C 869 -34.40 -29.11 3.93
CA SER C 869 -34.49 -30.46 3.41
C SER C 869 -33.38 -31.33 3.97
N ALA C 870 -33.50 -32.64 3.72
CA ALA C 870 -32.51 -33.58 4.22
C ALA C 870 -31.16 -33.40 3.53
N LEU C 871 -31.17 -33.02 2.26
CA LEU C 871 -29.92 -32.76 1.56
C LEU C 871 -29.27 -31.46 2.00
N GLU C 872 -30.08 -30.45 2.33
CA GLU C 872 -29.54 -29.24 2.93
C GLU C 872 -28.89 -29.53 4.28
N ASP C 873 -29.54 -30.39 5.08
CA ASP C 873 -28.95 -30.83 6.34
C ASP C 873 -27.63 -31.57 6.12
N LEU C 874 -27.60 -32.46 5.14
CA LEU C 874 -26.38 -33.19 4.84
C LEU C 874 -25.28 -32.23 4.44
N LEU C 875 -25.57 -31.33 3.52
CA LEU C 875 -24.57 -30.39 3.03
C LEU C 875 -24.05 -29.49 4.15
N PHE C 876 -24.94 -28.99 5.01
CA PHE C 876 -24.50 -28.09 6.08
C PHE C 876 -23.79 -28.85 7.19
N ASP C 877 -24.08 -30.14 7.37
CA ASP C 877 -23.38 -30.93 8.37
C ASP C 877 -22.00 -31.36 7.89
N LYS C 878 -21.84 -31.65 6.59
CA LYS C 878 -20.56 -32.17 6.12
C LYS C 878 -19.51 -31.09 5.91
N VAL C 879 -19.88 -29.82 5.89
CA VAL C 879 -18.90 -28.74 5.70
C VAL C 879 -18.39 -28.29 7.06
N THR C 880 -17.07 -28.15 7.18
CA THR C 880 -16.45 -27.80 8.45
C THR C 880 -16.52 -26.28 8.62
N LEU C 881 -17.71 -25.81 8.98
CA LEU C 881 -17.98 -24.39 9.20
C LEU C 881 -18.24 -24.18 10.69
N SER C 882 -17.47 -23.28 11.29
CA SER C 882 -17.68 -22.93 12.69
C SER C 882 -18.94 -22.09 12.83
N ASP C 883 -19.56 -22.17 14.00
CA ASP C 883 -20.80 -21.45 14.25
C ASP C 883 -20.50 -19.96 14.45
N PRO C 884 -21.07 -19.07 13.64
CA PRO C 884 -20.94 -17.64 13.90
C PRO C 884 -21.82 -17.25 15.07
N GLY C 885 -21.29 -16.86 16.21
CA GLY C 885 -22.18 -16.59 17.32
C GLY C 885 -23.02 -15.36 17.15
N TYR C 886 -24.32 -15.45 17.29
CA TYR C 886 -25.15 -14.26 17.28
C TYR C 886 -25.98 -14.47 18.55
N MET C 887 -26.57 -13.44 19.10
CA MET C 887 -27.29 -13.57 20.36
C MET C 887 -26.43 -13.81 21.61
N LYS C 888 -25.43 -14.66 21.58
CA LYS C 888 -24.64 -15.02 22.76
C LYS C 888 -23.17 -15.27 22.43
N GLY C 889 -22.65 -14.75 21.32
CA GLY C 889 -21.25 -14.98 21.00
C GLY C 889 -20.30 -14.27 21.96
N TYR C 890 -20.64 -13.03 22.31
CA TYR C 890 -19.81 -12.24 23.21
C TYR C 890 -19.71 -12.87 24.59
N ASP C 891 -20.85 -13.37 25.10
CA ASP C 891 -20.87 -14.00 26.42
C ASP C 891 -20.00 -15.25 26.46
N GLU C 892 -20.08 -16.06 25.39
CA GLU C 892 -19.24 -17.25 25.30
C GLU C 892 -17.76 -16.87 25.21
N CYS C 893 -17.46 -15.77 24.51
CA CYS C 893 -16.07 -15.33 24.41
C CYS C 893 -15.53 -14.82 25.73
N MET C 894 -16.41 -14.30 26.55
CA MET C 894 -15.96 -13.87 27.83
C MET C 894 -15.49 -15.13 28.51
N LYS C 895 -16.41 -15.97 28.95
CA LYS C 895 -15.98 -17.14 29.70
C LYS C 895 -15.40 -18.20 28.80
N ASP C 903 -8.93 -18.96 17.91
CA ASP C 903 -9.91 -19.07 16.85
C ASP C 903 -10.21 -17.72 16.23
N LEU C 904 -11.25 -17.66 15.39
CA LEU C 904 -11.67 -16.42 14.76
C LEU C 904 -13.01 -15.90 15.25
N ILE C 905 -13.76 -16.70 16.01
CA ILE C 905 -15.02 -16.20 16.56
C ILE C 905 -14.76 -15.26 17.72
N CYS C 906 -13.84 -15.63 18.62
CA CYS C 906 -13.51 -14.81 19.77
C CYS C 906 -12.44 -13.78 19.46
N ALA C 907 -11.87 -13.81 18.26
CA ALA C 907 -10.92 -12.79 17.83
C ALA C 907 -11.58 -11.52 17.35
N GLN C 908 -12.91 -11.51 17.21
CA GLN C 908 -13.60 -10.31 16.75
C GLN C 908 -13.57 -9.22 17.80
N TYR C 909 -13.84 -9.57 19.05
CA TYR C 909 -14.00 -8.60 20.12
C TYR C 909 -12.68 -8.12 20.71
N VAL C 910 -11.55 -8.70 20.29
CA VAL C 910 -10.24 -8.25 20.75
C VAL C 910 -9.45 -7.55 19.65
N SER C 911 -9.77 -7.77 18.38
CA SER C 911 -9.06 -7.12 17.29
C SER C 911 -9.70 -5.80 16.89
N GLY C 912 -11.01 -5.81 16.66
CA GLY C 912 -11.71 -4.59 16.30
C GLY C 912 -12.73 -4.75 15.21
N TYR C 913 -12.88 -5.95 14.68
CA TYR C 913 -13.84 -6.22 13.61
C TYR C 913 -15.00 -7.05 14.13
N LYS C 914 -16.04 -7.14 13.30
CA LYS C 914 -17.26 -7.85 13.66
C LYS C 914 -17.90 -8.40 12.39
N VAL C 915 -18.24 -9.68 12.40
CA VAL C 915 -18.91 -10.31 11.27
C VAL C 915 -20.41 -10.12 11.42
N LEU C 916 -21.02 -9.41 10.48
CA LEU C 916 -22.43 -9.09 10.57
C LEU C 916 -23.31 -10.30 10.26
N PRO C 917 -24.52 -10.36 10.84
CA PRO C 917 -25.42 -11.46 10.51
C PRO C 917 -25.95 -11.32 9.10
N PRO C 918 -26.33 -12.43 8.47
CA PRO C 918 -26.92 -12.35 7.12
C PRO C 918 -28.31 -11.72 7.16
N LEU C 919 -28.77 -11.34 5.98
CA LEU C 919 -30.04 -10.62 5.86
C LEU C 919 -31.23 -11.51 6.16
N TYR C 920 -31.14 -12.80 5.88
CA TYR C 920 -32.21 -13.73 6.15
C TYR C 920 -31.72 -14.84 7.06
N ASP C 921 -32.60 -15.32 7.93
CA ASP C 921 -32.32 -16.52 8.69
C ASP C 921 -32.27 -17.72 7.74
N ALA C 922 -31.61 -18.79 8.19
CA ALA C 922 -31.55 -20.01 7.40
C ALA C 922 -32.92 -20.62 7.21
N ASN C 923 -33.82 -20.40 8.17
CA ASN C 923 -35.18 -20.94 8.07
C ASN C 923 -35.95 -20.31 6.92
N MET C 924 -35.87 -18.98 6.76
CA MET C 924 -36.60 -18.32 5.68
C MET C 924 -36.03 -18.67 4.31
N GLU C 925 -34.71 -18.80 4.22
CA GLU C 925 -34.09 -19.30 3.00
C GLU C 925 -34.55 -20.70 2.68
N ALA C 926 -34.75 -21.53 3.72
CA ALA C 926 -35.29 -22.86 3.51
C ALA C 926 -36.73 -22.81 2.99
N MET C 927 -37.54 -21.86 3.48
CA MET C 927 -38.90 -21.71 2.93
C MET C 927 -38.84 -21.33 1.45
N TYR C 928 -37.96 -20.40 1.09
CA TYR C 928 -37.83 -20.00 -0.32
C TYR C 928 -37.41 -21.17 -1.20
N THR C 929 -36.42 -21.95 -0.73
CA THR C 929 -35.95 -23.09 -1.50
C THR C 929 -37.01 -24.18 -1.62
N ALA C 930 -37.76 -24.43 -0.54
CA ALA C 930 -38.82 -25.43 -0.59
C ALA C 930 -39.95 -25.00 -1.54
N SER C 931 -40.30 -23.72 -1.53
CA SER C 931 -41.32 -23.21 -2.44
C SER C 931 -40.86 -23.30 -3.89
N LEU C 932 -39.57 -23.03 -4.15
CA LEU C 932 -39.06 -23.19 -5.51
C LEU C 932 -39.04 -24.65 -5.93
N THR C 933 -38.68 -25.55 -5.01
CA THR C 933 -38.64 -26.98 -5.33
C THR C 933 -40.04 -27.53 -5.61
N GLY C 934 -41.04 -27.05 -4.88
CA GLY C 934 -42.40 -27.49 -5.13
C GLY C 934 -43.03 -26.93 -6.38
N SER C 935 -42.41 -25.93 -7.01
CA SER C 935 -42.98 -25.25 -8.17
C SER C 935 -42.46 -25.77 -9.51
N ILE C 936 -41.61 -26.80 -9.50
CA ILE C 936 -41.00 -27.28 -10.73
C ILE C 936 -41.84 -28.39 -11.35
N ALA C 937 -43.06 -28.57 -10.84
CA ALA C 937 -43.94 -29.61 -11.35
C ALA C 937 -44.40 -29.30 -12.77
N GLY C 938 -44.81 -28.06 -13.02
CA GLY C 938 -45.29 -27.70 -14.34
C GLY C 938 -44.74 -26.37 -14.84
N SER C 939 -43.63 -25.92 -14.27
CA SER C 939 -43.04 -24.65 -14.69
C SER C 939 -42.42 -24.73 -16.07
N PHE C 940 -41.84 -25.89 -16.41
CA PHE C 940 -41.24 -26.06 -17.73
C PHE C 940 -42.29 -26.18 -18.84
N TRP C 941 -43.53 -26.47 -18.49
CA TRP C 941 -44.54 -26.90 -19.44
C TRP C 941 -45.13 -25.65 -20.13
N THR C 942 -46.27 -25.80 -20.79
CA THR C 942 -46.81 -24.71 -21.61
C THR C 942 -47.21 -23.49 -20.81
N GLY C 943 -47.39 -23.61 -19.50
CA GLY C 943 -47.59 -22.44 -18.67
C GLY C 943 -46.28 -21.75 -18.39
N GLY C 944 -46.05 -20.61 -19.05
CA GLY C 944 -44.78 -19.92 -18.95
C GLY C 944 -44.73 -18.95 -17.79
N LEU C 945 -44.90 -19.47 -16.57
CA LEU C 945 -44.85 -18.79 -15.28
C LEU C 945 -46.02 -17.82 -15.06
N SER C 946 -46.88 -17.60 -16.05
CA SER C 946 -48.09 -16.82 -15.83
C SER C 946 -49.15 -17.65 -15.12
N SER C 947 -49.22 -18.93 -15.42
CA SER C 947 -50.14 -19.86 -14.78
C SER C 947 -49.35 -21.00 -14.15
N ALA C 948 -50.03 -21.77 -13.32
CA ALA C 948 -49.44 -22.93 -12.67
C ALA C 948 -50.20 -24.18 -13.05
N ALA C 949 -49.52 -25.31 -12.99
CA ALA C 949 -50.12 -26.60 -13.25
C ALA C 949 -49.69 -27.57 -12.16
N ALA C 950 -50.44 -28.66 -12.03
CA ALA C 950 -50.21 -29.59 -10.93
C ALA C 950 -49.93 -30.99 -11.44
N LEU C 951 -49.04 -31.12 -12.42
CA LEU C 951 -48.66 -32.44 -12.89
C LEU C 951 -47.88 -33.17 -11.81
N PRO C 952 -48.04 -34.49 -11.68
CA PRO C 952 -47.15 -35.26 -10.82
C PRO C 952 -45.75 -35.31 -11.44
N PHE C 953 -44.79 -35.71 -10.61
CA PHE C 953 -43.40 -35.71 -11.04
C PHE C 953 -43.14 -36.74 -12.14
N ALA C 954 -43.88 -37.85 -12.13
CA ALA C 954 -43.72 -38.86 -13.18
C ALA C 954 -44.15 -38.33 -14.54
N GLN C 955 -45.30 -37.66 -14.60
CA GLN C 955 -45.77 -37.10 -15.85
C GLN C 955 -44.88 -35.95 -16.32
N SER C 956 -44.40 -35.13 -15.39
CA SER C 956 -43.48 -34.04 -15.73
C SER C 956 -42.17 -34.59 -16.31
N MET C 957 -41.63 -35.64 -15.70
CA MET C 957 -40.41 -36.26 -16.21
C MET C 957 -40.67 -36.91 -17.57
N PHE C 958 -41.84 -37.52 -17.75
CA PHE C 958 -42.20 -38.13 -19.03
C PHE C 958 -42.24 -37.08 -20.13
N TYR C 959 -42.83 -35.92 -19.85
CA TYR C 959 -42.85 -34.84 -20.83
C TYR C 959 -41.46 -34.25 -21.08
N ARG C 960 -40.61 -34.22 -20.05
CA ARG C 960 -39.25 -33.72 -20.23
C ARG C 960 -38.45 -34.59 -21.19
N MET C 961 -38.39 -35.86 -20.96
CA MET C 961 -37.66 -36.70 -21.83
C MET C 961 -38.18 -36.75 -23.27
N ASN C 962 -39.48 -36.68 -23.48
CA ASN C 962 -40.01 -36.71 -24.79
C ASN C 962 -39.58 -35.53 -25.57
N GLY C 963 -39.54 -34.39 -24.96
CA GLY C 963 -39.24 -33.18 -25.68
C GLY C 963 -37.79 -33.18 -25.84
N ILE C 964 -37.15 -33.99 -25.04
CA ILE C 964 -35.71 -34.09 -25.28
C ILE C 964 -35.44 -34.76 -26.62
N GLY C 965 -36.20 -35.80 -26.95
CA GLY C 965 -35.99 -36.52 -28.20
C GLY C 965 -36.24 -38.01 -28.13
N ILE C 966 -36.57 -38.52 -26.94
CA ILE C 966 -36.96 -39.91 -26.79
C ILE C 966 -38.43 -40.05 -27.12
N THR C 967 -38.76 -41.03 -27.95
CA THR C 967 -40.15 -41.24 -28.37
C THR C 967 -40.99 -41.75 -27.21
N GLN C 968 -42.31 -41.57 -27.33
CA GLN C 968 -43.22 -41.94 -26.25
C GLN C 968 -43.31 -43.45 -26.06
N ASN C 969 -43.10 -44.21 -27.12
CA ASN C 969 -43.16 -45.67 -27.00
C ASN C 969 -42.07 -46.14 -26.07
N VAL C 970 -40.85 -45.67 -26.28
CA VAL C 970 -39.71 -46.07 -25.45
C VAL C 970 -39.95 -45.69 -24.00
N LEU C 971 -40.49 -44.49 -23.76
CA LEU C 971 -40.77 -44.04 -22.40
C LEU C 971 -41.86 -44.88 -21.75
N MET C 972 -42.87 -45.29 -22.51
CA MET C 972 -43.93 -46.11 -21.95
C MET C 972 -43.46 -47.54 -21.71
N LYS C 973 -42.56 -48.05 -22.55
CA LYS C 973 -42.00 -49.39 -22.32
C LYS C 973 -41.21 -49.45 -21.02
N ASN C 974 -40.43 -48.42 -20.75
CA ASN C 974 -39.56 -48.36 -19.58
C ASN C 974 -40.15 -47.34 -18.62
N GLN C 975 -40.99 -47.80 -17.70
CA GLN C 975 -41.48 -46.96 -16.62
C GLN C 975 -40.89 -47.36 -15.27
N ARG C 976 -40.09 -48.41 -15.23
CA ARG C 976 -39.42 -48.86 -14.01
C ARG C 976 -37.91 -48.73 -14.09
N GLU C 977 -37.31 -48.99 -15.26
CA GLU C 977 -35.88 -48.84 -15.41
C GLU C 977 -35.44 -47.39 -15.29
N ILE C 978 -36.22 -46.47 -15.86
CA ILE C 978 -35.89 -45.05 -15.81
C ILE C 978 -35.96 -44.55 -14.36
N ALA C 979 -36.99 -44.95 -13.63
CA ALA C 979 -37.12 -44.56 -12.23
C ALA C 979 -36.00 -45.15 -11.39
N ASN C 980 -35.61 -46.39 -11.67
CA ASN C 980 -34.49 -47.00 -10.96
C ASN C 980 -33.18 -46.27 -11.22
N LYS C 981 -32.93 -45.89 -12.48
CA LYS C 981 -31.73 -45.14 -12.80
C LYS C 981 -31.73 -43.77 -12.12
N PHE C 982 -32.87 -43.10 -12.11
CA PHE C 982 -32.97 -41.79 -11.45
C PHE C 982 -32.74 -41.93 -9.94
N ASN C 983 -33.31 -42.98 -9.34
CA ASN C 983 -33.16 -43.17 -7.90
C ASN C 983 -31.73 -43.52 -7.52
N GLN C 984 -31.05 -44.36 -8.31
CA GLN C 984 -29.67 -44.68 -7.97
C GLN C 984 -28.73 -43.52 -8.25
N ALA C 985 -29.05 -42.67 -9.24
CA ALA C 985 -28.29 -41.46 -9.45
C ALA C 985 -28.43 -40.51 -8.26
N LEU C 986 -29.65 -40.35 -7.74
CA LEU C 986 -29.84 -39.53 -6.55
C LEU C 986 -29.18 -40.15 -5.32
N GLY C 987 -29.13 -41.48 -5.23
CA GLY C 987 -28.45 -42.11 -4.11
C GLY C 987 -26.94 -41.88 -4.13
N ALA C 988 -26.32 -42.03 -5.31
CA ALA C 988 -24.89 -41.74 -5.43
C ALA C 988 -24.62 -40.25 -5.22
N MET C 989 -25.55 -39.39 -5.63
CA MET C 989 -25.46 -37.97 -5.31
C MET C 989 -25.50 -37.72 -3.80
N GLN C 990 -26.36 -38.46 -3.08
CA GLN C 990 -26.42 -38.32 -1.63
C GLN C 990 -25.14 -38.77 -0.96
N THR C 991 -24.57 -39.89 -1.42
CA THR C 991 -23.36 -40.43 -0.81
C THR C 991 -22.11 -39.64 -1.23
N GLY C 992 -22.17 -38.90 -2.33
CA GLY C 992 -21.00 -38.34 -2.98
C GLY C 992 -20.38 -37.11 -2.36
N PHE C 993 -20.84 -36.64 -1.21
CA PHE C 993 -20.20 -35.50 -0.53
C PHE C 993 -18.90 -35.99 0.12
N THR C 994 -17.85 -36.04 -0.70
CA THR C 994 -16.53 -36.44 -0.23
C THR C 994 -15.50 -35.39 -0.60
N ALA C 995 -14.21 -35.70 -0.44
CA ALA C 995 -13.16 -34.81 -0.89
C ALA C 995 -12.88 -34.91 -2.38
N THR C 996 -13.51 -35.87 -3.07
CA THR C 996 -13.33 -36.02 -4.51
C THR C 996 -14.29 -35.13 -5.30
N ASN C 997 -15.46 -34.83 -4.73
CA ASN C 997 -16.43 -33.96 -5.39
C ASN C 997 -15.88 -32.54 -5.51
N GLN C 998 -15.99 -31.97 -6.72
CA GLN C 998 -15.40 -30.66 -6.97
C GLN C 998 -16.21 -29.54 -6.35
N ALA C 999 -17.54 -29.63 -6.39
CA ALA C 999 -18.38 -28.55 -5.90
C ALA C 999 -18.33 -28.44 -4.38
N PHE C 1000 -18.28 -29.58 -3.69
CA PHE C 1000 -18.14 -29.55 -2.24
C PHE C 1000 -16.80 -28.95 -1.83
N GLN C 1001 -15.75 -29.25 -2.60
CA GLN C 1001 -14.46 -28.61 -2.34
C GLN C 1001 -14.51 -27.12 -2.65
N LYS C 1002 -15.35 -26.69 -3.61
CA LYS C 1002 -15.54 -25.26 -3.83
C LYS C 1002 -16.19 -24.60 -2.62
N VAL C 1003 -17.19 -25.25 -2.04
CA VAL C 1003 -17.83 -24.71 -0.83
C VAL C 1003 -16.82 -24.62 0.31
N GLN C 1004 -16.04 -25.68 0.50
CA GLN C 1004 -15.04 -25.68 1.56
C GLN C 1004 -13.96 -24.64 1.33
N ASP C 1005 -13.56 -24.44 0.07
CA ASP C 1005 -12.54 -23.43 -0.25
C ASP C 1005 -13.07 -22.01 -0.06
N VAL C 1006 -14.36 -21.78 -0.31
CA VAL C 1006 -14.93 -20.46 -0.05
C VAL C 1006 -14.94 -20.18 1.46
N VAL C 1007 -15.35 -21.16 2.26
CA VAL C 1007 -15.33 -20.99 3.71
C VAL C 1007 -13.90 -20.78 4.21
N ASN C 1008 -12.95 -21.53 3.67
CA ASN C 1008 -11.55 -21.38 4.05
C ASN C 1008 -10.98 -20.03 3.63
N ALA C 1009 -11.40 -19.50 2.48
CA ALA C 1009 -10.93 -18.20 2.04
C ALA C 1009 -11.47 -17.09 2.93
N ASN C 1010 -12.72 -17.19 3.36
CA ASN C 1010 -13.26 -16.23 4.31
C ASN C 1010 -12.51 -16.29 5.65
N ALA C 1011 -12.23 -17.50 6.13
CA ALA C 1011 -11.47 -17.65 7.36
C ALA C 1011 -10.05 -17.12 7.22
N GLN C 1012 -9.44 -17.31 6.05
CA GLN C 1012 -8.09 -16.80 5.81
C GLN C 1012 -8.07 -15.28 5.76
N ALA C 1013 -9.11 -14.67 5.19
CA ALA C 1013 -9.20 -13.21 5.20
C ALA C 1013 -9.32 -12.66 6.62
N LEU C 1014 -10.18 -13.29 7.44
CA LEU C 1014 -10.31 -12.86 8.83
C LEU C 1014 -9.02 -13.09 9.62
N SER C 1015 -8.34 -14.21 9.37
CA SER C 1015 -7.10 -14.51 10.09
C SER C 1015 -5.99 -13.56 9.67
N LYS C 1016 -5.94 -13.19 8.39
CA LYS C 1016 -4.96 -12.21 7.92
C LYS C 1016 -5.21 -10.85 8.54
N LEU C 1017 -6.49 -10.45 8.68
CA LEU C 1017 -6.81 -9.21 9.37
C LEU C 1017 -6.40 -9.27 10.85
N ALA C 1018 -6.64 -10.40 11.51
CA ALA C 1018 -6.38 -10.48 12.94
C ALA C 1018 -4.91 -10.64 13.28
N SER C 1019 -4.12 -11.28 12.42
CA SER C 1019 -2.74 -11.62 12.74
C SER C 1019 -1.75 -10.50 12.43
N GLU C 1020 -2.20 -9.37 11.89
CA GLU C 1020 -1.31 -8.26 11.58
C GLU C 1020 -1.27 -7.23 12.70
N LEU C 1021 -1.89 -7.52 13.84
CA LEU C 1021 -1.70 -6.73 15.05
C LEU C 1021 -0.49 -7.19 15.87
N ALA C 1022 0.10 -8.32 15.51
CA ALA C 1022 1.30 -8.83 16.17
C ALA C 1022 2.57 -8.44 15.44
N ASN C 1023 2.48 -7.73 14.32
CA ASN C 1023 3.65 -7.32 13.57
C ASN C 1023 4.23 -6.04 14.15
N THR C 1024 5.56 -6.01 14.30
CA THR C 1024 6.21 -4.81 14.81
C THR C 1024 6.31 -3.72 13.76
N PHE C 1025 6.35 -4.09 12.47
CA PHE C 1025 6.55 -3.17 11.35
C PHE C 1025 7.82 -2.35 11.51
N GLY C 1026 8.88 -2.99 12.01
CA GLY C 1026 10.14 -2.32 12.24
C GLY C 1026 10.28 -1.62 13.58
N ALA C 1027 9.28 -1.72 14.45
CA ALA C 1027 9.37 -1.09 15.76
C ALA C 1027 9.94 -2.06 16.78
N ILE C 1028 10.16 -1.56 18.00
CA ILE C 1028 10.71 -2.40 19.06
C ILE C 1028 9.68 -3.42 19.54
N SER C 1029 8.41 -3.08 19.49
CA SER C 1029 7.36 -3.97 19.95
C SER C 1029 6.10 -3.71 19.15
N ALA C 1030 5.23 -4.71 19.09
CA ALA C 1030 3.94 -4.61 18.43
C ALA C 1030 2.88 -4.00 19.32
N SER C 1031 3.21 -3.69 20.58
CA SER C 1031 2.27 -3.15 21.55
C SER C 1031 2.57 -1.68 21.80
N ILE C 1032 1.51 -0.87 21.84
CA ILE C 1032 1.66 0.56 22.12
C ILE C 1032 2.15 0.77 23.55
N GLY C 1033 1.71 -0.07 24.48
CA GLY C 1033 2.04 0.11 25.88
C GLY C 1033 3.52 -0.07 26.16
N ASP C 1034 4.16 -1.04 25.52
CA ASP C 1034 5.60 -1.23 25.70
C ASP C 1034 6.40 -0.07 25.13
N ILE C 1035 5.94 0.49 24.01
CA ILE C 1035 6.60 1.66 23.42
C ILE C 1035 6.45 2.86 24.35
N LEU C 1036 5.27 3.04 24.93
CA LEU C 1036 5.07 4.15 25.86
C LEU C 1036 5.85 3.96 27.16
N LYS C 1037 6.07 2.71 27.57
CA LYS C 1037 6.83 2.46 28.79
C LYS C 1037 8.32 2.67 28.57
N ARG C 1038 8.86 2.20 27.45
CA ARG C 1038 10.31 2.16 27.29
C ARG C 1038 10.92 3.43 26.72
N LEU C 1039 10.26 4.09 25.79
CA LEU C 1039 10.88 5.16 25.03
C LEU C 1039 10.38 6.53 25.47
N ASP C 1040 11.13 7.55 25.06
CA ASP C 1040 10.74 8.94 25.26
C ASP C 1040 9.80 9.40 24.14
N VAL C 1041 9.30 10.63 24.28
CA VAL C 1041 8.18 11.11 23.47
C VAL C 1041 8.55 11.21 21.99
N LEU C 1042 9.75 11.72 21.70
CA LEU C 1042 10.17 11.91 20.32
C LEU C 1042 10.33 10.58 19.60
N GLU C 1043 10.88 9.56 20.28
CA GLU C 1043 10.99 8.25 19.66
C GLU C 1043 9.66 7.52 19.65
N GLN C 1044 8.81 7.76 20.65
CA GLN C 1044 7.47 7.19 20.67
C GLN C 1044 6.67 7.64 19.46
N GLU C 1045 6.87 8.88 19.01
CA GLU C 1045 6.21 9.37 17.81
C GLU C 1045 6.56 8.51 16.59
N VAL C 1046 7.85 8.18 16.42
CA VAL C 1046 8.29 7.40 15.27
C VAL C 1046 7.77 5.97 15.34
N GLN C 1047 7.84 5.34 16.52
CA GLN C 1047 7.42 3.94 16.63
C GLN C 1047 5.91 3.80 16.47
N ILE C 1048 5.13 4.69 17.09
CA ILE C 1048 3.69 4.64 16.90
C ILE C 1048 3.33 5.02 15.46
N ASP C 1049 4.12 5.88 14.81
CA ASP C 1049 3.84 6.22 13.42
C ASP C 1049 4.05 5.03 12.49
N ARG C 1050 5.10 4.24 12.68
CA ARG C 1050 5.28 3.08 11.81
C ARG C 1050 4.25 1.99 12.10
N LEU C 1051 3.86 1.82 13.38
CA LEU C 1051 2.78 0.88 13.68
C LEU C 1051 1.46 1.34 13.05
N ILE C 1052 1.17 2.64 13.09
CA ILE C 1052 -0.05 3.20 12.51
C ILE C 1052 -0.05 2.98 11.00
N ASN C 1053 1.11 3.21 10.35
CA ASN C 1053 1.21 3.02 8.91
C ASN C 1053 0.97 1.56 8.52
N GLY C 1054 1.55 0.62 9.28
CA GLY C 1054 1.33 -0.79 8.97
C GLY C 1054 -0.11 -1.22 9.15
N ARG C 1055 -0.75 -0.76 10.23
CA ARG C 1055 -2.14 -1.16 10.46
C ARG C 1055 -3.10 -0.51 9.47
N LEU C 1056 -2.84 0.73 9.06
CA LEU C 1056 -3.66 1.34 8.02
C LEU C 1056 -3.47 0.65 6.68
N THR C 1057 -2.25 0.18 6.40
CA THR C 1057 -2.03 -0.62 5.19
C THR C 1057 -2.83 -1.91 5.24
N SER C 1058 -2.89 -2.55 6.41
CA SER C 1058 -3.69 -3.77 6.56
C SER C 1058 -5.17 -3.49 6.34
N LEU C 1059 -5.69 -2.40 6.91
CA LEU C 1059 -7.09 -2.04 6.71
C LEU C 1059 -7.41 -1.74 5.25
N ASN C 1060 -6.51 -1.03 4.57
CA ASN C 1060 -6.73 -0.70 3.16
C ASN C 1060 -6.71 -1.96 2.29
N ALA C 1061 -5.80 -2.90 2.58
CA ALA C 1061 -5.77 -4.16 1.86
C ALA C 1061 -7.06 -4.95 2.06
N PHE C 1062 -7.57 -4.97 3.30
CA PHE C 1062 -8.83 -5.67 3.57
C PHE C 1062 -10.00 -5.03 2.82
N VAL C 1063 -10.05 -3.70 2.79
CA VAL C 1063 -11.15 -3.02 2.10
C VAL C 1063 -11.10 -3.28 0.60
N SER C 1064 -9.91 -3.23 0.00
CA SER C 1064 -9.79 -3.50 -1.43
C SER C 1064 -10.14 -4.95 -1.76
N GLN C 1065 -9.75 -5.89 -0.90
CA GLN C 1065 -10.14 -7.28 -1.11
C GLN C 1065 -11.65 -7.46 -1.01
N GLN C 1066 -12.29 -6.75 -0.08
CA GLN C 1066 -13.75 -6.82 0.03
C GLN C 1066 -14.43 -6.25 -1.22
N LEU C 1067 -13.86 -5.19 -1.80
CA LEU C 1067 -14.41 -4.64 -3.03
C LEU C 1067 -14.32 -5.64 -4.19
N VAL C 1068 -13.17 -6.30 -4.34
CA VAL C 1068 -13.00 -7.27 -5.41
C VAL C 1068 -13.93 -8.46 -5.22
N ARG C 1069 -14.06 -8.95 -3.97
CA ARG C 1069 -14.98 -10.04 -3.71
C ARG C 1069 -16.43 -9.63 -3.91
N SER C 1070 -16.75 -8.34 -3.70
CA SER C 1070 -18.09 -7.85 -3.96
C SER C 1070 -18.42 -7.87 -5.46
N GLU C 1071 -17.45 -7.49 -6.30
CA GLU C 1071 -17.67 -7.58 -7.74
C GLU C 1071 -17.85 -9.04 -8.19
N ALA C 1072 -17.02 -9.94 -7.63
CA ALA C 1072 -17.17 -11.36 -7.94
C ALA C 1072 -18.53 -11.90 -7.49
N ALA C 1073 -19.01 -11.44 -6.32
CA ALA C 1073 -20.31 -11.85 -5.83
C ALA C 1073 -21.43 -11.32 -6.69
N ALA C 1074 -21.28 -10.12 -7.24
CA ALA C 1074 -22.29 -9.58 -8.15
C ALA C 1074 -22.39 -10.42 -9.42
N ARG C 1075 -21.24 -10.79 -10.00
CA ARG C 1075 -21.26 -11.65 -11.17
C ARG C 1075 -21.88 -13.01 -10.88
N SER C 1076 -21.51 -13.60 -9.74
CA SER C 1076 -22.05 -14.91 -9.39
C SER C 1076 -23.54 -14.82 -9.06
N SER C 1077 -24.00 -13.71 -8.51
CA SER C 1077 -25.44 -13.54 -8.25
C SER C 1077 -26.23 -13.43 -9.54
N GLN C 1078 -25.68 -12.73 -10.54
CA GLN C 1078 -26.34 -12.68 -11.84
C GLN C 1078 -26.40 -14.06 -12.48
N LEU C 1079 -25.30 -14.82 -12.37
CA LEU C 1079 -25.28 -16.18 -12.89
C LEU C 1079 -26.28 -17.07 -12.14
N ALA C 1080 -26.41 -16.87 -10.83
CA ALA C 1080 -27.38 -17.63 -10.04
C ALA C 1080 -28.81 -17.35 -10.47
N LYS C 1081 -29.14 -16.07 -10.72
CA LYS C 1081 -30.47 -15.74 -11.23
C LYS C 1081 -30.73 -16.39 -12.58
N GLU C 1082 -29.75 -16.32 -13.49
CA GLU C 1082 -29.93 -16.93 -14.80
C GLU C 1082 -30.11 -18.44 -14.70
N LYS C 1083 -29.32 -19.10 -13.86
CA LYS C 1083 -29.43 -20.55 -13.77
C LYS C 1083 -30.69 -20.98 -13.05
N ILE C 1084 -31.17 -20.21 -12.08
CA ILE C 1084 -32.47 -20.54 -11.49
C ILE C 1084 -33.57 -20.43 -12.52
N ASN C 1085 -33.63 -19.30 -13.23
CA ASN C 1085 -34.74 -19.09 -14.16
C ASN C 1085 -34.62 -19.90 -15.44
N GLU C 1086 -33.47 -20.50 -15.73
CA GLU C 1086 -33.31 -21.34 -16.91
C GLU C 1086 -33.34 -22.83 -16.60
N CYS C 1087 -32.72 -23.27 -15.51
CA CYS C 1087 -32.59 -24.68 -15.18
C CYS C 1087 -33.68 -25.14 -14.23
N VAL C 1088 -34.06 -24.32 -13.24
CA VAL C 1088 -34.97 -24.77 -12.21
C VAL C 1088 -36.41 -24.43 -12.57
N LYS C 1089 -36.66 -23.19 -13.01
CA LYS C 1089 -38.00 -22.76 -13.37
C LYS C 1089 -38.41 -23.15 -14.77
N ALA C 1090 -37.54 -23.82 -15.53
CA ALA C 1090 -37.84 -24.27 -16.88
C ALA C 1090 -36.89 -25.40 -17.24
N GLN C 1091 -36.94 -25.85 -18.49
CA GLN C 1091 -36.02 -26.83 -19.03
C GLN C 1091 -35.15 -26.15 -20.08
N SER C 1092 -33.84 -26.31 -19.96
CA SER C 1092 -32.91 -25.62 -20.83
C SER C 1092 -32.87 -26.27 -22.21
N THR C 1093 -33.10 -25.47 -23.24
CA THR C 1093 -33.01 -25.93 -24.62
C THR C 1093 -31.62 -25.68 -25.21
N ARG C 1094 -30.68 -25.20 -24.41
CA ARG C 1094 -29.34 -24.86 -24.87
C ARG C 1094 -28.33 -25.81 -24.25
N SER C 1095 -27.30 -26.15 -25.03
CA SER C 1095 -26.30 -27.11 -24.59
C SER C 1095 -25.29 -26.42 -23.68
N GLY C 1096 -24.57 -27.24 -22.90
CA GLY C 1096 -23.51 -26.76 -22.02
C GLY C 1096 -23.98 -25.97 -20.81
N PHE C 1097 -25.24 -25.60 -20.75
CA PHE C 1097 -25.83 -24.90 -19.62
C PHE C 1097 -26.64 -25.91 -18.82
N CYS C 1098 -26.75 -25.67 -17.52
CA CYS C 1098 -27.39 -26.60 -16.56
C CYS C 1098 -26.72 -27.97 -16.61
N GLY C 1099 -25.39 -27.97 -16.55
CA GLY C 1099 -24.63 -29.20 -16.43
C GLY C 1099 -24.32 -29.86 -17.76
N GLN C 1100 -23.56 -30.94 -17.66
CA GLN C 1100 -23.19 -31.73 -18.83
C GLN C 1100 -24.34 -32.62 -19.27
N GLY C 1101 -24.15 -33.29 -20.40
CA GLY C 1101 -25.23 -34.05 -20.99
C GLY C 1101 -26.27 -33.12 -21.60
N THR C 1102 -27.52 -33.57 -21.59
CA THR C 1102 -28.63 -32.75 -22.06
C THR C 1102 -29.63 -32.65 -20.92
N HIS C 1103 -30.01 -31.41 -20.58
CA HIS C 1103 -30.65 -31.12 -19.31
C HIS C 1103 -32.08 -31.67 -19.24
N ILE C 1104 -32.41 -32.28 -18.11
CA ILE C 1104 -33.74 -32.83 -17.86
C ILE C 1104 -34.48 -32.01 -16.79
N VAL C 1105 -33.91 -31.96 -15.58
CA VAL C 1105 -34.53 -31.26 -14.45
C VAL C 1105 -33.41 -30.82 -13.52
N SER C 1106 -33.63 -29.73 -12.80
CA SER C 1106 -32.65 -29.20 -11.87
C SER C 1106 -33.31 -28.86 -10.54
N PHE C 1107 -32.52 -28.98 -9.47
CA PHE C 1107 -32.92 -28.59 -8.13
C PHE C 1107 -31.87 -27.67 -7.54
N VAL C 1108 -32.27 -26.86 -6.57
CA VAL C 1108 -31.38 -25.88 -5.95
C VAL C 1108 -31.37 -26.12 -4.44
N ILE C 1109 -30.18 -26.01 -3.85
CA ILE C 1109 -29.95 -26.26 -2.43
C ILE C 1109 -29.17 -25.08 -1.85
N ASN C 1110 -29.60 -24.60 -0.69
CA ASN C 1110 -28.86 -23.55 0.00
C ASN C 1110 -27.51 -24.05 0.45
N ALA C 1111 -26.50 -23.21 0.30
CA ALA C 1111 -25.13 -23.48 0.71
C ALA C 1111 -24.74 -22.52 1.84
N PRO C 1112 -23.63 -22.78 2.54
CA PRO C 1112 -23.19 -21.83 3.58
C PRO C 1112 -22.92 -20.41 3.08
N ASN C 1113 -22.42 -20.26 1.85
CA ASN C 1113 -22.17 -18.93 1.32
C ASN C 1113 -22.80 -18.70 -0.06
N GLY C 1114 -23.67 -19.59 -0.52
CA GLY C 1114 -24.26 -19.44 -1.83
C GLY C 1114 -25.36 -20.43 -2.11
N PHE C 1115 -25.38 -20.99 -3.33
CA PHE C 1115 -26.38 -21.95 -3.73
C PHE C 1115 -25.73 -23.17 -4.35
N TYR C 1116 -26.36 -24.32 -4.13
CA TYR C 1116 -25.87 -25.60 -4.60
C TYR C 1116 -26.85 -26.13 -5.64
N PHE C 1117 -26.40 -26.23 -6.88
CA PHE C 1117 -27.26 -26.64 -8.00
C PHE C 1117 -27.01 -28.11 -8.32
N ILE C 1118 -28.09 -28.86 -8.49
CA ILE C 1118 -28.02 -30.28 -8.83
C ILE C 1118 -28.71 -30.44 -10.17
N HIS C 1119 -27.92 -30.63 -11.23
CA HIS C 1119 -28.44 -30.71 -12.59
C HIS C 1119 -28.54 -32.16 -13.00
N VAL C 1120 -29.75 -32.61 -13.31
CA VAL C 1120 -29.98 -33.95 -13.82
C VAL C 1120 -29.95 -33.88 -15.34
N GLY C 1121 -29.09 -34.68 -15.96
CA GLY C 1121 -28.92 -34.61 -17.39
C GLY C 1121 -28.93 -35.95 -18.07
N TYR C 1122 -29.63 -36.03 -19.21
CA TYR C 1122 -29.57 -37.21 -20.07
C TYR C 1122 -28.15 -37.42 -20.58
N HIS C 1123 -27.49 -38.46 -20.11
CA HIS C 1123 -26.14 -38.77 -20.56
C HIS C 1123 -26.20 -40.00 -21.44
N PRO C 1124 -25.83 -39.90 -22.71
CA PRO C 1124 -25.89 -41.07 -23.60
C PRO C 1124 -24.80 -42.08 -23.28
N GLN C 1125 -24.88 -43.21 -23.96
CA GLN C 1125 -23.98 -44.34 -23.76
C GLN C 1125 -23.62 -44.87 -25.14
N ASP C 1126 -23.17 -46.13 -25.18
CA ASP C 1126 -22.67 -46.79 -26.39
C ASP C 1126 -23.56 -46.56 -27.61
N TYR C 1127 -22.91 -46.28 -28.74
CA TYR C 1127 -23.56 -45.82 -29.94
C TYR C 1127 -23.60 -46.92 -30.99
N VAL C 1128 -24.52 -46.78 -31.93
CA VAL C 1128 -24.56 -47.60 -33.14
C VAL C 1128 -24.63 -46.68 -34.34
N ASN C 1129 -23.89 -47.02 -35.39
CA ASN C 1129 -23.92 -46.23 -36.61
C ASN C 1129 -25.02 -46.71 -37.53
N GLN C 1130 -25.67 -45.78 -38.20
CA GLN C 1130 -26.77 -46.08 -39.10
C GLN C 1130 -26.75 -45.12 -40.27
N THR C 1131 -27.30 -45.57 -41.40
CA THR C 1131 -27.52 -44.68 -42.53
C THR C 1131 -28.91 -44.06 -42.43
N ALA C 1132 -29.04 -42.86 -42.98
CA ALA C 1132 -30.28 -42.11 -42.85
C ALA C 1132 -30.49 -41.27 -44.11
N ALA C 1133 -31.65 -40.63 -44.18
CA ALA C 1133 -32.01 -39.79 -45.31
C ALA C 1133 -32.60 -38.48 -44.81
N TYR C 1134 -32.45 -37.44 -45.64
CA TYR C 1134 -33.05 -36.14 -45.31
C TYR C 1134 -34.57 -36.19 -45.45
N GLY C 1135 -35.08 -37.03 -46.35
CA GLY C 1135 -36.51 -37.11 -46.55
C GLY C 1135 -36.83 -38.23 -47.51
N LEU C 1136 -38.12 -38.53 -47.61
CA LEU C 1136 -38.61 -39.63 -48.42
C LEU C 1136 -39.81 -39.15 -49.24
N CYS C 1137 -39.84 -39.50 -50.52
CA CYS C 1137 -41.06 -39.36 -51.32
C CYS C 1137 -41.06 -40.27 -52.53
N ASP C 1138 -42.18 -40.22 -53.24
CA ASP C 1138 -42.47 -41.06 -54.39
C ASP C 1138 -42.45 -40.25 -55.67
N SER C 1139 -41.91 -40.86 -56.74
CA SER C 1139 -41.88 -40.18 -58.04
C SER C 1139 -43.27 -39.97 -58.61
N SER C 1140 -44.25 -40.74 -58.13
CA SER C 1140 -45.63 -40.57 -58.60
C SER C 1140 -46.20 -39.21 -58.21
N SER C 1141 -45.99 -38.79 -56.96
CA SER C 1141 -46.69 -37.62 -56.44
C SER C 1141 -45.80 -36.54 -55.83
N LYS C 1142 -44.59 -36.88 -55.36
CA LYS C 1142 -43.63 -35.95 -54.76
C LYS C 1142 -44.22 -35.23 -53.54
N LYS C 1143 -44.91 -35.99 -52.68
CA LYS C 1143 -45.47 -35.45 -51.44
C LYS C 1143 -44.47 -35.65 -50.29
N CYS C 1144 -43.32 -35.01 -50.44
CA CYS C 1144 -42.16 -35.38 -49.62
C CYS C 1144 -42.32 -35.00 -48.17
N ILE C 1145 -41.84 -35.89 -47.30
CA ILE C 1145 -42.00 -35.79 -45.86
C ILE C 1145 -40.63 -35.73 -45.21
N ALA C 1146 -40.53 -34.98 -44.12
CA ALA C 1146 -39.32 -34.90 -43.32
C ALA C 1146 -39.65 -35.28 -41.88
N ALA C 1147 -38.74 -36.01 -41.25
CA ALA C 1147 -38.95 -36.46 -39.88
C ALA C 1147 -38.83 -35.29 -38.91
N LYS C 1148 -39.64 -35.30 -37.87
CA LYS C 1148 -39.57 -34.31 -36.81
C LYS C 1148 -39.02 -34.95 -35.55
N ASN C 1149 -37.99 -34.33 -34.97
CA ASN C 1149 -37.31 -34.80 -33.76
C ASN C 1149 -36.79 -36.23 -33.91
N GLY C 1150 -36.21 -36.52 -35.08
CA GLY C 1150 -35.70 -37.85 -35.32
C GLY C 1150 -35.15 -37.97 -36.73
N TYR C 1151 -34.79 -39.20 -37.09
CA TYR C 1151 -34.22 -39.52 -38.39
C TYR C 1151 -35.00 -40.67 -39.03
N PHE C 1152 -34.96 -40.71 -40.36
CA PHE C 1152 -35.47 -41.86 -41.11
C PHE C 1152 -34.30 -42.80 -41.35
N VAL C 1153 -34.24 -43.89 -40.59
CA VAL C 1153 -33.15 -44.85 -40.70
C VAL C 1153 -33.61 -46.03 -41.54
N LYS C 1154 -32.65 -46.69 -42.18
CA LYS C 1154 -32.94 -47.84 -43.05
C LYS C 1154 -33.21 -49.08 -42.22
N ASN C 1155 -34.02 -49.98 -42.77
CA ASN C 1155 -34.32 -51.23 -42.10
C ASN C 1155 -33.24 -52.26 -42.37
N ASP C 1156 -33.06 -53.17 -41.40
CA ASP C 1156 -32.00 -54.17 -41.47
C ASP C 1156 -32.36 -55.37 -42.35
N SER C 1157 -33.61 -55.48 -42.79
CA SER C 1157 -34.05 -56.61 -43.59
C SER C 1157 -34.36 -56.27 -45.04
N ASP C 1158 -34.51 -54.99 -45.36
CA ASP C 1158 -34.81 -54.58 -46.73
C ASP C 1158 -34.27 -53.17 -46.94
N SER C 1159 -33.76 -52.93 -48.15
CA SER C 1159 -33.25 -51.60 -48.49
C SER C 1159 -34.37 -50.60 -48.73
N GLY C 1160 -35.51 -51.06 -49.25
CA GLY C 1160 -36.62 -50.18 -49.53
C GLY C 1160 -37.49 -49.82 -48.34
N SER C 1161 -37.20 -50.38 -47.18
CA SER C 1161 -37.99 -50.12 -45.97
C SER C 1161 -37.26 -49.12 -45.10
N TRP C 1162 -37.94 -48.03 -44.75
CA TRP C 1162 -37.40 -46.97 -43.90
C TRP C 1162 -38.23 -46.88 -42.63
N SER C 1163 -37.57 -46.62 -41.51
CA SER C 1163 -38.22 -46.53 -40.22
C SER C 1163 -37.81 -45.24 -39.52
N TYR C 1164 -38.67 -44.78 -38.62
CA TYR C 1164 -38.39 -43.62 -37.80
C TYR C 1164 -37.77 -44.05 -36.48
N THR C 1165 -36.85 -43.24 -35.98
CA THR C 1165 -36.23 -43.48 -34.69
C THR C 1165 -36.09 -42.14 -33.97
N GLY C 1166 -36.02 -42.22 -32.64
CA GLY C 1166 -35.77 -41.03 -31.85
C GLY C 1166 -34.37 -40.51 -32.01
N SER C 1167 -34.19 -39.22 -31.73
CA SER C 1167 -32.88 -38.60 -31.86
C SER C 1167 -31.93 -39.08 -30.77
N SER C 1168 -32.42 -39.23 -29.55
CA SER C 1168 -31.58 -39.58 -28.40
C SER C 1168 -31.68 -41.05 -28.02
N PHE C 1169 -32.43 -41.86 -28.76
CA PHE C 1169 -32.58 -43.27 -28.45
C PHE C 1169 -32.90 -44.02 -29.72
N TYR C 1170 -32.32 -45.21 -29.86
CA TYR C 1170 -32.53 -46.02 -31.05
C TYR C 1170 -33.71 -46.98 -30.85
N GLN C 1171 -34.75 -46.79 -31.65
CA GLN C 1171 -35.87 -47.71 -31.74
C GLN C 1171 -36.53 -47.56 -33.10
N PRO C 1172 -36.47 -48.57 -33.96
CA PRO C 1172 -37.12 -48.46 -35.27
C PRO C 1172 -38.63 -48.55 -35.14
N GLU C 1173 -39.32 -47.59 -35.74
CA GLU C 1173 -40.77 -47.44 -35.63
C GLU C 1173 -41.38 -47.29 -37.00
N PRO C 1174 -42.65 -47.68 -37.16
CA PRO C 1174 -43.36 -47.36 -38.41
C PRO C 1174 -43.48 -45.85 -38.61
N ILE C 1175 -43.39 -45.42 -39.85
CA ILE C 1175 -43.53 -44.01 -40.18
C ILE C 1175 -45.00 -43.65 -40.15
N THR C 1176 -45.33 -42.62 -39.39
CA THR C 1176 -46.71 -42.23 -39.14
C THR C 1176 -46.85 -40.75 -39.49
N THR C 1177 -48.09 -40.30 -39.68
CA THR C 1177 -48.33 -38.88 -39.90
C THR C 1177 -47.98 -38.04 -38.68
N PHE C 1178 -47.96 -38.63 -37.48
CA PHE C 1178 -47.67 -37.87 -36.28
C PHE C 1178 -46.19 -37.52 -36.17
N ASN C 1179 -45.29 -38.46 -36.47
CA ASN C 1179 -43.87 -38.24 -36.32
C ASN C 1179 -43.19 -37.85 -37.64
N SER C 1180 -43.92 -37.19 -38.53
CA SER C 1180 -43.36 -36.67 -39.77
C SER C 1180 -44.16 -35.45 -40.20
N ARG C 1181 -43.54 -34.61 -41.00
CA ARG C 1181 -44.17 -33.40 -41.51
C ARG C 1181 -43.94 -33.30 -43.02
N PHE C 1182 -44.93 -32.73 -43.72
CA PHE C 1182 -44.82 -32.55 -45.15
C PHE C 1182 -44.00 -31.30 -45.46
N VAL C 1183 -43.04 -31.43 -46.37
CA VAL C 1183 -42.11 -30.36 -46.70
C VAL C 1183 -42.07 -30.18 -48.20
N GLU C 1184 -41.51 -29.06 -48.62
CA GLU C 1184 -41.26 -28.81 -50.03
C GLU C 1184 -40.24 -29.81 -50.56
N PRO C 1185 -40.44 -30.35 -51.77
CA PRO C 1185 -39.52 -31.36 -52.30
C PRO C 1185 -38.11 -30.80 -52.51
N GLU C 1186 -37.12 -31.67 -52.31
CA GLU C 1186 -35.72 -31.32 -52.45
C GLU C 1186 -35.03 -32.29 -53.40
N VAL C 1187 -33.90 -31.83 -53.93
CA VAL C 1187 -33.13 -32.64 -54.87
C VAL C 1187 -32.47 -33.81 -54.15
N THR C 1188 -32.11 -33.63 -52.88
CA THR C 1188 -31.40 -34.69 -52.19
C THR C 1188 -32.34 -35.76 -51.65
N PHE C 1189 -33.64 -35.50 -51.63
CA PHE C 1189 -34.61 -36.46 -51.10
C PHE C 1189 -34.66 -37.72 -51.95
N GLN C 1190 -34.97 -38.84 -51.29
CA GLN C 1190 -35.05 -40.13 -51.96
C GLN C 1190 -36.35 -40.22 -52.76
N ASN C 1191 -36.26 -40.70 -54.02
CA ASN C 1191 -37.46 -41.10 -54.75
C ASN C 1191 -37.72 -42.59 -54.53
N LEU C 1192 -38.36 -42.89 -53.41
CA LEU C 1192 -38.83 -44.25 -53.17
C LEU C 1192 -39.94 -44.59 -54.16
N SER C 1193 -39.99 -45.82 -54.59
CA SER C 1193 -41.07 -46.21 -55.50
C SER C 1193 -41.86 -47.41 -55.02
N ASN C 1194 -41.20 -48.36 -54.37
CA ASN C 1194 -41.83 -49.57 -53.88
C ASN C 1194 -41.81 -49.49 -52.35
N ASN C 1195 -42.85 -50.05 -51.74
CA ASN C 1195 -43.03 -50.10 -50.28
C ASN C 1195 -43.05 -48.69 -49.67
N LEU C 1196 -44.06 -47.92 -50.06
CA LEU C 1196 -44.21 -46.58 -49.54
C LEU C 1196 -44.67 -46.61 -48.08
N PRO C 1197 -44.07 -45.75 -47.21
CA PRO C 1197 -44.48 -45.62 -45.81
C PRO C 1197 -45.90 -45.13 -45.82
N PRO C 1198 -46.63 -45.32 -44.74
CA PRO C 1198 -48.03 -44.92 -44.91
C PRO C 1198 -48.23 -43.46 -45.21
N PRO C 1199 -47.49 -42.55 -44.56
CA PRO C 1199 -47.78 -41.15 -44.92
C PRO C 1199 -47.70 -40.86 -46.45
N LEU C 1200 -47.17 -41.76 -47.26
CA LEU C 1200 -47.04 -41.57 -48.71
C LEU C 1200 -48.01 -42.41 -49.52
N LEU C 1201 -48.71 -43.37 -48.91
CA LEU C 1201 -49.67 -44.18 -49.65
C LEU C 1201 -50.98 -43.44 -49.85
#